data_2LOY
#
_entry.id   2LOY
#
_entity_poly.entity_id   1
_entity_poly.type   'polypeptide(L)'
_entity_poly.pdbx_seq_one_letter_code
;MLIYKDIFTDDELSSDSFPMKLVDDLVYEFKGKHVVRKEGEIVLAGSNPSAEEGAEDDGSDEHVERGIDIVLNHKLVEMN
CYEDASMFKAYIKKFMKNVIDHMEKNNRDKADVDAFKKKIQGWVVSLLAKDRFKNLAFFIGERAAEGAENGQVAIIEYRD
VDGTEVPTLMLVKEAIIEEKCLEHHHHHH
;
_entity_poly.pdbx_strand_id   A
#
# COMPACT_ATOMS: atom_id res chain seq x y z
N MET A 1 6.39 7.34 17.38
CA MET A 1 5.23 6.42 17.37
C MET A 1 4.04 7.07 16.65
N LEU A 2 3.56 6.40 15.59
CA LEU A 2 2.44 6.88 14.77
C LEU A 2 1.43 5.73 14.57
N ILE A 3 0.15 6.03 14.74
CA ILE A 3 -0.96 5.10 14.51
C ILE A 3 -1.61 5.49 13.17
N TYR A 4 -1.64 4.56 12.21
CA TYR A 4 -2.17 4.82 10.85
C TYR A 4 -3.54 4.17 10.71
N LYS A 5 -4.47 4.91 10.12
CA LYS A 5 -5.84 4.45 9.87
C LYS A 5 -6.30 4.88 8.46
N ASP A 6 -7.12 4.03 7.84
CA ASP A 6 -7.74 4.26 6.50
C ASP A 6 -9.23 4.57 6.72
N ILE A 7 -9.96 4.97 5.69
CA ILE A 7 -11.42 5.21 5.79
C ILE A 7 -12.18 3.89 6.09
N PHE A 8 -11.70 2.77 5.53
CA PHE A 8 -12.40 1.47 5.49
C PHE A 8 -11.72 0.44 6.39
N THR A 9 -10.38 0.41 6.32
CA THR A 9 -9.53 -0.52 7.08
C THR A 9 -8.96 0.16 8.35
N ASP A 10 -9.64 1.25 8.79
CA ASP A 10 -9.25 2.14 9.94
C ASP A 10 -8.82 1.36 11.19
N ASP A 11 -9.62 0.32 11.46
CA ASP A 11 -9.62 -0.43 12.74
C ASP A 11 -8.20 -0.84 13.18
N GLU A 12 -7.53 -1.66 12.35
CA GLU A 12 -6.23 -2.25 12.70
C GLU A 12 -5.14 -1.97 11.62
N LEU A 13 -5.32 -0.92 10.78
CA LEU A 13 -4.45 -0.68 9.58
C LEU A 13 -2.93 -0.75 9.92
N SER A 14 -2.44 0.17 10.75
CA SER A 14 -1.03 0.19 11.20
C SER A 14 -0.89 1.00 12.51
N SER A 15 0.32 0.97 13.10
CA SER A 15 0.62 1.55 14.45
C SER A 15 2.06 1.19 14.91
N ASP A 16 3.03 2.07 14.56
CA ASP A 16 4.43 2.01 15.01
C ASP A 16 5.17 3.27 14.52
N SER A 17 6.39 3.49 15.04
CA SER A 17 7.28 4.60 14.64
C SER A 17 7.83 4.42 13.19
N PHE A 18 6.94 4.44 12.19
CA PHE A 18 7.31 4.25 10.78
C PHE A 18 7.70 5.60 10.15
N PRO A 19 8.83 5.67 9.38
CA PRO A 19 9.20 6.88 8.63
C PRO A 19 8.19 7.14 7.49
N MET A 20 7.55 8.30 7.52
CA MET A 20 6.52 8.68 6.54
C MET A 20 6.76 10.09 6.01
N LYS A 21 6.41 10.30 4.76
CA LYS A 21 6.56 11.58 4.04
C LYS A 21 5.25 11.90 3.34
N LEU A 22 5.03 13.17 3.01
CA LEU A 22 3.96 13.59 2.09
C LEU A 22 4.62 14.25 0.87
N VAL A 23 4.53 13.57 -0.28
CA VAL A 23 5.07 14.07 -1.55
C VAL A 23 3.93 14.70 -2.37
N ASP A 24 4.25 15.85 -3.04
CA ASP A 24 3.35 16.54 -3.99
C ASP A 24 2.02 17.04 -3.34
N ASP A 25 1.96 17.00 -1.98
CA ASP A 25 0.71 17.17 -1.18
C ASP A 25 -0.41 16.24 -1.71
N LEU A 26 -0.03 15.01 -2.10
CA LEU A 26 -0.93 14.07 -2.77
C LEU A 26 -0.82 12.66 -2.17
N VAL A 27 0.42 12.16 -2.05
CA VAL A 27 0.69 10.75 -1.67
C VAL A 27 1.62 10.70 -0.45
N TYR A 28 1.32 9.79 0.48
CA TYR A 28 2.17 9.45 1.61
C TYR A 28 3.19 8.37 1.19
N GLU A 29 4.48 8.73 1.31
CA GLU A 29 5.60 7.81 1.17
C GLU A 29 5.91 7.20 2.53
N PHE A 30 5.49 5.96 2.71
CA PHE A 30 5.57 5.22 3.97
C PHE A 30 6.63 4.13 3.78
N LYS A 31 7.82 4.34 4.34
CA LYS A 31 8.95 3.43 4.10
C LYS A 31 8.92 2.23 5.05
N GLY A 32 9.35 1.08 4.52
CA GLY A 32 9.50 -0.17 5.28
C GLY A 32 10.83 -0.84 5.00
N LYS A 33 10.92 -2.12 5.36
CA LYS A 33 12.15 -2.93 5.18
C LYS A 33 11.74 -4.37 4.83
N HIS A 34 12.50 -5.05 3.95
CA HIS A 34 12.20 -6.45 3.58
C HIS A 34 12.60 -7.39 4.74
N VAL A 35 11.64 -8.15 5.26
CA VAL A 35 11.85 -9.08 6.40
C VAL A 35 10.95 -10.30 6.23
N VAL A 36 11.21 -11.34 7.01
CA VAL A 36 10.37 -12.55 7.04
C VAL A 36 10.01 -12.85 8.48
N ARG A 37 8.77 -13.24 8.71
CA ARG A 37 8.34 -13.75 10.00
C ARG A 37 8.31 -15.28 9.91
N LYS A 38 9.27 -15.92 10.59
CA LYS A 38 9.46 -17.36 10.58
C LYS A 38 9.43 -17.78 12.06
N GLU A 39 8.33 -18.41 12.48
CA GLU A 39 8.10 -18.80 13.88
C GLU A 39 9.01 -20.00 14.25
N GLY A 40 10.28 -19.67 14.52
CA GLY A 40 11.28 -20.67 14.87
C GLY A 40 12.69 -20.12 14.71
N GLU A 41 12.89 -19.26 13.69
CA GLU A 41 14.23 -18.73 13.34
C GLU A 41 14.10 -17.69 12.21
N ILE A 42 14.23 -16.39 12.56
CA ILE A 42 14.13 -15.31 11.56
C ILE A 42 15.40 -15.27 10.65
N VAL A 43 15.28 -15.86 9.46
CA VAL A 43 16.32 -15.79 8.40
C VAL A 43 15.65 -15.33 7.10
N LEU A 44 16.05 -14.15 6.59
CA LEU A 44 15.44 -13.48 5.43
C LEU A 44 15.63 -14.31 4.13
N ALA A 45 16.83 -14.91 3.98
CA ALA A 45 17.16 -15.83 2.87
C ALA A 45 16.61 -17.24 3.14
N GLY A 46 16.13 -17.49 4.38
CA GLY A 46 15.52 -18.74 4.77
C GLY A 46 14.01 -18.71 4.55
N SER A 47 13.62 -18.62 3.28
CA SER A 47 12.21 -18.57 2.86
C SER A 47 12.01 -19.49 1.64
N ASN A 48 10.77 -19.90 1.41
CA ASN A 48 10.37 -20.70 0.24
C ASN A 48 10.50 -19.86 -1.06
N PRO A 49 11.46 -20.20 -1.99
CA PRO A 49 11.56 -19.56 -3.32
C PRO A 49 10.34 -19.91 -4.18
N SER A 50 9.31 -19.06 -4.13
CA SER A 50 8.04 -19.28 -4.82
C SER A 50 8.24 -19.04 -6.34
N ALA A 51 8.50 -20.14 -7.08
CA ALA A 51 8.81 -20.10 -8.52
C ALA A 51 7.59 -19.65 -9.34
N GLU A 52 6.50 -20.43 -9.22
CA GLU A 52 5.24 -20.18 -9.94
C GLU A 52 4.23 -19.47 -9.01
N GLU A 53 3.73 -20.19 -8.00
CA GLU A 53 2.64 -19.72 -7.12
C GLU A 53 3.04 -19.85 -5.64
N GLY A 54 3.59 -21.01 -5.28
CA GLY A 54 3.81 -21.36 -3.86
C GLY A 54 2.50 -21.67 -3.15
N ALA A 55 1.52 -22.15 -3.94
CA ALA A 55 0.13 -22.36 -3.48
C ALA A 55 -0.06 -23.80 -2.95
N GLU A 56 0.96 -24.28 -2.22
CA GLU A 56 0.99 -25.64 -1.66
C GLU A 56 -0.18 -25.79 -0.68
N ASP A 57 -1.21 -26.54 -1.10
CA ASP A 57 -2.52 -26.61 -0.41
C ASP A 57 -2.37 -26.98 1.09
N ASP A 58 -1.52 -27.96 1.39
CA ASP A 58 -1.16 -28.32 2.77
C ASP A 58 0.17 -27.64 3.13
N GLY A 59 0.06 -26.43 3.71
CA GLY A 59 1.21 -25.66 4.14
C GLY A 59 1.98 -25.05 2.97
N SER A 60 1.53 -23.86 2.54
CA SER A 60 2.14 -23.12 1.40
C SER A 60 3.65 -22.86 1.60
N ASP A 61 4.02 -22.62 2.86
CA ASP A 61 5.42 -22.40 3.30
C ASP A 61 5.63 -23.11 4.65
N GLU A 62 6.77 -22.83 5.31
CA GLU A 62 7.14 -23.42 6.60
C GLU A 62 6.97 -22.37 7.71
N HIS A 63 5.75 -21.81 7.77
CA HIS A 63 5.37 -20.74 8.71
C HIS A 63 6.24 -19.49 8.47
N VAL A 64 6.64 -19.28 7.20
CA VAL A 64 7.42 -18.13 6.77
C VAL A 64 6.48 -17.11 6.12
N GLU A 65 5.99 -16.19 6.95
CA GLU A 65 5.32 -14.97 6.50
C GLU A 65 6.38 -14.05 5.85
N ARG A 66 6.79 -14.44 4.64
CA ARG A 66 7.77 -13.72 3.82
C ARG A 66 7.14 -12.47 3.20
N GLY A 67 7.86 -11.34 3.26
CA GLY A 67 7.47 -10.14 2.54
C GLY A 67 8.25 -8.93 2.98
N ILE A 68 7.56 -7.79 3.06
CA ILE A 68 8.10 -6.57 3.66
C ILE A 68 7.36 -6.26 4.97
N ASP A 69 8.01 -5.47 5.83
CA ASP A 69 7.56 -5.19 7.20
C ASP A 69 6.21 -4.44 7.23
N ILE A 70 5.97 -3.64 6.17
CA ILE A 70 4.70 -2.91 5.95
C ILE A 70 3.53 -3.90 5.85
N VAL A 71 3.71 -4.89 4.96
CA VAL A 71 2.71 -5.91 4.66
C VAL A 71 2.50 -6.85 5.85
N LEU A 72 3.61 -7.34 6.41
CA LEU A 72 3.60 -8.36 7.49
C LEU A 72 3.02 -7.80 8.80
N ASN A 73 3.06 -6.45 8.95
CA ASN A 73 2.50 -5.73 10.10
C ASN A 73 1.02 -6.10 10.32
N HIS A 74 0.22 -5.95 9.25
CA HIS A 74 -1.25 -6.15 9.30
C HIS A 74 -1.70 -7.36 8.44
N LYS A 75 -0.74 -8.01 7.76
CA LYS A 75 -0.99 -9.20 6.88
C LYS A 75 -1.84 -8.77 5.66
N LEU A 76 -1.20 -7.99 4.76
CA LEU A 76 -1.85 -7.49 3.52
C LEU A 76 -1.67 -8.54 2.42
N VAL A 77 -2.74 -8.86 1.69
CA VAL A 77 -2.72 -9.91 0.64
C VAL A 77 -2.20 -9.32 -0.69
N GLU A 78 -1.21 -10.01 -1.29
CA GLU A 78 -0.59 -9.59 -2.57
C GLU A 78 -1.52 -9.81 -3.77
N MET A 79 -1.38 -8.91 -4.74
CA MET A 79 -2.13 -8.85 -6.00
C MET A 79 -1.17 -8.26 -7.05
N ASN A 80 -1.25 -8.73 -8.29
CA ASN A 80 -0.43 -8.23 -9.41
C ASN A 80 -1.35 -7.85 -10.55
N CYS A 81 -1.27 -6.58 -11.03
CA CYS A 81 -2.16 -6.04 -12.10
C CYS A 81 -2.05 -6.84 -13.42
N TYR A 82 -1.00 -7.67 -13.53
CA TYR A 82 -0.78 -8.60 -14.66
C TYR A 82 -1.98 -9.57 -14.83
N GLU A 83 -2.40 -10.19 -13.71
CA GLU A 83 -3.52 -11.16 -13.70
C GLU A 83 -4.77 -10.50 -13.08
N ASP A 84 -4.54 -9.71 -12.03
CA ASP A 84 -5.58 -9.03 -11.24
C ASP A 84 -6.06 -7.72 -11.89
N ALA A 85 -5.82 -7.54 -13.21
CA ALA A 85 -6.21 -6.32 -13.97
C ALA A 85 -7.67 -5.90 -13.74
N SER A 86 -8.60 -6.87 -13.79
CA SER A 86 -10.04 -6.62 -13.60
C SER A 86 -10.37 -6.23 -12.15
N MET A 87 -9.89 -7.03 -11.17
CA MET A 87 -10.12 -6.81 -9.72
C MET A 87 -9.56 -5.45 -9.26
N PHE A 88 -8.32 -5.20 -9.68
CA PHE A 88 -7.58 -3.97 -9.38
C PHE A 88 -8.26 -2.74 -10.01
N LYS A 89 -8.84 -2.92 -11.22
CA LYS A 89 -9.62 -1.86 -11.91
C LYS A 89 -10.88 -1.49 -11.10
N ALA A 90 -11.49 -2.51 -10.49
CA ALA A 90 -12.66 -2.32 -9.61
C ALA A 90 -12.27 -1.43 -8.41
N TYR A 91 -11.14 -1.79 -7.75
CA TYR A 91 -10.61 -1.04 -6.60
C TYR A 91 -10.14 0.37 -6.95
N ILE A 92 -9.64 0.56 -8.19
CA ILE A 92 -9.28 1.88 -8.72
C ILE A 92 -10.52 2.77 -8.91
N LYS A 93 -11.63 2.20 -9.41
CA LYS A 93 -12.89 2.95 -9.54
C LYS A 93 -13.47 3.31 -8.16
N LYS A 94 -13.29 2.39 -7.19
CA LYS A 94 -13.68 2.60 -5.78
C LYS A 94 -12.83 3.74 -5.18
N PHE A 95 -11.51 3.64 -5.43
CA PHE A 95 -10.48 4.60 -5.02
C PHE A 95 -10.81 6.02 -5.45
N MET A 96 -10.90 6.25 -6.78
CA MET A 96 -11.08 7.61 -7.36
C MET A 96 -12.42 8.22 -6.91
N LYS A 97 -13.47 7.39 -6.82
CA LYS A 97 -14.79 7.85 -6.36
C LYS A 97 -14.73 8.24 -4.87
N ASN A 98 -14.02 7.44 -4.08
CA ASN A 98 -13.87 7.64 -2.62
C ASN A 98 -13.09 8.92 -2.31
N VAL A 99 -11.89 9.04 -2.90
CA VAL A 99 -10.93 10.10 -2.56
C VAL A 99 -11.44 11.50 -3.01
N ILE A 100 -12.06 11.59 -4.19
CA ILE A 100 -12.60 12.86 -4.69
C ILE A 100 -13.82 13.27 -3.84
N ASP A 101 -14.73 12.30 -3.56
CA ASP A 101 -15.97 12.55 -2.77
C ASP A 101 -15.64 12.92 -1.30
N HIS A 102 -14.56 12.31 -0.78
CA HIS A 102 -14.02 12.61 0.57
C HIS A 102 -13.64 14.09 0.64
N MET A 103 -12.91 14.53 -0.41
CA MET A 103 -12.45 15.91 -0.57
C MET A 103 -13.63 16.85 -0.90
N GLU A 104 -14.70 16.32 -1.56
CA GLU A 104 -15.92 17.11 -1.90
C GLU A 104 -16.69 17.49 -0.65
N LYS A 105 -16.50 16.73 0.42
CA LYS A 105 -17.09 17.02 1.73
C LYS A 105 -16.17 17.99 2.51
N ASN A 106 -14.86 17.90 2.25
CA ASN A 106 -13.85 18.77 2.89
C ASN A 106 -13.84 20.18 2.29
N ASN A 107 -14.06 20.27 0.97
CA ASN A 107 -13.90 21.52 0.19
C ASN A 107 -15.25 21.93 -0.43
N ARG A 108 -15.75 21.09 -1.39
CA ARG A 108 -17.04 21.32 -2.13
C ARG A 108 -16.94 22.44 -3.21
N ASP A 109 -16.07 23.44 -2.97
CA ASP A 109 -16.01 24.72 -3.71
C ASP A 109 -15.52 24.57 -5.18
N LYS A 110 -14.88 23.42 -5.47
CA LYS A 110 -14.24 23.11 -6.78
C LYS A 110 -12.84 23.75 -6.90
N ALA A 111 -12.43 24.52 -5.87
CA ALA A 111 -11.06 25.04 -5.77
C ALA A 111 -10.05 23.89 -5.57
N ASP A 112 -10.23 23.15 -4.46
CA ASP A 112 -9.26 22.13 -4.03
C ASP A 112 -9.57 20.76 -4.61
N VAL A 113 -10.87 20.42 -4.79
CA VAL A 113 -11.27 19.07 -5.26
C VAL A 113 -10.87 18.82 -6.73
N ASP A 114 -11.13 19.83 -7.59
CA ASP A 114 -10.88 19.73 -9.03
C ASP A 114 -9.37 19.78 -9.32
N ALA A 115 -8.64 20.53 -8.48
CA ALA A 115 -7.17 20.59 -8.52
C ALA A 115 -6.58 19.22 -8.15
N PHE A 116 -7.04 18.71 -6.98
CA PHE A 116 -6.66 17.39 -6.44
C PHE A 116 -6.99 16.28 -7.44
N LYS A 117 -8.12 16.44 -8.13
CA LYS A 117 -8.66 15.47 -9.09
C LYS A 117 -7.72 15.32 -10.30
N LYS A 118 -7.21 16.46 -10.82
CA LYS A 118 -6.24 16.47 -11.92
C LYS A 118 -4.93 15.79 -11.50
N LYS A 119 -4.52 16.02 -10.24
CA LYS A 119 -3.25 15.51 -9.69
C LYS A 119 -3.32 14.00 -9.47
N ILE A 120 -4.39 13.51 -8.80
CA ILE A 120 -4.50 12.10 -8.40
C ILE A 120 -4.81 11.22 -9.61
N GLN A 121 -5.64 11.72 -10.55
CA GLN A 121 -6.01 11.00 -11.77
C GLN A 121 -4.76 10.89 -12.67
N GLY A 122 -4.05 12.03 -12.82
CA GLY A 122 -2.80 12.06 -13.59
C GLY A 122 -1.73 11.17 -12.97
N TRP A 123 -1.67 11.17 -11.63
CA TRP A 123 -0.68 10.40 -10.86
C TRP A 123 -0.88 8.90 -11.08
N VAL A 124 -2.13 8.42 -10.91
CA VAL A 124 -2.43 6.98 -11.00
C VAL A 124 -2.25 6.45 -12.43
N VAL A 125 -2.62 7.26 -13.46
CA VAL A 125 -2.44 6.85 -14.87
C VAL A 125 -0.95 6.63 -15.19
N SER A 126 -0.09 7.50 -14.64
CA SER A 126 1.37 7.35 -14.77
C SER A 126 1.85 6.14 -13.94
N LEU A 127 1.36 6.07 -12.69
CA LEU A 127 1.82 5.12 -11.65
C LEU A 127 1.51 3.65 -12.02
N LEU A 128 0.42 3.43 -12.76
CA LEU A 128 -0.04 2.08 -13.14
C LEU A 128 0.60 1.61 -14.47
N ALA A 129 1.49 2.44 -15.04
CA ALA A 129 2.13 2.15 -16.35
C ALA A 129 3.32 1.20 -16.14
N LYS A 130 3.03 -0.11 -16.27
CA LYS A 130 3.96 -1.23 -15.95
C LYS A 130 5.26 -1.22 -16.76
N ASP A 131 5.36 -0.37 -17.79
CA ASP A 131 6.55 -0.28 -18.68
C ASP A 131 7.83 -0.08 -17.84
N ARG A 132 7.74 0.88 -16.91
CA ARG A 132 8.79 1.13 -15.90
C ARG A 132 8.28 0.75 -14.48
N PHE A 133 6.98 0.97 -14.22
CA PHE A 133 6.33 0.74 -12.90
C PHE A 133 6.14 -0.73 -12.53
N LYS A 134 6.54 -1.67 -13.40
CA LYS A 134 6.55 -3.12 -13.10
C LYS A 134 7.23 -3.52 -11.75
N ASN A 135 7.92 -2.56 -11.09
CA ASN A 135 8.53 -2.75 -9.76
C ASN A 135 7.48 -2.57 -8.63
N LEU A 136 6.19 -2.41 -9.00
CA LEU A 136 5.08 -2.28 -8.04
C LEU A 136 4.52 -3.67 -7.70
N ALA A 137 4.19 -3.84 -6.43
CA ALA A 137 3.55 -5.04 -5.90
C ALA A 137 2.32 -4.55 -5.15
N PHE A 138 1.13 -4.89 -5.63
CA PHE A 138 -0.11 -4.34 -5.09
C PHE A 138 -0.60 -5.22 -3.94
N PHE A 139 -1.03 -4.58 -2.85
CA PHE A 139 -1.51 -5.26 -1.64
C PHE A 139 -2.78 -4.58 -1.19
N ILE A 140 -3.65 -5.29 -0.50
CA ILE A 140 -4.88 -4.72 0.05
C ILE A 140 -5.12 -5.27 1.46
N GLY A 141 -5.68 -4.41 2.33
CA GLY A 141 -6.00 -4.77 3.71
C GLY A 141 -6.90 -6.00 3.79
N GLU A 142 -6.51 -6.96 4.65
CA GLU A 142 -7.23 -8.24 4.87
C GLU A 142 -8.75 -8.05 5.06
N ARG A 143 -9.11 -6.90 5.68
CA ARG A 143 -10.50 -6.55 6.03
C ARG A 143 -11.30 -6.17 4.77
N ALA A 144 -10.70 -5.27 3.95
CA ALA A 144 -11.31 -4.77 2.70
C ALA A 144 -11.45 -5.89 1.64
N ALA A 145 -10.47 -6.80 1.64
CA ALA A 145 -10.40 -7.90 0.67
C ALA A 145 -11.31 -9.08 1.03
N GLU A 146 -11.91 -9.07 2.25
CA GLU A 146 -12.78 -10.16 2.72
C GLU A 146 -14.23 -9.88 2.30
N GLY A 147 -14.65 -8.60 2.43
CA GLY A 147 -16.03 -8.19 2.16
C GLY A 147 -16.22 -7.54 0.81
N ALA A 148 -15.14 -7.52 -0.02
CA ALA A 148 -15.13 -6.86 -1.35
C ALA A 148 -15.43 -5.36 -1.22
N GLU A 149 -14.95 -4.76 -0.10
CA GLU A 149 -15.22 -3.37 0.31
C GLU A 149 -14.69 -2.33 -0.70
N ASN A 150 -14.95 -1.05 -0.38
CA ASN A 150 -14.56 0.10 -1.21
C ASN A 150 -13.12 0.57 -0.82
N GLY A 151 -12.45 -0.24 0.04
CA GLY A 151 -11.09 0.02 0.48
C GLY A 151 -10.09 0.02 -0.66
N GLN A 152 -9.09 0.90 -0.53
CA GLN A 152 -8.08 1.14 -1.58
C GLN A 152 -6.94 0.12 -1.49
N VAL A 153 -6.18 0.03 -2.59
CA VAL A 153 -5.01 -0.83 -2.69
C VAL A 153 -3.76 -0.09 -2.17
N ALA A 154 -3.08 -0.73 -1.21
CA ALA A 154 -1.77 -0.32 -0.74
C ALA A 154 -0.72 -0.61 -1.83
N ILE A 155 -0.21 0.46 -2.47
CA ILE A 155 0.69 0.36 -3.63
C ILE A 155 2.15 0.31 -3.16
N ILE A 156 2.75 -0.89 -3.16
CA ILE A 156 4.14 -1.11 -2.70
C ILE A 156 5.07 -1.01 -3.91
N GLU A 157 6.30 -0.53 -3.68
CA GLU A 157 7.39 -0.58 -4.66
C GLU A 157 8.68 -0.94 -3.93
N TYR A 158 9.58 -1.65 -4.60
CA TYR A 158 10.97 -1.80 -4.14
C TYR A 158 11.83 -0.80 -4.91
N ARG A 159 12.71 -0.08 -4.20
CA ARG A 159 13.54 0.99 -4.75
C ARG A 159 15.00 0.69 -4.44
N ASP A 160 15.93 1.19 -5.26
CA ASP A 160 17.37 0.89 -5.11
C ASP A 160 18.16 2.18 -4.85
N VAL A 161 18.38 2.49 -3.57
CA VAL A 161 19.09 3.70 -3.12
C VAL A 161 20.36 3.33 -2.32
N ASP A 162 21.53 3.83 -2.78
CA ASP A 162 22.85 3.62 -2.13
C ASP A 162 23.18 2.12 -1.96
N GLY A 163 22.71 1.28 -2.90
CA GLY A 163 22.93 -0.17 -2.85
C GLY A 163 22.03 -0.90 -1.86
N THR A 164 20.87 -0.28 -1.53
CA THR A 164 19.89 -0.86 -0.58
C THR A 164 18.49 -0.87 -1.22
N GLU A 165 17.87 -2.05 -1.25
CA GLU A 165 16.45 -2.22 -1.61
C GLU A 165 15.56 -1.70 -0.46
N VAL A 166 14.84 -0.61 -0.71
CA VAL A 166 13.95 0.02 0.27
C VAL A 166 12.49 -0.04 -0.25
N PRO A 167 11.63 -0.94 0.34
CA PRO A 167 10.21 -1.05 -0.03
C PRO A 167 9.40 0.12 0.55
N THR A 168 8.80 0.95 -0.32
CA THR A 168 8.04 2.13 0.09
C THR A 168 6.57 1.95 -0.33
N LEU A 169 5.68 2.05 0.66
CA LEU A 169 4.24 2.09 0.46
C LEU A 169 3.81 3.47 -0.03
N MET A 170 2.90 3.47 -1.00
CA MET A 170 2.28 4.68 -1.55
C MET A 170 0.78 4.59 -1.26
N LEU A 171 0.27 5.59 -0.57
CA LEU A 171 -1.18 5.73 -0.27
C LEU A 171 -1.56 7.19 -0.49
N VAL A 172 -2.79 7.45 -0.93
CA VAL A 172 -3.26 8.83 -1.11
C VAL A 172 -3.57 9.45 0.26
N LYS A 173 -3.31 10.75 0.39
CA LYS A 173 -3.63 11.54 1.58
C LYS A 173 -5.14 11.49 1.92
N GLU A 174 -5.96 11.39 0.87
CA GLU A 174 -7.41 11.64 0.95
C GLU A 174 -8.21 10.40 1.39
N ALA A 175 -7.52 9.28 1.66
CA ALA A 175 -8.15 8.08 2.24
C ALA A 175 -7.43 7.61 3.50
N ILE A 176 -6.34 8.33 3.87
CA ILE A 176 -5.49 7.97 5.02
C ILE A 176 -5.47 9.12 6.02
N ILE A 177 -5.48 8.76 7.30
CA ILE A 177 -5.43 9.68 8.43
C ILE A 177 -4.27 9.23 9.34
N GLU A 178 -3.24 10.05 9.44
CA GLU A 178 -2.09 9.82 10.33
C GLU A 178 -2.44 10.34 11.74
N GLU A 179 -2.29 9.48 12.74
CA GLU A 179 -2.57 9.82 14.15
C GLU A 179 -1.27 9.74 14.97
N LYS A 180 -0.68 10.90 15.25
CA LYS A 180 0.57 11.01 16.02
C LYS A 180 0.35 10.59 17.48
N CYS A 181 1.29 9.81 18.03
CA CYS A 181 1.26 9.40 19.45
C CYS A 181 2.65 9.67 20.07
N LEU A 182 2.82 10.90 20.59
CA LEU A 182 4.05 11.36 21.26
C LEU A 182 3.66 12.02 22.60
N GLU A 183 3.82 11.26 23.69
CA GLU A 183 3.44 11.68 25.06
C GLU A 183 4.52 12.64 25.65
N MET A 1 3.72 9.71 19.40
CA MET A 1 3.04 8.47 18.95
C MET A 1 2.13 8.82 17.75
N LEU A 2 2.58 8.48 16.52
CA LEU A 2 1.85 8.82 15.28
C LEU A 2 0.93 7.65 14.84
N ILE A 3 -0.38 7.91 14.88
CA ILE A 3 -1.41 6.92 14.45
C ILE A 3 -1.83 7.28 13.01
N TYR A 4 -1.89 6.28 12.11
CA TYR A 4 -2.33 6.49 10.72
C TYR A 4 -3.53 5.60 10.45
N LYS A 5 -4.58 6.17 9.85
CA LYS A 5 -5.87 5.49 9.64
C LYS A 5 -6.22 5.42 8.14
N ASP A 6 -6.37 4.19 7.63
CA ASP A 6 -6.91 3.92 6.26
C ASP A 6 -8.43 4.29 6.24
N ILE A 7 -9.10 4.16 5.10
CA ILE A 7 -10.57 4.45 5.04
C ILE A 7 -11.41 3.23 5.53
N PHE A 8 -10.88 2.01 5.35
CA PHE A 8 -11.55 0.76 5.79
C PHE A 8 -10.74 0.08 6.90
N THR A 9 -9.42 0.13 6.76
CA THR A 9 -8.46 -0.62 7.59
C THR A 9 -7.94 0.28 8.74
N ASP A 10 -8.66 1.41 9.00
CA ASP A 10 -8.27 2.47 9.94
C ASP A 10 -7.99 1.97 11.34
N ASP A 11 -8.76 0.93 11.72
CA ASP A 11 -8.76 0.32 13.05
C ASP A 11 -7.33 -0.02 13.54
N GLU A 12 -6.63 -0.85 12.75
CA GLU A 12 -5.28 -1.32 13.11
C GLU A 12 -4.22 -1.00 12.03
N LEU A 13 -4.46 0.04 11.20
CA LEU A 13 -3.57 0.40 10.08
C LEU A 13 -2.15 0.75 10.60
N SER A 14 -2.04 1.78 11.45
CA SER A 14 -0.76 2.16 12.08
C SER A 14 -1.03 2.92 13.39
N SER A 15 0.01 2.97 14.25
CA SER A 15 -0.10 3.44 15.65
C SER A 15 1.23 3.19 16.40
N ASP A 16 2.19 4.12 16.20
CA ASP A 16 3.49 4.16 16.90
C ASP A 16 4.27 5.40 16.44
N SER A 17 5.33 5.75 17.19
CA SER A 17 6.23 6.84 16.81
C SER A 17 7.02 6.44 15.54
N PHE A 18 6.43 6.75 14.38
CA PHE A 18 6.95 6.37 13.05
C PHE A 18 7.48 7.59 12.28
N PRO A 19 8.48 7.41 11.35
CA PRO A 19 8.94 8.49 10.48
C PRO A 19 7.89 8.82 9.40
N MET A 20 7.42 10.08 9.39
CA MET A 20 6.48 10.56 8.37
C MET A 20 7.28 10.99 7.13
N LYS A 21 6.80 10.61 5.95
CA LYS A 21 7.44 10.91 4.67
C LYS A 21 6.32 11.21 3.66
N LEU A 22 6.15 12.49 3.29
CA LEU A 22 5.14 12.93 2.33
C LEU A 22 5.83 13.35 1.02
N VAL A 23 5.30 12.89 -0.12
CA VAL A 23 5.83 13.20 -1.46
C VAL A 23 4.70 13.80 -2.31
N ASP A 24 5.04 14.88 -3.08
CA ASP A 24 4.12 15.53 -4.05
C ASP A 24 2.92 16.24 -3.35
N ASP A 25 2.92 16.23 -1.99
CA ASP A 25 1.77 16.61 -1.13
C ASP A 25 0.52 15.72 -1.39
N LEU A 26 0.69 14.61 -2.13
CA LEU A 26 -0.45 13.76 -2.55
C LEU A 26 -0.36 12.41 -1.87
N VAL A 27 0.86 11.86 -1.80
CA VAL A 27 1.09 10.47 -1.43
C VAL A 27 1.95 10.40 -0.17
N TYR A 28 1.52 9.61 0.79
CA TYR A 28 2.30 9.30 1.97
C TYR A 28 3.07 7.99 1.72
N GLU A 29 4.41 8.07 1.72
CA GLU A 29 5.30 6.89 1.63
C GLU A 29 5.76 6.47 3.05
N PHE A 30 5.42 5.24 3.44
CA PHE A 30 5.78 4.66 4.75
C PHE A 30 6.82 3.56 4.52
N LYS A 31 8.08 3.82 4.88
CA LYS A 31 9.17 2.85 4.67
C LYS A 31 8.98 1.60 5.58
N GLY A 32 8.73 0.43 4.94
CA GLY A 32 8.70 -0.88 5.63
C GLY A 32 10.04 -1.60 5.47
N LYS A 33 10.28 -2.64 6.27
CA LYS A 33 11.56 -3.39 6.24
C LYS A 33 11.42 -4.62 5.32
N HIS A 34 12.33 -4.71 4.34
CA HIS A 34 12.37 -5.85 3.39
C HIS A 34 12.93 -7.08 4.12
N VAL A 35 12.04 -8.05 4.41
CA VAL A 35 12.33 -9.22 5.28
C VAL A 35 11.71 -10.51 4.71
N VAL A 36 12.17 -11.70 5.15
CA VAL A 36 11.62 -12.98 4.65
C VAL A 36 10.82 -13.66 5.77
N ARG A 37 9.53 -13.97 5.50
CA ARG A 37 8.64 -14.53 6.52
C ARG A 37 7.89 -15.73 5.94
N LYS A 38 8.26 -16.91 6.40
CA LYS A 38 7.68 -18.20 5.97
C LYS A 38 7.30 -19.00 7.23
N GLU A 39 6.39 -19.98 7.03
CA GLU A 39 5.81 -20.88 8.07
C GLU A 39 5.23 -20.11 9.29
N GLY A 40 6.12 -19.63 10.17
CA GLY A 40 5.73 -18.88 11.37
C GLY A 40 6.94 -18.31 12.09
N GLU A 41 7.99 -17.96 11.32
CA GLU A 41 9.27 -17.49 11.87
C GLU A 41 9.92 -16.47 10.91
N ILE A 42 10.62 -15.49 11.51
CA ILE A 42 11.39 -14.46 10.80
C ILE A 42 12.91 -14.77 10.93
N VAL A 43 13.51 -15.29 9.85
CA VAL A 43 14.95 -15.60 9.78
C VAL A 43 15.45 -15.34 8.35
N LEU A 44 16.15 -14.20 8.19
CA LEU A 44 16.71 -13.73 6.92
C LEU A 44 17.67 -14.77 6.27
N ALA A 45 17.07 -15.69 5.48
CA ALA A 45 17.78 -16.71 4.71
C ALA A 45 18.64 -16.05 3.61
N GLY A 46 18.00 -15.07 2.92
CA GLY A 46 18.68 -14.19 1.97
C GLY A 46 19.35 -14.91 0.81
N SER A 47 20.48 -14.35 0.37
CA SER A 47 21.29 -14.89 -0.73
C SER A 47 22.29 -15.91 -0.16
N ASN A 48 21.82 -17.14 -0.03
CA ASN A 48 22.63 -18.28 0.45
C ASN A 48 22.01 -19.60 -0.11
N PRO A 49 20.67 -19.87 0.04
CA PRO A 49 20.01 -20.95 -0.72
C PRO A 49 19.48 -20.43 -2.08
N SER A 50 18.69 -21.28 -2.77
CA SER A 50 17.99 -20.91 -4.01
C SER A 50 16.89 -19.85 -3.70
N ALA A 51 17.24 -18.57 -3.92
CA ALA A 51 16.42 -17.40 -3.55
C ALA A 51 15.10 -17.35 -4.35
N GLU A 52 15.14 -17.85 -5.60
CA GLU A 52 13.97 -17.91 -6.50
C GLU A 52 13.20 -19.23 -6.36
N GLU A 53 13.38 -19.88 -5.21
CA GLU A 53 12.70 -21.14 -4.85
C GLU A 53 12.20 -20.98 -3.39
N GLY A 54 11.08 -21.64 -3.05
CA GLY A 54 10.36 -21.40 -1.80
C GLY A 54 10.82 -22.21 -0.59
N ALA A 55 11.85 -23.06 -0.80
CA ALA A 55 12.41 -23.98 0.23
C ALA A 55 11.51 -25.21 0.42
N GLU A 56 10.23 -24.94 0.67
CA GLU A 56 9.17 -25.97 0.77
C GLU A 56 7.84 -25.33 0.30
N ASP A 57 7.12 -26.01 -0.61
CA ASP A 57 5.84 -25.53 -1.18
C ASP A 57 4.65 -25.96 -0.30
N ASP A 58 4.77 -27.16 0.29
CA ASP A 58 3.76 -27.68 1.23
C ASP A 58 3.89 -26.90 2.54
N GLY A 59 3.11 -25.80 2.66
CA GLY A 59 3.22 -24.87 3.79
C GLY A 59 3.44 -23.44 3.30
N SER A 60 4.04 -23.32 2.10
CA SER A 60 4.19 -22.05 1.37
C SER A 60 3.40 -22.17 0.06
N ASP A 61 2.13 -22.59 0.23
CA ASP A 61 1.21 -22.89 -0.89
C ASP A 61 0.79 -21.60 -1.59
N GLU A 62 0.33 -20.62 -0.79
CA GLU A 62 0.06 -19.25 -1.25
C GLU A 62 1.38 -18.53 -1.59
N HIS A 63 2.47 -19.02 -0.96
CA HIS A 63 3.79 -18.39 -0.99
C HIS A 63 3.72 -16.98 -0.36
N VAL A 64 3.80 -16.93 0.98
CA VAL A 64 4.14 -15.68 1.66
C VAL A 64 5.63 -15.49 1.42
N GLU A 65 6.51 -15.90 2.40
CA GLU A 65 7.98 -16.09 2.27
C GLU A 65 8.81 -14.82 1.99
N ARG A 66 8.26 -13.90 1.20
CA ARG A 66 8.91 -12.68 0.74
C ARG A 66 7.91 -11.58 0.98
N GLY A 67 8.18 -10.69 1.93
CA GLY A 67 7.28 -9.59 2.21
C GLY A 67 7.97 -8.51 3.00
N ILE A 68 7.32 -7.37 3.11
CA ILE A 68 7.82 -6.27 3.94
C ILE A 68 6.91 -6.12 5.16
N ASP A 69 7.45 -5.46 6.20
CA ASP A 69 6.71 -5.14 7.46
C ASP A 69 5.25 -4.74 7.22
N ILE A 70 5.04 -3.94 6.16
CA ILE A 70 3.71 -3.41 5.81
C ILE A 70 2.69 -4.53 5.60
N VAL A 71 3.13 -5.60 4.93
CA VAL A 71 2.29 -6.73 4.58
C VAL A 71 2.21 -7.76 5.73
N LEU A 72 3.38 -8.14 6.26
CA LEU A 72 3.51 -9.28 7.20
C LEU A 72 2.92 -8.93 8.60
N ASN A 73 3.34 -7.77 9.11
CA ASN A 73 2.93 -7.27 10.44
C ASN A 73 1.43 -6.86 10.45
N HIS A 74 0.88 -6.50 9.28
CA HIS A 74 -0.52 -6.03 9.16
C HIS A 74 -1.45 -7.11 8.58
N LYS A 75 -0.83 -8.16 8.00
CA LYS A 75 -1.53 -9.27 7.31
C LYS A 75 -2.38 -8.73 6.14
N LEU A 76 -1.66 -8.29 5.09
CA LEU A 76 -2.25 -7.86 3.82
C LEU A 76 -2.19 -9.03 2.83
N VAL A 77 -3.24 -9.16 2.02
CA VAL A 77 -3.34 -10.19 0.98
C VAL A 77 -2.89 -9.57 -0.38
N GLU A 78 -1.89 -10.22 -1.02
CA GLU A 78 -1.30 -9.80 -2.30
C GLU A 78 -2.33 -9.59 -3.43
N MET A 79 -1.97 -8.68 -4.34
CA MET A 79 -2.81 -8.22 -5.42
C MET A 79 -1.88 -7.90 -6.61
N ASN A 80 -1.87 -8.80 -7.59
CA ASN A 80 -1.01 -8.74 -8.76
C ASN A 80 -1.82 -8.06 -9.85
N CYS A 81 -1.64 -6.74 -9.96
CA CYS A 81 -2.49 -5.89 -10.82
C CYS A 81 -2.22 -6.21 -12.29
N TYR A 82 -0.97 -6.59 -12.55
CA TYR A 82 -0.47 -6.87 -13.91
C TYR A 82 -1.05 -8.20 -14.46
N GLU A 83 -1.51 -9.08 -13.55
CA GLU A 83 -2.20 -10.35 -13.91
C GLU A 83 -3.73 -10.28 -13.67
N ASP A 84 -4.19 -9.29 -12.88
CA ASP A 84 -5.59 -9.23 -12.37
C ASP A 84 -6.24 -7.87 -12.70
N ALA A 85 -5.69 -7.21 -13.74
CA ALA A 85 -6.03 -5.85 -14.20
C ALA A 85 -7.53 -5.56 -14.33
N SER A 86 -8.35 -6.59 -14.64
CA SER A 86 -9.81 -6.44 -14.71
C SER A 86 -10.41 -6.02 -13.34
N MET A 87 -10.18 -6.87 -12.32
CA MET A 87 -10.67 -6.64 -10.95
C MET A 87 -10.01 -5.39 -10.36
N PHE A 88 -8.71 -5.23 -10.66
CA PHE A 88 -7.89 -4.11 -10.21
C PHE A 88 -8.43 -2.77 -10.71
N LYS A 89 -8.76 -2.72 -12.01
CA LYS A 89 -9.31 -1.52 -12.67
C LYS A 89 -10.65 -1.14 -12.01
N ALA A 90 -11.42 -2.17 -11.61
CA ALA A 90 -12.68 -1.98 -10.90
C ALA A 90 -12.45 -1.40 -9.49
N TYR A 91 -11.39 -1.89 -8.77
CA TYR A 91 -11.03 -1.37 -7.44
C TYR A 91 -10.53 0.08 -7.51
N ILE A 92 -9.67 0.37 -8.49
CA ILE A 92 -9.13 1.72 -8.76
C ILE A 92 -10.23 2.71 -9.17
N LYS A 93 -11.27 2.21 -9.87
CA LYS A 93 -12.46 3.00 -10.26
C LYS A 93 -13.19 3.50 -9.00
N LYS A 94 -13.40 2.57 -8.05
CA LYS A 94 -14.10 2.87 -6.79
C LYS A 94 -13.22 3.71 -5.85
N PHE A 95 -11.91 3.37 -5.81
CA PHE A 95 -10.86 4.09 -5.05
C PHE A 95 -10.79 5.58 -5.42
N MET A 96 -10.63 5.87 -6.73
CA MET A 96 -10.52 7.24 -7.25
C MET A 96 -11.79 8.04 -6.90
N LYS A 97 -12.96 7.42 -7.13
CA LYS A 97 -14.26 8.02 -6.79
C LYS A 97 -14.31 8.33 -5.28
N ASN A 98 -13.85 7.36 -4.46
CA ASN A 98 -13.95 7.41 -2.98
C ASN A 98 -13.15 8.59 -2.41
N VAL A 99 -11.89 8.72 -2.84
CA VAL A 99 -10.95 9.74 -2.30
C VAL A 99 -11.36 11.19 -2.69
N ILE A 100 -11.85 11.38 -3.93
CA ILE A 100 -12.30 12.70 -4.41
C ILE A 100 -13.66 13.05 -3.75
N ASP A 101 -14.52 12.02 -3.60
CA ASP A 101 -15.84 12.10 -2.90
C ASP A 101 -15.65 12.33 -1.38
N HIS A 102 -14.50 11.88 -0.86
CA HIS A 102 -14.11 12.07 0.55
C HIS A 102 -13.94 13.57 0.83
N MET A 103 -13.03 14.21 0.06
CA MET A 103 -12.72 15.64 0.23
C MET A 103 -13.85 16.55 -0.28
N GLU A 104 -14.72 15.99 -1.15
CA GLU A 104 -15.90 16.67 -1.69
C GLU A 104 -16.77 17.23 -0.56
N LYS A 105 -17.18 16.33 0.35
CA LYS A 105 -18.07 16.67 1.49
C LYS A 105 -17.45 17.73 2.41
N ASN A 106 -16.11 17.80 2.39
CA ASN A 106 -15.31 18.63 3.28
C ASN A 106 -14.98 19.98 2.63
N ASN A 107 -15.16 20.06 1.30
CA ASN A 107 -14.76 21.21 0.48
C ASN A 107 -15.95 21.67 -0.42
N ARG A 108 -16.13 21.02 -1.59
CA ARG A 108 -17.09 21.46 -2.65
C ARG A 108 -16.87 22.93 -3.10
N ASP A 109 -15.68 23.48 -2.86
CA ASP A 109 -15.26 24.81 -3.36
C ASP A 109 -14.96 24.71 -4.87
N LYS A 110 -14.67 23.45 -5.31
CA LYS A 110 -14.44 23.04 -6.72
C LYS A 110 -12.98 23.23 -7.15
N ALA A 111 -12.32 24.29 -6.66
CA ALA A 111 -10.90 24.56 -6.99
C ALA A 111 -9.98 23.45 -6.44
N ASP A 112 -10.22 23.03 -5.19
CA ASP A 112 -9.33 22.12 -4.45
C ASP A 112 -9.53 20.69 -4.91
N VAL A 113 -10.80 20.31 -5.12
CA VAL A 113 -11.15 18.95 -5.58
C VAL A 113 -10.73 18.73 -7.06
N ASP A 114 -10.69 19.84 -7.85
CA ASP A 114 -10.17 19.82 -9.24
C ASP A 114 -8.67 19.58 -9.25
N ALA A 115 -7.94 20.33 -8.40
CA ALA A 115 -6.47 20.24 -8.32
C ALA A 115 -6.05 18.84 -7.84
N PHE A 116 -6.84 18.29 -6.88
CA PHE A 116 -6.66 16.94 -6.37
C PHE A 116 -6.91 15.89 -7.44
N LYS A 117 -8.06 15.99 -8.17
CA LYS A 117 -8.43 14.96 -9.17
C LYS A 117 -7.46 14.98 -10.35
N LYS A 118 -6.84 16.14 -10.60
CA LYS A 118 -5.73 16.27 -11.55
C LYS A 118 -4.53 15.40 -11.10
N LYS A 119 -4.12 15.57 -9.83
CA LYS A 119 -2.92 14.92 -9.29
C LYS A 119 -3.11 13.42 -9.01
N ILE A 120 -4.31 13.01 -8.53
CA ILE A 120 -4.59 11.59 -8.19
C ILE A 120 -4.73 10.76 -9.48
N GLN A 121 -5.34 11.36 -10.53
CA GLN A 121 -5.45 10.76 -11.86
C GLN A 121 -4.07 10.66 -12.50
N GLY A 122 -3.31 11.78 -12.47
CA GLY A 122 -1.97 11.83 -13.06
C GLY A 122 -1.00 10.85 -12.41
N TRP A 123 -1.13 10.70 -11.08
CA TRP A 123 -0.33 9.77 -10.29
C TRP A 123 -0.61 8.33 -10.71
N VAL A 124 -1.91 7.93 -10.67
CA VAL A 124 -2.29 6.52 -10.90
C VAL A 124 -1.99 6.09 -12.35
N VAL A 125 -2.28 6.95 -13.36
CA VAL A 125 -2.02 6.60 -14.78
C VAL A 125 -0.50 6.39 -15.01
N SER A 126 0.32 7.24 -14.38
CA SER A 126 1.79 7.14 -14.46
C SER A 126 2.32 5.96 -13.63
N LEU A 127 1.65 5.65 -12.52
CA LEU A 127 2.08 4.62 -11.56
C LEU A 127 1.77 3.20 -12.10
N LEU A 128 0.68 3.11 -12.87
CA LEU A 128 0.24 1.86 -13.51
C LEU A 128 0.99 1.60 -14.84
N ALA A 129 1.96 2.48 -15.18
CA ALA A 129 2.79 2.36 -16.40
C ALA A 129 3.78 1.18 -16.22
N LYS A 130 3.27 -0.03 -16.51
CA LYS A 130 3.89 -1.32 -16.09
C LYS A 130 5.25 -1.63 -16.74
N ASP A 131 5.61 -0.90 -17.80
CA ASP A 131 6.87 -1.13 -18.54
C ASP A 131 8.09 -0.77 -17.65
N ARG A 132 7.94 0.29 -16.85
CA ARG A 132 8.95 0.76 -15.88
C ARG A 132 8.55 0.39 -14.45
N PHE A 133 7.25 0.52 -14.16
CA PHE A 133 6.67 0.34 -12.83
C PHE A 133 6.43 -1.13 -12.45
N LYS A 134 6.72 -2.10 -13.36
CA LYS A 134 6.62 -3.56 -13.06
C LYS A 134 7.29 -4.01 -11.72
N ASN A 135 8.06 -3.12 -11.07
CA ASN A 135 8.70 -3.37 -9.76
C ASN A 135 7.71 -3.14 -8.59
N LEU A 136 6.43 -2.87 -8.91
CA LEU A 136 5.38 -2.65 -7.90
C LEU A 136 4.67 -3.97 -7.58
N ALA A 137 4.12 -4.05 -6.37
CA ALA A 137 3.24 -5.13 -5.93
C ALA A 137 2.13 -4.51 -5.11
N PHE A 138 0.87 -4.76 -5.47
CA PHE A 138 -0.27 -4.13 -4.81
C PHE A 138 -0.82 -5.08 -3.78
N PHE A 139 -1.46 -4.54 -2.73
CA PHE A 139 -2.00 -5.33 -1.60
C PHE A 139 -3.31 -4.70 -1.14
N ILE A 140 -4.01 -5.39 -0.24
CA ILE A 140 -5.20 -4.87 0.46
C ILE A 140 -5.28 -5.56 1.83
N GLY A 141 -5.83 -4.85 2.84
CA GLY A 141 -6.05 -5.42 4.17
C GLY A 141 -6.85 -6.71 4.11
N GLU A 142 -6.38 -7.76 4.82
CA GLU A 142 -7.08 -9.05 4.89
C GLU A 142 -8.48 -8.86 5.52
N ARG A 143 -8.53 -8.06 6.59
CA ARG A 143 -9.79 -7.62 7.23
C ARG A 143 -10.63 -6.72 6.29
N ALA A 144 -9.96 -5.91 5.45
CA ALA A 144 -10.62 -4.96 4.54
C ALA A 144 -11.38 -5.70 3.44
N ALA A 145 -10.71 -6.73 2.87
CA ALA A 145 -11.26 -7.58 1.81
C ALA A 145 -12.36 -8.50 2.35
N GLU A 146 -12.09 -9.09 3.54
CA GLU A 146 -13.06 -9.92 4.29
C GLU A 146 -14.35 -9.14 4.61
N GLY A 147 -14.18 -7.84 4.90
CA GLY A 147 -15.29 -6.93 5.14
C GLY A 147 -16.09 -6.69 3.87
N ALA A 148 -15.38 -6.28 2.81
CA ALA A 148 -15.97 -5.98 1.50
C ALA A 148 -14.86 -5.84 0.44
N GLU A 149 -15.22 -6.09 -0.83
CA GLU A 149 -14.27 -5.95 -1.96
C GLU A 149 -14.15 -4.48 -2.43
N ASN A 150 -14.75 -3.54 -1.64
CA ASN A 150 -14.62 -2.09 -1.84
C ASN A 150 -13.39 -1.53 -1.11
N GLY A 151 -12.70 -2.41 -0.33
CA GLY A 151 -11.52 -2.04 0.46
C GLY A 151 -10.39 -1.40 -0.36
N GLN A 152 -9.59 -0.53 0.29
CA GLN A 152 -8.54 0.26 -0.40
C GLN A 152 -7.28 -0.59 -0.65
N VAL A 153 -6.73 -0.47 -1.87
CA VAL A 153 -5.52 -1.17 -2.30
C VAL A 153 -4.26 -0.39 -1.85
N ALA A 154 -3.52 -1.01 -0.90
CA ALA A 154 -2.22 -0.51 -0.41
C ALA A 154 -1.12 -0.78 -1.46
N ILE A 155 -0.54 0.30 -2.01
CA ILE A 155 0.39 0.21 -3.16
C ILE A 155 1.84 0.12 -2.65
N ILE A 156 2.53 -1.02 -2.88
CA ILE A 156 3.91 -1.20 -2.39
C ILE A 156 4.92 -0.92 -3.52
N GLU A 157 5.74 0.12 -3.30
CA GLU A 157 6.81 0.53 -4.20
C GLU A 157 8.15 -0.06 -3.70
N TYR A 158 8.60 -1.15 -4.34
CA TYR A 158 9.96 -1.67 -4.13
C TYR A 158 10.93 -0.76 -4.86
N ARG A 159 11.40 0.28 -4.16
CA ARG A 159 12.20 1.35 -4.74
C ARG A 159 13.68 1.08 -4.44
N ASP A 160 14.58 1.52 -5.32
CA ASP A 160 16.02 1.57 -5.02
C ASP A 160 16.51 3.03 -5.22
N VAL A 161 17.24 3.54 -4.22
CA VAL A 161 17.78 4.92 -4.23
C VAL A 161 19.30 4.84 -3.99
N ASP A 162 20.07 5.15 -5.06
CA ASP A 162 21.55 4.94 -5.12
C ASP A 162 21.90 3.46 -4.92
N GLY A 163 20.96 2.57 -5.34
CA GLY A 163 21.11 1.12 -5.19
C GLY A 163 20.42 0.55 -3.95
N THR A 164 20.09 1.43 -2.98
CA THR A 164 19.56 1.01 -1.67
C THR A 164 18.05 0.72 -1.78
N GLU A 165 17.68 -0.57 -1.64
CA GLU A 165 16.30 -1.03 -1.77
C GLU A 165 15.48 -0.57 -0.54
N VAL A 166 14.67 0.48 -0.78
CA VAL A 166 13.71 1.05 0.19
C VAL A 166 12.26 0.75 -0.29
N PRO A 167 11.65 -0.39 0.19
CA PRO A 167 10.22 -0.69 -0.09
C PRO A 167 9.28 0.18 0.79
N THR A 168 8.49 1.02 0.12
CA THR A 168 7.64 2.04 0.76
C THR A 168 6.15 1.75 0.47
N LEU A 169 5.33 1.87 1.51
CA LEU A 169 3.87 1.83 1.42
C LEU A 169 3.37 3.18 0.89
N MET A 170 2.80 3.18 -0.30
CA MET A 170 2.27 4.36 -0.95
C MET A 170 0.74 4.33 -0.79
N LEU A 171 0.20 5.37 -0.17
CA LEU A 171 -1.24 5.59 0.01
C LEU A 171 -1.50 7.06 -0.29
N VAL A 172 -2.66 7.38 -0.85
CA VAL A 172 -3.05 8.78 -1.04
C VAL A 172 -3.41 9.40 0.32
N LYS A 173 -2.83 10.58 0.60
CA LYS A 173 -2.99 11.33 1.86
C LYS A 173 -4.47 11.55 2.20
N GLU A 174 -5.29 11.74 1.15
CA GLU A 174 -6.74 11.99 1.28
C GLU A 174 -7.48 10.77 1.87
N ALA A 175 -6.85 9.58 1.82
CA ALA A 175 -7.42 8.33 2.34
C ALA A 175 -6.45 7.63 3.32
N ILE A 176 -5.43 8.36 3.81
CA ILE A 176 -4.63 7.95 4.97
C ILE A 176 -4.53 9.15 5.94
N ILE A 177 -5.04 8.98 7.17
CA ILE A 177 -5.26 10.08 8.12
C ILE A 177 -4.21 9.99 9.24
N GLU A 178 -3.33 10.99 9.29
CA GLU A 178 -2.31 11.15 10.33
C GLU A 178 -2.94 11.55 11.68
N GLU A 179 -2.25 11.21 12.78
CA GLU A 179 -2.66 11.60 14.13
C GLU A 179 -1.42 11.82 14.99
N LYS A 180 -1.06 13.09 15.21
CA LYS A 180 0.08 13.43 16.08
C LYS A 180 -0.38 13.47 17.55
N CYS A 181 -0.19 12.33 18.24
CA CYS A 181 -0.42 12.22 19.69
C CYS A 181 0.93 12.40 20.40
N LEU A 182 1.25 13.67 20.72
CA LEU A 182 2.53 14.04 21.30
C LEU A 182 2.41 15.34 22.13
N GLU A 183 3.51 15.69 22.85
CA GLU A 183 3.55 16.78 23.85
C GLU A 183 2.58 16.48 25.03
N MET A 1 5.53 9.49 15.25
CA MET A 1 4.93 10.61 16.02
C MET A 1 3.37 10.59 16.01
N LEU A 2 2.75 10.03 14.95
CA LEU A 2 1.28 10.12 14.70
C LEU A 2 0.69 8.75 14.29
N ILE A 3 -0.63 8.61 14.41
CA ILE A 3 -1.35 7.41 13.96
C ILE A 3 -1.91 7.72 12.57
N TYR A 4 -1.52 6.93 11.56
CA TYR A 4 -1.98 7.11 10.18
C TYR A 4 -2.84 5.89 9.85
N LYS A 5 -4.16 6.06 10.00
CA LYS A 5 -5.13 4.98 9.86
C LYS A 5 -5.92 5.12 8.54
N ASP A 6 -5.93 4.02 7.77
CA ASP A 6 -6.62 3.91 6.46
C ASP A 6 -8.16 3.79 6.69
N ILE A 7 -8.94 3.72 5.63
CA ILE A 7 -10.40 3.52 5.72
C ILE A 7 -10.73 2.04 6.06
N PHE A 8 -9.97 1.12 5.46
CA PHE A 8 -10.21 -0.33 5.52
C PHE A 8 -9.09 -1.01 6.34
N THR A 9 -7.85 -0.70 5.97
CA THR A 9 -6.65 -1.37 6.48
C THR A 9 -6.11 -0.65 7.75
N ASP A 10 -6.98 0.18 8.38
CA ASP A 10 -6.63 1.12 9.48
C ASP A 10 -5.96 0.44 10.67
N ASP A 11 -6.26 -0.86 10.83
CA ASP A 11 -5.88 -1.64 12.02
C ASP A 11 -4.40 -1.49 12.39
N GLU A 12 -3.54 -1.93 11.46
CA GLU A 12 -2.08 -1.95 11.65
C GLU A 12 -1.35 -1.15 10.56
N LEU A 13 -2.05 -0.18 9.93
CA LEU A 13 -1.49 0.66 8.85
C LEU A 13 -0.24 1.42 9.37
N SER A 14 -0.47 2.44 10.20
CA SER A 14 0.59 3.11 10.98
C SER A 14 -0.05 3.64 12.29
N SER A 15 0.75 3.74 13.37
CA SER A 15 0.24 4.03 14.72
C SER A 15 1.34 4.67 15.59
N ASP A 16 1.13 5.96 15.93
CA ASP A 16 1.94 6.76 16.87
C ASP A 16 3.44 6.72 16.54
N SER A 17 4.20 5.75 17.10
CA SER A 17 5.66 5.61 16.92
C SER A 17 6.14 5.37 15.45
N PHE A 18 5.23 5.44 14.47
CA PHE A 18 5.56 5.34 13.04
C PHE A 18 5.60 6.76 12.41
N PRO A 19 6.49 7.00 11.39
CA PRO A 19 6.71 8.35 10.79
C PRO A 19 5.81 8.66 9.58
N MET A 20 5.90 9.93 9.12
CA MET A 20 5.31 10.38 7.86
C MET A 20 6.42 10.78 6.88
N LYS A 21 6.12 10.64 5.59
CA LYS A 21 6.96 11.15 4.51
C LYS A 21 6.03 11.50 3.35
N LEU A 22 5.67 12.78 3.22
CA LEU A 22 4.71 13.25 2.23
C LEU A 22 5.47 13.64 0.95
N VAL A 23 5.14 13.01 -0.17
CA VAL A 23 5.80 13.23 -1.47
C VAL A 23 4.82 13.94 -2.42
N ASP A 24 5.34 14.99 -3.12
CA ASP A 24 4.58 15.75 -4.14
C ASP A 24 3.28 16.38 -3.54
N ASP A 25 3.27 16.54 -2.18
CA ASP A 25 2.12 17.06 -1.40
C ASP A 25 0.90 16.10 -1.37
N LEU A 26 0.91 15.02 -2.18
CA LEU A 26 -0.30 14.21 -2.41
C LEU A 26 -0.27 12.91 -1.61
N VAL A 27 0.83 12.18 -1.77
CA VAL A 27 0.92 10.78 -1.37
C VAL A 27 1.71 10.66 -0.08
N TYR A 28 1.11 9.96 0.89
CA TYR A 28 1.78 9.57 2.11
C TYR A 28 2.57 8.28 1.81
N GLU A 29 3.89 8.41 1.86
CA GLU A 29 4.84 7.32 1.68
C GLU A 29 5.25 6.80 3.06
N PHE A 30 5.00 5.52 3.30
CA PHE A 30 5.36 4.86 4.55
C PHE A 30 6.46 3.80 4.29
N LYS A 31 7.46 3.78 5.20
CA LYS A 31 8.69 2.98 5.06
C LYS A 31 8.44 1.46 5.00
N GLY A 32 9.13 0.79 4.07
CA GLY A 32 9.05 -0.66 3.90
C GLY A 32 10.33 -1.20 3.27
N LYS A 33 10.73 -2.41 3.65
CA LYS A 33 12.02 -3.00 3.19
C LYS A 33 11.84 -4.51 3.00
N HIS A 34 12.63 -5.10 2.08
CA HIS A 34 12.61 -6.56 1.89
C HIS A 34 13.34 -7.24 3.05
N VAL A 35 12.63 -8.16 3.71
CA VAL A 35 13.13 -8.94 4.84
C VAL A 35 12.55 -10.37 4.78
N VAL A 36 13.21 -11.31 5.48
CA VAL A 36 12.71 -12.67 5.62
C VAL A 36 12.51 -12.91 7.12
N ARG A 37 11.26 -12.87 7.53
CA ARG A 37 10.85 -13.07 8.92
C ARG A 37 10.31 -14.49 9.07
N LYS A 38 10.38 -14.98 10.28
CA LYS A 38 9.75 -16.24 10.69
C LYS A 38 9.05 -16.00 12.04
N GLU A 39 8.11 -16.90 12.40
CA GLU A 39 7.22 -16.77 13.58
C GLU A 39 7.93 -16.28 14.86
N GLY A 40 9.22 -16.65 15.01
CA GLY A 40 10.07 -16.15 16.08
C GLY A 40 11.53 -16.03 15.63
N GLU A 41 11.75 -15.29 14.51
CA GLU A 41 13.09 -15.11 13.91
C GLU A 41 13.09 -13.93 12.91
N ILE A 42 14.27 -13.29 12.77
CA ILE A 42 14.57 -12.30 11.73
C ILE A 42 16.11 -12.12 11.66
N VAL A 43 16.77 -12.99 10.86
CA VAL A 43 18.24 -13.07 10.76
C VAL A 43 18.74 -12.84 9.32
N LEU A 44 17.80 -12.76 8.34
CA LEU A 44 18.11 -12.59 6.91
C LEU A 44 19.02 -13.73 6.38
N ALA A 45 18.41 -14.91 6.19
CA ALA A 45 19.08 -16.11 5.64
C ALA A 45 18.74 -16.31 4.15
N GLY A 46 17.70 -15.59 3.68
CA GLY A 46 17.18 -15.76 2.33
C GLY A 46 16.28 -16.97 2.23
N SER A 47 14.99 -16.78 2.51
CA SER A 47 13.98 -17.83 2.53
C SER A 47 13.57 -18.22 1.09
N ASN A 48 14.35 -19.11 0.47
CA ASN A 48 14.09 -19.60 -0.90
C ASN A 48 14.87 -20.91 -1.14
N PRO A 49 14.17 -22.08 -1.27
CA PRO A 49 14.82 -23.38 -1.55
C PRO A 49 15.38 -23.47 -2.99
N SER A 50 14.66 -22.89 -3.97
CA SER A 50 15.03 -22.94 -5.40
C SER A 50 14.19 -21.92 -6.19
N ALA A 51 14.41 -21.85 -7.52
CA ALA A 51 13.72 -20.91 -8.42
C ALA A 51 12.22 -21.27 -8.55
N GLU A 52 11.41 -20.65 -7.68
CA GLU A 52 9.96 -20.90 -7.57
C GLU A 52 9.33 -19.82 -6.66
N GLU A 53 8.07 -20.05 -6.26
CA GLU A 53 7.35 -19.18 -5.31
C GLU A 53 7.99 -19.25 -3.91
N GLY A 54 8.41 -20.47 -3.53
CA GLY A 54 8.96 -20.73 -2.20
C GLY A 54 7.87 -20.97 -1.16
N ALA A 55 6.64 -21.28 -1.63
CA ALA A 55 5.51 -21.63 -0.78
C ALA A 55 5.61 -23.13 -0.40
N GLU A 56 6.35 -23.41 0.69
CA GLU A 56 6.59 -24.76 1.21
C GLU A 56 5.27 -25.45 1.54
N ASP A 57 5.00 -26.53 0.80
CA ASP A 57 3.78 -27.36 0.92
C ASP A 57 2.53 -26.51 0.59
N ASP A 58 2.64 -25.74 -0.52
CA ASP A 58 1.55 -24.91 -1.10
C ASP A 58 1.15 -23.73 -0.19
N GLY A 59 1.98 -23.45 0.81
CA GLY A 59 1.70 -22.41 1.79
C GLY A 59 2.90 -22.16 2.69
N SER A 60 2.65 -22.15 4.01
CA SER A 60 3.67 -21.96 5.09
C SER A 60 4.21 -20.51 5.19
N ASP A 61 4.12 -19.74 4.08
CA ASP A 61 4.54 -18.35 4.03
C ASP A 61 3.49 -17.50 4.78
N GLU A 62 3.63 -17.52 6.09
CA GLU A 62 2.63 -17.05 7.06
C GLU A 62 3.33 -17.18 8.42
N HIS A 63 3.86 -18.39 8.68
CA HIS A 63 4.81 -18.63 9.77
C HIS A 63 6.16 -18.10 9.32
N VAL A 64 6.56 -18.46 8.08
CA VAL A 64 7.62 -17.75 7.37
C VAL A 64 7.02 -16.47 6.79
N GLU A 65 7.22 -15.37 7.51
CA GLU A 65 6.74 -14.06 7.12
C GLU A 65 7.76 -13.44 6.16
N ARG A 66 7.87 -13.98 4.95
CA ARG A 66 8.82 -13.50 3.94
C ARG A 66 8.15 -12.52 2.97
N GLY A 67 8.90 -11.46 2.63
CA GLY A 67 8.48 -10.49 1.63
C GLY A 67 8.85 -9.07 2.05
N ILE A 68 7.89 -8.15 1.95
CA ILE A 68 8.09 -6.74 2.33
C ILE A 68 7.48 -6.46 3.73
N ASP A 69 8.28 -5.75 4.58
CA ASP A 69 7.96 -5.30 5.95
C ASP A 69 6.48 -4.87 6.13
N ILE A 70 5.99 -4.02 5.20
CA ILE A 70 4.60 -3.50 5.22
C ILE A 70 3.58 -4.62 5.38
N VAL A 71 3.68 -5.62 4.52
CA VAL A 71 2.68 -6.68 4.39
C VAL A 71 2.88 -7.76 5.47
N LEU A 72 4.10 -7.86 6.01
CA LEU A 72 4.43 -8.83 7.08
C LEU A 72 3.91 -8.34 8.43
N ASN A 73 4.00 -7.02 8.64
CA ASN A 73 3.56 -6.35 9.88
C ASN A 73 2.03 -6.15 9.86
N HIS A 74 1.49 -5.59 8.75
CA HIS A 74 0.06 -5.21 8.68
C HIS A 74 -0.83 -6.41 8.31
N LYS A 75 -0.19 -7.46 7.71
CA LYS A 75 -0.85 -8.68 7.21
C LYS A 75 -1.84 -8.34 6.09
N LEU A 76 -1.27 -7.89 4.96
CA LEU A 76 -2.02 -7.62 3.73
C LEU A 76 -1.98 -8.89 2.81
N VAL A 77 -2.89 -8.94 1.84
CA VAL A 77 -2.94 -10.02 0.83
C VAL A 77 -2.60 -9.46 -0.56
N GLU A 78 -1.75 -10.20 -1.30
CA GLU A 78 -1.25 -9.80 -2.63
C GLU A 78 -2.35 -9.78 -3.71
N MET A 79 -2.11 -8.92 -4.71
CA MET A 79 -2.86 -8.83 -5.96
C MET A 79 -1.84 -8.43 -7.04
N ASN A 80 -1.46 -9.40 -7.89
CA ASN A 80 -0.49 -9.19 -8.96
C ASN A 80 -1.13 -8.34 -10.06
N CYS A 81 -0.49 -7.22 -10.41
CA CYS A 81 -1.00 -6.27 -11.41
C CYS A 81 -1.26 -6.96 -12.78
N TYR A 82 -0.43 -7.98 -13.02
CA TYR A 82 -0.44 -8.79 -14.25
C TYR A 82 -1.69 -9.69 -14.37
N GLU A 83 -2.06 -10.37 -13.29
CA GLU A 83 -3.15 -11.38 -13.30
C GLU A 83 -4.48 -10.79 -12.81
N ASP A 84 -4.39 -9.78 -11.94
CA ASP A 84 -5.54 -9.23 -11.19
C ASP A 84 -6.01 -7.91 -11.82
N ALA A 85 -5.66 -7.66 -13.10
CA ALA A 85 -5.96 -6.39 -13.83
C ALA A 85 -7.47 -5.99 -13.79
N SER A 86 -8.34 -7.00 -13.66
CA SER A 86 -9.81 -6.82 -13.60
C SER A 86 -10.24 -6.22 -12.24
N MET A 87 -9.85 -6.89 -11.14
CA MET A 87 -10.11 -6.42 -9.75
C MET A 87 -9.37 -5.11 -9.50
N PHE A 88 -8.16 -5.01 -10.06
CA PHE A 88 -7.31 -3.81 -10.02
C PHE A 88 -8.06 -2.58 -10.53
N LYS A 89 -8.72 -2.72 -11.72
CA LYS A 89 -9.49 -1.63 -12.34
C LYS A 89 -10.72 -1.27 -11.45
N ALA A 90 -11.28 -2.30 -10.79
CA ALA A 90 -12.40 -2.10 -9.83
C ALA A 90 -11.93 -1.25 -8.63
N TYR A 91 -10.78 -1.62 -8.05
CA TYR A 91 -10.19 -0.91 -6.89
C TYR A 91 -9.71 0.51 -7.25
N ILE A 92 -9.25 0.70 -8.49
CA ILE A 92 -8.89 2.02 -9.03
C ILE A 92 -10.12 2.92 -9.19
N LYS A 93 -11.23 2.37 -9.74
CA LYS A 93 -12.53 3.09 -9.84
C LYS A 93 -13.03 3.47 -8.44
N LYS A 94 -12.85 2.53 -7.49
CA LYS A 94 -13.22 2.72 -6.09
C LYS A 94 -12.38 3.85 -5.49
N PHE A 95 -11.05 3.75 -5.69
CA PHE A 95 -10.03 4.68 -5.17
C PHE A 95 -10.29 6.13 -5.60
N MET A 96 -10.50 6.34 -6.92
CA MET A 96 -10.65 7.69 -7.49
C MET A 96 -11.98 8.34 -7.00
N LYS A 97 -13.05 7.54 -6.94
CA LYS A 97 -14.37 8.01 -6.45
C LYS A 97 -14.28 8.30 -4.94
N ASN A 98 -13.54 7.44 -4.23
CA ASN A 98 -13.35 7.51 -2.77
C ASN A 98 -12.72 8.85 -2.37
N VAL A 99 -11.57 9.15 -2.98
CA VAL A 99 -10.73 10.30 -2.62
C VAL A 99 -11.35 11.65 -3.04
N ILE A 100 -11.98 11.72 -4.24
CA ILE A 100 -12.58 12.97 -4.75
C ILE A 100 -13.87 13.30 -3.97
N ASP A 101 -14.74 12.27 -3.79
CA ASP A 101 -15.98 12.38 -2.98
C ASP A 101 -15.66 12.85 -1.55
N HIS A 102 -14.53 12.35 -1.01
CA HIS A 102 -14.03 12.74 0.32
C HIS A 102 -13.83 14.26 0.38
N MET A 103 -12.99 14.81 -0.53
CA MET A 103 -12.65 16.24 -0.52
C MET A 103 -13.85 17.11 -0.93
N GLU A 104 -14.76 16.51 -1.74
CA GLU A 104 -15.95 17.18 -2.29
C GLU A 104 -16.92 17.56 -1.15
N LYS A 105 -17.15 16.64 -0.23
CA LYS A 105 -18.03 16.88 0.94
C LYS A 105 -17.26 17.45 2.14
N ASN A 106 -15.92 17.48 2.07
CA ASN A 106 -15.08 18.10 3.14
C ASN A 106 -14.79 19.59 2.88
N ASN A 107 -14.88 20.02 1.61
CA ASN A 107 -14.54 21.41 1.21
C ASN A 107 -15.70 22.08 0.48
N ARG A 108 -16.35 21.34 -0.45
CA ARG A 108 -17.42 21.88 -1.33
C ARG A 108 -16.90 23.04 -2.20
N ASP A 109 -15.58 23.04 -2.45
CA ASP A 109 -14.88 24.09 -3.18
C ASP A 109 -14.22 23.49 -4.43
N LYS A 110 -14.51 24.09 -5.60
CA LYS A 110 -14.04 23.61 -6.91
C LYS A 110 -12.51 23.65 -7.01
N ALA A 111 -11.88 24.66 -6.40
CA ALA A 111 -10.44 24.92 -6.54
C ALA A 111 -9.62 23.88 -5.75
N ASP A 112 -10.26 23.27 -4.73
CA ASP A 112 -9.63 22.21 -3.92
C ASP A 112 -9.73 20.88 -4.67
N VAL A 113 -10.99 20.47 -4.92
CA VAL A 113 -11.33 19.12 -5.38
C VAL A 113 -10.83 18.82 -6.80
N ASP A 114 -10.85 19.85 -7.67
CA ASP A 114 -10.46 19.73 -9.08
C ASP A 114 -8.94 19.76 -9.23
N ALA A 115 -8.27 20.53 -8.35
CA ALA A 115 -6.80 20.61 -8.33
C ALA A 115 -6.22 19.33 -7.71
N PHE A 116 -6.98 18.76 -6.76
CA PHE A 116 -6.68 17.48 -6.11
C PHE A 116 -6.91 16.32 -7.09
N LYS A 117 -8.00 16.42 -7.88
CA LYS A 117 -8.35 15.45 -8.93
C LYS A 117 -7.25 15.43 -10.02
N LYS A 118 -6.73 16.64 -10.30
CA LYS A 118 -5.63 16.87 -11.24
C LYS A 118 -4.34 16.25 -10.68
N LYS A 119 -4.13 16.42 -9.36
CA LYS A 119 -2.93 15.94 -8.67
C LYS A 119 -2.95 14.40 -8.57
N ILE A 120 -4.17 13.84 -8.36
CA ILE A 120 -4.40 12.38 -8.37
C ILE A 120 -4.15 11.84 -9.77
N GLN A 121 -4.71 12.52 -10.79
CA GLN A 121 -4.57 12.12 -12.20
C GLN A 121 -3.08 12.12 -12.62
N GLY A 122 -2.33 13.11 -12.11
CA GLY A 122 -0.90 13.18 -12.33
C GLY A 122 -0.16 11.95 -11.83
N TRP A 123 -0.42 11.60 -10.55
CA TRP A 123 0.23 10.47 -9.89
C TRP A 123 -0.18 9.15 -10.53
N VAL A 124 -1.51 8.94 -10.70
CA VAL A 124 -2.05 7.64 -11.12
C VAL A 124 -1.73 7.38 -12.60
N VAL A 125 -1.84 8.37 -13.49
CA VAL A 125 -1.50 8.17 -14.93
C VAL A 125 0.02 7.90 -15.11
N SER A 126 0.85 8.51 -14.23
CA SER A 126 2.30 8.19 -14.17
C SER A 126 2.52 6.77 -13.56
N LEU A 127 1.62 6.37 -12.64
CA LEU A 127 1.68 5.07 -11.94
C LEU A 127 1.20 3.93 -12.86
N LEU A 128 0.13 4.21 -13.64
CA LEU A 128 -0.60 3.21 -14.44
C LEU A 128 0.17 2.85 -15.73
N ALA A 129 1.35 3.46 -15.89
CA ALA A 129 2.33 3.10 -16.91
C ALA A 129 2.96 1.77 -16.47
N LYS A 130 3.00 0.79 -17.39
CA LYS A 130 3.45 -0.59 -17.08
C LYS A 130 4.95 -0.69 -16.75
N ASP A 131 5.68 0.43 -16.91
CA ASP A 131 7.08 0.57 -16.48
C ASP A 131 7.15 0.56 -14.95
N ARG A 132 6.11 1.05 -14.27
CA ARG A 132 5.98 0.92 -12.82
C ARG A 132 5.45 -0.46 -12.45
N PHE A 133 4.59 -1.01 -13.29
CA PHE A 133 3.93 -2.33 -13.07
C PHE A 133 4.94 -3.47 -13.12
N LYS A 134 6.11 -3.24 -13.75
CA LYS A 134 7.22 -4.22 -13.72
C LYS A 134 7.70 -4.45 -12.27
N ASN A 135 7.59 -3.38 -11.44
CA ASN A 135 7.99 -3.39 -10.02
C ASN A 135 6.85 -2.90 -9.10
N LEU A 136 5.58 -3.05 -9.54
CA LEU A 136 4.39 -2.86 -8.65
C LEU A 136 3.84 -4.20 -8.18
N ALA A 137 3.36 -4.19 -6.94
CA ALA A 137 2.57 -5.26 -6.36
C ALA A 137 1.47 -4.57 -5.53
N PHE A 138 0.22 -4.84 -5.86
CA PHE A 138 -0.92 -4.21 -5.17
C PHE A 138 -1.40 -5.11 -4.03
N PHE A 139 -1.63 -4.52 -2.86
CA PHE A 139 -2.04 -5.25 -1.64
C PHE A 139 -3.27 -4.58 -1.04
N ILE A 140 -4.20 -5.38 -0.53
CA ILE A 140 -5.35 -4.91 0.25
C ILE A 140 -5.27 -5.59 1.62
N GLY A 141 -5.93 -5.03 2.64
CA GLY A 141 -6.02 -5.66 3.96
C GLY A 141 -6.62 -7.05 3.87
N GLU A 142 -5.95 -8.05 4.47
CA GLU A 142 -6.43 -9.44 4.53
C GLU A 142 -7.82 -9.50 5.18
N ARG A 143 -7.97 -8.71 6.25
CA ARG A 143 -9.23 -8.59 7.00
C ARG A 143 -10.30 -7.87 6.17
N ALA A 144 -9.86 -6.84 5.41
CA ALA A 144 -10.74 -6.08 4.49
C ALA A 144 -11.24 -6.98 3.34
N ALA A 145 -10.38 -7.96 2.95
CA ALA A 145 -10.66 -8.89 1.84
C ALA A 145 -11.62 -10.02 2.25
N GLU A 146 -12.16 -9.97 3.48
CA GLU A 146 -13.17 -10.93 3.97
C GLU A 146 -14.60 -10.43 3.64
N GLY A 147 -14.71 -9.17 3.18
CA GLY A 147 -16.00 -8.55 2.86
C GLY A 147 -15.87 -7.45 1.81
N ALA A 148 -15.01 -6.46 2.10
CA ALA A 148 -14.78 -5.30 1.21
C ALA A 148 -13.93 -5.72 -0.01
N GLU A 149 -14.62 -6.27 -1.04
CA GLU A 149 -14.02 -6.61 -2.34
C GLU A 149 -13.93 -5.38 -3.27
N ASN A 150 -14.44 -4.24 -2.77
CA ASN A 150 -14.32 -2.93 -3.42
C ASN A 150 -13.86 -1.96 -2.34
N GLY A 151 -12.55 -2.03 -2.07
CA GLY A 151 -11.88 -1.24 -1.03
C GLY A 151 -10.74 -0.42 -1.59
N GLN A 152 -9.88 0.11 -0.70
CA GLN A 152 -8.71 0.92 -1.08
C GLN A 152 -7.45 0.04 -0.97
N VAL A 153 -6.51 0.24 -1.92
CA VAL A 153 -5.33 -0.63 -2.08
C VAL A 153 -4.03 0.08 -1.66
N ALA A 154 -3.25 -0.65 -0.84
CA ALA A 154 -1.87 -0.32 -0.52
C ALA A 154 -0.98 -0.53 -1.76
N ILE A 155 -0.49 0.59 -2.33
CA ILE A 155 0.33 0.58 -3.56
C ILE A 155 1.80 0.35 -3.18
N ILE A 156 2.32 -0.86 -3.43
CA ILE A 156 3.69 -1.22 -3.08
C ILE A 156 4.55 -1.22 -4.35
N GLU A 157 5.58 -0.37 -4.37
CA GLU A 157 6.53 -0.30 -5.50
C GLU A 157 7.97 -0.49 -5.01
N TYR A 158 8.67 -1.44 -5.65
CA TYR A 158 10.03 -1.84 -5.28
C TYR A 158 11.02 -0.77 -5.76
N ARG A 159 11.62 -0.05 -4.80
CA ARG A 159 12.65 0.98 -5.08
C ARG A 159 14.03 0.38 -4.76
N ASP A 160 15.11 1.11 -5.10
CA ASP A 160 16.51 0.63 -4.92
C ASP A 160 17.31 1.59 -4.02
N VAL A 161 17.80 1.10 -2.87
CA VAL A 161 18.64 1.90 -1.95
C VAL A 161 20.00 1.20 -1.72
N ASP A 162 21.11 1.89 -2.12
CA ASP A 162 22.51 1.42 -2.02
C ASP A 162 22.76 0.25 -2.99
N GLY A 163 22.13 -0.89 -2.70
CA GLY A 163 22.13 -2.06 -3.56
C GLY A 163 21.21 -3.14 -3.02
N THR A 164 20.08 -2.73 -2.41
CA THR A 164 19.10 -3.67 -1.82
C THR A 164 17.66 -3.17 -2.06
N GLU A 165 16.69 -4.12 -1.98
CA GLU A 165 15.28 -3.88 -2.34
C GLU A 165 14.54 -3.15 -1.22
N VAL A 166 14.10 -1.92 -1.47
CA VAL A 166 13.30 -1.12 -0.53
C VAL A 166 11.92 -0.82 -1.16
N PRO A 167 10.90 -1.72 -0.97
CA PRO A 167 9.56 -1.51 -1.49
C PRO A 167 8.76 -0.59 -0.55
N THR A 168 8.28 0.51 -1.08
CA THR A 168 7.71 1.60 -0.31
C THR A 168 6.18 1.59 -0.45
N LEU A 169 5.49 1.87 0.67
CA LEU A 169 4.02 1.96 0.72
C LEU A 169 3.58 3.34 0.25
N MET A 170 2.73 3.39 -0.77
CA MET A 170 2.11 4.62 -1.27
C MET A 170 0.59 4.55 -1.02
N LEU A 171 0.08 5.55 -0.30
CA LEU A 171 -1.34 5.78 -0.05
C LEU A 171 -1.56 7.28 -0.10
N VAL A 172 -2.71 7.73 -0.60
CA VAL A 172 -3.01 9.17 -0.71
C VAL A 172 -3.38 9.72 0.68
N LYS A 173 -2.79 10.89 1.02
CA LYS A 173 -2.95 11.56 2.34
C LYS A 173 -4.43 11.81 2.68
N GLU A 174 -5.22 12.16 1.66
CA GLU A 174 -6.63 12.55 1.79
C GLU A 174 -7.52 11.36 2.21
N ALA A 175 -7.09 10.13 1.88
CA ALA A 175 -7.85 8.91 2.23
C ALA A 175 -7.27 8.27 3.52
N ILE A 176 -6.20 8.88 4.06
CA ILE A 176 -5.61 8.49 5.35
C ILE A 176 -6.06 9.49 6.42
N ILE A 177 -6.53 8.98 7.56
CA ILE A 177 -6.98 9.79 8.69
C ILE A 177 -5.80 9.98 9.65
N GLU A 178 -5.31 11.23 9.73
CA GLU A 178 -4.26 11.62 10.65
C GLU A 178 -4.86 11.75 12.07
N GLU A 179 -4.57 10.75 12.90
CA GLU A 179 -5.00 10.69 14.29
C GLU A 179 -3.78 11.02 15.16
N LYS A 180 -3.79 12.18 15.82
CA LYS A 180 -2.67 12.63 16.65
C LYS A 180 -2.72 11.93 18.02
N CYS A 181 -1.58 11.36 18.43
CA CYS A 181 -1.49 10.49 19.62
C CYS A 181 -0.91 11.27 20.80
N LEU A 182 -1.79 11.64 21.75
CA LEU A 182 -1.43 12.32 23.00
C LEU A 182 -1.98 11.53 24.19
N GLU A 183 -1.42 11.80 25.36
CA GLU A 183 -1.83 11.19 26.63
C GLU A 183 -1.85 12.27 27.73
N MET A 1 2.47 8.45 20.41
CA MET A 1 1.40 7.67 19.78
C MET A 1 0.85 8.40 18.53
N LEU A 2 1.52 8.21 17.38
CA LEU A 2 1.01 8.64 16.07
C LEU A 2 0.08 7.56 15.52
N ILE A 3 -1.16 7.95 15.22
CA ILE A 3 -2.19 7.06 14.67
C ILE A 3 -2.26 7.25 13.13
N TYR A 4 -2.18 6.13 12.39
CA TYR A 4 -2.23 6.08 10.91
C TYR A 4 -3.38 5.16 10.51
N LYS A 5 -4.34 5.64 9.70
CA LYS A 5 -5.48 4.80 9.25
C LYS A 5 -5.94 5.14 7.83
N ASP A 6 -6.41 4.10 7.09
CA ASP A 6 -6.95 4.24 5.72
C ASP A 6 -8.49 4.23 5.76
N ILE A 7 -9.14 5.28 5.20
CA ILE A 7 -10.58 5.57 5.46
C ILE A 7 -11.52 4.48 4.89
N PHE A 8 -11.07 3.77 3.81
CA PHE A 8 -11.92 2.77 3.13
C PHE A 8 -11.92 1.43 3.89
N THR A 9 -10.72 0.84 4.00
CA THR A 9 -10.55 -0.58 4.28
C THR A 9 -9.65 -0.82 5.51
N ASP A 10 -8.53 -0.11 5.53
CA ASP A 10 -7.40 -0.38 6.45
C ASP A 10 -7.42 0.60 7.66
N ASP A 11 -8.62 1.15 7.95
CA ASP A 11 -8.88 2.15 9.02
C ASP A 11 -8.35 1.83 10.45
N GLU A 12 -7.72 0.66 10.67
CA GLU A 12 -6.96 0.42 11.92
C GLU A 12 -5.45 0.62 11.67
N LEU A 13 -4.99 0.13 10.49
CA LEU A 13 -3.59 0.15 10.00
C LEU A 13 -2.54 -0.04 11.11
N SER A 14 -2.12 1.07 11.73
CA SER A 14 -1.08 1.09 12.77
C SER A 14 -1.24 2.35 13.64
N SER A 15 -1.15 2.19 14.98
CA SER A 15 -1.11 3.34 15.92
C SER A 15 0.05 3.14 16.90
N ASP A 16 1.20 3.79 16.63
CA ASP A 16 2.40 3.70 17.49
C ASP A 16 3.42 4.81 17.11
N SER A 17 4.35 4.51 16.17
CA SER A 17 5.49 5.39 15.80
C SER A 17 6.17 4.83 14.54
N PHE A 18 5.58 5.08 13.37
CA PHE A 18 6.05 4.53 12.07
C PHE A 18 6.58 5.67 11.17
N PRO A 19 7.73 5.47 10.43
CA PRO A 19 8.30 6.51 9.55
C PRO A 19 7.25 7.05 8.56
N MET A 20 6.95 8.35 8.69
CA MET A 20 5.87 9.00 7.95
C MET A 20 6.46 10.03 7.00
N LYS A 21 5.98 10.05 5.75
CA LYS A 21 6.41 11.01 4.73
C LYS A 21 5.17 11.48 3.97
N LEU A 22 5.12 12.77 3.65
CA LEU A 22 4.03 13.35 2.84
C LEU A 22 4.67 14.20 1.75
N VAL A 23 4.61 13.71 0.51
CA VAL A 23 5.19 14.37 -0.66
C VAL A 23 4.10 15.11 -1.45
N ASP A 24 4.39 16.38 -1.84
CA ASP A 24 3.47 17.26 -2.63
C ASP A 24 2.11 17.52 -1.91
N ASP A 25 2.04 17.20 -0.59
CA ASP A 25 0.78 17.15 0.21
C ASP A 25 -0.26 16.14 -0.39
N LEU A 26 0.20 15.34 -1.35
CA LEU A 26 -0.66 14.52 -2.22
C LEU A 26 -0.63 13.06 -1.81
N VAL A 27 0.58 12.53 -1.58
CA VAL A 27 0.80 11.10 -1.34
C VAL A 27 1.61 10.91 -0.04
N TYR A 28 1.11 10.02 0.80
CA TYR A 28 1.81 9.53 1.99
C TYR A 28 2.73 8.36 1.56
N GLU A 29 3.96 8.36 2.06
CA GLU A 29 4.90 7.26 1.87
C GLU A 29 5.28 6.67 3.24
N PHE A 30 5.47 5.34 3.26
CA PHE A 30 5.97 4.59 4.43
C PHE A 30 7.09 3.67 3.93
N LYS A 31 8.17 3.56 4.72
CA LYS A 31 9.36 2.77 4.34
C LYS A 31 9.08 1.26 4.47
N GLY A 32 9.80 0.45 3.69
CA GLY A 32 9.75 -1.00 3.80
C GLY A 32 10.98 -1.67 3.20
N LYS A 33 11.23 -2.91 3.62
CA LYS A 33 12.43 -3.68 3.24
C LYS A 33 12.01 -5.10 2.85
N HIS A 34 12.62 -5.66 1.77
CA HIS A 34 12.45 -7.09 1.44
C HIS A 34 13.21 -7.91 2.52
N VAL A 35 12.48 -8.76 3.25
CA VAL A 35 12.97 -9.44 4.46
C VAL A 35 12.32 -10.82 4.60
N VAL A 36 12.68 -11.52 5.68
CA VAL A 36 12.08 -12.80 6.07
C VAL A 36 11.72 -12.74 7.56
N ARG A 37 10.76 -13.56 7.98
CA ARG A 37 10.38 -13.67 9.39
C ARG A 37 10.11 -15.14 9.75
N LYS A 38 10.69 -15.56 10.87
CA LYS A 38 10.35 -16.79 11.59
C LYS A 38 10.23 -16.43 13.08
N GLU A 39 9.47 -17.24 13.85
CA GLU A 39 9.25 -17.00 15.30
C GLU A 39 10.57 -17.02 16.10
N GLY A 40 11.48 -17.93 15.71
CA GLY A 40 12.78 -18.07 16.37
C GLY A 40 13.94 -17.50 15.56
N GLU A 41 13.93 -17.79 14.24
CA GLU A 41 15.06 -17.48 13.33
C GLU A 41 14.85 -16.14 12.59
N ILE A 42 15.96 -15.62 12.03
CA ILE A 42 16.00 -14.37 11.24
C ILE A 42 17.30 -14.36 10.41
N VAL A 43 17.16 -14.63 9.09
CA VAL A 43 18.30 -14.65 8.14
C VAL A 43 17.81 -14.43 6.69
N LEU A 44 17.99 -13.18 6.21
CA LEU A 44 17.64 -12.76 4.84
C LEU A 44 18.87 -12.88 3.90
N ALA A 45 20.02 -13.25 4.50
CA ALA A 45 21.29 -13.44 3.79
C ALA A 45 21.19 -14.65 2.84
N GLY A 46 20.85 -14.36 1.58
CA GLY A 46 20.77 -15.38 0.54
C GLY A 46 21.03 -14.75 -0.82
N SER A 47 19.98 -14.20 -1.43
CA SER A 47 20.06 -13.51 -2.73
C SER A 47 19.05 -12.34 -2.76
N ASN A 48 19.42 -11.26 -3.48
CA ASN A 48 18.51 -10.14 -3.80
C ASN A 48 17.33 -10.66 -4.67
N PRO A 49 17.57 -11.48 -5.76
CA PRO A 49 16.48 -12.24 -6.41
C PRO A 49 16.05 -13.43 -5.52
N SER A 50 15.02 -13.21 -4.69
CA SER A 50 14.47 -14.22 -3.77
C SER A 50 13.60 -15.26 -4.50
N ALA A 51 13.48 -15.11 -5.86
CA ALA A 51 12.75 -16.02 -6.75
C ALA A 51 11.23 -16.01 -6.47
N GLU A 52 10.78 -15.00 -5.71
CA GLU A 52 9.43 -14.91 -5.12
C GLU A 52 8.35 -14.63 -6.21
N GLU A 53 8.80 -14.28 -7.42
CA GLU A 53 7.95 -14.19 -8.62
C GLU A 53 8.03 -15.54 -9.38
N GLY A 54 6.95 -16.34 -9.31
CA GLY A 54 6.83 -17.59 -10.08
C GLY A 54 7.55 -18.78 -9.45
N ALA A 55 8.89 -18.68 -9.30
CA ALA A 55 9.77 -19.80 -8.91
C ALA A 55 9.55 -20.26 -7.46
N GLU A 56 9.12 -19.33 -6.59
CA GLU A 56 8.57 -19.68 -5.29
C GLU A 56 7.09 -19.96 -5.48
N ASP A 57 6.70 -21.23 -5.25
CA ASP A 57 5.31 -21.68 -5.41
C ASP A 57 4.38 -20.87 -4.49
N ASP A 58 3.22 -20.49 -5.04
CA ASP A 58 2.22 -19.67 -4.37
C ASP A 58 1.66 -20.40 -3.13
N GLY A 59 2.17 -20.02 -1.96
CA GLY A 59 1.72 -20.57 -0.67
C GLY A 59 2.64 -21.66 -0.12
N SER A 60 3.79 -21.87 -0.79
CA SER A 60 4.83 -22.81 -0.35
C SER A 60 5.97 -22.04 0.33
N ASP A 61 5.86 -21.92 1.65
CA ASP A 61 6.86 -21.23 2.51
C ASP A 61 7.17 -22.07 3.77
N GLU A 62 6.45 -23.21 3.91
CA GLU A 62 6.49 -24.12 5.07
C GLU A 62 5.88 -23.44 6.33
N HIS A 63 6.59 -22.47 6.90
CA HIS A 63 6.10 -21.62 8.02
C HIS A 63 6.99 -20.34 8.10
N VAL A 64 7.41 -19.85 6.92
CA VAL A 64 8.21 -18.63 6.82
C VAL A 64 7.31 -17.47 6.44
N GLU A 65 7.19 -16.50 7.36
CA GLU A 65 6.50 -15.23 7.09
C GLU A 65 7.45 -14.37 6.23
N ARG A 66 7.56 -14.76 4.96
CA ARG A 66 8.46 -14.14 3.99
C ARG A 66 7.75 -13.01 3.23
N GLY A 67 8.45 -11.88 3.08
CA GLY A 67 7.95 -10.76 2.30
C GLY A 67 8.53 -9.48 2.82
N ILE A 68 7.85 -8.36 2.62
CA ILE A 68 8.38 -7.05 3.03
C ILE A 68 7.88 -6.64 4.43
N ASP A 69 8.68 -5.81 5.12
CA ASP A 69 8.42 -5.26 6.46
C ASP A 69 6.96 -4.78 6.64
N ILE A 70 6.48 -4.03 5.64
CA ILE A 70 5.13 -3.40 5.62
C ILE A 70 4.02 -4.48 5.71
N VAL A 71 4.18 -5.52 4.87
CA VAL A 71 3.21 -6.61 4.71
C VAL A 71 3.21 -7.57 5.91
N LEU A 72 4.41 -7.90 6.41
CA LEU A 72 4.58 -8.85 7.52
C LEU A 72 4.01 -8.26 8.83
N ASN A 73 4.19 -6.92 9.01
CA ASN A 73 3.64 -6.19 10.16
C ASN A 73 2.12 -6.31 10.21
N HIS A 74 1.44 -5.81 9.17
CA HIS A 74 -0.02 -5.67 9.17
C HIS A 74 -0.73 -6.99 8.84
N LYS A 75 0.01 -7.95 8.24
CA LYS A 75 -0.57 -9.14 7.61
C LYS A 75 -1.44 -8.70 6.41
N LEU A 76 -0.75 -8.05 5.45
CA LEU A 76 -1.34 -7.64 4.17
C LEU A 76 -1.33 -8.84 3.19
N VAL A 77 -2.46 -9.06 2.52
CA VAL A 77 -2.59 -10.10 1.48
C VAL A 77 -2.28 -9.47 0.10
N GLU A 78 -1.53 -10.22 -0.74
CA GLU A 78 -1.15 -9.77 -2.08
C GLU A 78 -2.37 -9.67 -3.01
N MET A 79 -2.27 -8.71 -3.92
CA MET A 79 -3.18 -8.47 -5.03
C MET A 79 -2.23 -8.28 -6.22
N ASN A 80 -2.14 -9.32 -7.05
CA ASN A 80 -1.19 -9.42 -8.14
C ASN A 80 -1.55 -8.43 -9.27
N CYS A 81 -0.65 -7.47 -9.51
CA CYS A 81 -0.84 -6.42 -10.53
C CYS A 81 -0.93 -7.00 -11.97
N TYR A 82 -0.25 -8.14 -12.14
CA TYR A 82 -0.05 -8.80 -13.44
C TYR A 82 -1.35 -9.47 -13.96
N GLU A 83 -1.90 -10.43 -13.18
CA GLU A 83 -3.08 -11.24 -13.60
C GLU A 83 -4.39 -10.79 -12.93
N ASP A 84 -4.31 -9.85 -11.98
CA ASP A 84 -5.49 -9.31 -11.24
C ASP A 84 -5.63 -7.80 -11.42
N ALA A 85 -5.04 -7.28 -12.53
CA ALA A 85 -5.17 -5.86 -12.93
C ALA A 85 -6.64 -5.40 -13.00
N SER A 86 -7.55 -6.31 -13.41
CA SER A 86 -8.99 -6.05 -13.49
C SER A 86 -9.60 -5.77 -12.09
N MET A 87 -9.11 -6.52 -11.07
CA MET A 87 -9.47 -6.27 -9.65
C MET A 87 -9.05 -4.85 -9.25
N PHE A 88 -7.80 -4.48 -9.62
CA PHE A 88 -7.21 -3.18 -9.27
C PHE A 88 -8.00 -2.02 -9.87
N LYS A 89 -8.53 -2.21 -11.10
CA LYS A 89 -9.31 -1.19 -11.81
C LYS A 89 -10.75 -1.07 -11.22
N ALA A 90 -11.24 -2.16 -10.60
CA ALA A 90 -12.51 -2.14 -9.83
C ALA A 90 -12.35 -1.25 -8.58
N TYR A 91 -11.19 -1.48 -7.87
CA TYR A 91 -10.75 -0.61 -6.77
C TYR A 91 -10.68 0.84 -7.26
N ILE A 92 -9.93 1.09 -8.37
CA ILE A 92 -9.62 2.45 -8.88
C ILE A 92 -10.90 3.25 -9.19
N LYS A 93 -11.91 2.60 -9.83
CA LYS A 93 -13.19 3.25 -10.14
C LYS A 93 -13.90 3.75 -8.87
N LYS A 94 -14.12 2.83 -7.91
CA LYS A 94 -14.89 3.13 -6.67
C LYS A 94 -14.10 4.08 -5.75
N PHE A 95 -12.78 3.86 -5.72
CA PHE A 95 -11.78 4.68 -5.02
C PHE A 95 -11.85 6.15 -5.48
N MET A 96 -11.69 6.37 -6.80
CA MET A 96 -11.53 7.71 -7.38
C MET A 96 -12.81 8.55 -7.24
N LYS A 97 -13.97 7.89 -7.46
CA LYS A 97 -15.28 8.55 -7.29
C LYS A 97 -15.47 8.98 -5.83
N ASN A 98 -15.10 8.09 -4.91
CA ASN A 98 -15.30 8.28 -3.47
C ASN A 98 -14.36 9.37 -2.92
N VAL A 99 -13.06 9.32 -3.30
CA VAL A 99 -12.05 10.24 -2.75
C VAL A 99 -12.29 11.68 -3.21
N ILE A 100 -12.67 11.90 -4.48
CA ILE A 100 -12.89 13.26 -5.02
C ILE A 100 -14.21 13.85 -4.45
N ASP A 101 -15.25 13.00 -4.35
CA ASP A 101 -16.56 13.37 -3.78
C ASP A 101 -16.45 13.67 -2.26
N HIS A 102 -15.61 12.87 -1.57
CA HIS A 102 -15.40 12.99 -0.12
C HIS A 102 -14.53 14.21 0.18
N MET A 103 -13.45 14.41 -0.60
CA MET A 103 -12.55 15.58 -0.49
C MET A 103 -13.34 16.88 -0.68
N GLU A 104 -14.27 16.84 -1.65
CA GLU A 104 -15.18 17.95 -2.00
C GLU A 104 -16.16 18.25 -0.84
N LYS A 105 -16.50 17.21 -0.05
CA LYS A 105 -17.32 17.35 1.17
C LYS A 105 -16.48 17.96 2.31
N ASN A 106 -15.20 17.52 2.41
CA ASN A 106 -14.26 17.93 3.49
C ASN A 106 -13.76 19.39 3.29
N ASN A 107 -13.60 19.78 2.03
CA ASN A 107 -12.97 21.05 1.64
C ASN A 107 -14.02 22.13 1.28
N ARG A 108 -15.03 21.71 0.46
CA ARG A 108 -16.14 22.58 -0.05
C ARG A 108 -15.69 23.49 -1.24
N ASP A 109 -14.36 23.66 -1.41
CA ASP A 109 -13.77 24.57 -2.39
C ASP A 109 -13.41 23.79 -3.67
N LYS A 110 -13.90 24.26 -4.83
CA LYS A 110 -13.74 23.55 -6.12
C LYS A 110 -12.34 23.74 -6.71
N ALA A 111 -11.67 24.86 -6.38
CA ALA A 111 -10.32 25.17 -6.90
C ALA A 111 -9.26 24.17 -6.39
N ASP A 112 -9.40 23.77 -5.12
CA ASP A 112 -8.42 22.92 -4.43
C ASP A 112 -8.70 21.42 -4.70
N VAL A 113 -9.98 21.02 -4.85
CA VAL A 113 -10.35 19.62 -5.17
C VAL A 113 -10.15 19.30 -6.66
N ASP A 114 -10.27 20.33 -7.51
CA ASP A 114 -9.92 20.23 -8.95
C ASP A 114 -8.42 20.03 -9.11
N ALA A 115 -7.64 20.79 -8.30
CA ALA A 115 -6.18 20.73 -8.30
C ALA A 115 -5.71 19.36 -7.78
N PHE A 116 -6.34 18.91 -6.66
CA PHE A 116 -6.13 17.58 -6.06
C PHE A 116 -6.42 16.46 -7.08
N LYS A 117 -7.56 16.60 -7.81
CA LYS A 117 -8.00 15.66 -8.85
C LYS A 117 -6.93 15.52 -9.93
N LYS A 118 -6.41 16.67 -10.41
CA LYS A 118 -5.43 16.73 -11.51
C LYS A 118 -4.07 16.16 -11.09
N LYS A 119 -3.79 16.22 -9.77
CA LYS A 119 -2.59 15.63 -9.17
C LYS A 119 -2.76 14.10 -9.02
N ILE A 120 -3.99 13.65 -8.70
CA ILE A 120 -4.30 12.20 -8.60
C ILE A 120 -4.27 11.55 -9.98
N GLN A 121 -4.88 12.23 -10.97
CA GLN A 121 -4.87 11.80 -12.38
C GLN A 121 -3.43 11.68 -12.87
N GLY A 122 -2.61 12.71 -12.56
CA GLY A 122 -1.20 12.74 -12.94
C GLY A 122 -0.40 11.60 -12.31
N TRP A 123 -0.65 11.35 -11.00
CA TRP A 123 0.05 10.32 -10.23
C TRP A 123 -0.28 8.94 -10.79
N VAL A 124 -1.59 8.65 -10.95
CA VAL A 124 -2.07 7.33 -11.35
C VAL A 124 -1.73 7.05 -12.83
N VAL A 125 -1.89 8.04 -13.75
CA VAL A 125 -1.58 7.83 -15.18
C VAL A 125 -0.08 7.50 -15.37
N SER A 126 0.76 8.09 -14.51
CA SER A 126 2.20 7.80 -14.44
C SER A 126 2.45 6.40 -13.83
N LEU A 127 1.69 6.08 -12.76
CA LEU A 127 1.86 4.86 -11.95
C LEU A 127 1.23 3.62 -12.63
N LEU A 128 0.31 3.84 -13.57
CA LEU A 128 -0.38 2.79 -14.34
C LEU A 128 0.45 2.30 -15.55
N ALA A 129 1.69 2.83 -15.68
CA ALA A 129 2.65 2.34 -16.70
C ALA A 129 3.14 0.93 -16.35
N LYS A 130 3.60 0.20 -17.39
CA LYS A 130 4.04 -1.21 -17.28
C LYS A 130 5.23 -1.40 -16.34
N ASP A 131 6.24 -0.50 -16.47
CA ASP A 131 7.50 -0.59 -15.70
C ASP A 131 7.26 -0.28 -14.21
N ARG A 132 6.18 0.47 -13.92
CA ARG A 132 5.70 0.67 -12.54
C ARG A 132 5.14 -0.64 -12.02
N PHE A 133 4.18 -1.22 -12.77
CA PHE A 133 3.55 -2.54 -12.47
C PHE A 133 4.55 -3.70 -12.41
N LYS A 134 5.71 -3.56 -13.06
CA LYS A 134 6.81 -4.54 -12.97
C LYS A 134 7.40 -4.55 -11.54
N ASN A 135 7.30 -3.41 -10.83
CA ASN A 135 7.78 -3.28 -9.45
C ASN A 135 6.62 -3.01 -8.48
N LEU A 136 5.36 -2.93 -8.98
CA LEU A 136 4.20 -2.75 -8.10
C LEU A 136 3.67 -4.11 -7.66
N ALA A 137 3.42 -4.22 -6.37
CA ALA A 137 2.74 -5.33 -5.75
C ALA A 137 1.66 -4.70 -4.87
N PHE A 138 0.39 -4.98 -5.18
CA PHE A 138 -0.73 -4.34 -4.50
C PHE A 138 -1.12 -5.17 -3.29
N PHE A 139 -1.51 -4.52 -2.19
CA PHE A 139 -1.83 -5.19 -0.92
C PHE A 139 -3.04 -4.54 -0.26
N ILE A 140 -3.75 -5.34 0.54
CA ILE A 140 -4.89 -4.89 1.39
C ILE A 140 -4.85 -5.73 2.68
N GLY A 141 -5.70 -5.41 3.67
CA GLY A 141 -5.86 -6.26 4.86
C GLY A 141 -6.33 -7.68 4.48
N GLU A 142 -5.70 -8.73 5.06
CA GLU A 142 -6.02 -10.16 4.78
C GLU A 142 -7.54 -10.46 4.65
N ARG A 143 -8.34 -9.97 5.60
CA ARG A 143 -9.80 -10.20 5.67
C ARG A 143 -10.55 -9.59 4.47
N ALA A 144 -10.01 -8.51 3.91
CA ALA A 144 -10.59 -7.80 2.75
C ALA A 144 -10.49 -8.62 1.45
N ALA A 145 -9.65 -9.68 1.47
CA ALA A 145 -9.53 -10.63 0.35
C ALA A 145 -10.73 -11.61 0.28
N GLU A 146 -11.66 -11.51 1.24
CA GLU A 146 -12.84 -12.41 1.30
C GLU A 146 -13.93 -11.91 0.33
N GLY A 147 -14.02 -10.57 0.16
CA GLY A 147 -15.03 -9.99 -0.74
C GLY A 147 -14.91 -8.48 -0.99
N ALA A 148 -13.94 -7.80 -0.36
CA ALA A 148 -13.76 -6.34 -0.54
C ALA A 148 -12.84 -6.04 -1.75
N GLU A 149 -13.41 -6.20 -2.96
CA GLU A 149 -12.75 -5.87 -4.24
C GLU A 149 -12.99 -4.40 -4.65
N ASN A 150 -13.74 -3.67 -3.81
CA ASN A 150 -14.07 -2.24 -4.02
C ASN A 150 -13.77 -1.48 -2.73
N GLY A 151 -12.48 -1.20 -2.53
CA GLY A 151 -11.99 -0.39 -1.41
C GLY A 151 -10.75 0.38 -1.83
N GLN A 152 -9.82 0.64 -0.90
CA GLN A 152 -8.52 1.26 -1.21
C GLN A 152 -7.43 0.17 -1.17
N VAL A 153 -6.35 0.37 -1.92
CA VAL A 153 -5.20 -0.55 -1.97
C VAL A 153 -3.96 0.13 -1.36
N ALA A 154 -3.27 -0.60 -0.47
CA ALA A 154 -1.93 -0.27 -0.01
C ALA A 154 -0.93 -0.59 -1.15
N ILE A 155 -0.49 0.45 -1.87
CA ILE A 155 0.30 0.29 -3.12
C ILE A 155 1.79 0.23 -2.78
N ILE A 156 2.46 -0.88 -3.13
CA ILE A 156 3.90 -1.09 -2.84
C ILE A 156 4.74 -0.93 -4.11
N GLU A 157 5.65 0.05 -4.09
CA GLU A 157 6.60 0.34 -5.17
C GLU A 157 7.99 -0.18 -4.79
N TYR A 158 8.47 -1.22 -5.48
CA TYR A 158 9.85 -1.73 -5.30
C TYR A 158 10.82 -0.76 -5.99
N ARG A 159 11.28 0.23 -5.22
CA ARG A 159 12.11 1.34 -5.72
C ARG A 159 13.60 0.95 -5.61
N ASP A 160 14.48 1.69 -6.29
CA ASP A 160 15.94 1.41 -6.30
C ASP A 160 16.72 2.65 -5.80
N VAL A 161 17.40 2.51 -4.64
CA VAL A 161 18.21 3.59 -4.03
C VAL A 161 19.68 3.13 -3.91
N ASP A 162 20.51 3.57 -4.89
CA ASP A 162 21.97 3.30 -4.96
C ASP A 162 22.30 1.81 -5.16
N GLY A 163 21.27 1.00 -5.47
CA GLY A 163 21.40 -0.45 -5.64
C GLY A 163 20.56 -1.25 -4.66
N THR A 164 20.06 -0.59 -3.60
CA THR A 164 19.19 -1.23 -2.60
C THR A 164 17.72 -1.12 -3.05
N GLU A 165 17.14 -2.28 -3.39
CA GLU A 165 15.72 -2.42 -3.71
C GLU A 165 14.88 -2.27 -2.41
N VAL A 166 14.09 -1.19 -2.37
CA VAL A 166 13.33 -0.77 -1.18
C VAL A 166 11.82 -0.67 -1.55
N PRO A 167 11.01 -1.73 -1.22
CA PRO A 167 9.54 -1.69 -1.36
C PRO A 167 8.93 -0.65 -0.40
N THR A 168 8.36 0.41 -0.96
CA THR A 168 7.83 1.55 -0.21
C THR A 168 6.32 1.62 -0.40
N LEU A 169 5.59 1.82 0.70
CA LEU A 169 4.14 1.99 0.69
C LEU A 169 3.79 3.40 0.23
N MET A 170 2.72 3.51 -0.57
CA MET A 170 2.11 4.79 -0.92
C MET A 170 0.58 4.67 -0.72
N LEU A 171 0.05 5.65 0.01
CA LEU A 171 -1.38 5.81 0.30
C LEU A 171 -1.74 7.27 0.00
N VAL A 172 -2.88 7.52 -0.65
CA VAL A 172 -3.29 8.88 -1.05
C VAL A 172 -3.73 9.72 0.19
N LYS A 173 -3.38 11.04 0.14
CA LYS A 173 -3.82 12.11 1.08
C LYS A 173 -5.24 11.90 1.63
N GLU A 174 -6.16 11.65 0.70
CA GLU A 174 -7.60 11.59 0.96
C GLU A 174 -7.94 10.36 1.80
N ALA A 175 -7.27 9.24 1.51
CA ALA A 175 -7.59 7.94 2.11
C ALA A 175 -6.66 7.64 3.28
N ILE A 176 -5.63 8.47 3.53
CA ILE A 176 -4.72 8.28 4.68
C ILE A 176 -5.02 9.38 5.70
N ILE A 177 -5.07 9.01 6.96
CA ILE A 177 -5.28 9.92 8.07
C ILE A 177 -4.14 9.69 9.04
N GLU A 178 -3.34 10.72 9.26
CA GLU A 178 -2.21 10.71 10.19
C GLU A 178 -2.45 11.80 11.23
N GLU A 179 -2.46 11.42 12.51
CA GLU A 179 -2.76 12.32 13.64
C GLU A 179 -1.83 12.00 14.82
N LYS A 180 -1.51 13.03 15.61
CA LYS A 180 -0.69 12.87 16.82
C LYS A 180 -1.60 12.80 18.05
N CYS A 181 -1.90 11.58 18.49
CA CYS A 181 -2.90 11.33 19.56
C CYS A 181 -2.21 10.79 20.83
N LEU A 182 -1.89 11.71 21.75
CA LEU A 182 -1.32 11.38 23.06
C LEU A 182 -2.43 10.84 23.98
N GLU A 183 -2.28 9.58 24.40
CA GLU A 183 -3.21 8.95 25.36
C GLU A 183 -2.92 9.45 26.79
N MET A 1 3.51 9.95 18.98
CA MET A 1 3.11 8.83 18.08
C MET A 1 2.01 9.30 17.11
N LEU A 2 2.14 8.92 15.83
CA LEU A 2 1.08 9.17 14.81
C LEU A 2 0.43 7.84 14.40
N ILE A 3 -0.91 7.82 14.32
CA ILE A 3 -1.66 6.68 13.81
C ILE A 3 -1.95 6.90 12.32
N TYR A 4 -1.45 5.97 11.51
CA TYR A 4 -1.69 5.90 10.07
C TYR A 4 -2.66 4.76 9.82
N LYS A 5 -3.77 5.07 9.12
CA LYS A 5 -4.81 4.06 8.80
C LYS A 5 -5.55 4.40 7.49
N ASP A 6 -6.20 3.39 6.86
CA ASP A 6 -7.07 3.63 5.67
C ASP A 6 -8.48 3.98 6.16
N ILE A 7 -9.14 4.88 5.41
CA ILE A 7 -10.46 5.43 5.77
C ILE A 7 -11.59 4.36 5.73
N PHE A 8 -11.33 3.17 5.15
CA PHE A 8 -12.36 2.11 5.04
C PHE A 8 -12.10 0.93 6.00
N THR A 9 -10.92 0.27 5.85
CA THR A 9 -10.65 -1.04 6.50
C THR A 9 -9.37 -1.08 7.36
N ASP A 10 -8.32 -0.34 6.99
CA ASP A 10 -7.00 -0.43 7.68
C ASP A 10 -6.98 0.43 8.97
N ASP A 11 -8.16 0.74 9.55
CA ASP A 11 -8.30 1.55 10.79
C ASP A 11 -7.38 1.09 11.96
N GLU A 12 -6.91 -0.15 11.91
CA GLU A 12 -6.01 -0.73 12.93
C GLU A 12 -4.60 -1.03 12.30
N LEU A 13 -4.24 -0.24 11.25
CA LEU A 13 -2.99 -0.41 10.46
C LEU A 13 -1.73 -0.35 11.34
N SER A 14 -1.23 0.87 11.66
CA SER A 14 0.02 1.05 12.43
C SER A 14 0.01 2.43 13.13
N SER A 15 0.23 2.46 14.46
CA SER A 15 0.16 3.69 15.26
C SER A 15 1.39 3.77 16.20
N ASP A 16 2.37 4.60 15.81
CA ASP A 16 3.65 4.75 16.55
C ASP A 16 4.45 5.92 15.90
N SER A 17 5.66 6.17 16.39
CA SER A 17 6.59 7.12 15.78
C SER A 17 7.25 6.43 14.57
N PHE A 18 6.56 6.49 13.42
CA PHE A 18 7.06 5.99 12.13
C PHE A 18 7.53 7.20 11.29
N PRO A 19 8.77 7.17 10.72
CA PRO A 19 9.28 8.25 9.83
C PRO A 19 8.35 8.51 8.63
N MET A 20 7.88 9.76 8.53
CA MET A 20 6.98 10.21 7.46
C MET A 20 7.80 10.59 6.21
N LYS A 21 7.26 10.31 5.02
CA LYS A 21 7.87 10.69 3.75
C LYS A 21 6.73 11.08 2.79
N LEU A 22 6.52 12.39 2.60
CA LEU A 22 5.38 12.93 1.81
C LEU A 22 5.89 13.39 0.44
N VAL A 23 5.28 12.89 -0.64
CA VAL A 23 5.64 13.26 -2.03
C VAL A 23 4.45 13.98 -2.71
N ASP A 24 4.75 15.16 -3.30
CA ASP A 24 3.78 15.98 -4.07
C ASP A 24 2.62 16.53 -3.22
N ASP A 25 2.73 16.43 -1.86
CA ASP A 25 1.60 16.64 -0.92
C ASP A 25 0.38 15.73 -1.20
N LEU A 26 0.58 14.76 -2.08
CA LEU A 26 -0.49 13.96 -2.67
C LEU A 26 -0.52 12.57 -2.07
N VAL A 27 0.68 11.98 -1.92
CA VAL A 27 0.85 10.59 -1.52
C VAL A 27 1.76 10.52 -0.28
N TYR A 28 1.28 9.79 0.73
CA TYR A 28 2.07 9.45 1.91
C TYR A 28 2.80 8.13 1.66
N GLU A 29 4.14 8.19 1.67
CA GLU A 29 5.02 7.00 1.66
C GLU A 29 5.37 6.60 3.11
N PHE A 30 5.13 5.33 3.42
CA PHE A 30 5.36 4.74 4.75
C PHE A 30 6.58 3.81 4.63
N LYS A 31 7.56 3.99 5.53
CA LYS A 31 8.86 3.28 5.46
C LYS A 31 8.71 1.77 5.76
N GLY A 32 9.53 0.95 5.09
CA GLY A 32 9.55 -0.51 5.31
C GLY A 32 10.80 -1.16 4.73
N LYS A 33 11.11 -2.38 5.18
CA LYS A 33 12.30 -3.14 4.75
C LYS A 33 11.86 -4.55 4.33
N HIS A 34 12.49 -5.10 3.28
CA HIS A 34 12.26 -6.50 2.88
C HIS A 34 12.82 -7.44 3.98
N VAL A 35 11.93 -8.23 4.60
CA VAL A 35 12.26 -9.08 5.76
C VAL A 35 11.55 -10.43 5.65
N VAL A 36 12.02 -11.41 6.43
CA VAL A 36 11.37 -12.73 6.55
C VAL A 36 11.08 -12.99 8.04
N ARG A 37 9.85 -13.42 8.33
CA ARG A 37 9.45 -13.82 9.69
C ARG A 37 9.35 -15.35 9.73
N LYS A 38 10.34 -15.93 10.41
CA LYS A 38 10.47 -17.35 10.69
C LYS A 38 10.82 -17.53 12.17
N GLU A 39 10.37 -18.64 12.76
CA GLU A 39 10.63 -18.98 14.18
C GLU A 39 12.11 -19.40 14.41
N GLY A 40 12.91 -19.52 13.33
CA GLY A 40 14.33 -19.86 13.45
C GLY A 40 15.16 -19.57 12.20
N GLU A 41 14.79 -18.49 11.47
CA GLU A 41 15.51 -18.08 10.25
C GLU A 41 15.26 -16.58 9.99
N ILE A 42 16.30 -15.86 9.53
CA ILE A 42 16.28 -14.39 9.44
C ILE A 42 16.97 -13.91 8.12
N VAL A 43 16.80 -14.70 7.04
CA VAL A 43 17.37 -14.42 5.69
C VAL A 43 16.65 -13.22 5.00
N LEU A 44 16.94 -11.98 5.47
CA LEU A 44 16.24 -10.75 5.04
C LEU A 44 17.09 -9.85 4.12
N ALA A 45 18.36 -10.22 3.92
CA ALA A 45 19.30 -9.46 3.06
C ALA A 45 19.07 -9.76 1.57
N GLY A 46 18.41 -10.89 1.27
CA GLY A 46 18.06 -11.24 -0.11
C GLY A 46 19.10 -12.14 -0.77
N SER A 47 19.10 -13.43 -0.39
CA SER A 47 19.99 -14.44 -0.99
C SER A 47 19.49 -14.89 -2.39
N ASN A 48 18.17 -14.82 -2.60
CA ASN A 48 17.49 -15.35 -3.80
C ASN A 48 16.18 -14.60 -4.07
N PRO A 49 15.66 -14.56 -5.35
CA PRO A 49 14.35 -13.95 -5.67
C PRO A 49 13.18 -14.70 -4.96
N SER A 50 12.79 -14.18 -3.79
CA SER A 50 11.73 -14.79 -2.95
C SER A 50 10.35 -14.26 -3.38
N ALA A 51 9.80 -14.86 -4.45
CA ALA A 51 8.50 -14.48 -5.01
C ALA A 51 7.83 -15.75 -5.59
N GLU A 52 6.50 -15.80 -5.45
CA GLU A 52 5.67 -16.93 -5.90
C GLU A 52 4.41 -16.36 -6.58
N GLU A 53 3.94 -17.02 -7.63
CA GLU A 53 2.70 -16.62 -8.33
C GLU A 53 1.50 -17.30 -7.66
N GLY A 54 1.10 -16.74 -6.50
CA GLY A 54 -0.04 -17.26 -5.73
C GLY A 54 0.22 -18.67 -5.20
N ALA A 55 1.14 -18.75 -4.22
CA ALA A 55 1.64 -20.01 -3.62
C ALA A 55 0.49 -20.98 -3.21
N GLU A 56 0.24 -21.96 -4.08
CA GLU A 56 -0.82 -22.98 -3.90
C GLU A 56 -0.57 -23.80 -2.60
N ASP A 57 -1.21 -23.34 -1.52
CA ASP A 57 -1.16 -23.94 -0.18
C ASP A 57 -2.55 -23.79 0.47
N ASP A 58 -2.61 -23.91 1.81
CA ASP A 58 -3.80 -23.51 2.59
C ASP A 58 -3.97 -22.00 2.50
N GLY A 59 -2.82 -21.27 2.51
CA GLY A 59 -2.80 -19.82 2.51
C GLY A 59 -3.38 -19.26 3.80
N SER A 60 -3.02 -19.91 4.92
CA SER A 60 -3.65 -19.65 6.23
C SER A 60 -2.62 -19.77 7.38
N ASP A 61 -1.72 -20.77 7.30
CA ASP A 61 -0.73 -21.06 8.36
C ASP A 61 0.39 -21.94 7.82
N GLU A 62 1.28 -21.32 7.02
CA GLU A 62 2.49 -21.97 6.45
C GLU A 62 3.72 -21.64 7.32
N HIS A 63 3.59 -20.59 8.16
CA HIS A 63 4.69 -20.04 9.00
C HIS A 63 5.81 -19.45 8.13
N VAL A 64 5.51 -19.18 6.85
CA VAL A 64 6.43 -18.55 5.89
C VAL A 64 5.97 -17.11 5.67
N GLU A 65 6.36 -16.18 6.55
CA GLU A 65 5.98 -14.78 6.39
C GLU A 65 7.14 -14.02 5.74
N ARG A 66 7.42 -14.35 4.48
CA ARG A 66 8.41 -13.63 3.66
C ARG A 66 7.73 -12.47 2.92
N GLY A 67 8.45 -11.35 2.78
CA GLY A 67 8.00 -10.21 2.00
C GLY A 67 8.60 -8.93 2.52
N ILE A 68 7.78 -7.89 2.69
CA ILE A 68 8.20 -6.63 3.34
C ILE A 68 7.52 -6.46 4.72
N ASP A 69 8.18 -5.71 5.61
CA ASP A 69 7.77 -5.52 7.02
C ASP A 69 6.35 -4.98 7.17
N ILE A 70 5.97 -4.04 6.27
CA ILE A 70 4.66 -3.35 6.28
C ILE A 70 3.52 -4.38 6.09
N VAL A 71 3.68 -5.24 5.07
CA VAL A 71 2.71 -6.28 4.71
C VAL A 71 2.64 -7.37 5.78
N LEU A 72 3.81 -7.78 6.29
CA LEU A 72 3.92 -8.88 7.26
C LEU A 72 3.42 -8.47 8.66
N ASN A 73 3.40 -7.15 8.92
CA ASN A 73 2.90 -6.59 10.21
C ASN A 73 1.37 -6.76 10.28
N HIS A 74 0.68 -6.27 9.24
CA HIS A 74 -0.81 -6.24 9.19
C HIS A 74 -1.36 -7.57 8.64
N LYS A 75 -0.50 -8.30 7.90
CA LYS A 75 -0.87 -9.50 7.12
C LYS A 75 -1.81 -9.10 5.96
N LEU A 76 -1.23 -8.41 4.98
CA LEU A 76 -1.93 -7.98 3.76
C LEU A 76 -1.81 -9.04 2.66
N VAL A 77 -2.85 -9.20 1.85
CA VAL A 77 -2.91 -10.18 0.74
C VAL A 77 -2.55 -9.50 -0.59
N GLU A 78 -1.60 -10.10 -1.33
CA GLU A 78 -1.08 -9.58 -2.61
C GLU A 78 -2.15 -9.48 -3.73
N MET A 79 -1.90 -8.55 -4.66
CA MET A 79 -2.71 -8.22 -5.83
C MET A 79 -1.72 -7.71 -6.91
N ASN A 80 -1.51 -8.45 -8.02
CA ASN A 80 -0.46 -8.12 -9.03
C ASN A 80 -1.08 -7.70 -10.37
N CYS A 81 -0.35 -6.85 -11.13
CA CYS A 81 -0.80 -6.31 -12.43
C CYS A 81 -0.95 -7.38 -13.53
N TYR A 82 -0.35 -8.57 -13.30
CA TYR A 82 -0.30 -9.66 -14.30
C TYR A 82 -1.70 -10.28 -14.48
N GLU A 83 -2.28 -10.75 -13.35
CA GLU A 83 -3.61 -11.40 -13.35
C GLU A 83 -4.70 -10.48 -12.77
N ASP A 84 -4.37 -9.75 -11.69
CA ASP A 84 -5.35 -8.94 -10.90
C ASP A 84 -5.56 -7.51 -11.46
N ALA A 85 -5.21 -7.29 -12.75
CA ALA A 85 -5.34 -5.96 -13.40
C ALA A 85 -6.79 -5.43 -13.36
N SER A 86 -7.76 -6.31 -13.64
CA SER A 86 -9.20 -5.94 -13.69
C SER A 86 -9.79 -5.82 -12.27
N MET A 87 -9.27 -6.62 -11.32
CA MET A 87 -9.66 -6.52 -9.90
C MET A 87 -9.25 -5.16 -9.34
N PHE A 88 -7.96 -4.81 -9.57
CA PHE A 88 -7.36 -3.56 -9.09
C PHE A 88 -7.92 -2.35 -9.89
N LYS A 89 -8.43 -2.60 -11.11
CA LYS A 89 -9.10 -1.57 -11.94
C LYS A 89 -10.45 -1.16 -11.30
N ALA A 90 -11.15 -2.16 -10.73
CA ALA A 90 -12.40 -1.93 -9.98
C ALA A 90 -12.10 -1.13 -8.70
N TYR A 91 -10.93 -1.41 -8.08
CA TYR A 91 -10.42 -0.65 -6.92
C TYR A 91 -9.99 0.77 -7.30
N ILE A 92 -9.48 0.97 -8.52
CA ILE A 92 -9.16 2.32 -9.05
C ILE A 92 -10.44 3.16 -9.22
N LYS A 93 -11.56 2.50 -9.58
CA LYS A 93 -12.88 3.16 -9.62
C LYS A 93 -13.29 3.63 -8.20
N LYS A 94 -13.11 2.73 -7.20
CA LYS A 94 -13.42 3.05 -5.79
C LYS A 94 -12.54 4.22 -5.33
N PHE A 95 -11.23 4.01 -5.50
CA PHE A 95 -10.14 4.94 -5.17
C PHE A 95 -10.46 6.38 -5.60
N MET A 96 -10.50 6.60 -6.93
CA MET A 96 -10.67 7.93 -7.55
C MET A 96 -11.97 8.61 -7.07
N LYS A 97 -13.09 7.85 -7.16
CA LYS A 97 -14.42 8.32 -6.78
C LYS A 97 -14.43 8.80 -5.31
N ASN A 98 -13.91 7.94 -4.43
CA ASN A 98 -13.99 8.13 -2.98
C ASN A 98 -13.08 9.27 -2.50
N VAL A 99 -11.81 9.27 -2.96
CA VAL A 99 -10.80 10.21 -2.46
C VAL A 99 -11.12 11.68 -2.85
N ILE A 100 -11.64 11.90 -4.07
CA ILE A 100 -11.97 13.26 -4.55
C ILE A 100 -13.31 13.75 -3.95
N ASP A 101 -14.30 12.84 -3.90
CA ASP A 101 -15.64 13.12 -3.33
C ASP A 101 -15.56 13.39 -1.82
N HIS A 102 -14.79 12.55 -1.10
CA HIS A 102 -14.65 12.65 0.38
C HIS A 102 -13.91 13.93 0.74
N MET A 103 -12.88 14.26 -0.05
CA MET A 103 -12.12 15.50 0.11
C MET A 103 -13.05 16.72 -0.04
N GLU A 104 -13.85 16.77 -1.16
CA GLU A 104 -14.81 17.88 -1.41
C GLU A 104 -15.95 17.89 -0.37
N LYS A 105 -16.20 16.73 0.25
CA LYS A 105 -17.27 16.57 1.27
C LYS A 105 -16.84 17.21 2.60
N ASN A 106 -15.52 17.32 2.82
CA ASN A 106 -14.94 17.90 4.06
C ASN A 106 -14.18 19.22 3.80
N ASN A 107 -13.90 19.52 2.52
CA ASN A 107 -13.18 20.76 2.10
C ASN A 107 -14.22 21.78 1.58
N ARG A 108 -15.13 21.28 0.73
CA ARG A 108 -16.27 22.05 0.17
C ARG A 108 -15.84 23.20 -0.77
N ASP A 109 -14.60 23.14 -1.27
CA ASP A 109 -14.10 24.04 -2.30
C ASP A 109 -13.78 23.21 -3.55
N LYS A 110 -14.59 23.40 -4.61
CA LYS A 110 -14.50 22.58 -5.84
C LYS A 110 -13.20 22.86 -6.62
N ALA A 111 -12.68 24.08 -6.52
CA ALA A 111 -11.45 24.48 -7.23
C ALA A 111 -10.21 23.83 -6.59
N ASP A 112 -10.28 23.62 -5.25
CA ASP A 112 -9.18 23.04 -4.46
C ASP A 112 -9.05 21.55 -4.79
N VAL A 113 -10.20 20.85 -4.79
CA VAL A 113 -10.26 19.41 -5.06
C VAL A 113 -10.18 19.09 -6.55
N ASP A 114 -10.43 20.11 -7.42
CA ASP A 114 -10.19 20.02 -8.87
C ASP A 114 -8.68 19.99 -9.14
N ALA A 115 -7.94 20.73 -8.30
CA ALA A 115 -6.47 20.76 -8.32
C ALA A 115 -5.91 19.43 -7.80
N PHE A 116 -6.57 18.88 -6.74
CA PHE A 116 -6.27 17.53 -6.23
C PHE A 116 -6.57 16.47 -7.32
N LYS A 117 -7.69 16.66 -8.03
CA LYS A 117 -8.13 15.76 -9.11
C LYS A 117 -7.09 15.74 -10.25
N LYS A 118 -6.47 16.90 -10.49
CA LYS A 118 -5.40 17.05 -11.47
C LYS A 118 -4.14 16.24 -11.03
N LYS A 119 -3.82 16.34 -9.74
CA LYS A 119 -2.66 15.65 -9.15
C LYS A 119 -2.87 14.11 -9.14
N ILE A 120 -4.06 13.66 -8.70
CA ILE A 120 -4.31 12.24 -8.40
C ILE A 120 -4.56 11.44 -9.69
N GLN A 121 -5.19 12.08 -10.70
CA GLN A 121 -5.31 11.50 -12.06
C GLN A 121 -3.90 11.36 -12.65
N GLY A 122 -3.07 12.40 -12.42
CA GLY A 122 -1.68 12.39 -12.85
C GLY A 122 -0.87 11.26 -12.23
N TRP A 123 -1.10 10.98 -10.93
CA TRP A 123 -0.40 9.92 -10.20
C TRP A 123 -0.80 8.53 -10.71
N VAL A 124 -2.13 8.30 -10.86
CA VAL A 124 -2.63 6.97 -11.26
C VAL A 124 -2.31 6.64 -12.73
N VAL A 125 -2.38 7.64 -13.65
CA VAL A 125 -2.04 7.42 -15.08
C VAL A 125 -0.53 7.10 -15.23
N SER A 126 0.29 7.71 -14.34
CA SER A 126 1.71 7.40 -14.22
C SER A 126 1.92 5.99 -13.62
N LEU A 127 1.11 5.67 -12.60
CA LEU A 127 1.27 4.46 -11.76
C LEU A 127 0.80 3.19 -12.51
N LEU A 128 -0.17 3.37 -13.41
CA LEU A 128 -0.76 2.28 -14.22
C LEU A 128 0.07 2.06 -15.51
N ALA A 129 1.17 2.83 -15.67
CA ALA A 129 2.16 2.62 -16.73
C ALA A 129 3.15 1.52 -16.29
N LYS A 130 2.60 0.30 -16.18
CA LYS A 130 3.24 -0.87 -15.52
C LYS A 130 4.44 -1.44 -16.32
N ASP A 131 4.69 -0.92 -17.52
CA ASP A 131 5.89 -1.25 -18.33
C ASP A 131 7.18 -0.83 -17.58
N ARG A 132 7.07 0.28 -16.83
CA ARG A 132 8.14 0.82 -15.98
C ARG A 132 7.83 0.53 -14.50
N PHE A 133 6.53 0.67 -14.18
CA PHE A 133 5.99 0.53 -12.82
C PHE A 133 5.77 -0.92 -12.36
N LYS A 134 6.11 -1.93 -13.20
CA LYS A 134 6.03 -3.40 -12.84
C LYS A 134 6.64 -3.74 -11.44
N ASN A 135 7.42 -2.81 -10.86
CA ASN A 135 7.97 -2.95 -9.49
C ASN A 135 6.92 -2.60 -8.39
N LEU A 136 5.64 -2.53 -8.79
CA LEU A 136 4.51 -2.41 -7.86
C LEU A 136 4.01 -3.80 -7.48
N ALA A 137 3.55 -3.89 -6.24
CA ALA A 137 2.82 -5.04 -5.72
C ALA A 137 1.70 -4.46 -4.87
N PHE A 138 0.46 -4.63 -5.31
CA PHE A 138 -0.69 -4.05 -4.60
C PHE A 138 -1.13 -5.01 -3.51
N PHE A 139 -1.59 -4.47 -2.38
CA PHE A 139 -1.99 -5.27 -1.21
C PHE A 139 -3.27 -4.68 -0.61
N ILE A 140 -4.13 -5.54 -0.12
CA ILE A 140 -5.35 -5.13 0.61
C ILE A 140 -5.44 -5.94 1.91
N GLY A 141 -6.46 -5.63 2.71
CA GLY A 141 -6.74 -6.38 3.92
C GLY A 141 -7.07 -7.84 3.62
N GLU A 142 -6.28 -8.75 4.18
CA GLU A 142 -6.50 -10.21 4.15
C GLU A 142 -7.93 -10.53 4.68
N ARG A 143 -8.35 -9.74 5.69
CA ARG A 143 -9.73 -9.77 6.22
C ARG A 143 -10.75 -9.22 5.21
N ALA A 144 -10.42 -8.08 4.56
CA ALA A 144 -11.30 -7.40 3.58
C ALA A 144 -11.51 -8.25 2.32
N ALA A 145 -10.53 -9.12 2.03
CA ALA A 145 -10.56 -10.04 0.88
C ALA A 145 -11.48 -11.25 1.12
N GLU A 146 -12.01 -11.42 2.36
CA GLU A 146 -12.83 -12.60 2.73
C GLU A 146 -14.29 -12.34 2.33
N GLY A 147 -14.76 -11.10 2.56
CA GLY A 147 -16.13 -10.71 2.20
C GLY A 147 -16.46 -9.29 2.66
N ALA A 148 -15.60 -8.33 2.29
CA ALA A 148 -15.78 -6.89 2.58
C ALA A 148 -15.23 -6.05 1.42
N GLU A 149 -15.31 -4.71 1.53
CA GLU A 149 -14.74 -3.76 0.57
C GLU A 149 -13.72 -2.88 1.29
N ASN A 150 -12.48 -2.89 0.82
CA ASN A 150 -11.41 -2.02 1.35
C ASN A 150 -11.36 -0.71 0.56
N GLY A 151 -11.80 -0.80 -0.70
CA GLY A 151 -11.97 0.36 -1.58
C GLY A 151 -10.65 0.88 -2.14
N GLN A 152 -9.82 1.46 -1.26
CA GLN A 152 -8.52 2.03 -1.60
C GLN A 152 -7.44 0.99 -1.22
N VAL A 153 -6.49 0.74 -2.13
CA VAL A 153 -5.49 -0.34 -1.99
C VAL A 153 -4.18 0.18 -1.37
N ALA A 154 -3.57 -0.66 -0.50
CA ALA A 154 -2.22 -0.44 0.03
C ALA A 154 -1.18 -0.71 -1.08
N ILE A 155 -0.72 0.38 -1.74
CA ILE A 155 0.12 0.27 -2.95
C ILE A 155 1.60 0.22 -2.56
N ILE A 156 2.20 -0.97 -2.64
CA ILE A 156 3.59 -1.20 -2.21
C ILE A 156 4.52 -1.05 -3.41
N GLU A 157 5.52 -0.18 -3.28
CA GLU A 157 6.52 0.06 -4.33
C GLU A 157 7.93 -0.05 -3.72
N TYR A 158 8.68 -1.10 -4.10
CA TYR A 158 10.06 -1.27 -3.64
C TYR A 158 10.94 -0.37 -4.52
N ARG A 159 11.28 0.81 -3.97
CA ARG A 159 11.89 1.91 -4.72
C ARG A 159 13.40 1.72 -4.82
N ASP A 160 13.97 2.09 -5.98
CA ASP A 160 15.41 1.98 -6.22
C ASP A 160 16.16 3.10 -5.46
N VAL A 161 17.07 2.68 -4.57
CA VAL A 161 17.93 3.55 -3.76
C VAL A 161 19.39 3.07 -3.94
N ASP A 162 20.10 3.71 -4.89
CA ASP A 162 21.52 3.43 -5.21
C ASP A 162 21.71 2.01 -5.82
N GLY A 163 20.60 1.41 -6.31
CA GLY A 163 20.60 0.05 -6.88
C GLY A 163 20.05 -1.02 -5.92
N THR A 164 19.51 -0.58 -4.78
CA THR A 164 18.86 -1.46 -3.77
C THR A 164 17.34 -1.16 -3.74
N GLU A 165 16.52 -2.12 -3.28
CA GLU A 165 15.08 -1.90 -3.05
C GLU A 165 14.84 -1.29 -1.66
N VAL A 166 13.93 -0.31 -1.57
CA VAL A 166 13.40 0.21 -0.30
C VAL A 166 11.85 0.23 -0.37
N PRO A 167 11.16 -0.79 0.21
CA PRO A 167 9.67 -0.87 0.20
C PRO A 167 8.99 0.35 0.88
N THR A 168 8.27 1.13 0.07
CA THR A 168 7.50 2.28 0.53
C THR A 168 6.01 2.00 0.28
N LEU A 169 5.20 2.03 1.34
CA LEU A 169 3.75 1.94 1.25
C LEU A 169 3.21 3.30 0.80
N MET A 170 2.77 3.37 -0.44
CA MET A 170 2.20 4.56 -1.02
C MET A 170 0.68 4.49 -0.88
N LEU A 171 0.13 5.50 -0.21
CA LEU A 171 -1.31 5.71 -0.02
C LEU A 171 -1.59 7.18 -0.31
N VAL A 172 -2.75 7.49 -0.89
CA VAL A 172 -3.13 8.90 -1.14
C VAL A 172 -3.52 9.55 0.22
N LYS A 173 -3.13 10.82 0.40
CA LYS A 173 -3.33 11.56 1.65
C LYS A 173 -4.82 11.63 2.06
N GLU A 174 -5.71 11.60 1.06
CA GLU A 174 -7.16 11.74 1.24
C GLU A 174 -7.84 10.39 1.59
N ALA A 175 -7.04 9.30 1.71
CA ALA A 175 -7.51 8.00 2.17
C ALA A 175 -6.64 7.44 3.31
N ILE A 176 -5.50 8.10 3.61
CA ILE A 176 -4.70 7.81 4.81
C ILE A 176 -5.09 8.85 5.88
N ILE A 177 -5.34 8.39 7.11
CA ILE A 177 -5.59 9.25 8.24
C ILE A 177 -4.34 9.24 9.08
N GLU A 178 -3.66 10.39 9.09
CA GLU A 178 -2.49 10.66 9.90
C GLU A 178 -2.95 11.52 11.10
N GLU A 179 -3.32 10.87 12.19
CA GLU A 179 -3.82 11.53 13.41
C GLU A 179 -2.73 11.48 14.49
N LYS A 180 -2.63 12.53 15.28
CA LYS A 180 -1.62 12.66 16.33
C LYS A 180 -2.24 12.35 17.70
N CYS A 181 -1.63 11.38 18.39
CA CYS A 181 -2.08 10.98 19.73
C CYS A 181 -1.35 11.86 20.77
N LEU A 182 -1.94 13.03 21.07
CA LEU A 182 -1.41 13.98 22.06
C LEU A 182 -2.03 13.64 23.42
N GLU A 183 -1.37 12.74 24.15
CA GLU A 183 -1.77 12.30 25.49
C GLU A 183 -0.66 12.76 26.48
N MET A 1 4.89 6.82 18.98
CA MET A 1 3.54 6.23 19.05
C MET A 1 2.54 7.06 18.24
N LEU A 2 2.31 6.66 16.97
CA LEU A 2 1.32 7.28 16.08
C LEU A 2 0.29 6.24 15.63
N ILE A 3 -0.90 6.73 15.27
CA ILE A 3 -1.98 5.90 14.74
C ILE A 3 -1.93 5.98 13.21
N TYR A 4 -1.74 4.81 12.58
CA TYR A 4 -1.75 4.66 11.12
C TYR A 4 -3.01 3.89 10.75
N LYS A 5 -4.03 4.62 10.31
CA LYS A 5 -5.33 4.03 9.96
C LYS A 5 -5.77 4.50 8.56
N ASP A 6 -6.76 3.82 8.01
CA ASP A 6 -7.40 4.18 6.73
C ASP A 6 -8.52 5.21 6.98
N ILE A 7 -9.19 5.58 5.89
CA ILE A 7 -10.56 6.14 5.94
C ILE A 7 -11.59 5.00 5.97
N PHE A 8 -11.20 3.81 5.47
CA PHE A 8 -12.10 2.66 5.24
C PHE A 8 -11.89 1.53 6.27
N THR A 9 -10.67 0.98 6.30
CA THR A 9 -10.30 -0.19 7.13
C THR A 9 -9.65 0.27 8.46
N ASP A 10 -9.86 1.56 8.78
CA ASP A 10 -9.31 2.23 9.98
C ASP A 10 -9.61 1.49 11.28
N ASP A 11 -10.73 0.77 11.27
CA ASP A 11 -11.20 -0.05 12.40
C ASP A 11 -10.13 -1.05 12.84
N GLU A 12 -9.57 -1.77 11.85
CA GLU A 12 -8.71 -2.95 12.10
C GLU A 12 -7.29 -2.77 11.52
N LEU A 13 -6.85 -1.51 11.20
CA LEU A 13 -5.46 -1.27 10.69
C LEU A 13 -4.47 -1.30 11.90
N SER A 14 -3.51 -0.35 12.03
CA SER A 14 -2.41 -0.50 13.02
C SER A 14 -1.99 0.85 13.67
N SER A 15 -2.06 0.92 15.01
CA SER A 15 -1.64 2.09 15.79
C SER A 15 -0.46 1.67 16.69
N ASP A 16 0.77 2.08 16.33
CA ASP A 16 1.98 1.66 17.05
C ASP A 16 3.14 2.62 16.74
N SER A 17 4.07 2.23 15.84
CA SER A 17 5.27 3.02 15.55
C SER A 17 5.37 3.24 14.04
N PHE A 18 4.47 4.07 13.51
CA PHE A 18 4.44 4.42 12.09
C PHE A 18 4.62 5.94 11.94
N PRO A 19 5.89 6.43 11.73
CA PRO A 19 6.16 7.86 11.45
C PRO A 19 5.44 8.33 10.18
N MET A 20 4.84 9.52 10.27
CA MET A 20 4.05 10.11 9.17
C MET A 20 5.01 10.83 8.20
N LYS A 21 4.76 10.68 6.90
CA LYS A 21 5.60 11.27 5.86
C LYS A 21 4.73 11.51 4.62
N LEU A 22 4.67 12.76 4.16
CA LEU A 22 3.76 13.21 3.10
C LEU A 22 4.56 14.00 2.05
N VAL A 23 4.51 13.55 0.79
CA VAL A 23 5.16 14.23 -0.35
C VAL A 23 4.11 15.00 -1.17
N ASP A 24 4.52 16.20 -1.68
CA ASP A 24 3.70 17.07 -2.57
C ASP A 24 2.36 17.52 -1.95
N ASP A 25 2.16 17.23 -0.64
CA ASP A 25 0.84 17.35 0.04
C ASP A 25 -0.27 16.61 -0.75
N LEU A 26 0.10 15.42 -1.30
CA LEU A 26 -0.79 14.61 -2.15
C LEU A 26 -0.72 13.13 -1.74
N VAL A 27 0.52 12.60 -1.68
CA VAL A 27 0.79 11.17 -1.50
C VAL A 27 1.48 10.92 -0.15
N TYR A 28 0.91 10.02 0.66
CA TYR A 28 1.53 9.54 1.89
C TYR A 28 2.50 8.40 1.53
N GLU A 29 3.79 8.60 1.84
CA GLU A 29 4.83 7.60 1.61
C GLU A 29 5.34 7.05 2.96
N PHE A 30 5.62 5.74 2.99
CA PHE A 30 6.19 5.06 4.16
C PHE A 30 7.28 4.11 3.67
N LYS A 31 8.39 4.04 4.42
CA LYS A 31 9.55 3.24 4.04
C LYS A 31 9.35 1.77 4.48
N GLY A 32 8.89 0.92 3.54
CA GLY A 32 8.75 -0.52 3.76
C GLY A 32 10.10 -1.22 3.73
N LYS A 33 10.37 -2.06 4.74
CA LYS A 33 11.64 -2.77 4.88
C LYS A 33 11.50 -4.19 4.32
N HIS A 34 12.36 -4.55 3.36
CA HIS A 34 12.37 -5.90 2.78
C HIS A 34 12.78 -6.92 3.89
N VAL A 35 11.85 -7.79 4.26
CA VAL A 35 12.03 -8.79 5.32
C VAL A 35 11.20 -10.04 4.99
N VAL A 36 11.52 -11.18 5.63
CA VAL A 36 10.71 -12.40 5.50
C VAL A 36 10.39 -12.91 6.91
N ARG A 37 9.19 -13.46 7.09
CA ARG A 37 8.84 -14.17 8.29
C ARG A 37 9.16 -15.64 8.03
N LYS A 38 10.11 -16.19 8.79
CA LYS A 38 10.41 -17.62 8.81
C LYS A 38 10.17 -18.12 10.24
N GLU A 39 9.68 -19.35 10.42
CA GLU A 39 9.31 -19.89 11.73
C GLU A 39 10.53 -19.97 12.68
N GLY A 40 10.76 -18.86 13.40
CA GLY A 40 11.78 -18.77 14.44
C GLY A 40 13.04 -18.06 14.01
N GLU A 41 13.04 -17.50 12.78
CA GLU A 41 14.22 -16.83 12.20
C GLU A 41 13.81 -15.89 11.06
N ILE A 42 14.81 -15.30 10.39
CA ILE A 42 14.61 -14.43 9.22
C ILE A 42 15.80 -14.57 8.26
N VAL A 43 15.49 -14.79 6.97
CA VAL A 43 16.48 -14.71 5.88
C VAL A 43 15.90 -13.79 4.78
N LEU A 44 16.02 -12.48 5.00
CA LEU A 44 15.49 -11.44 4.10
C LEU A 44 16.27 -11.36 2.76
N ALA A 45 17.51 -11.83 2.80
CA ALA A 45 18.39 -11.91 1.62
C ALA A 45 18.07 -13.17 0.81
N GLY A 46 18.49 -13.18 -0.46
CA GLY A 46 18.37 -14.35 -1.33
C GLY A 46 19.44 -15.38 -1.00
N SER A 47 19.30 -15.97 0.20
CA SER A 47 20.29 -16.90 0.77
C SER A 47 19.60 -18.20 1.24
N ASN A 48 18.27 -18.29 1.02
CA ASN A 48 17.49 -19.51 1.28
C ASN A 48 17.79 -20.50 0.13
N PRO A 49 18.55 -21.61 0.40
CA PRO A 49 19.01 -22.54 -0.68
C PRO A 49 17.93 -23.59 -1.06
N SER A 50 16.68 -23.12 -1.19
CA SER A 50 15.50 -23.96 -1.43
C SER A 50 14.38 -23.10 -2.04
N ALA A 51 13.25 -23.76 -2.37
CA ALA A 51 12.02 -23.12 -2.88
C ALA A 51 12.22 -22.55 -4.30
N GLU A 52 12.10 -23.42 -5.31
CA GLU A 52 12.12 -23.03 -6.74
C GLU A 52 11.29 -24.02 -7.61
N GLU A 53 11.42 -25.33 -7.33
CA GLU A 53 10.75 -26.41 -8.09
C GLU A 53 10.96 -27.77 -7.38
N GLY A 54 12.22 -28.26 -7.41
CA GLY A 54 12.56 -29.57 -6.85
C GLY A 54 12.55 -29.60 -5.33
N ALA A 55 12.84 -28.43 -4.76
CA ALA A 55 12.66 -28.15 -3.35
C ALA A 55 11.41 -27.27 -3.21
N GLU A 56 10.31 -27.86 -2.73
CA GLU A 56 8.98 -27.19 -2.70
C GLU A 56 8.48 -27.04 -1.25
N ASP A 57 8.56 -28.14 -0.47
CA ASP A 57 7.96 -28.20 0.90
C ASP A 57 8.74 -27.35 1.91
N ASP A 58 9.98 -26.98 1.55
CA ASP A 58 10.83 -26.09 2.33
C ASP A 58 10.93 -24.77 1.56
N GLY A 59 10.70 -23.68 2.28
CA GLY A 59 10.67 -22.34 1.70
C GLY A 59 9.30 -21.99 1.14
N SER A 60 8.25 -22.63 1.69
CA SER A 60 6.86 -22.41 1.27
C SER A 60 6.34 -21.07 1.76
N ASP A 61 5.88 -20.18 0.85
CA ASP A 61 5.54 -18.78 1.19
C ASP A 61 4.28 -18.67 2.10
N GLU A 62 3.66 -19.83 2.43
CA GLU A 62 2.59 -19.94 3.43
C GLU A 62 3.07 -19.42 4.80
N HIS A 63 4.16 -20.03 5.33
CA HIS A 63 4.79 -19.58 6.59
C HIS A 63 6.00 -18.70 6.33
N VAL A 64 6.65 -18.85 5.14
CA VAL A 64 7.67 -17.89 4.66
C VAL A 64 6.94 -16.67 4.12
N GLU A 65 6.47 -15.83 5.03
CA GLU A 65 5.76 -14.60 4.68
C GLU A 65 6.81 -13.58 4.20
N ARG A 66 7.26 -13.78 2.96
CA ARG A 66 8.21 -12.90 2.28
C ARG A 66 7.51 -11.62 1.80
N GLY A 67 8.16 -10.47 2.01
CA GLY A 67 7.68 -9.19 1.49
C GLY A 67 8.32 -8.03 2.21
N ILE A 68 7.49 -7.02 2.54
CA ILE A 68 7.93 -5.90 3.39
C ILE A 68 7.24 -5.95 4.75
N ASP A 69 7.89 -5.34 5.75
CA ASP A 69 7.47 -5.38 7.18
C ASP A 69 6.02 -4.89 7.36
N ILE A 70 5.64 -3.83 6.61
CA ILE A 70 4.29 -3.20 6.67
C ILE A 70 3.20 -4.27 6.43
N VAL A 71 3.45 -5.09 5.40
CA VAL A 71 2.55 -6.14 4.95
C VAL A 71 2.44 -7.24 6.01
N LEU A 72 3.59 -7.78 6.41
CA LEU A 72 3.66 -8.98 7.28
C LEU A 72 3.15 -8.67 8.70
N ASN A 73 3.34 -7.40 9.10
CA ASN A 73 2.95 -6.88 10.41
C ASN A 73 1.42 -6.85 10.58
N HIS A 74 0.74 -6.23 9.59
CA HIS A 74 -0.72 -6.05 9.64
C HIS A 74 -1.47 -7.24 8.98
N LYS A 75 -0.72 -8.08 8.26
CA LYS A 75 -1.27 -9.18 7.44
C LYS A 75 -2.06 -8.60 6.25
N LEU A 76 -1.32 -7.93 5.35
CA LEU A 76 -1.84 -7.42 4.08
C LEU A 76 -1.77 -8.53 3.03
N VAL A 77 -2.87 -8.74 2.32
CA VAL A 77 -3.01 -9.79 1.31
C VAL A 77 -2.50 -9.26 -0.04
N GLU A 78 -1.61 -10.05 -0.69
CA GLU A 78 -1.00 -9.72 -1.98
C GLU A 78 -2.05 -9.60 -3.10
N MET A 79 -1.72 -8.76 -4.08
CA MET A 79 -2.48 -8.56 -5.29
C MET A 79 -1.50 -8.20 -6.41
N ASN A 80 -1.72 -8.73 -7.61
CA ASN A 80 -0.75 -8.66 -8.71
C ASN A 80 -1.43 -8.16 -9.97
N CYS A 81 -0.91 -7.05 -10.55
CA CYS A 81 -1.46 -6.43 -11.76
C CYS A 81 -1.29 -7.33 -12.99
N TYR A 82 -0.38 -8.34 -12.88
CA TYR A 82 -0.12 -9.35 -13.93
C TYR A 82 -1.45 -9.91 -14.51
N GLU A 83 -2.24 -10.53 -13.61
CA GLU A 83 -3.51 -11.20 -13.94
C GLU A 83 -4.71 -10.36 -13.49
N ASP A 84 -4.55 -9.64 -12.37
CA ASP A 84 -5.68 -8.96 -11.67
C ASP A 84 -5.84 -7.50 -12.14
N ALA A 85 -5.30 -7.16 -13.32
CA ALA A 85 -5.33 -5.79 -13.89
C ALA A 85 -6.76 -5.17 -13.92
N SER A 86 -7.78 -6.03 -14.12
CA SER A 86 -9.19 -5.60 -14.20
C SER A 86 -9.80 -5.32 -12.80
N MET A 87 -9.64 -6.27 -11.86
CA MET A 87 -10.23 -6.19 -10.50
C MET A 87 -9.48 -5.15 -9.65
N PHE A 88 -8.17 -5.04 -9.86
CA PHE A 88 -7.35 -3.96 -9.29
C PHE A 88 -7.80 -2.59 -9.84
N LYS A 89 -8.06 -2.50 -11.15
CA LYS A 89 -8.58 -1.26 -11.79
C LYS A 89 -9.98 -0.94 -11.22
N ALA A 90 -10.72 -1.97 -10.79
CA ALA A 90 -12.02 -1.83 -10.11
C ALA A 90 -11.84 -1.21 -8.71
N TYR A 91 -10.75 -1.60 -8.01
CA TYR A 91 -10.33 -0.93 -6.74
C TYR A 91 -9.96 0.54 -7.01
N ILE A 92 -9.34 0.81 -8.18
CA ILE A 92 -8.99 2.18 -8.60
C ILE A 92 -10.26 3.04 -8.86
N LYS A 93 -11.32 2.42 -9.40
CA LYS A 93 -12.62 3.09 -9.58
C LYS A 93 -13.21 3.52 -8.22
N LYS A 94 -13.14 2.61 -7.24
CA LYS A 94 -13.61 2.87 -5.87
C LYS A 94 -12.72 3.92 -5.19
N PHE A 95 -11.39 3.77 -5.40
CA PHE A 95 -10.34 4.68 -4.93
C PHE A 95 -10.67 6.14 -5.28
N MET A 96 -10.68 6.45 -6.60
CA MET A 96 -10.88 7.82 -7.08
C MET A 96 -12.25 8.38 -6.64
N LYS A 97 -13.30 7.53 -6.69
CA LYS A 97 -14.67 7.93 -6.34
C LYS A 97 -14.74 8.35 -4.85
N ASN A 98 -14.13 7.53 -3.99
CA ASN A 98 -14.19 7.71 -2.51
C ASN A 98 -13.34 8.91 -2.06
N VAL A 99 -12.09 8.97 -2.55
CA VAL A 99 -11.10 9.97 -2.08
C VAL A 99 -11.50 11.41 -2.47
N ILE A 100 -12.06 11.58 -3.68
CA ILE A 100 -12.49 12.89 -4.20
C ILE A 100 -13.83 13.32 -3.55
N ASP A 101 -14.76 12.34 -3.40
CA ASP A 101 -16.07 12.55 -2.73
C ASP A 101 -15.91 12.95 -1.25
N HIS A 102 -14.97 12.27 -0.58
CA HIS A 102 -14.71 12.47 0.85
C HIS A 102 -14.11 13.87 1.07
N MET A 103 -13.15 14.22 0.19
CA MET A 103 -12.47 15.52 0.20
C MET A 103 -13.47 16.66 -0.06
N GLU A 104 -14.41 16.42 -1.00
CA GLU A 104 -15.41 17.39 -1.46
C GLU A 104 -16.28 17.92 -0.30
N LYS A 105 -16.69 17.02 0.62
CA LYS A 105 -17.58 17.37 1.74
C LYS A 105 -16.88 18.25 2.81
N ASN A 106 -15.54 18.25 2.85
CA ASN A 106 -14.78 19.04 3.86
C ASN A 106 -13.96 20.17 3.21
N ASN A 107 -14.05 20.31 1.88
CA ASN A 107 -13.30 21.32 1.11
C ASN A 107 -14.30 22.31 0.50
N ARG A 108 -15.35 21.74 -0.13
CA ARG A 108 -16.47 22.44 -0.83
C ARG A 108 -16.02 23.39 -1.96
N ASP A 109 -14.72 23.37 -2.31
CA ASP A 109 -14.15 24.24 -3.33
C ASP A 109 -13.71 23.40 -4.53
N LYS A 110 -14.37 23.62 -5.68
CA LYS A 110 -14.11 22.85 -6.91
C LYS A 110 -12.70 23.11 -7.44
N ALA A 111 -12.16 24.33 -7.25
CA ALA A 111 -10.84 24.71 -7.79
C ALA A 111 -9.71 23.98 -7.04
N ASP A 112 -9.94 23.70 -5.75
CA ASP A 112 -8.95 23.05 -4.89
C ASP A 112 -8.93 21.54 -5.21
N VAL A 113 -10.11 20.91 -5.13
CA VAL A 113 -10.27 19.46 -5.40
C VAL A 113 -9.95 19.13 -6.88
N ASP A 114 -10.04 20.14 -7.78
CA ASP A 114 -9.65 20.01 -9.21
C ASP A 114 -8.15 19.74 -9.32
N ALA A 115 -7.36 20.45 -8.49
CA ALA A 115 -5.89 20.33 -8.44
C ALA A 115 -5.50 18.95 -7.89
N PHE A 116 -6.27 18.50 -6.87
CA PHE A 116 -6.14 17.15 -6.29
C PHE A 116 -6.32 16.06 -7.35
N LYS A 117 -7.52 16.02 -7.96
CA LYS A 117 -7.91 14.95 -8.89
C LYS A 117 -7.17 15.06 -10.24
N LYS A 118 -6.56 16.23 -10.50
CA LYS A 118 -5.67 16.43 -11.65
C LYS A 118 -4.40 15.61 -11.43
N LYS A 119 -3.81 15.80 -10.24
CA LYS A 119 -2.59 15.13 -9.82
C LYS A 119 -2.80 13.63 -9.58
N ILE A 120 -4.02 13.26 -9.11
CA ILE A 120 -4.40 11.84 -8.92
C ILE A 120 -4.52 11.14 -10.25
N GLN A 121 -5.23 11.77 -11.21
CA GLN A 121 -5.41 11.25 -12.58
C GLN A 121 -4.03 11.01 -13.22
N GLY A 122 -3.17 12.03 -13.15
CA GLY A 122 -1.82 11.97 -13.71
C GLY A 122 -0.95 10.89 -13.06
N TRP A 123 -1.02 10.81 -11.71
CA TRP A 123 -0.21 9.87 -10.90
C TRP A 123 -0.58 8.43 -11.27
N VAL A 124 -1.90 8.13 -11.27
CA VAL A 124 -2.40 6.76 -11.47
C VAL A 124 -2.21 6.28 -12.91
N VAL A 125 -2.47 7.13 -13.93
CA VAL A 125 -2.30 6.72 -15.34
C VAL A 125 -0.82 6.41 -15.66
N SER A 126 0.10 7.12 -15.00
CA SER A 126 1.53 6.84 -15.11
C SER A 126 1.88 5.56 -14.31
N LEU A 127 1.24 5.40 -13.14
CA LEU A 127 1.50 4.31 -12.17
C LEU A 127 0.94 2.95 -12.65
N LEU A 128 -0.10 3.00 -13.49
CA LEU A 128 -0.78 1.80 -14.04
C LEU A 128 -0.11 1.32 -15.36
N ALA A 129 0.97 2.00 -15.78
CA ALA A 129 1.70 1.67 -17.01
C ALA A 129 2.68 0.50 -16.73
N LYS A 130 2.21 -0.73 -17.00
CA LYS A 130 2.89 -1.99 -16.61
C LYS A 130 4.22 -2.24 -17.34
N ASP A 131 4.59 -1.38 -18.31
CA ASP A 131 5.88 -1.50 -19.04
C ASP A 131 7.07 -1.45 -18.06
N ARG A 132 7.03 -0.47 -17.14
CA ARG A 132 8.04 -0.29 -16.08
C ARG A 132 7.45 -0.66 -14.70
N PHE A 133 6.17 -0.30 -14.51
CA PHE A 133 5.45 -0.40 -13.23
C PHE A 133 4.94 -1.84 -12.90
N LYS A 134 5.16 -2.81 -13.81
CA LYS A 134 4.86 -4.24 -13.53
C LYS A 134 5.57 -4.78 -12.24
N ASN A 135 6.58 -4.02 -11.74
CA ASN A 135 7.36 -4.38 -10.55
C ASN A 135 6.64 -3.94 -9.26
N LEU A 136 5.37 -3.45 -9.39
CA LEU A 136 4.58 -2.94 -8.25
C LEU A 136 3.82 -4.12 -7.61
N ALA A 137 3.96 -4.22 -6.29
CA ALA A 137 3.26 -5.20 -5.48
C ALA A 137 2.08 -4.48 -4.79
N PHE A 138 0.85 -4.94 -5.05
CA PHE A 138 -0.37 -4.30 -4.51
C PHE A 138 -0.89 -5.12 -3.35
N PHE A 139 -1.38 -4.46 -2.31
CA PHE A 139 -1.90 -5.12 -1.10
C PHE A 139 -3.16 -4.40 -0.63
N ILE A 140 -4.06 -5.15 0.00
CA ILE A 140 -5.27 -4.59 0.62
C ILE A 140 -5.43 -5.20 2.03
N GLY A 141 -6.34 -4.63 2.83
CA GLY A 141 -6.62 -5.12 4.18
C GLY A 141 -7.15 -6.55 4.18
N GLU A 142 -6.76 -7.34 5.19
CA GLU A 142 -7.30 -8.70 5.44
C GLU A 142 -8.85 -8.73 5.32
N ARG A 143 -9.52 -7.67 5.82
CA ARG A 143 -10.99 -7.51 5.75
C ARG A 143 -11.49 -7.43 4.30
N ALA A 144 -10.73 -6.73 3.43
CA ALA A 144 -11.08 -6.54 2.01
C ALA A 144 -10.99 -7.87 1.22
N ALA A 145 -10.09 -8.78 1.65
CA ALA A 145 -10.00 -10.14 1.08
C ALA A 145 -11.01 -11.10 1.74
N GLU A 146 -11.39 -10.77 2.98
CA GLU A 146 -12.31 -11.59 3.78
C GLU A 146 -13.71 -11.62 3.15
N GLY A 147 -14.06 -10.52 2.44
CA GLY A 147 -15.32 -10.40 1.71
C GLY A 147 -15.79 -8.96 1.65
N ALA A 148 -14.95 -8.09 1.07
CA ALA A 148 -15.21 -6.64 1.02
C ALA A 148 -14.39 -5.97 -0.11
N GLU A 149 -14.40 -4.61 -0.12
CA GLU A 149 -13.66 -3.78 -1.08
C GLU A 149 -13.77 -2.30 -0.65
N ASN A 150 -13.28 -1.36 -1.51
CA ASN A 150 -13.24 0.11 -1.27
C ASN A 150 -12.08 0.52 -0.35
N GLY A 151 -11.56 -0.45 0.44
CA GLY A 151 -10.38 -0.25 1.27
C GLY A 151 -9.15 0.11 0.44
N GLN A 152 -8.28 0.94 1.01
CA GLN A 152 -7.13 1.52 0.31
C GLN A 152 -6.09 0.44 -0.07
N VAL A 153 -5.62 0.50 -1.32
CA VAL A 153 -4.57 -0.39 -1.83
C VAL A 153 -3.19 0.16 -1.44
N ALA A 154 -2.45 -0.63 -0.65
CA ALA A 154 -1.04 -0.41 -0.36
C ALA A 154 -0.22 -0.62 -1.63
N ILE A 155 0.18 0.50 -2.30
CA ILE A 155 0.91 0.44 -3.56
C ILE A 155 2.41 0.41 -3.24
N ILE A 156 3.04 -0.75 -3.40
CA ILE A 156 4.43 -0.97 -3.00
C ILE A 156 5.34 -0.75 -4.19
N GLU A 157 5.88 0.46 -4.27
CA GLU A 157 6.96 0.81 -5.18
C GLU A 157 8.28 0.36 -4.55
N TYR A 158 9.32 0.15 -5.36
CA TYR A 158 10.66 -0.20 -4.87
C TYR A 158 11.64 0.89 -5.35
N ARG A 159 12.57 1.30 -4.49
CA ARG A 159 13.68 2.20 -4.86
C ARG A 159 15.00 1.49 -4.62
N ASP A 160 16.06 1.99 -5.27
CA ASP A 160 17.43 1.46 -5.13
C ASP A 160 18.35 2.50 -4.47
N VAL A 161 18.92 2.11 -3.32
CA VAL A 161 19.94 2.89 -2.62
C VAL A 161 21.23 2.04 -2.55
N ASP A 162 22.16 2.32 -3.48
CA ASP A 162 23.55 1.75 -3.50
C ASP A 162 23.57 0.21 -3.65
N GLY A 163 22.47 -0.40 -4.11
CA GLY A 163 22.37 -1.86 -4.30
C GLY A 163 21.35 -2.51 -3.37
N THR A 164 20.67 -1.69 -2.55
CA THR A 164 19.64 -2.14 -1.60
C THR A 164 18.26 -1.68 -2.07
N GLU A 165 17.28 -2.59 -2.03
CA GLU A 165 15.89 -2.27 -2.29
C GLU A 165 15.31 -1.62 -1.02
N VAL A 166 14.83 -0.39 -1.16
CA VAL A 166 14.03 0.30 -0.12
C VAL A 166 12.64 0.57 -0.71
N PRO A 167 11.69 -0.40 -0.55
CA PRO A 167 10.29 -0.22 -0.97
C PRO A 167 9.63 1.03 -0.36
N THR A 168 9.07 1.84 -1.25
CA THR A 168 8.33 3.03 -0.90
C THR A 168 6.84 2.73 -1.06
N LEU A 169 6.15 2.61 0.07
CA LEU A 169 4.70 2.43 0.11
C LEU A 169 4.07 3.80 -0.17
N MET A 170 3.41 3.90 -1.33
CA MET A 170 2.68 5.11 -1.69
C MET A 170 1.17 4.84 -1.55
N LEU A 171 0.51 5.84 -0.97
CA LEU A 171 -0.92 5.90 -0.70
C LEU A 171 -1.35 7.34 -0.94
N VAL A 172 -2.62 7.59 -1.20
CA VAL A 172 -3.11 8.97 -1.19
C VAL A 172 -3.50 9.34 0.25
N LYS A 173 -3.19 10.59 0.64
CA LYS A 173 -3.57 11.15 1.94
C LYS A 173 -5.11 11.11 2.17
N GLU A 174 -5.88 11.16 1.06
CA GLU A 174 -7.36 11.22 1.10
C GLU A 174 -8.02 9.83 1.11
N ALA A 175 -7.23 8.77 1.36
CA ALA A 175 -7.75 7.42 1.68
C ALA A 175 -7.15 6.89 3.00
N ILE A 176 -6.28 7.70 3.61
CA ILE A 176 -5.53 7.34 4.83
C ILE A 176 -5.63 8.46 5.87
N ILE A 177 -5.86 8.10 7.14
CA ILE A 177 -5.79 9.07 8.24
C ILE A 177 -4.61 8.66 9.15
N GLU A 178 -3.57 9.48 9.12
CA GLU A 178 -2.41 9.35 10.00
C GLU A 178 -2.59 10.34 11.16
N GLU A 179 -2.92 9.80 12.34
CA GLU A 179 -3.24 10.61 13.51
C GLU A 179 -1.96 10.79 14.30
N LYS A 180 -1.35 11.97 14.07
CA LYS A 180 -0.11 12.37 14.73
C LYS A 180 -0.40 12.72 16.19
N CYS A 181 -0.18 11.75 17.07
CA CYS A 181 -0.29 11.94 18.51
C CYS A 181 0.96 12.71 18.99
N LEU A 182 0.87 14.05 18.94
CA LEU A 182 1.99 14.96 19.18
C LEU A 182 2.18 15.19 20.68
N GLU A 183 3.28 14.65 21.23
CA GLU A 183 3.68 14.86 22.63
C GLU A 183 5.22 15.06 22.68
N MET A 1 2.70 8.19 19.80
CA MET A 1 2.77 7.32 18.60
C MET A 1 1.82 7.84 17.52
N LEU A 2 2.16 7.62 16.24
CA LEU A 2 1.37 8.16 15.12
C LEU A 2 0.39 7.10 14.64
N ILE A 3 -0.90 7.46 14.55
CA ILE A 3 -1.97 6.53 14.16
C ILE A 3 -2.28 6.71 12.66
N TYR A 4 -2.28 5.58 11.93
CA TYR A 4 -2.53 5.51 10.48
C TYR A 4 -3.73 4.56 10.26
N LYS A 5 -4.83 5.13 9.77
CA LYS A 5 -6.09 4.40 9.60
C LYS A 5 -6.55 4.47 8.14
N ASP A 6 -7.27 3.45 7.67
CA ASP A 6 -8.00 3.52 6.40
C ASP A 6 -9.41 4.02 6.70
N ILE A 7 -9.89 4.98 5.89
CA ILE A 7 -11.16 5.66 6.15
C ILE A 7 -12.38 4.73 5.96
N PHE A 8 -12.27 3.70 5.11
CA PHE A 8 -13.45 2.93 4.67
C PHE A 8 -13.79 1.79 5.65
N THR A 9 -12.86 0.83 5.80
CA THR A 9 -13.10 -0.39 6.60
C THR A 9 -11.93 -0.68 7.58
N ASP A 10 -10.71 -0.34 7.15
CA ASP A 10 -9.46 -0.94 7.65
C ASP A 10 -8.81 -0.13 8.76
N ASP A 11 -9.61 0.69 9.46
CA ASP A 11 -9.14 1.72 10.43
C ASP A 11 -8.05 1.21 11.41
N GLU A 12 -8.06 -0.08 11.71
CA GLU A 12 -7.07 -0.71 12.62
C GLU A 12 -5.75 -1.12 11.88
N LEU A 13 -5.43 -0.44 10.75
CA LEU A 13 -4.18 -0.66 9.95
C LEU A 13 -2.92 -0.77 10.83
N SER A 14 -2.45 0.39 11.32
CA SER A 14 -1.18 0.51 12.05
C SER A 14 -1.15 1.81 12.87
N SER A 15 -0.72 1.77 14.15
CA SER A 15 -0.57 2.97 14.98
C SER A 15 0.68 2.86 15.85
N ASP A 16 1.77 3.52 15.41
CA ASP A 16 3.09 3.47 16.07
C ASP A 16 3.95 4.64 15.54
N SER A 17 5.11 4.87 16.20
CA SER A 17 6.05 5.95 15.85
C SER A 17 6.97 5.59 14.65
N PHE A 18 6.70 4.45 13.94
CA PHE A 18 7.48 4.05 12.73
C PHE A 18 7.50 5.18 11.66
N PRO A 19 8.67 5.39 10.94
CA PRO A 19 8.92 6.63 10.15
C PRO A 19 7.88 6.84 9.03
N MET A 20 7.18 7.98 9.10
CA MET A 20 6.27 8.42 8.04
C MET A 20 6.92 9.50 7.20
N LYS A 21 6.53 9.60 5.93
CA LYS A 21 6.90 10.70 5.04
C LYS A 21 5.65 11.12 4.29
N LEU A 22 5.53 12.41 4.00
CA LEU A 22 4.40 12.96 3.26
C LEU A 22 4.94 13.91 2.19
N VAL A 23 4.67 13.59 0.93
CA VAL A 23 5.11 14.37 -0.24
C VAL A 23 3.89 15.08 -0.86
N ASP A 24 4.06 16.38 -1.17
CA ASP A 24 3.03 17.27 -1.80
C ASP A 24 1.71 17.38 -0.98
N ASP A 25 1.69 16.89 0.27
CA ASP A 25 0.43 16.63 1.04
C ASP A 25 -0.58 15.78 0.24
N LEU A 26 -0.09 14.99 -0.72
CA LEU A 26 -0.93 14.15 -1.58
C LEU A 26 -0.73 12.69 -1.20
N VAL A 27 0.54 12.29 -1.04
CA VAL A 27 0.91 10.88 -0.83
C VAL A 27 1.74 10.70 0.45
N TYR A 28 1.24 9.82 1.33
CA TYR A 28 1.98 9.31 2.48
C TYR A 28 2.85 8.13 1.99
N GLU A 29 4.18 8.33 2.04
CA GLU A 29 5.17 7.30 1.68
C GLU A 29 5.85 6.76 2.96
N PHE A 30 5.98 5.42 3.02
CA PHE A 30 6.62 4.70 4.13
C PHE A 30 7.70 3.77 3.56
N LYS A 31 8.88 3.78 4.18
CA LYS A 31 9.98 2.87 3.80
C LYS A 31 9.85 1.56 4.58
N GLY A 32 10.12 0.46 3.89
CA GLY A 32 10.16 -0.87 4.50
C GLY A 32 11.30 -1.68 3.93
N LYS A 33 11.35 -2.95 4.29
CA LYS A 33 12.40 -3.88 3.84
C LYS A 33 11.81 -5.29 3.65
N HIS A 34 12.33 -5.99 2.63
CA HIS A 34 12.07 -7.41 2.40
C HIS A 34 12.67 -8.21 3.57
N VAL A 35 11.80 -8.89 4.32
CA VAL A 35 12.12 -9.59 5.57
C VAL A 35 11.31 -10.91 5.64
N VAL A 36 11.75 -11.81 6.53
CA VAL A 36 11.03 -13.08 6.80
C VAL A 36 10.64 -13.09 8.28
N ARG A 37 9.34 -12.87 8.56
CA ARG A 37 8.82 -12.87 9.92
C ARG A 37 8.59 -14.33 10.34
N LYS A 38 9.48 -14.81 11.21
CA LYS A 38 9.47 -16.20 11.68
C LYS A 38 9.67 -16.21 13.22
N GLU A 39 9.17 -17.29 13.86
CA GLU A 39 9.21 -17.49 15.35
C GLU A 39 10.62 -17.32 15.94
N GLY A 40 11.66 -17.57 15.12
CA GLY A 40 13.06 -17.40 15.55
C GLY A 40 14.01 -16.99 14.44
N GLU A 41 13.49 -16.30 13.40
CA GLU A 41 14.31 -15.74 12.29
C GLU A 41 13.69 -14.41 11.81
N ILE A 42 14.55 -13.53 11.26
CA ILE A 42 14.13 -12.25 10.68
C ILE A 42 15.15 -11.78 9.64
N VAL A 43 16.45 -11.90 9.98
CA VAL A 43 17.57 -11.45 9.15
C VAL A 43 17.80 -12.44 8.00
N LEU A 44 17.41 -12.02 6.79
CA LEU A 44 17.65 -12.79 5.54
C LEU A 44 18.82 -12.16 4.75
N ALA A 45 18.91 -12.52 3.48
CA ALA A 45 19.84 -11.91 2.50
C ALA A 45 19.04 -11.58 1.23
N GLY A 46 19.75 -11.16 0.17
CA GLY A 46 19.14 -10.99 -1.16
C GLY A 46 19.00 -12.34 -1.87
N SER A 47 18.15 -13.21 -1.29
CA SER A 47 17.96 -14.59 -1.73
C SER A 47 16.52 -15.04 -1.42
N ASN A 48 16.07 -16.07 -2.16
CA ASN A 48 14.71 -16.66 -2.06
C ASN A 48 13.62 -15.62 -2.45
N PRO A 49 13.48 -15.32 -3.79
CA PRO A 49 12.39 -14.46 -4.31
C PRO A 49 11.06 -15.25 -4.47
N SER A 50 9.99 -14.57 -4.90
CA SER A 50 8.68 -15.19 -5.12
C SER A 50 8.73 -16.08 -6.39
N ALA A 51 8.84 -17.42 -6.17
CA ALA A 51 8.98 -18.41 -7.26
C ALA A 51 7.73 -18.47 -8.14
N GLU A 52 7.93 -18.94 -9.39
CA GLU A 52 6.87 -19.06 -10.40
C GLU A 52 5.78 -20.02 -9.88
N GLU A 53 4.55 -19.47 -9.79
CA GLU A 53 3.37 -20.14 -9.22
C GLU A 53 3.55 -20.30 -7.70
N GLY A 54 3.34 -19.18 -6.97
CA GLY A 54 3.52 -19.14 -5.52
C GLY A 54 2.22 -19.37 -4.76
N ALA A 55 1.43 -20.36 -5.21
CA ALA A 55 0.19 -20.78 -4.55
C ALA A 55 0.51 -21.67 -3.34
N GLU A 56 1.08 -22.86 -3.63
CA GLU A 56 1.58 -23.84 -2.64
C GLU A 56 0.52 -24.17 -1.57
N ASP A 57 -0.70 -24.50 -2.04
CA ASP A 57 -1.86 -24.81 -1.15
C ASP A 57 -1.60 -26.09 -0.34
N ASP A 58 -0.71 -26.97 -0.86
CA ASP A 58 -0.28 -28.20 -0.17
C ASP A 58 0.44 -27.86 1.15
N GLY A 59 1.22 -26.77 1.13
CA GLY A 59 1.90 -26.24 2.32
C GLY A 59 1.46 -24.82 2.63
N SER A 60 0.13 -24.56 2.53
CA SER A 60 -0.44 -23.25 2.90
C SER A 60 -0.46 -23.11 4.43
N ASP A 61 0.61 -22.49 4.96
CA ASP A 61 0.83 -22.39 6.41
C ASP A 61 1.30 -20.96 6.75
N GLU A 62 2.49 -20.58 6.22
CA GLU A 62 3.02 -19.19 6.24
C GLU A 62 3.28 -18.69 7.67
N HIS A 63 3.71 -19.61 8.57
CA HIS A 63 4.27 -19.23 9.90
C HIS A 63 5.56 -18.40 9.70
N VAL A 64 6.20 -18.62 8.55
CA VAL A 64 7.22 -17.73 8.02
C VAL A 64 6.51 -16.74 7.09
N GLU A 65 6.07 -15.60 7.63
CA GLU A 65 5.55 -14.49 6.85
C GLU A 65 6.70 -13.88 6.03
N ARG A 66 7.00 -14.53 4.92
CA ARG A 66 7.95 -14.03 3.92
C ARG A 66 7.28 -12.91 3.09
N GLY A 67 8.02 -11.81 2.92
CA GLY A 67 7.58 -10.69 2.10
C GLY A 67 8.30 -9.45 2.51
N ILE A 68 7.61 -8.31 2.52
CA ILE A 68 8.14 -7.04 3.07
C ILE A 68 7.37 -6.65 4.36
N ASP A 69 8.06 -6.00 5.31
CA ASP A 69 7.49 -5.64 6.63
C ASP A 69 6.28 -4.70 6.52
N ILE A 70 6.19 -3.94 5.41
CA ILE A 70 5.04 -3.07 5.13
C ILE A 70 3.74 -3.90 5.04
N VAL A 71 3.86 -5.06 4.41
CA VAL A 71 2.76 -6.02 4.27
C VAL A 71 2.52 -6.80 5.57
N LEU A 72 3.60 -7.38 6.11
CA LEU A 72 3.53 -8.36 7.22
C LEU A 72 2.99 -7.70 8.50
N ASN A 73 3.53 -6.52 8.82
CA ASN A 73 3.19 -5.78 10.06
C ASN A 73 1.86 -5.01 9.93
N HIS A 74 1.37 -4.79 8.69
CA HIS A 74 0.10 -4.05 8.45
C HIS A 74 -1.01 -5.01 7.98
N LYS A 75 -0.69 -6.32 7.83
CA LYS A 75 -1.65 -7.38 7.41
C LYS A 75 -2.33 -7.04 6.08
N LEU A 76 -1.49 -6.83 5.06
CA LEU A 76 -1.94 -6.57 3.68
C LEU A 76 -1.93 -7.89 2.88
N VAL A 77 -2.98 -8.12 2.06
CA VAL A 77 -3.04 -9.27 1.14
C VAL A 77 -2.71 -8.78 -0.29
N GLU A 78 -1.85 -9.56 -0.96
CA GLU A 78 -1.32 -9.23 -2.29
C GLU A 78 -2.38 -9.25 -3.38
N MET A 79 -2.25 -8.29 -4.30
CA MET A 79 -2.93 -8.26 -5.59
C MET A 79 -1.91 -7.71 -6.62
N ASN A 80 -1.47 -8.60 -7.51
CA ASN A 80 -0.45 -8.26 -8.53
C ASN A 80 -1.11 -8.03 -9.90
N CYS A 81 -0.46 -7.21 -10.72
CA CYS A 81 -0.98 -6.78 -12.04
C CYS A 81 -1.08 -7.91 -13.09
N TYR A 82 -0.64 -9.13 -12.74
CA TYR A 82 -0.65 -10.28 -13.66
C TYR A 82 -1.93 -11.10 -13.48
N GLU A 83 -2.11 -11.62 -12.25
CA GLU A 83 -3.25 -12.47 -11.88
C GLU A 83 -4.51 -11.62 -11.65
N ASP A 84 -4.32 -10.51 -10.95
CA ASP A 84 -5.41 -9.61 -10.52
C ASP A 84 -5.58 -8.46 -11.51
N ALA A 85 -5.09 -8.62 -12.76
CA ALA A 85 -5.07 -7.55 -13.80
C ALA A 85 -6.44 -6.83 -13.99
N SER A 86 -7.50 -7.61 -14.24
CA SER A 86 -8.87 -7.09 -14.44
C SER A 86 -9.44 -6.49 -13.13
N MET A 87 -9.17 -7.19 -12.02
CA MET A 87 -9.61 -6.80 -10.68
C MET A 87 -8.89 -5.51 -10.22
N PHE A 88 -7.66 -5.33 -10.72
CA PHE A 88 -6.82 -4.14 -10.47
C PHE A 88 -7.45 -2.90 -11.12
N LYS A 89 -7.96 -3.08 -12.35
CA LYS A 89 -8.74 -2.04 -13.04
C LYS A 89 -9.97 -1.64 -12.17
N ALA A 90 -10.63 -2.64 -11.57
CA ALA A 90 -11.79 -2.43 -10.67
C ALA A 90 -11.40 -1.66 -9.38
N TYR A 91 -10.27 -2.06 -8.74
CA TYR A 91 -9.72 -1.38 -7.55
C TYR A 91 -9.47 0.11 -7.81
N ILE A 92 -8.81 0.43 -8.93
CA ILE A 92 -8.45 1.82 -9.29
C ILE A 92 -9.69 2.67 -9.64
N LYS A 93 -10.67 2.12 -10.40
CA LYS A 93 -11.95 2.81 -10.68
C LYS A 93 -12.63 3.29 -9.37
N LYS A 94 -12.69 2.37 -8.40
CA LYS A 94 -13.28 2.65 -7.10
C LYS A 94 -12.40 3.61 -6.28
N PHE A 95 -11.08 3.34 -6.28
CA PHE A 95 -10.06 4.16 -5.59
C PHE A 95 -10.23 5.64 -5.96
N MET A 96 -10.29 5.90 -7.27
CA MET A 96 -10.43 7.24 -7.85
C MET A 96 -11.71 7.93 -7.35
N LYS A 97 -12.87 7.25 -7.52
CA LYS A 97 -14.18 7.85 -7.17
C LYS A 97 -14.37 7.99 -5.64
N ASN A 98 -13.64 7.16 -4.86
CA ASN A 98 -13.78 7.09 -3.38
C ASN A 98 -12.88 8.11 -2.65
N VAL A 99 -11.64 8.27 -3.13
CA VAL A 99 -10.71 9.29 -2.58
C VAL A 99 -11.24 10.70 -2.89
N ILE A 100 -11.84 10.88 -4.08
CA ILE A 100 -12.48 12.15 -4.46
C ILE A 100 -13.84 12.29 -3.74
N ASP A 101 -14.53 11.16 -3.45
CA ASP A 101 -15.75 11.16 -2.61
C ASP A 101 -15.47 11.79 -1.24
N HIS A 102 -14.42 11.29 -0.56
CA HIS A 102 -14.06 11.74 0.79
C HIS A 102 -13.58 13.20 0.79
N MET A 103 -12.84 13.59 -0.27
CA MET A 103 -12.32 14.95 -0.42
C MET A 103 -13.47 15.95 -0.65
N GLU A 104 -14.24 15.70 -1.71
CA GLU A 104 -15.24 16.63 -2.26
C GLU A 104 -16.43 16.84 -1.31
N LYS A 105 -16.90 15.74 -0.72
CA LYS A 105 -18.03 15.75 0.21
C LYS A 105 -17.67 16.46 1.54
N ASN A 106 -16.35 16.54 1.84
CA ASN A 106 -15.83 17.14 3.08
C ASN A 106 -15.29 18.57 2.83
N ASN A 107 -15.01 18.91 1.56
CA ASN A 107 -14.39 20.22 1.18
C ASN A 107 -15.42 21.16 0.57
N ARG A 108 -16.13 20.64 -0.46
CA ARG A 108 -17.28 21.31 -1.13
C ARG A 108 -16.83 22.34 -2.20
N ASP A 109 -15.58 22.86 -2.12
CA ASP A 109 -15.15 23.96 -2.99
C ASP A 109 -14.76 23.44 -4.36
N LYS A 110 -15.37 24.05 -5.40
CA LYS A 110 -15.25 23.62 -6.80
C LYS A 110 -13.77 23.56 -7.28
N ALA A 111 -12.98 24.59 -6.92
CA ALA A 111 -11.60 24.74 -7.42
C ALA A 111 -10.60 23.86 -6.67
N ASP A 112 -10.89 23.60 -5.38
CA ASP A 112 -9.95 22.86 -4.49
C ASP A 112 -10.13 21.34 -4.67
N VAL A 113 -11.37 20.90 -4.87
CA VAL A 113 -11.66 19.49 -5.21
C VAL A 113 -11.16 19.17 -6.63
N ASP A 114 -11.17 20.21 -7.50
CA ASP A 114 -10.61 20.14 -8.85
C ASP A 114 -9.08 20.06 -8.79
N ALA A 115 -8.49 20.70 -7.76
CA ALA A 115 -7.05 20.67 -7.51
C ALA A 115 -6.61 19.26 -7.13
N PHE A 116 -7.27 18.69 -6.09
CA PHE A 116 -7.02 17.30 -5.62
C PHE A 116 -7.18 16.32 -6.78
N LYS A 117 -8.26 16.52 -7.58
CA LYS A 117 -8.59 15.68 -8.73
C LYS A 117 -7.43 15.60 -9.74
N LYS A 118 -6.80 16.76 -10.01
CA LYS A 118 -5.64 16.87 -10.92
C LYS A 118 -4.46 16.08 -10.35
N LYS A 119 -4.18 16.26 -9.04
CA LYS A 119 -3.02 15.66 -8.38
C LYS A 119 -3.16 14.13 -8.30
N ILE A 120 -4.35 13.63 -7.93
CA ILE A 120 -4.59 12.19 -7.72
C ILE A 120 -4.63 11.45 -9.07
N GLN A 121 -5.26 12.09 -10.09
CA GLN A 121 -5.35 11.53 -11.44
C GLN A 121 -3.96 11.48 -12.08
N GLY A 122 -3.20 12.58 -11.92
CA GLY A 122 -1.84 12.67 -12.44
C GLY A 122 -0.92 11.63 -11.79
N TRP A 123 -1.08 11.46 -10.47
CA TRP A 123 -0.31 10.52 -9.67
C TRP A 123 -0.55 9.08 -10.13
N VAL A 124 -1.84 8.69 -10.24
CA VAL A 124 -2.20 7.31 -10.57
C VAL A 124 -1.82 6.97 -12.03
N VAL A 125 -2.14 7.84 -13.02
CA VAL A 125 -1.87 7.54 -14.45
C VAL A 125 -0.35 7.40 -14.71
N SER A 126 0.47 8.13 -13.94
CA SER A 126 1.93 8.03 -13.99
C SER A 126 2.43 6.76 -13.27
N LEU A 127 1.86 6.47 -12.10
CA LEU A 127 2.36 5.42 -11.19
C LEU A 127 1.95 4.01 -11.68
N LEU A 128 0.77 3.89 -12.29
CA LEU A 128 0.18 2.58 -12.70
C LEU A 128 0.79 2.07 -14.03
N ALA A 129 1.78 2.81 -14.57
CA ALA A 129 2.39 2.53 -15.88
C ALA A 129 3.02 1.13 -15.93
N LYS A 130 2.39 0.21 -16.67
CA LYS A 130 2.71 -1.24 -16.68
C LYS A 130 4.02 -1.57 -17.43
N ASP A 131 4.65 -0.57 -18.06
CA ASP A 131 5.90 -0.77 -18.82
C ASP A 131 7.13 -0.37 -17.97
N ARG A 132 7.03 0.79 -17.29
CA ARG A 132 8.15 1.42 -16.55
C ARG A 132 8.04 1.14 -15.04
N PHE A 133 6.83 1.35 -14.52
CA PHE A 133 6.53 1.25 -13.07
C PHE A 133 6.20 -0.17 -12.63
N LYS A 134 6.17 -1.13 -13.59
CA LYS A 134 5.79 -2.58 -13.35
C LYS A 134 6.58 -3.30 -12.20
N ASN A 135 7.46 -2.59 -11.49
CA ASN A 135 8.08 -3.05 -10.23
C ASN A 135 7.15 -2.76 -9.02
N LEU A 136 5.85 -2.50 -9.29
CA LEU A 136 4.84 -2.31 -8.25
C LEU A 136 4.19 -3.64 -7.87
N ALA A 137 3.76 -3.71 -6.61
CA ALA A 137 2.92 -4.79 -6.09
C ALA A 137 1.83 -4.11 -5.28
N PHE A 138 0.56 -4.32 -5.65
CA PHE A 138 -0.56 -3.62 -5.02
C PHE A 138 -1.10 -4.50 -3.90
N PHE A 139 -1.63 -3.88 -2.86
CA PHE A 139 -2.15 -4.59 -1.70
C PHE A 139 -3.45 -3.95 -1.24
N ILE A 140 -4.21 -4.71 -0.46
CA ILE A 140 -5.42 -4.21 0.21
C ILE A 140 -5.41 -4.75 1.66
N GLY A 141 -5.88 -3.93 2.61
CA GLY A 141 -5.91 -4.29 4.01
C GLY A 141 -6.80 -5.49 4.30
N GLU A 142 -6.44 -6.24 5.34
CA GLU A 142 -7.10 -7.48 5.78
C GLU A 142 -8.65 -7.37 5.94
N ARG A 143 -9.11 -6.30 6.62
CA ARG A 143 -10.54 -6.14 7.02
C ARG A 143 -11.42 -5.87 5.77
N ALA A 144 -10.90 -5.02 4.86
CA ALA A 144 -11.58 -4.62 3.61
C ALA A 144 -11.51 -5.76 2.58
N ALA A 145 -10.46 -6.59 2.71
CA ALA A 145 -10.21 -7.74 1.82
C ALA A 145 -11.17 -8.92 2.07
N GLU A 146 -12.01 -8.81 3.12
CA GLU A 146 -13.09 -9.79 3.38
C GLU A 146 -14.32 -9.52 2.49
N GLY A 147 -14.28 -8.40 1.73
CA GLY A 147 -15.31 -8.07 0.75
C GLY A 147 -16.16 -6.89 1.19
N ALA A 148 -15.50 -5.85 1.73
CA ALA A 148 -16.15 -4.57 2.04
C ALA A 148 -16.04 -3.63 0.84
N GLU A 149 -14.79 -3.23 0.54
CA GLU A 149 -14.45 -2.31 -0.56
C GLU A 149 -12.96 -2.48 -0.92
N ASN A 150 -12.57 -1.79 -2.00
CA ASN A 150 -11.17 -1.65 -2.43
C ASN A 150 -10.27 -1.07 -1.32
N GLY A 151 -10.88 -0.28 -0.40
CA GLY A 151 -10.15 0.42 0.67
C GLY A 151 -9.13 1.40 0.10
N GLN A 152 -8.08 1.68 0.86
CA GLN A 152 -6.87 2.29 0.30
C GLN A 152 -5.94 1.18 -0.22
N VAL A 153 -5.65 1.23 -1.53
CA VAL A 153 -4.73 0.29 -2.18
C VAL A 153 -3.27 0.66 -1.82
N ALA A 154 -2.61 -0.26 -1.11
CA ALA A 154 -1.22 -0.13 -0.70
C ALA A 154 -0.29 -0.40 -1.89
N ILE A 155 0.20 0.68 -2.50
CA ILE A 155 1.03 0.62 -3.72
C ILE A 155 2.51 0.55 -3.34
N ILE A 156 3.13 -0.63 -3.55
CA ILE A 156 4.52 -0.87 -3.15
C ILE A 156 5.45 -0.73 -4.35
N GLU A 157 6.26 0.35 -4.34
CA GLU A 157 7.34 0.54 -5.30
C GLU A 157 8.61 -0.16 -4.78
N TYR A 158 8.98 -1.29 -5.41
CA TYR A 158 10.28 -1.93 -5.18
C TYR A 158 11.34 -1.09 -5.90
N ARG A 159 11.85 -0.08 -5.18
CA ARG A 159 12.72 0.96 -5.75
C ARG A 159 14.17 0.45 -5.72
N ASP A 160 14.79 0.36 -6.90
CA ASP A 160 16.13 -0.24 -7.04
C ASP A 160 17.19 0.83 -6.81
N VAL A 161 17.73 0.86 -5.59
CA VAL A 161 18.87 1.72 -5.22
C VAL A 161 20.18 0.89 -5.31
N ASP A 162 20.88 1.04 -6.45
CA ASP A 162 22.21 0.42 -6.71
C ASP A 162 22.14 -1.13 -6.77
N GLY A 163 20.93 -1.70 -6.94
CA GLY A 163 20.73 -3.16 -6.94
C GLY A 163 19.88 -3.65 -5.77
N THR A 164 19.60 -2.77 -4.81
CA THR A 164 18.81 -3.10 -3.60
C THR A 164 17.34 -2.68 -3.81
N GLU A 165 16.40 -3.61 -3.56
CA GLU A 165 14.97 -3.26 -3.50
C GLU A 165 14.69 -2.58 -2.15
N VAL A 166 14.19 -1.34 -2.21
CA VAL A 166 13.70 -0.61 -1.03
C VAL A 166 12.19 -0.36 -1.22
N PRO A 167 11.33 -1.28 -0.64
CA PRO A 167 9.86 -1.18 -0.73
C PRO A 167 9.32 0.15 -0.20
N THR A 168 8.58 0.87 -1.05
CA THR A 168 8.02 2.17 -0.73
C THR A 168 6.49 2.07 -0.78
N LEU A 169 5.87 2.18 0.40
CA LEU A 169 4.42 2.18 0.56
C LEU A 169 3.88 3.54 0.14
N MET A 170 3.06 3.57 -0.90
CA MET A 170 2.43 4.81 -1.36
C MET A 170 0.93 4.70 -1.09
N LEU A 171 0.45 5.65 -0.29
CA LEU A 171 -0.96 5.77 0.10
C LEU A 171 -1.36 7.22 -0.11
N VAL A 172 -2.61 7.48 -0.51
CA VAL A 172 -3.08 8.88 -0.62
C VAL A 172 -3.50 9.38 0.77
N LYS A 173 -3.13 10.63 1.08
CA LYS A 173 -3.43 11.32 2.36
C LYS A 173 -4.95 11.38 2.63
N GLU A 174 -5.75 11.26 1.55
CA GLU A 174 -7.20 11.41 1.62
C GLU A 174 -7.89 10.15 2.17
N ALA A 175 -7.38 8.96 1.82
CA ALA A 175 -8.00 7.68 2.21
C ALA A 175 -7.31 7.10 3.45
N ILE A 176 -6.29 7.82 3.95
CA ILE A 176 -5.55 7.48 5.16
C ILE A 176 -5.63 8.64 6.15
N ILE A 177 -5.93 8.32 7.42
CA ILE A 177 -5.97 9.31 8.50
C ILE A 177 -4.65 9.24 9.26
N GLU A 178 -3.86 10.29 9.10
CA GLU A 178 -2.61 10.52 9.83
C GLU A 178 -2.95 11.44 11.03
N GLU A 179 -2.63 10.99 12.24
CA GLU A 179 -2.91 11.77 13.47
C GLU A 179 -1.81 11.48 14.50
N LYS A 180 -1.19 12.55 14.99
CA LYS A 180 -0.10 12.48 15.96
C LYS A 180 -0.68 12.31 17.36
N CYS A 181 -0.78 11.07 17.83
CA CYS A 181 -1.25 10.79 19.21
C CYS A 181 -0.05 10.94 20.15
N LEU A 182 0.14 12.17 20.64
CA LEU A 182 1.26 12.53 21.54
C LEU A 182 1.02 11.91 22.92
N GLU A 183 2.11 11.46 23.56
CA GLU A 183 2.05 10.85 24.90
C GLU A 183 1.97 11.96 25.97
N MET A 1 3.48 7.61 20.00
CA MET A 1 2.94 6.66 18.99
C MET A 1 2.29 7.44 17.84
N LEU A 2 2.30 6.88 16.61
CA LEU A 2 1.58 7.45 15.45
C LEU A 2 0.56 6.44 14.96
N ILE A 3 -0.43 6.88 14.18
CA ILE A 3 -1.37 5.97 13.51
C ILE A 3 -1.54 6.38 12.05
N TYR A 4 -1.16 5.46 11.14
CA TYR A 4 -1.37 5.61 9.71
C TYR A 4 -2.19 4.42 9.22
N LYS A 5 -3.34 4.71 8.58
CA LYS A 5 -4.28 3.68 8.11
C LYS A 5 -5.07 4.22 6.91
N ASP A 6 -5.85 3.35 6.23
CA ASP A 6 -6.70 3.77 5.09
C ASP A 6 -8.16 3.83 5.54
N ILE A 7 -8.91 4.81 5.04
CA ILE A 7 -10.26 5.13 5.53
C ILE A 7 -11.34 4.19 4.99
N PHE A 8 -10.97 3.33 4.01
CA PHE A 8 -11.93 2.38 3.41
C PHE A 8 -11.65 0.93 3.85
N THR A 9 -10.45 0.44 3.54
CA THR A 9 -10.12 -1.01 3.58
C THR A 9 -8.91 -1.33 4.46
N ASP A 10 -7.82 -0.58 4.24
CA ASP A 10 -6.52 -0.84 4.87
C ASP A 10 -6.41 -0.15 6.24
N ASP A 11 -7.58 0.17 6.85
CA ASP A 11 -7.71 0.73 8.22
C ASP A 11 -6.87 -0.05 9.27
N GLU A 12 -6.56 -1.30 8.94
CA GLU A 12 -5.76 -2.21 9.77
C GLU A 12 -4.24 -2.11 9.47
N LEU A 13 -3.73 -0.96 8.95
CA LEU A 13 -2.26 -0.77 8.76
C LEU A 13 -1.52 -0.82 10.12
N SER A 14 -1.30 0.34 10.79
CA SER A 14 -0.59 0.36 12.09
C SER A 14 -0.98 1.58 12.94
N SER A 15 -1.33 1.32 14.21
CA SER A 15 -1.41 2.32 15.27
C SER A 15 -0.25 2.06 16.27
N ASP A 16 0.94 2.57 15.91
CA ASP A 16 2.18 2.39 16.70
C ASP A 16 3.23 3.44 16.25
N SER A 17 4.30 3.60 17.03
CA SER A 17 5.35 4.59 16.76
C SER A 17 6.21 4.18 15.54
N PHE A 18 5.66 4.47 14.33
CA PHE A 18 6.31 4.24 13.04
C PHE A 18 6.58 5.62 12.36
N PRO A 19 7.77 5.80 11.71
CA PRO A 19 8.13 7.09 11.05
C PRO A 19 7.23 7.38 9.82
N MET A 20 6.49 8.51 9.87
CA MET A 20 5.59 8.94 8.78
C MET A 20 6.38 9.76 7.74
N LYS A 21 6.05 9.62 6.44
CA LYS A 21 6.64 10.42 5.35
C LYS A 21 5.53 10.89 4.40
N LEU A 22 5.71 12.08 3.82
CA LEU A 22 4.79 12.62 2.80
C LEU A 22 5.61 12.99 1.55
N VAL A 23 5.07 12.68 0.37
CA VAL A 23 5.66 13.12 -0.91
C VAL A 23 4.77 14.21 -1.54
N ASP A 24 5.43 15.34 -1.88
CA ASP A 24 4.86 16.51 -2.54
C ASP A 24 3.99 17.27 -1.52
N ASP A 25 2.74 16.82 -1.43
CA ASP A 25 1.66 17.39 -0.60
C ASP A 25 0.36 16.65 -0.98
N LEU A 26 0.53 15.38 -1.41
CA LEU A 26 -0.54 14.63 -2.08
C LEU A 26 -0.62 13.21 -1.54
N VAL A 27 0.53 12.52 -1.51
CA VAL A 27 0.56 11.06 -1.25
C VAL A 27 1.37 10.79 0.00
N TYR A 28 0.80 9.97 0.90
CA TYR A 28 1.48 9.47 2.09
C TYR A 28 2.31 8.24 1.68
N GLU A 29 3.55 8.18 2.17
CA GLU A 29 4.44 7.04 1.94
C GLU A 29 5.08 6.60 3.26
N PHE A 30 5.49 5.33 3.30
CA PHE A 30 6.11 4.70 4.46
C PHE A 30 7.25 3.78 3.99
N LYS A 31 8.29 3.69 4.83
CA LYS A 31 9.51 2.92 4.53
C LYS A 31 9.27 1.39 4.61
N GLY A 32 10.06 0.59 3.88
CA GLY A 32 9.92 -0.87 3.91
C GLY A 32 11.13 -1.58 3.32
N LYS A 33 11.32 -2.85 3.73
CA LYS A 33 12.45 -3.69 3.31
C LYS A 33 12.08 -5.17 3.40
N HIS A 34 12.81 -6.05 2.66
CA HIS A 34 12.69 -7.51 2.84
C HIS A 34 13.30 -7.91 4.21
N VAL A 35 12.47 -8.51 5.06
CA VAL A 35 12.83 -8.96 6.42
C VAL A 35 12.17 -10.32 6.67
N VAL A 36 12.58 -10.99 7.75
CA VAL A 36 11.95 -12.23 8.22
C VAL A 36 11.31 -11.97 9.59
N ARG A 37 10.17 -12.62 9.85
CA ARG A 37 9.50 -12.59 11.16
C ARG A 37 9.11 -14.03 11.47
N LYS A 38 9.79 -14.64 12.46
CA LYS A 38 9.63 -16.07 12.78
C LYS A 38 9.47 -16.23 14.30
N GLU A 39 8.19 -16.35 14.75
CA GLU A 39 7.77 -16.74 16.14
C GLU A 39 8.64 -16.16 17.28
N GLY A 40 9.83 -16.75 17.49
CA GLY A 40 10.78 -16.37 18.54
C GLY A 40 12.21 -16.39 18.01
N GLU A 41 12.40 -15.74 16.85
CA GLU A 41 13.69 -15.67 16.12
C GLU A 41 13.57 -14.65 14.97
N ILE A 42 14.70 -14.04 14.58
CA ILE A 42 14.79 -13.16 13.40
C ILE A 42 16.25 -13.11 12.91
N VAL A 43 16.52 -13.80 11.78
CA VAL A 43 17.82 -13.78 11.10
C VAL A 43 17.59 -13.71 9.57
N LEU A 44 17.94 -12.56 8.97
CA LEU A 44 17.76 -12.29 7.53
C LEU A 44 19.13 -12.13 6.84
N ALA A 45 20.22 -12.40 7.59
CA ALA A 45 21.59 -12.27 7.08
C ALA A 45 21.88 -13.40 6.07
N GLY A 46 21.55 -13.14 4.80
CA GLY A 46 21.69 -14.11 3.71
C GLY A 46 20.43 -14.25 2.87
N SER A 47 19.40 -13.41 3.16
CA SER A 47 18.15 -13.38 2.39
C SER A 47 18.42 -12.77 1.00
N ASN A 48 18.76 -13.66 0.05
CA ASN A 48 19.16 -13.33 -1.33
C ASN A 48 18.08 -12.47 -2.04
N PRO A 49 18.45 -11.25 -2.60
CA PRO A 49 17.49 -10.38 -3.34
C PRO A 49 16.78 -11.15 -4.47
N SER A 50 15.50 -11.50 -4.24
CA SER A 50 14.75 -12.47 -5.07
C SER A 50 14.17 -11.85 -6.38
N ALA A 51 14.85 -10.79 -6.89
CA ALA A 51 14.54 -10.15 -8.19
C ALA A 51 14.52 -11.18 -9.33
N GLU A 52 15.53 -12.06 -9.33
CA GLU A 52 15.58 -13.27 -10.17
C GLU A 52 16.11 -14.43 -9.31
N GLU A 53 15.18 -15.16 -8.70
CA GLU A 53 15.49 -16.35 -7.87
C GLU A 53 15.14 -17.62 -8.66
N GLY A 54 14.29 -17.46 -9.69
CA GLY A 54 13.67 -18.56 -10.41
C GLY A 54 12.16 -18.49 -10.26
N ALA A 55 11.43 -18.79 -11.34
CA ALA A 55 9.96 -18.75 -11.36
C ALA A 55 9.38 -20.01 -10.68
N GLU A 56 9.50 -20.05 -9.34
CA GLU A 56 9.11 -21.21 -8.53
C GLU A 56 8.99 -20.81 -7.04
N ASP A 57 8.15 -19.78 -6.77
CA ASP A 57 7.85 -19.32 -5.40
C ASP A 57 6.98 -20.37 -4.68
N ASP A 58 7.28 -20.60 -3.39
CA ASP A 58 6.58 -21.58 -2.55
C ASP A 58 6.54 -21.03 -1.12
N GLY A 59 5.43 -20.35 -0.78
CA GLY A 59 5.21 -19.78 0.55
C GLY A 59 4.54 -20.77 1.49
N SER A 60 5.09 -22.00 1.56
CA SER A 60 4.58 -23.09 2.41
C SER A 60 5.20 -22.96 3.84
N ASP A 61 5.19 -21.72 4.35
CA ASP A 61 5.84 -21.34 5.61
C ASP A 61 5.09 -20.12 6.19
N GLU A 62 3.83 -20.37 6.59
CA GLU A 62 2.88 -19.32 7.07
C GLU A 62 3.31 -18.76 8.44
N HIS A 63 4.09 -19.56 9.19
CA HIS A 63 4.65 -19.16 10.50
C HIS A 63 6.02 -18.47 10.35
N VAL A 64 6.45 -18.22 9.09
CA VAL A 64 7.61 -17.38 8.79
C VAL A 64 7.15 -16.25 7.86
N GLU A 65 6.81 -15.11 8.45
CA GLU A 65 6.47 -13.90 7.71
C GLU A 65 7.76 -13.31 7.10
N ARG A 66 8.19 -13.90 5.98
CA ARG A 66 9.27 -13.38 5.14
C ARG A 66 8.69 -12.55 3.99
N GLY A 67 9.41 -11.51 3.58
CA GLY A 67 9.00 -10.63 2.49
C GLY A 67 9.09 -9.17 2.91
N ILE A 68 8.15 -8.33 2.44
CA ILE A 68 8.19 -6.87 2.70
C ILE A 68 7.56 -6.59 4.09
N ASP A 69 8.38 -5.96 4.95
CA ASP A 69 8.07 -5.60 6.36
C ASP A 69 6.66 -4.98 6.56
N ILE A 70 6.33 -4.01 5.68
CA ILE A 70 5.06 -3.25 5.69
C ILE A 70 3.87 -4.22 5.71
N VAL A 71 3.93 -5.20 4.80
CA VAL A 71 2.88 -6.20 4.60
C VAL A 71 2.80 -7.20 5.77
N LEU A 72 3.98 -7.61 6.27
CA LEU A 72 4.10 -8.63 7.35
C LEU A 72 3.49 -8.13 8.67
N ASN A 73 3.71 -6.83 8.95
CA ASN A 73 3.24 -6.16 10.17
C ASN A 73 1.71 -5.88 10.10
N HIS A 74 1.22 -5.51 8.90
CA HIS A 74 -0.19 -5.06 8.69
C HIS A 74 -1.11 -6.23 8.30
N LYS A 75 -0.48 -7.39 7.98
CA LYS A 75 -1.16 -8.62 7.52
C LYS A 75 -1.90 -8.37 6.19
N LEU A 76 -1.23 -7.73 5.24
CA LEU A 76 -1.81 -7.43 3.92
C LEU A 76 -1.72 -8.68 3.02
N VAL A 77 -2.84 -9.05 2.38
CA VAL A 77 -2.90 -10.14 1.41
C VAL A 77 -2.48 -9.61 0.02
N GLU A 78 -1.63 -10.37 -0.68
CA GLU A 78 -1.12 -10.03 -2.02
C GLU A 78 -2.23 -9.82 -3.07
N MET A 79 -1.93 -8.91 -4.00
CA MET A 79 -2.81 -8.47 -5.07
C MET A 79 -1.90 -8.17 -6.29
N ASN A 80 -1.89 -9.07 -7.26
CA ASN A 80 -0.97 -9.02 -8.41
C ASN A 80 -1.66 -8.28 -9.56
N CYS A 81 -1.10 -7.14 -9.99
CA CYS A 81 -1.66 -6.34 -11.09
C CYS A 81 -1.64 -7.12 -12.41
N TYR A 82 -0.67 -8.05 -12.50
CA TYR A 82 -0.48 -8.92 -13.66
C TYR A 82 -1.62 -9.93 -13.81
N GLU A 83 -2.07 -10.50 -12.67
CA GLU A 83 -3.01 -11.64 -12.64
C GLU A 83 -4.44 -11.21 -12.25
N ASP A 84 -4.54 -10.05 -11.56
CA ASP A 84 -5.80 -9.55 -10.94
C ASP A 84 -6.23 -8.21 -11.59
N ALA A 85 -5.73 -7.96 -12.82
CA ALA A 85 -5.92 -6.69 -13.57
C ALA A 85 -7.39 -6.20 -13.59
N SER A 86 -8.34 -7.15 -13.72
CA SER A 86 -9.78 -6.86 -13.72
C SER A 86 -10.22 -6.24 -12.38
N MET A 87 -9.96 -6.95 -11.26
CA MET A 87 -10.30 -6.46 -9.90
C MET A 87 -9.60 -5.14 -9.59
N PHE A 88 -8.36 -4.99 -10.08
CA PHE A 88 -7.55 -3.78 -9.86
C PHE A 88 -8.17 -2.56 -10.56
N LYS A 89 -8.73 -2.76 -11.79
CA LYS A 89 -9.43 -1.69 -12.54
C LYS A 89 -10.66 -1.22 -11.75
N ALA A 90 -11.34 -2.20 -11.10
CA ALA A 90 -12.50 -1.95 -10.24
C ALA A 90 -12.11 -1.06 -9.05
N TYR A 91 -10.96 -1.38 -8.39
CA TYR A 91 -10.43 -0.58 -7.28
C TYR A 91 -10.14 0.87 -7.73
N ILE A 92 -9.41 1.04 -8.86
CA ILE A 92 -9.02 2.37 -9.38
C ILE A 92 -10.24 3.28 -9.61
N LYS A 93 -11.31 2.72 -10.21
CA LYS A 93 -12.55 3.46 -10.50
C LYS A 93 -13.20 3.90 -9.18
N LYS A 94 -13.48 2.91 -8.29
CA LYS A 94 -14.27 3.15 -7.07
C LYS A 94 -13.52 4.10 -6.13
N PHE A 95 -12.27 3.70 -5.79
CA PHE A 95 -11.32 4.47 -4.94
C PHE A 95 -11.25 5.96 -5.32
N MET A 96 -10.84 6.26 -6.57
CA MET A 96 -10.55 7.64 -7.00
C MET A 96 -11.83 8.51 -6.98
N LYS A 97 -12.95 7.92 -7.44
CA LYS A 97 -14.25 8.59 -7.41
C LYS A 97 -14.67 8.89 -5.97
N ASN A 98 -14.44 7.92 -5.06
CA ASN A 98 -14.81 8.03 -3.64
C ASN A 98 -14.03 9.15 -2.95
N VAL A 99 -12.68 9.19 -3.15
CA VAL A 99 -11.81 10.13 -2.41
C VAL A 99 -12.19 11.58 -2.77
N ILE A 100 -12.32 11.88 -4.07
CA ILE A 100 -12.61 13.24 -4.55
C ILE A 100 -14.06 13.66 -4.17
N ASP A 101 -15.02 12.72 -4.37
CA ASP A 101 -16.46 12.94 -4.06
C ASP A 101 -16.68 13.26 -2.58
N HIS A 102 -15.91 12.58 -1.69
CA HIS A 102 -15.99 12.79 -0.23
C HIS A 102 -15.41 14.16 0.16
N MET A 103 -14.28 14.56 -0.47
CA MET A 103 -13.64 15.87 -0.18
C MET A 103 -14.59 17.01 -0.62
N GLU A 104 -15.30 16.75 -1.74
CA GLU A 104 -16.30 17.63 -2.33
C GLU A 104 -17.57 17.66 -1.46
N LYS A 105 -17.94 16.50 -0.88
CA LYS A 105 -19.19 16.33 -0.10
C LYS A 105 -19.04 16.97 1.31
N ASN A 106 -17.80 17.30 1.68
CA ASN A 106 -17.46 18.07 2.91
C ASN A 106 -17.10 19.52 2.53
N ASN A 107 -17.03 19.76 1.19
CA ASN A 107 -16.55 21.01 0.56
C ASN A 107 -15.23 21.50 1.17
N ARG A 108 -14.13 20.84 0.78
CA ARG A 108 -12.77 21.32 1.02
C ARG A 108 -12.59 22.69 0.33
N ASP A 109 -13.24 22.77 -0.86
CA ASP A 109 -13.43 23.96 -1.74
C ASP A 109 -13.56 23.43 -3.17
N LYS A 110 -14.36 24.10 -4.03
CA LYS A 110 -14.63 23.67 -5.42
C LYS A 110 -13.31 23.57 -6.21
N ALA A 111 -12.52 24.65 -6.17
CA ALA A 111 -11.23 24.72 -6.87
C ALA A 111 -10.17 23.83 -6.20
N ASP A 112 -10.37 23.49 -4.90
CA ASP A 112 -9.39 22.70 -4.11
C ASP A 112 -9.53 21.21 -4.41
N VAL A 113 -10.78 20.73 -4.50
CA VAL A 113 -11.08 19.33 -4.81
C VAL A 113 -10.83 19.06 -6.30
N ASP A 114 -10.96 20.11 -7.13
CA ASP A 114 -10.62 20.08 -8.56
C ASP A 114 -9.09 20.10 -8.75
N ALA A 115 -8.37 20.85 -7.88
CA ALA A 115 -6.90 20.92 -7.87
C ALA A 115 -6.31 19.57 -7.41
N PHE A 116 -6.95 19.00 -6.39
CA PHE A 116 -6.66 17.64 -5.89
C PHE A 116 -6.99 16.62 -6.98
N LYS A 117 -8.11 16.83 -7.69
CA LYS A 117 -8.59 15.93 -8.76
C LYS A 117 -7.58 15.88 -9.92
N LYS A 118 -6.91 17.02 -10.16
CA LYS A 118 -5.83 17.13 -11.17
C LYS A 118 -4.53 16.47 -10.66
N LYS A 119 -4.23 16.63 -9.35
CA LYS A 119 -3.02 16.05 -8.74
C LYS A 119 -3.08 14.51 -8.69
N ILE A 120 -4.23 13.98 -8.26
CA ILE A 120 -4.45 12.53 -8.12
C ILE A 120 -4.62 11.90 -9.52
N GLN A 121 -5.21 12.66 -10.49
CA GLN A 121 -5.29 12.22 -11.91
C GLN A 121 -3.88 12.10 -12.49
N GLY A 122 -3.06 13.13 -12.25
CA GLY A 122 -1.68 13.18 -12.70
C GLY A 122 -0.85 12.03 -12.11
N TRP A 123 -1.06 11.77 -10.81
CA TRP A 123 -0.33 10.73 -10.08
C TRP A 123 -0.68 9.36 -10.62
N VAL A 124 -2.01 9.08 -10.78
CA VAL A 124 -2.47 7.75 -11.19
C VAL A 124 -2.12 7.45 -12.65
N VAL A 125 -2.27 8.42 -13.58
CA VAL A 125 -1.96 8.17 -15.02
C VAL A 125 -0.42 8.05 -15.25
N SER A 126 0.38 8.61 -14.34
CA SER A 126 1.82 8.38 -14.29
C SER A 126 2.11 6.95 -13.76
N LEU A 127 1.37 6.57 -12.71
CA LEU A 127 1.54 5.32 -11.97
C LEU A 127 1.04 4.11 -12.79
N LEU A 128 -0.05 4.32 -13.55
CA LEU A 128 -0.81 3.25 -14.27
C LEU A 128 -0.13 2.83 -15.58
N ALA A 129 1.05 3.39 -15.87
CA ALA A 129 1.91 2.93 -16.97
C ALA A 129 2.55 1.56 -16.59
N LYS A 130 2.66 0.66 -17.58
CA LYS A 130 3.31 -0.67 -17.40
C LYS A 130 4.83 -0.54 -17.15
N ASP A 131 5.40 0.60 -17.61
CA ASP A 131 6.81 0.94 -17.38
C ASP A 131 7.05 1.31 -15.91
N ARG A 132 5.95 1.57 -15.18
CA ARG A 132 5.94 1.81 -13.72
C ARG A 132 5.57 0.50 -13.00
N PHE A 133 4.57 -0.22 -13.56
CA PHE A 133 4.12 -1.55 -13.10
C PHE A 133 5.21 -2.62 -13.20
N LYS A 134 6.31 -2.33 -13.93
CA LYS A 134 7.50 -3.21 -14.00
C LYS A 134 8.01 -3.64 -12.59
N ASN A 135 7.79 -2.77 -11.59
CA ASN A 135 8.24 -2.99 -10.20
C ASN A 135 7.12 -2.74 -9.17
N LEU A 136 5.86 -2.73 -9.63
CA LEU A 136 4.70 -2.53 -8.73
C LEU A 136 4.08 -3.87 -8.32
N ALA A 137 3.91 -4.01 -7.01
CA ALA A 137 3.20 -5.11 -6.36
C ALA A 137 2.13 -4.44 -5.50
N PHE A 138 0.93 -5.00 -5.47
CA PHE A 138 -0.18 -4.40 -4.73
C PHE A 138 -0.58 -5.37 -3.62
N PHE A 139 -1.04 -4.81 -2.50
CA PHE A 139 -1.39 -5.56 -1.29
C PHE A 139 -2.56 -4.86 -0.62
N ILE A 140 -3.54 -5.60 -0.16
CA ILE A 140 -4.75 -5.04 0.48
C ILE A 140 -4.93 -5.74 1.83
N GLY A 141 -5.50 -5.02 2.82
CA GLY A 141 -5.68 -5.55 4.19
C GLY A 141 -6.37 -6.91 4.26
N GLU A 142 -5.95 -7.74 5.24
CA GLU A 142 -6.55 -9.06 5.51
C GLU A 142 -8.08 -8.95 5.67
N ARG A 143 -8.51 -8.07 6.60
CA ARG A 143 -9.92 -7.84 6.93
C ARG A 143 -10.65 -7.07 5.79
N ALA A 144 -9.87 -6.47 4.88
CA ALA A 144 -10.39 -5.75 3.70
C ALA A 144 -10.78 -6.76 2.60
N ALA A 145 -9.99 -7.84 2.51
CA ALA A 145 -10.26 -8.98 1.62
C ALA A 145 -11.39 -9.89 2.13
N GLU A 146 -12.07 -9.46 3.21
CA GLU A 146 -13.32 -10.07 3.71
C GLU A 146 -14.49 -9.72 2.76
N GLY A 147 -14.32 -8.63 1.98
CA GLY A 147 -15.29 -8.18 0.97
C GLY A 147 -15.66 -6.71 1.14
N ALA A 148 -14.70 -5.90 1.65
CA ALA A 148 -14.88 -4.47 1.91
C ALA A 148 -14.74 -3.67 0.61
N GLU A 149 -15.87 -3.47 -0.09
CA GLU A 149 -15.94 -2.74 -1.37
C GLU A 149 -15.68 -1.23 -1.20
N ASN A 150 -15.38 -0.57 -2.35
CA ASN A 150 -15.20 0.90 -2.50
C ASN A 150 -13.82 1.35 -2.03
N GLY A 151 -12.94 0.39 -1.72
CA GLY A 151 -11.67 0.67 -1.07
C GLY A 151 -10.48 0.80 -1.98
N GLN A 152 -9.34 1.01 -1.31
CA GLN A 152 -8.02 1.22 -1.92
C GLN A 152 -7.11 0.01 -1.61
N VAL A 153 -6.15 -0.24 -2.49
CA VAL A 153 -5.11 -1.24 -2.31
C VAL A 153 -3.77 -0.52 -2.04
N ALA A 154 -3.01 -1.03 -1.05
CA ALA A 154 -1.68 -0.52 -0.68
C ALA A 154 -0.68 -0.72 -1.84
N ILE A 155 -0.21 0.41 -2.40
CA ILE A 155 0.63 0.43 -3.61
C ILE A 155 2.10 0.29 -3.18
N ILE A 156 2.71 -0.87 -3.44
CA ILE A 156 4.09 -1.16 -3.03
C ILE A 156 5.05 -0.89 -4.20
N GLU A 157 6.01 0.02 -3.95
CA GLU A 157 6.86 0.65 -4.96
C GLU A 157 8.30 0.13 -4.81
N TYR A 158 8.69 -0.86 -5.63
CA TYR A 158 10.03 -1.48 -5.55
C TYR A 158 11.07 -0.64 -6.31
N ARG A 159 12.08 -0.14 -5.58
CA ARG A 159 13.25 0.56 -6.15
C ARG A 159 14.54 -0.13 -5.68
N ASP A 160 15.70 0.41 -6.10
CA ASP A 160 17.02 -0.04 -5.60
C ASP A 160 17.83 1.16 -5.01
N VAL A 161 18.00 1.14 -3.68
CA VAL A 161 18.85 2.10 -2.94
C VAL A 161 20.28 1.53 -2.89
N ASP A 162 21.16 2.08 -3.76
CA ASP A 162 22.57 1.63 -3.92
C ASP A 162 22.64 0.15 -4.36
N GLY A 163 21.62 -0.29 -5.13
CA GLY A 163 21.53 -1.66 -5.64
C GLY A 163 20.64 -2.57 -4.78
N THR A 164 20.30 -2.12 -3.55
CA THR A 164 19.50 -2.91 -2.61
C THR A 164 18.00 -2.61 -2.81
N GLU A 165 17.18 -3.66 -2.91
CA GLU A 165 15.76 -3.54 -3.20
C GLU A 165 15.02 -2.95 -1.98
N VAL A 166 14.31 -1.82 -2.21
CA VAL A 166 13.54 -1.10 -1.19
C VAL A 166 12.07 -0.93 -1.65
N PRO A 167 11.13 -1.75 -1.10
CA PRO A 167 9.69 -1.61 -1.36
C PRO A 167 9.01 -0.59 -0.41
N THR A 168 8.46 0.48 -0.99
CA THR A 168 7.85 1.60 -0.25
C THR A 168 6.32 1.50 -0.30
N LEU A 169 5.65 1.84 0.81
CA LEU A 169 4.19 1.97 0.85
C LEU A 169 3.81 3.30 0.19
N MET A 170 2.86 3.28 -0.75
CA MET A 170 2.42 4.47 -1.49
C MET A 170 0.88 4.48 -1.44
N LEU A 171 0.30 5.56 -0.91
CA LEU A 171 -1.17 5.70 -0.65
C LEU A 171 -1.50 7.20 -0.55
N VAL A 172 -2.70 7.64 -1.00
CA VAL A 172 -3.01 9.09 -1.05
C VAL A 172 -3.42 9.58 0.35
N LYS A 173 -2.86 10.72 0.77
CA LYS A 173 -3.10 11.36 2.08
C LYS A 173 -4.59 11.62 2.38
N GLU A 174 -5.39 11.85 1.32
CA GLU A 174 -6.84 12.08 1.43
C GLU A 174 -7.60 10.79 1.80
N ALA A 175 -7.03 9.62 1.46
CA ALA A 175 -7.61 8.31 1.83
C ALA A 175 -6.93 7.74 3.07
N ILE A 176 -5.93 8.46 3.62
CA ILE A 176 -5.15 7.99 4.78
C ILE A 176 -5.43 8.88 6.02
N ILE A 177 -5.55 8.22 7.19
CA ILE A 177 -5.56 8.89 8.48
C ILE A 177 -4.12 8.81 9.01
N GLU A 178 -3.43 9.94 9.03
CA GLU A 178 -2.05 10.05 9.51
C GLU A 178 -2.06 11.04 10.67
N GLU A 179 -2.07 10.49 11.89
CA GLU A 179 -2.28 11.24 13.13
C GLU A 179 -1.13 10.96 14.12
N LYS A 180 -0.92 11.91 15.03
CA LYS A 180 0.09 11.84 16.09
C LYS A 180 -0.60 11.59 17.44
N CYS A 181 -0.35 10.40 18.01
CA CYS A 181 -0.88 10.00 19.32
C CYS A 181 0.18 10.29 20.39
N LEU A 182 0.12 11.50 20.98
CA LEU A 182 1.03 11.92 22.06
C LEU A 182 0.59 11.32 23.41
N GLU A 183 1.46 11.43 24.41
CA GLU A 183 1.23 10.91 25.76
C GLU A 183 1.98 11.79 26.79
N MET A 1 2.11 7.95 18.95
CA MET A 1 2.55 8.94 17.96
C MET A 1 1.45 9.16 16.91
N LEU A 2 1.15 8.13 16.08
CA LEU A 2 0.17 8.26 14.97
C LEU A 2 -0.95 7.22 15.10
N ILE A 3 -2.20 7.70 14.99
CA ILE A 3 -3.37 6.84 14.91
C ILE A 3 -3.77 6.73 13.40
N TYR A 4 -3.75 5.48 12.88
CA TYR A 4 -3.72 5.21 11.42
C TYR A 4 -4.89 4.26 11.03
N LYS A 5 -5.84 4.77 10.22
CA LYS A 5 -7.00 3.98 9.75
C LYS A 5 -7.04 3.93 8.20
N ASP A 6 -7.65 2.86 7.67
CA ASP A 6 -8.17 2.82 6.28
C ASP A 6 -9.64 3.27 6.31
N ILE A 7 -10.11 3.91 5.23
CA ILE A 7 -11.49 4.43 5.15
C ILE A 7 -12.52 3.36 4.74
N PHE A 8 -12.09 2.29 4.03
CA PHE A 8 -13.04 1.34 3.41
C PHE A 8 -13.47 0.21 4.38
N THR A 9 -12.51 -0.64 4.80
CA THR A 9 -12.81 -1.86 5.60
C THR A 9 -11.90 -2.02 6.83
N ASP A 10 -10.65 -1.60 6.68
CA ASP A 10 -9.52 -1.92 7.57
C ASP A 10 -9.36 -0.85 8.65
N ASP A 11 -10.43 -0.09 8.92
CA ASP A 11 -10.45 1.09 9.82
C ASP A 11 -9.73 0.85 11.18
N GLU A 12 -9.71 -0.40 11.63
CA GLU A 12 -9.04 -0.82 12.88
C GLU A 12 -7.56 -1.25 12.65
N LEU A 13 -6.91 -0.69 11.58
CA LEU A 13 -5.49 -0.96 11.21
C LEU A 13 -4.54 -0.93 12.43
N SER A 14 -3.92 0.22 12.69
CA SER A 14 -2.80 0.31 13.65
C SER A 14 -2.66 1.73 14.21
N SER A 15 -2.13 1.84 15.44
CA SER A 15 -1.87 3.12 16.09
C SER A 15 -0.52 3.00 16.84
N ASP A 16 0.57 3.50 16.23
CA ASP A 16 1.94 3.34 16.78
C ASP A 16 2.91 4.37 16.15
N SER A 17 4.21 4.28 16.50
CA SER A 17 5.30 5.05 15.87
C SER A 17 5.50 4.56 14.41
N PHE A 18 4.83 5.21 13.47
CA PHE A 18 4.91 4.88 12.04
C PHE A 18 5.68 5.96 11.26
N PRO A 19 6.55 5.56 10.26
CA PRO A 19 7.21 6.53 9.36
C PRO A 19 6.18 7.24 8.46
N MET A 20 6.11 8.56 8.59
CA MET A 20 5.14 9.39 7.88
C MET A 20 5.89 10.51 7.16
N LYS A 21 5.68 10.57 5.85
CA LYS A 21 6.29 11.55 4.97
C LYS A 21 5.24 11.92 3.93
N LEU A 22 5.03 13.23 3.71
CA LEU A 22 4.11 13.70 2.67
C LEU A 22 4.92 14.15 1.45
N VAL A 23 4.61 13.57 0.30
CA VAL A 23 5.20 13.93 -1.00
C VAL A 23 4.09 14.51 -1.90
N ASP A 24 4.44 15.56 -2.67
CA ASP A 24 3.55 16.16 -3.71
C ASP A 24 2.25 16.77 -3.10
N ASP A 25 2.22 16.93 -1.75
CA ASP A 25 1.04 17.38 -0.98
C ASP A 25 -0.17 16.45 -1.19
N LEU A 26 0.10 15.20 -1.59
CA LEU A 26 -0.93 14.29 -2.09
C LEU A 26 -0.82 12.93 -1.40
N VAL A 27 0.40 12.35 -1.44
CA VAL A 27 0.63 10.93 -1.07
C VAL A 27 1.57 10.82 0.14
N TYR A 28 1.28 9.87 1.02
CA TYR A 28 2.16 9.45 2.10
C TYR A 28 3.09 8.35 1.61
N GLU A 29 4.39 8.65 1.64
CA GLU A 29 5.45 7.68 1.46
C GLU A 29 5.74 7.05 2.84
N PHE A 30 5.27 5.81 3.02
CA PHE A 30 5.53 5.00 4.21
C PHE A 30 6.64 4.00 3.85
N LYS A 31 7.85 4.23 4.37
CA LYS A 31 9.02 3.37 4.05
C LYS A 31 9.00 2.08 4.89
N GLY A 32 9.63 1.03 4.35
CA GLY A 32 9.83 -0.24 5.05
C GLY A 32 11.00 -1.01 4.48
N LYS A 33 11.20 -2.27 4.91
CA LYS A 33 12.33 -3.11 4.47
C LYS A 33 11.86 -4.52 4.13
N HIS A 34 12.37 -5.06 3.02
CA HIS A 34 12.08 -6.43 2.57
C HIS A 34 12.84 -7.44 3.47
N VAL A 35 12.05 -8.29 4.14
CA VAL A 35 12.50 -9.11 5.28
C VAL A 35 11.83 -10.52 5.23
N VAL A 36 12.32 -11.48 6.06
CA VAL A 36 11.69 -12.81 6.23
C VAL A 36 11.45 -13.08 7.73
N ARG A 37 10.17 -13.16 8.11
CA ARG A 37 9.77 -13.43 9.51
C ARG A 37 9.58 -14.93 9.66
N LYS A 38 10.47 -15.55 10.43
CA LYS A 38 10.49 -16.99 10.66
C LYS A 38 10.36 -17.27 12.17
N GLU A 39 9.74 -18.41 12.52
CA GLU A 39 9.58 -18.84 13.90
C GLU A 39 10.95 -19.31 14.44
N GLY A 40 11.75 -18.33 14.86
CA GLY A 40 13.12 -18.52 15.31
C GLY A 40 13.82 -17.17 15.47
N GLU A 41 13.95 -16.43 14.35
CA GLU A 41 14.62 -15.10 14.31
C GLU A 41 14.43 -14.45 12.92
N ILE A 42 14.55 -13.09 12.88
CA ILE A 42 14.63 -12.32 11.62
C ILE A 42 16.04 -12.52 11.01
N VAL A 43 16.18 -13.63 10.25
CA VAL A 43 17.50 -14.14 9.76
C VAL A 43 17.94 -13.50 8.43
N LEU A 44 16.94 -13.04 7.61
CA LEU A 44 17.16 -12.58 6.23
C LEU A 44 17.74 -13.73 5.36
N ALA A 45 16.83 -14.53 4.78
CA ALA A 45 17.17 -15.77 4.03
C ALA A 45 16.70 -15.68 2.56
N GLY A 46 16.17 -14.49 2.18
CA GLY A 46 15.71 -14.20 0.82
C GLY A 46 14.53 -15.07 0.39
N SER A 47 14.80 -16.03 -0.51
CA SER A 47 13.79 -16.95 -1.05
C SER A 47 14.35 -18.39 -1.00
N ASN A 48 13.97 -19.11 0.06
CA ASN A 48 14.31 -20.54 0.24
C ASN A 48 13.58 -21.43 -0.80
N PRO A 49 14.08 -22.67 -1.10
CA PRO A 49 13.35 -23.64 -1.96
C PRO A 49 12.01 -24.08 -1.32
N SER A 50 10.96 -23.26 -1.56
CA SER A 50 9.58 -23.50 -1.12
C SER A 50 8.64 -22.81 -2.11
N ALA A 51 7.94 -23.61 -2.92
CA ALA A 51 7.01 -23.12 -3.94
C ALA A 51 5.75 -24.01 -4.01
N GLU A 52 4.86 -23.74 -4.98
CA GLU A 52 3.66 -24.56 -5.20
C GLU A 52 4.03 -25.87 -5.91
N GLU A 53 4.42 -26.87 -5.09
CA GLU A 53 4.84 -28.20 -5.55
C GLU A 53 4.56 -29.26 -4.45
N GLY A 54 3.63 -28.95 -3.55
CA GLY A 54 3.29 -29.80 -2.43
C GLY A 54 2.29 -29.16 -1.49
N ALA A 55 1.53 -30.00 -0.78
CA ALA A 55 0.58 -29.57 0.27
C ALA A 55 1.20 -29.71 1.67
N GLU A 56 2.45 -30.20 1.72
CA GLU A 56 3.16 -30.50 2.98
C GLU A 56 4.01 -29.29 3.46
N ASP A 57 3.50 -28.58 4.48
CA ASP A 57 4.24 -27.49 5.14
C ASP A 57 5.02 -28.07 6.33
N ASP A 58 6.30 -27.68 6.45
CA ASP A 58 7.19 -28.08 7.57
C ASP A 58 7.51 -26.89 8.48
N GLY A 59 6.65 -25.86 8.44
CA GLY A 59 6.93 -24.58 9.09
C GLY A 59 7.83 -23.70 8.23
N SER A 60 7.60 -23.78 6.90
CA SER A 60 8.43 -23.15 5.89
C SER A 60 7.57 -22.68 4.69
N ASP A 61 6.86 -23.63 4.09
CA ASP A 61 6.14 -23.46 2.80
C ASP A 61 5.05 -22.37 2.90
N GLU A 62 4.44 -22.28 4.09
CA GLU A 62 3.30 -21.39 4.37
C GLU A 62 3.55 -20.57 5.67
N HIS A 63 4.79 -20.66 6.23
CA HIS A 63 5.14 -19.99 7.51
C HIS A 63 6.42 -19.15 7.41
N VAL A 64 7.09 -19.16 6.25
CA VAL A 64 8.07 -18.11 5.94
C VAL A 64 7.28 -16.87 5.55
N GLU A 65 7.13 -15.93 6.49
CA GLU A 65 6.50 -14.63 6.23
C GLU A 65 7.52 -13.76 5.47
N ARG A 66 7.76 -14.16 4.21
CA ARG A 66 8.60 -13.45 3.26
C ARG A 66 7.76 -12.34 2.63
N GLY A 67 8.24 -11.13 2.78
CA GLY A 67 7.60 -9.95 2.25
C GLY A 67 8.21 -8.73 2.88
N ILE A 68 7.56 -7.60 2.75
CA ILE A 68 8.09 -6.34 3.32
C ILE A 68 7.46 -6.07 4.69
N ASP A 69 8.24 -5.41 5.56
CA ASP A 69 7.87 -5.14 6.97
C ASP A 69 6.53 -4.36 7.09
N ILE A 70 6.25 -3.52 6.07
CA ILE A 70 5.00 -2.75 5.92
C ILE A 70 3.77 -3.70 5.93
N VAL A 71 3.85 -4.71 5.07
CA VAL A 71 2.78 -5.67 4.83
C VAL A 71 2.70 -6.72 5.95
N LEU A 72 3.87 -7.24 6.37
CA LEU A 72 3.99 -8.32 7.37
C LEU A 72 3.50 -7.86 8.76
N ASN A 73 3.43 -6.52 8.97
CA ASN A 73 2.79 -5.90 10.14
C ASN A 73 1.40 -6.50 10.40
N HIS A 74 0.51 -6.40 9.39
CA HIS A 74 -0.87 -6.91 9.48
C HIS A 74 -1.09 -8.18 8.65
N LYS A 75 -0.08 -8.53 7.86
CA LYS A 75 -0.12 -9.65 6.90
C LYS A 75 -1.20 -9.36 5.84
N LEU A 76 -0.93 -8.35 4.98
CA LEU A 76 -1.81 -7.97 3.86
C LEU A 76 -1.71 -9.00 2.74
N VAL A 77 -2.74 -9.09 1.89
CA VAL A 77 -2.74 -10.06 0.78
C VAL A 77 -2.27 -9.37 -0.51
N GLU A 78 -1.28 -9.98 -1.16
CA GLU A 78 -0.74 -9.52 -2.44
C GLU A 78 -1.82 -9.46 -3.56
N MET A 79 -1.56 -8.55 -4.51
CA MET A 79 -2.35 -8.31 -5.72
C MET A 79 -1.31 -7.96 -6.80
N ASN A 80 -1.45 -8.49 -8.01
CA ASN A 80 -0.47 -8.26 -9.09
C ASN A 80 -1.19 -8.05 -10.41
N CYS A 81 -0.69 -7.12 -11.23
CA CYS A 81 -1.30 -6.75 -12.53
C CYS A 81 -1.40 -7.96 -13.50
N TYR A 82 -0.68 -9.05 -13.22
CA TYR A 82 -0.69 -10.28 -14.05
C TYR A 82 -2.08 -10.98 -14.04
N GLU A 83 -2.55 -11.38 -12.83
CA GLU A 83 -3.87 -12.05 -12.67
C GLU A 83 -4.93 -11.04 -12.23
N ASP A 84 -4.54 -10.11 -11.36
CA ASP A 84 -5.46 -9.16 -10.68
C ASP A 84 -5.60 -7.83 -11.45
N ALA A 85 -5.30 -7.82 -12.77
CA ALA A 85 -5.39 -6.59 -13.63
C ALA A 85 -6.77 -5.87 -13.50
N SER A 86 -7.85 -6.64 -13.70
CA SER A 86 -9.23 -6.13 -13.64
C SER A 86 -9.67 -5.82 -12.19
N MET A 87 -9.22 -6.68 -11.25
CA MET A 87 -9.59 -6.62 -9.82
C MET A 87 -9.01 -5.34 -9.18
N PHE A 88 -7.73 -5.11 -9.49
CA PHE A 88 -6.97 -3.94 -9.02
C PHE A 88 -7.58 -2.62 -9.56
N LYS A 89 -7.87 -2.60 -10.88
CA LYS A 89 -8.45 -1.41 -11.53
C LYS A 89 -9.85 -1.11 -10.99
N ALA A 90 -10.57 -2.17 -10.54
CA ALA A 90 -11.88 -2.06 -9.86
C ALA A 90 -11.74 -1.30 -8.53
N TYR A 91 -10.68 -1.66 -7.75
CA TYR A 91 -10.33 -0.96 -6.52
C TYR A 91 -9.99 0.51 -6.79
N ILE A 92 -9.26 0.76 -7.90
CA ILE A 92 -8.85 2.12 -8.32
C ILE A 92 -10.06 3.00 -8.69
N LYS A 93 -11.14 2.39 -9.23
CA LYS A 93 -12.43 3.08 -9.46
C LYS A 93 -13.05 3.56 -8.13
N LYS A 94 -13.08 2.67 -7.12
CA LYS A 94 -13.59 2.99 -5.76
C LYS A 94 -12.69 4.02 -5.05
N PHE A 95 -11.39 3.81 -5.20
CA PHE A 95 -10.31 4.67 -4.70
C PHE A 95 -10.52 6.13 -5.13
N MET A 96 -10.54 6.37 -6.46
CA MET A 96 -10.64 7.71 -7.04
C MET A 96 -11.95 8.40 -6.61
N LYS A 97 -13.06 7.63 -6.60
CA LYS A 97 -14.37 8.10 -6.12
C LYS A 97 -14.27 8.64 -4.67
N ASN A 98 -13.76 7.79 -3.76
CA ASN A 98 -13.80 8.06 -2.32
C ASN A 98 -12.80 9.16 -1.92
N VAL A 99 -11.63 9.20 -2.57
CA VAL A 99 -10.59 10.21 -2.26
C VAL A 99 -11.02 11.63 -2.66
N ILE A 100 -11.72 11.78 -3.81
CA ILE A 100 -12.20 13.11 -4.28
C ILE A 100 -13.45 13.55 -3.49
N ASP A 101 -14.29 12.54 -3.15
CA ASP A 101 -15.49 12.72 -2.29
C ASP A 101 -15.08 13.22 -0.89
N HIS A 102 -14.06 12.53 -0.32
CA HIS A 102 -13.50 12.81 1.01
C HIS A 102 -12.81 14.19 1.02
N MET A 103 -12.03 14.45 -0.05
CA MET A 103 -11.31 15.72 -0.26
C MET A 103 -12.27 16.91 -0.23
N GLU A 104 -13.33 16.85 -1.06
CA GLU A 104 -14.25 17.98 -1.25
C GLU A 104 -15.02 18.32 0.04
N LYS A 105 -15.21 17.31 0.91
CA LYS A 105 -15.87 17.51 2.21
C LYS A 105 -15.00 18.38 3.13
N ASN A 106 -13.69 18.04 3.16
CA ASN A 106 -12.71 18.64 4.08
C ASN A 106 -12.15 19.96 3.52
N ASN A 107 -12.11 20.07 2.18
CA ASN A 107 -11.41 21.16 1.48
C ASN A 107 -12.41 22.23 1.04
N ARG A 108 -13.49 21.77 0.37
CA ARG A 108 -14.67 22.59 -0.01
C ARG A 108 -14.41 23.57 -1.17
N ASP A 109 -13.13 23.79 -1.52
CA ASP A 109 -12.74 24.78 -2.54
C ASP A 109 -12.69 24.08 -3.90
N LYS A 110 -13.47 24.59 -4.87
CA LYS A 110 -13.64 23.93 -6.18
C LYS A 110 -12.34 23.94 -7.01
N ALA A 111 -11.55 25.01 -6.93
CA ALA A 111 -10.25 25.11 -7.65
C ALA A 111 -9.19 24.17 -7.06
N ASP A 112 -9.28 23.92 -5.74
CA ASP A 112 -8.27 23.11 -5.01
C ASP A 112 -8.60 21.60 -5.14
N VAL A 113 -9.90 21.26 -5.25
CA VAL A 113 -10.33 19.87 -5.52
C VAL A 113 -10.22 19.54 -7.02
N ASP A 114 -10.31 20.58 -7.87
CA ASP A 114 -9.95 20.50 -9.30
C ASP A 114 -8.45 20.16 -9.46
N ALA A 115 -7.66 20.78 -8.57
CA ALA A 115 -6.21 20.56 -8.50
C ALA A 115 -5.92 19.16 -7.90
N PHE A 116 -6.68 18.76 -6.86
CA PHE A 116 -6.52 17.45 -6.20
C PHE A 116 -6.81 16.31 -7.15
N LYS A 117 -7.92 16.41 -7.92
CA LYS A 117 -8.29 15.35 -8.87
C LYS A 117 -7.24 15.24 -9.98
N LYS A 118 -6.67 16.39 -10.38
CA LYS A 118 -5.53 16.46 -11.32
C LYS A 118 -4.28 15.80 -10.71
N LYS A 119 -4.10 15.95 -9.38
CA LYS A 119 -2.97 15.36 -8.65
C LYS A 119 -3.11 13.83 -8.58
N ILE A 120 -4.28 13.35 -8.10
CA ILE A 120 -4.46 11.93 -7.77
C ILE A 120 -4.57 11.06 -9.03
N GLN A 121 -5.30 11.57 -10.06
CA GLN A 121 -5.39 10.90 -11.36
C GLN A 121 -4.02 10.96 -12.06
N GLY A 122 -3.31 12.08 -11.85
CA GLY A 122 -1.98 12.29 -12.41
C GLY A 122 -0.93 11.34 -11.82
N TRP A 123 -1.01 11.10 -10.50
CA TRP A 123 -0.06 10.25 -9.78
C TRP A 123 -0.22 8.81 -10.27
N VAL A 124 -1.48 8.35 -10.34
CA VAL A 124 -1.80 6.97 -10.71
C VAL A 124 -1.63 6.73 -12.24
N VAL A 125 -1.84 7.76 -13.09
CA VAL A 125 -1.65 7.60 -14.57
C VAL A 125 -0.15 7.48 -14.91
N SER A 126 0.71 8.05 -14.04
CA SER A 126 2.17 7.88 -14.13
C SER A 126 2.62 6.54 -13.49
N LEU A 127 2.02 6.22 -12.32
CA LEU A 127 2.45 5.09 -11.46
C LEU A 127 1.93 3.72 -11.98
N LEU A 128 0.85 3.73 -12.77
CA LEU A 128 0.26 2.49 -13.33
C LEU A 128 0.80 2.19 -14.75
N ALA A 129 1.77 3.01 -15.22
CA ALA A 129 2.38 2.86 -16.57
C ALA A 129 3.03 1.47 -16.74
N LYS A 130 2.28 0.57 -17.41
CA LYS A 130 2.49 -0.90 -17.39
C LYS A 130 3.92 -1.38 -17.72
N ASP A 131 4.59 -0.75 -18.68
CA ASP A 131 5.82 -1.33 -19.31
C ASP A 131 7.03 -1.36 -18.35
N ARG A 132 7.10 -0.40 -17.41
CA ARG A 132 8.13 -0.42 -16.32
C ARG A 132 7.51 -0.68 -14.93
N PHE A 133 6.26 -0.26 -14.74
CA PHE A 133 5.54 -0.35 -13.43
C PHE A 133 4.79 -1.69 -13.24
N LYS A 134 4.82 -2.59 -14.24
CA LYS A 134 4.31 -3.99 -14.10
C LYS A 134 4.87 -4.72 -12.86
N ASN A 135 6.05 -4.28 -12.40
CA ASN A 135 6.79 -4.90 -11.28
C ASN A 135 6.49 -4.19 -9.94
N LEU A 136 5.30 -3.57 -9.83
CA LEU A 136 4.81 -2.99 -8.56
C LEU A 136 4.07 -4.08 -7.78
N ALA A 137 4.24 -4.09 -6.46
CA ALA A 137 3.58 -5.04 -5.59
C ALA A 137 2.38 -4.33 -4.97
N PHE A 138 1.18 -4.74 -5.37
CA PHE A 138 -0.06 -4.16 -4.85
C PHE A 138 -0.53 -5.05 -3.71
N PHE A 139 -1.09 -4.45 -2.67
CA PHE A 139 -1.63 -5.20 -1.52
C PHE A 139 -2.96 -4.59 -1.11
N ILE A 140 -3.94 -5.42 -0.81
CA ILE A 140 -5.22 -4.95 -0.25
C ILE A 140 -5.27 -5.42 1.20
N GLY A 141 -5.93 -4.61 2.06
CA GLY A 141 -6.17 -4.92 3.44
C GLY A 141 -6.70 -6.32 3.65
N GLU A 142 -6.08 -7.07 4.57
CA GLU A 142 -6.45 -8.46 4.87
C GLU A 142 -7.94 -8.56 5.27
N ARG A 143 -8.40 -7.55 6.04
CA ARG A 143 -9.77 -7.50 6.59
C ARG A 143 -10.77 -7.21 5.44
N ALA A 144 -10.31 -6.40 4.47
CA ALA A 144 -11.05 -6.11 3.23
C ALA A 144 -11.18 -7.37 2.39
N ALA A 145 -10.10 -8.13 2.29
CA ALA A 145 -10.02 -9.34 1.46
C ALA A 145 -10.96 -10.47 1.97
N GLU A 146 -11.37 -10.38 3.24
CA GLU A 146 -12.24 -11.40 3.88
C GLU A 146 -13.72 -11.21 3.49
N GLY A 147 -14.11 -10.00 3.08
CA GLY A 147 -15.51 -9.72 2.73
C GLY A 147 -15.77 -8.28 2.30
N ALA A 148 -14.93 -7.76 1.37
CA ALA A 148 -15.05 -6.39 0.84
C ALA A 148 -14.10 -6.19 -0.36
N GLU A 149 -14.67 -6.30 -1.58
CA GLU A 149 -13.92 -6.06 -2.84
C GLU A 149 -13.91 -4.55 -3.21
N ASN A 150 -14.27 -3.70 -2.23
CA ASN A 150 -14.18 -2.22 -2.34
C ASN A 150 -12.92 -1.69 -1.61
N GLY A 151 -12.18 -2.61 -0.95
CA GLY A 151 -11.08 -2.26 -0.04
C GLY A 151 -9.89 -1.57 -0.71
N GLN A 152 -9.03 -0.95 0.11
CA GLN A 152 -7.92 -0.10 -0.35
C GLN A 152 -6.71 -0.93 -0.81
N VAL A 153 -6.05 -0.45 -1.89
CA VAL A 153 -4.78 -1.00 -2.35
C VAL A 153 -3.63 -0.12 -1.84
N ALA A 154 -2.85 -0.70 -0.92
CA ALA A 154 -1.53 -0.23 -0.56
C ALA A 154 -0.57 -0.50 -1.74
N ILE A 155 -0.08 0.58 -2.42
CA ILE A 155 0.78 0.44 -3.61
C ILE A 155 2.24 0.47 -3.16
N ILE A 156 3.01 -0.56 -3.49
CA ILE A 156 4.41 -0.67 -3.06
C ILE A 156 5.32 -0.46 -4.26
N GLU A 157 6.05 0.67 -4.26
CA GLU A 157 7.06 0.96 -5.26
C GLU A 157 8.42 0.38 -4.82
N TYR A 158 8.90 -0.57 -5.61
CA TYR A 158 10.23 -1.16 -5.49
C TYR A 158 11.30 -0.10 -5.90
N ARG A 159 11.76 0.71 -4.96
CA ARG A 159 12.64 1.86 -5.25
C ARG A 159 14.11 1.44 -5.07
N ASP A 160 14.97 1.80 -6.02
CA ASP A 160 16.40 1.42 -6.01
C ASP A 160 17.21 2.46 -5.23
N VAL A 161 17.57 2.13 -3.98
CA VAL A 161 18.44 2.95 -3.13
C VAL A 161 19.91 2.50 -3.38
N ASP A 162 20.57 3.23 -4.33
CA ASP A 162 21.96 2.97 -4.83
C ASP A 162 22.02 1.68 -5.69
N GLY A 163 21.79 0.54 -5.04
CA GLY A 163 21.85 -0.79 -5.67
C GLY A 163 21.17 -1.84 -4.79
N THR A 164 20.17 -1.37 -4.02
CA THR A 164 19.36 -2.21 -3.12
C THR A 164 17.88 -1.81 -3.30
N GLU A 165 16.94 -2.76 -3.14
CA GLU A 165 15.51 -2.44 -3.15
C GLU A 165 15.08 -1.87 -1.77
N VAL A 166 14.28 -0.81 -1.80
CA VAL A 166 13.59 -0.26 -0.63
C VAL A 166 12.10 -0.10 -0.98
N PRO A 167 11.18 -0.90 -0.36
CA PRO A 167 9.72 -0.74 -0.55
C PRO A 167 9.22 0.59 0.03
N THR A 168 8.72 1.46 -0.86
CA THR A 168 8.13 2.74 -0.50
C THR A 168 6.63 2.68 -0.79
N LEU A 169 5.82 2.63 0.28
CA LEU A 169 4.37 2.53 0.20
C LEU A 169 3.79 3.90 -0.18
N MET A 170 3.08 3.94 -1.31
CA MET A 170 2.29 5.10 -1.72
C MET A 170 0.81 4.84 -1.38
N LEU A 171 0.26 5.76 -0.57
CA LEU A 171 -1.19 5.86 -0.27
C LEU A 171 -1.55 7.34 -0.22
N VAL A 172 -2.70 7.73 -0.74
CA VAL A 172 -3.10 9.14 -0.77
C VAL A 172 -3.69 9.53 0.60
N LYS A 173 -3.47 10.79 0.96
CA LYS A 173 -3.96 11.40 2.20
C LYS A 173 -5.47 11.19 2.41
N GLU A 174 -6.24 11.39 1.33
CA GLU A 174 -7.71 11.39 1.40
C GLU A 174 -8.33 9.97 1.35
N ALA A 175 -7.48 8.91 1.33
CA ALA A 175 -7.93 7.50 1.49
C ALA A 175 -7.55 6.96 2.89
N ILE A 176 -6.82 7.76 3.67
CA ILE A 176 -6.33 7.37 5.01
C ILE A 176 -6.84 8.37 6.07
N ILE A 177 -7.16 7.85 7.27
CA ILE A 177 -7.41 8.69 8.45
C ILE A 177 -6.12 8.70 9.27
N GLU A 178 -5.46 9.85 9.29
CA GLU A 178 -4.12 10.01 9.88
C GLU A 178 -4.11 11.22 10.81
N GLU A 179 -3.87 10.97 12.12
CA GLU A 179 -3.83 12.03 13.14
C GLU A 179 -2.69 11.73 14.15
N LYS A 180 -1.88 12.74 14.45
CA LYS A 180 -0.83 12.63 15.49
C LYS A 180 -1.49 12.73 16.87
N CYS A 181 -1.65 11.58 17.53
CA CYS A 181 -2.35 11.50 18.81
C CYS A 181 -1.43 12.00 19.95
N LEU A 182 -1.48 13.32 20.17
CA LEU A 182 -0.69 14.00 21.21
C LEU A 182 -1.48 13.97 22.53
N GLU A 183 -1.23 12.94 23.34
CA GLU A 183 -1.90 12.74 24.63
C GLU A 183 -0.85 12.41 25.71
N MET A 1 3.97 8.20 20.09
CA MET A 1 3.36 6.95 19.61
C MET A 1 2.22 7.31 18.66
N LEU A 2 2.50 7.35 17.36
CA LEU A 2 1.53 7.83 16.36
C LEU A 2 0.72 6.65 15.82
N ILE A 3 -0.58 6.85 15.63
CA ILE A 3 -1.46 5.88 14.98
C ILE A 3 -1.86 6.45 13.60
N TYR A 4 -1.47 5.71 12.58
CA TYR A 4 -1.70 6.03 11.17
C TYR A 4 -2.84 5.12 10.70
N LYS A 5 -3.91 5.72 10.20
CA LYS A 5 -5.12 5.00 9.77
C LYS A 5 -5.44 5.32 8.31
N ASP A 6 -6.09 4.38 7.64
CA ASP A 6 -6.61 4.55 6.27
C ASP A 6 -8.12 4.87 6.36
N ILE A 7 -8.74 5.17 5.23
CA ILE A 7 -10.19 5.46 5.15
C ILE A 7 -11.02 4.15 5.32
N PHE A 8 -10.49 3.02 4.81
CA PHE A 8 -11.14 1.69 4.89
C PHE A 8 -10.31 0.76 5.78
N THR A 9 -9.00 0.75 5.48
CA THR A 9 -8.02 -0.22 6.01
C THR A 9 -7.40 0.28 7.35
N ASP A 10 -8.06 1.27 7.99
CA ASP A 10 -7.65 1.84 9.31
C ASP A 10 -7.46 0.77 10.38
N ASP A 11 -8.35 -0.22 10.36
CA ASP A 11 -8.34 -1.33 11.32
C ASP A 11 -7.09 -2.22 11.16
N GLU A 12 -6.53 -2.23 9.93
CA GLU A 12 -5.36 -3.06 9.58
C GLU A 12 -4.07 -2.24 9.46
N LEU A 13 -4.11 -0.91 9.64
CA LEU A 13 -2.89 -0.07 9.62
C LEU A 13 -2.21 -0.07 11.02
N SER A 14 -1.45 1.00 11.33
CA SER A 14 -0.40 0.93 12.38
C SER A 14 -0.72 1.86 13.56
N SER A 15 -0.76 1.31 14.78
CA SER A 15 -0.81 2.10 16.03
C SER A 15 0.47 1.84 16.85
N ASP A 16 1.53 2.58 16.53
CA ASP A 16 2.88 2.36 17.08
C ASP A 16 3.77 3.60 16.78
N SER A 17 4.71 3.49 15.82
CA SER A 17 5.72 4.51 15.54
C SER A 17 6.58 4.04 14.34
N PHE A 18 6.07 4.32 13.14
CA PHE A 18 6.71 3.95 11.87
C PHE A 18 7.09 5.25 11.11
N PRO A 19 8.38 5.37 10.64
CA PRO A 19 8.81 6.49 9.76
C PRO A 19 7.87 6.67 8.54
N MET A 20 7.52 7.93 8.25
CA MET A 20 6.58 8.27 7.18
C MET A 20 6.94 9.59 6.52
N LYS A 21 6.39 9.83 5.32
CA LYS A 21 6.70 10.98 4.49
C LYS A 21 5.43 11.43 3.74
N LEU A 22 5.42 12.68 3.28
CA LEU A 22 4.40 13.20 2.35
C LEU A 22 5.13 13.74 1.11
N VAL A 23 4.68 13.29 -0.07
CA VAL A 23 5.21 13.75 -1.37
C VAL A 23 4.07 14.38 -2.21
N ASP A 24 4.44 15.41 -3.01
CA ASP A 24 3.59 15.98 -4.09
C ASP A 24 2.32 16.71 -3.54
N ASP A 25 2.22 16.84 -2.19
CA ASP A 25 1.00 17.29 -1.48
C ASP A 25 -0.21 16.36 -1.76
N LEU A 26 0.10 15.15 -2.24
CA LEU A 26 -0.92 14.23 -2.77
C LEU A 26 -0.79 12.85 -2.16
N VAL A 27 0.41 12.29 -2.16
CA VAL A 27 0.63 10.90 -1.74
C VAL A 27 1.37 10.84 -0.41
N TYR A 28 0.76 10.16 0.55
CA TYR A 28 1.36 9.86 1.83
C TYR A 28 2.19 8.57 1.70
N GLU A 29 3.50 8.71 1.89
CA GLU A 29 4.44 7.60 1.94
C GLU A 29 4.58 7.07 3.37
N PHE A 30 4.85 5.78 3.48
CA PHE A 30 5.00 5.07 4.75
C PHE A 30 6.17 4.08 4.59
N LYS A 31 6.97 3.91 5.66
CA LYS A 31 8.21 3.10 5.60
C LYS A 31 7.91 1.62 5.39
N GLY A 32 8.43 1.07 4.29
CA GLY A 32 8.50 -0.38 4.07
C GLY A 32 9.94 -0.85 4.11
N LYS A 33 10.14 -2.15 4.40
CA LYS A 33 11.47 -2.80 4.37
C LYS A 33 11.30 -4.23 3.88
N HIS A 34 12.30 -4.77 3.16
CA HIS A 34 12.26 -6.18 2.76
C HIS A 34 12.88 -7.03 3.89
N VAL A 35 12.02 -7.79 4.57
CA VAL A 35 12.36 -8.52 5.81
C VAL A 35 11.58 -9.86 5.85
N VAL A 36 11.87 -10.69 6.87
CA VAL A 36 11.08 -11.91 7.16
C VAL A 36 10.75 -11.96 8.65
N ARG A 37 9.52 -12.36 8.98
CA ARG A 37 9.11 -12.57 10.37
C ARG A 37 8.68 -14.04 10.54
N LYS A 38 9.50 -14.83 11.23
CA LYS A 38 9.11 -16.16 11.71
C LYS A 38 9.58 -16.30 13.16
N GLU A 39 8.65 -16.02 14.10
CA GLU A 39 8.88 -16.02 15.57
C GLU A 39 9.96 -15.00 16.00
N GLY A 40 11.20 -15.24 15.57
CA GLY A 40 12.28 -14.27 15.70
C GLY A 40 13.52 -14.75 14.93
N GLU A 41 13.30 -15.27 13.70
CA GLU A 41 14.38 -15.78 12.82
C GLU A 41 14.48 -14.88 11.56
N ILE A 42 15.47 -13.95 11.56
CA ILE A 42 15.64 -12.99 10.45
C ILE A 42 16.63 -13.56 9.39
N VAL A 43 16.09 -14.48 8.58
CA VAL A 43 16.81 -15.14 7.47
C VAL A 43 16.10 -14.84 6.14
N LEU A 44 16.45 -13.70 5.54
CA LEU A 44 15.75 -13.16 4.36
C LEU A 44 16.56 -13.37 3.07
N ALA A 45 15.83 -13.36 1.95
CA ALA A 45 16.38 -13.20 0.60
C ALA A 45 15.90 -11.85 0.04
N GLY A 46 16.37 -11.50 -1.17
CA GLY A 46 16.05 -10.18 -1.75
C GLY A 46 14.81 -10.19 -2.61
N SER A 47 14.86 -9.45 -3.73
CA SER A 47 13.79 -9.43 -4.73
C SER A 47 13.62 -10.83 -5.35
N ASN A 48 12.36 -11.26 -5.49
CA ASN A 48 11.98 -12.63 -5.88
C ASN A 48 12.43 -13.65 -4.79
N PRO A 49 11.85 -13.59 -3.54
CA PRO A 49 12.22 -14.51 -2.42
C PRO A 49 11.28 -15.75 -2.31
N SER A 50 10.48 -16.00 -3.37
CA SER A 50 9.42 -17.03 -3.41
C SER A 50 8.39 -16.76 -2.28
N ALA A 51 7.76 -15.57 -2.34
CA ALA A 51 6.79 -15.10 -1.33
C ALA A 51 5.37 -14.99 -1.90
N GLU A 52 5.14 -15.72 -3.01
CA GLU A 52 3.87 -15.74 -3.74
C GLU A 52 2.77 -16.37 -2.87
N GLU A 53 1.91 -15.51 -2.30
CA GLU A 53 0.81 -15.93 -1.42
C GLU A 53 -0.46 -16.22 -2.28
N GLY A 54 -1.66 -15.77 -1.85
CA GLY A 54 -2.92 -16.20 -2.48
C GLY A 54 -3.29 -17.60 -2.03
N ALA A 55 -3.04 -17.87 -0.74
CA ALA A 55 -3.26 -19.16 -0.08
C ALA A 55 -3.36 -18.92 1.42
N GLU A 56 -4.48 -18.29 1.84
CA GLU A 56 -4.71 -17.86 3.24
C GLU A 56 -5.42 -18.96 4.06
N ASP A 57 -5.09 -20.22 3.76
CA ASP A 57 -5.50 -21.39 4.57
C ASP A 57 -4.39 -21.67 5.60
N ASP A 58 -4.78 -22.28 6.73
CA ASP A 58 -3.84 -22.56 7.84
C ASP A 58 -2.82 -23.65 7.46
N GLY A 59 -3.18 -24.48 6.45
CA GLY A 59 -2.28 -25.53 5.95
C GLY A 59 -1.04 -24.97 5.26
N SER A 60 -1.20 -23.82 4.58
CA SER A 60 -0.09 -23.09 3.94
C SER A 60 0.53 -22.07 4.93
N ASP A 61 -0.03 -21.98 6.16
CA ASP A 61 0.50 -21.11 7.21
C ASP A 61 1.32 -21.92 8.23
N GLU A 62 2.61 -21.61 8.28
CA GLU A 62 3.54 -22.04 9.36
C GLU A 62 4.37 -20.81 9.78
N HIS A 63 3.75 -19.62 9.58
CA HIS A 63 4.24 -18.32 10.07
C HIS A 63 5.56 -17.89 9.39
N VAL A 64 5.83 -18.43 8.17
CA VAL A 64 6.91 -17.93 7.31
C VAL A 64 6.40 -16.67 6.60
N GLU A 65 6.46 -15.55 7.32
CA GLU A 65 6.05 -14.25 6.80
C GLU A 65 7.25 -13.60 6.13
N ARG A 66 7.65 -14.15 4.98
CA ARG A 66 8.68 -13.57 4.11
C ARG A 66 8.07 -12.51 3.16
N GLY A 67 8.78 -11.39 2.98
CA GLY A 67 8.38 -10.34 2.05
C GLY A 67 8.73 -8.95 2.55
N ILE A 68 7.73 -8.06 2.60
CA ILE A 68 7.90 -6.66 3.06
C ILE A 68 7.13 -6.37 4.38
N ASP A 69 7.77 -5.55 5.25
CA ASP A 69 7.29 -5.09 6.57
C ASP A 69 5.80 -4.72 6.60
N ILE A 70 5.34 -3.95 5.60
CA ILE A 70 3.95 -3.45 5.52
C ILE A 70 2.93 -4.61 5.60
N VAL A 71 3.26 -5.68 4.88
CA VAL A 71 2.40 -6.84 4.69
C VAL A 71 2.49 -7.84 5.85
N LEU A 72 3.71 -8.04 6.35
CA LEU A 72 3.98 -9.07 7.39
C LEU A 72 3.44 -8.59 8.76
N ASN A 73 3.49 -7.27 8.98
CA ASN A 73 3.06 -6.63 10.24
C ASN A 73 1.53 -6.53 10.33
N HIS A 74 0.85 -6.52 9.17
CA HIS A 74 -0.60 -6.21 9.09
C HIS A 74 -1.41 -7.34 8.44
N LYS A 75 -0.69 -8.35 7.92
CA LYS A 75 -1.25 -9.51 7.18
C LYS A 75 -2.12 -9.03 6.00
N LEU A 76 -1.45 -8.48 4.99
CA LEU A 76 -2.09 -8.08 3.73
C LEU A 76 -1.94 -9.20 2.70
N VAL A 77 -2.99 -9.46 1.92
CA VAL A 77 -2.94 -10.43 0.82
C VAL A 77 -2.51 -9.70 -0.47
N GLU A 78 -1.55 -10.31 -1.20
CA GLU A 78 -1.00 -9.77 -2.45
C GLU A 78 -2.07 -9.50 -3.52
N MET A 79 -1.76 -8.53 -4.38
CA MET A 79 -2.60 -8.06 -5.48
C MET A 79 -1.68 -7.60 -6.63
N ASN A 80 -2.09 -7.82 -7.88
CA ASN A 80 -1.24 -7.51 -9.04
C ASN A 80 -2.05 -6.85 -10.16
N CYS A 81 -1.36 -6.02 -10.95
CA CYS A 81 -1.90 -5.44 -12.20
C CYS A 81 -1.63 -6.36 -13.40
N TYR A 82 -0.94 -7.49 -13.18
CA TYR A 82 -0.52 -8.39 -14.28
C TYR A 82 -1.69 -9.25 -14.83
N GLU A 83 -2.29 -10.10 -13.98
CA GLU A 83 -3.45 -10.95 -14.34
C GLU A 83 -4.75 -10.38 -13.76
N ASP A 84 -4.62 -9.80 -12.56
CA ASP A 84 -5.76 -9.20 -11.82
C ASP A 84 -6.02 -7.73 -12.24
N ALA A 85 -5.53 -7.33 -13.42
CA ALA A 85 -5.64 -5.93 -13.95
C ALA A 85 -7.08 -5.41 -13.99
N SER A 86 -8.04 -6.31 -14.29
CA SER A 86 -9.48 -5.98 -14.36
C SER A 86 -10.06 -5.67 -12.95
N MET A 87 -9.69 -6.53 -11.99
CA MET A 87 -10.17 -6.48 -10.61
C MET A 87 -9.56 -5.26 -9.90
N PHE A 88 -8.26 -5.06 -10.15
CA PHE A 88 -7.50 -3.92 -9.66
C PHE A 88 -7.96 -2.59 -10.31
N LYS A 89 -8.41 -2.65 -11.58
CA LYS A 89 -9.01 -1.48 -12.28
C LYS A 89 -10.32 -1.06 -11.59
N ALA A 90 -11.05 -2.05 -11.07
CA ALA A 90 -12.27 -1.82 -10.29
C ALA A 90 -11.92 -1.13 -8.96
N TYR A 91 -10.79 -1.53 -8.33
CA TYR A 91 -10.27 -0.89 -7.11
C TYR A 91 -9.73 0.53 -7.37
N ILE A 92 -9.14 0.76 -8.57
CA ILE A 92 -8.76 2.12 -9.01
C ILE A 92 -10.00 3.02 -9.16
N LYS A 93 -11.09 2.46 -9.71
CA LYS A 93 -12.39 3.16 -9.83
C LYS A 93 -12.90 3.57 -8.44
N LYS A 94 -12.79 2.62 -7.48
CA LYS A 94 -13.17 2.82 -6.08
C LYS A 94 -12.32 3.93 -5.47
N PHE A 95 -11.00 3.71 -5.47
CA PHE A 95 -9.96 4.58 -4.88
C PHE A 95 -10.12 6.05 -5.31
N MET A 96 -10.00 6.32 -6.62
CA MET A 96 -9.97 7.69 -7.16
C MET A 96 -11.31 8.42 -6.91
N LYS A 97 -12.46 7.74 -7.18
CA LYS A 97 -13.79 8.35 -6.95
C LYS A 97 -14.03 8.58 -5.44
N ASN A 98 -13.54 7.65 -4.60
CA ASN A 98 -13.68 7.68 -3.13
C ASN A 98 -13.01 8.93 -2.56
N VAL A 99 -11.74 9.12 -2.92
CA VAL A 99 -10.87 10.13 -2.30
C VAL A 99 -11.15 11.54 -2.86
N ILE A 100 -11.59 11.64 -4.13
CA ILE A 100 -12.05 12.92 -4.72
C ILE A 100 -13.36 13.38 -4.02
N ASP A 101 -14.25 12.41 -3.77
CA ASP A 101 -15.52 12.64 -3.06
C ASP A 101 -15.27 12.99 -1.58
N HIS A 102 -14.26 12.34 -0.97
CA HIS A 102 -13.87 12.56 0.44
C HIS A 102 -13.34 13.99 0.60
N MET A 103 -12.51 14.44 -0.36
CA MET A 103 -11.99 15.82 -0.40
C MET A 103 -13.11 16.83 -0.66
N GLU A 104 -14.07 16.43 -1.50
CA GLU A 104 -15.25 17.24 -1.85
C GLU A 104 -16.10 17.57 -0.60
N LYS A 105 -16.01 16.73 0.42
CA LYS A 105 -16.75 16.92 1.67
C LYS A 105 -16.00 17.88 2.63
N ASN A 106 -14.64 17.79 2.67
CA ASN A 106 -13.82 18.59 3.63
C ASN A 106 -13.25 19.87 2.96
N ASN A 107 -13.65 20.13 1.71
CA ASN A 107 -13.25 21.34 0.95
C ASN A 107 -14.48 22.01 0.35
N ARG A 108 -15.31 21.19 -0.35
CA ARG A 108 -16.52 21.63 -1.13
C ARG A 108 -16.24 22.83 -2.08
N ASP A 109 -14.95 23.00 -2.42
CA ASP A 109 -14.46 24.09 -3.27
C ASP A 109 -14.15 23.52 -4.66
N LYS A 110 -14.66 24.20 -5.69
CA LYS A 110 -14.59 23.73 -7.10
C LYS A 110 -13.14 23.62 -7.59
N ALA A 111 -12.33 24.65 -7.30
CA ALA A 111 -10.93 24.72 -7.74
C ALA A 111 -10.05 23.67 -7.04
N ASP A 112 -10.34 23.36 -5.76
CA ASP A 112 -9.53 22.41 -4.95
C ASP A 112 -9.79 20.98 -5.38
N VAL A 113 -11.07 20.63 -5.57
CA VAL A 113 -11.47 19.27 -5.94
C VAL A 113 -11.09 18.95 -7.40
N ASP A 114 -11.07 19.98 -8.28
CA ASP A 114 -10.57 19.87 -9.66
C ASP A 114 -9.04 19.68 -9.67
N ALA A 115 -8.34 20.42 -8.81
CA ALA A 115 -6.87 20.37 -8.73
C ALA A 115 -6.42 19.00 -8.22
N PHE A 116 -7.14 18.51 -7.20
CA PHE A 116 -6.91 17.19 -6.61
C PHE A 116 -7.28 16.09 -7.61
N LYS A 117 -8.41 16.27 -8.32
CA LYS A 117 -8.84 15.35 -9.40
C LYS A 117 -7.72 15.17 -10.42
N LYS A 118 -7.13 16.32 -10.82
CA LYS A 118 -6.05 16.39 -11.81
C LYS A 118 -4.78 15.72 -11.24
N LYS A 119 -4.54 15.94 -9.93
CA LYS A 119 -3.33 15.46 -9.26
C LYS A 119 -3.38 13.92 -9.15
N ILE A 120 -4.52 13.40 -8.67
CA ILE A 120 -4.67 11.98 -8.31
C ILE A 120 -4.77 11.11 -9.57
N GLN A 121 -5.55 11.57 -10.60
CA GLN A 121 -5.64 10.84 -11.89
C GLN A 121 -4.29 10.88 -12.59
N GLY A 122 -3.61 12.04 -12.52
CA GLY A 122 -2.30 12.22 -13.13
C GLY A 122 -1.25 11.29 -12.52
N TRP A 123 -1.30 11.14 -11.18
CA TRP A 123 -0.36 10.29 -10.45
C TRP A 123 -0.60 8.83 -10.80
N VAL A 124 -1.88 8.36 -10.70
CA VAL A 124 -2.21 6.93 -10.91
C VAL A 124 -2.00 6.52 -12.38
N VAL A 125 -2.43 7.35 -13.34
CA VAL A 125 -2.27 7.06 -14.80
C VAL A 125 -0.78 7.06 -15.20
N SER A 126 0.05 7.79 -14.44
CA SER A 126 1.52 7.68 -14.53
C SER A 126 2.03 6.42 -13.79
N LEU A 127 1.42 6.13 -12.63
CA LEU A 127 1.87 5.08 -11.67
C LEU A 127 1.53 3.67 -12.19
N LEU A 128 0.48 3.57 -13.01
CA LEU A 128 -0.02 2.29 -13.55
C LEU A 128 0.75 1.89 -14.82
N ALA A 129 1.74 2.72 -15.22
CA ALA A 129 2.56 2.49 -16.41
C ALA A 129 3.57 1.35 -16.14
N LYS A 130 3.08 0.11 -16.34
CA LYS A 130 3.71 -1.15 -15.88
C LYS A 130 5.16 -1.36 -16.35
N ASP A 131 5.51 -0.80 -17.52
CA ASP A 131 6.81 -1.07 -18.17
C ASP A 131 7.98 -0.41 -17.44
N ARG A 132 7.69 0.66 -16.68
CA ARG A 132 8.64 1.33 -15.76
C ARG A 132 8.32 0.90 -14.33
N PHE A 133 7.04 1.05 -13.98
CA PHE A 133 6.49 0.92 -12.63
C PHE A 133 6.32 -0.52 -12.14
N LYS A 134 6.67 -1.52 -12.96
CA LYS A 134 6.74 -2.97 -12.54
C LYS A 134 7.46 -3.24 -11.17
N ASN A 135 8.08 -2.21 -10.56
CA ASN A 135 8.63 -2.27 -9.19
C ASN A 135 7.53 -2.02 -8.13
N LEU A 136 6.26 -2.00 -8.57
CA LEU A 136 5.09 -1.92 -7.68
C LEU A 136 4.64 -3.34 -7.32
N ALA A 137 4.10 -3.48 -6.13
CA ALA A 137 3.43 -4.70 -5.67
C ALA A 137 2.21 -4.26 -4.91
N PHE A 138 1.01 -4.58 -5.39
CA PHE A 138 -0.22 -4.07 -4.81
C PHE A 138 -0.66 -5.02 -3.72
N PHE A 139 -1.30 -4.50 -2.67
CA PHE A 139 -1.76 -5.30 -1.54
C PHE A 139 -3.11 -4.78 -1.08
N ILE A 140 -3.94 -5.72 -0.68
CA ILE A 140 -5.27 -5.48 -0.12
C ILE A 140 -5.27 -6.16 1.25
N GLY A 141 -5.84 -5.50 2.27
CA GLY A 141 -5.95 -6.08 3.60
C GLY A 141 -6.69 -7.42 3.56
N GLU A 142 -6.06 -8.47 4.13
CA GLU A 142 -6.59 -9.86 4.11
C GLU A 142 -7.99 -9.88 4.73
N ARG A 143 -8.15 -9.08 5.80
CA ARG A 143 -9.41 -8.89 6.53
C ARG A 143 -10.54 -8.41 5.58
N ALA A 144 -10.24 -7.38 4.75
CA ALA A 144 -11.19 -6.82 3.76
C ALA A 144 -11.50 -7.84 2.65
N ALA A 145 -10.47 -8.55 2.21
CA ALA A 145 -10.57 -9.59 1.17
C ALA A 145 -11.33 -10.85 1.66
N GLU A 146 -11.70 -10.85 2.96
CA GLU A 146 -12.42 -11.96 3.61
C GLU A 146 -13.92 -11.59 3.82
N GLY A 147 -14.24 -10.28 3.76
CA GLY A 147 -15.62 -9.80 3.99
C GLY A 147 -15.96 -8.55 3.18
N ALA A 148 -15.41 -7.40 3.60
CA ALA A 148 -15.67 -6.09 2.96
C ALA A 148 -14.75 -5.91 1.75
N GLU A 149 -15.15 -6.53 0.62
CA GLU A 149 -14.33 -6.61 -0.62
C GLU A 149 -14.15 -5.24 -1.34
N ASN A 150 -14.70 -4.16 -0.75
CA ASN A 150 -14.61 -2.79 -1.30
C ASN A 150 -13.47 -2.00 -0.62
N GLY A 151 -12.65 -2.72 0.20
CA GLY A 151 -11.48 -2.15 0.85
C GLY A 151 -10.42 -1.66 -0.13
N GLN A 152 -9.62 -0.69 0.29
CA GLN A 152 -8.69 0.05 -0.59
C GLN A 152 -7.35 -0.71 -0.76
N VAL A 153 -6.76 -0.65 -1.97
CA VAL A 153 -5.47 -1.28 -2.29
C VAL A 153 -4.31 -0.39 -1.82
N ALA A 154 -3.53 -0.92 -0.86
CA ALA A 154 -2.24 -0.37 -0.44
C ALA A 154 -1.20 -0.56 -1.56
N ILE A 155 -0.72 0.56 -2.14
CA ILE A 155 0.20 0.53 -3.30
C ILE A 155 1.65 0.55 -2.79
N ILE A 156 2.38 -0.57 -2.93
CA ILE A 156 3.78 -0.65 -2.50
C ILE A 156 4.70 -0.40 -3.71
N GLU A 157 5.83 0.27 -3.46
CA GLU A 157 6.87 0.45 -4.44
C GLU A 157 8.23 0.12 -3.78
N TYR A 158 8.84 -1.01 -4.19
CA TYR A 158 10.19 -1.36 -3.76
C TYR A 158 11.16 -0.62 -4.68
N ARG A 159 11.55 0.59 -4.22
CA ARG A 159 12.27 1.59 -5.01
C ARG A 159 13.73 1.14 -5.18
N ASP A 160 13.99 0.41 -6.26
CA ASP A 160 15.29 -0.19 -6.57
C ASP A 160 16.34 0.90 -6.90
N VAL A 161 17.31 1.05 -6.01
CA VAL A 161 18.53 1.84 -6.23
C VAL A 161 19.73 0.87 -6.45
N ASP A 162 19.95 0.57 -7.74
CA ASP A 162 21.03 -0.32 -8.23
C ASP A 162 21.12 -1.64 -7.43
N GLY A 163 20.04 -2.42 -7.48
CA GLY A 163 20.03 -3.77 -6.90
C GLY A 163 19.52 -3.82 -5.47
N THR A 164 19.39 -2.64 -4.83
CA THR A 164 18.90 -2.54 -3.45
C THR A 164 17.48 -1.95 -3.48
N GLU A 165 16.47 -2.79 -3.21
CA GLU A 165 15.10 -2.33 -3.08
C GLU A 165 14.93 -1.58 -1.75
N VAL A 166 14.16 -0.50 -1.77
CA VAL A 166 13.67 0.15 -0.55
C VAL A 166 12.13 0.29 -0.65
N PRO A 167 11.37 -0.74 -0.14
CA PRO A 167 9.89 -0.75 -0.16
C PRO A 167 9.29 0.49 0.53
N THR A 168 8.19 0.98 -0.03
CA THR A 168 7.47 2.14 0.49
C THR A 168 5.98 1.94 0.26
N LEU A 169 5.16 2.07 1.31
CA LEU A 169 3.72 2.10 1.18
C LEU A 169 3.30 3.49 0.69
N MET A 170 2.48 3.52 -0.34
CA MET A 170 1.97 4.74 -0.95
C MET A 170 0.45 4.64 -1.07
N LEU A 171 -0.21 5.64 -0.47
CA LEU A 171 -1.64 5.91 -0.59
C LEU A 171 -1.79 7.43 -0.66
N VAL A 172 -2.98 7.93 -0.95
CA VAL A 172 -3.21 9.38 -1.04
C VAL A 172 -3.46 9.94 0.39
N LYS A 173 -3.03 11.20 0.63
CA LYS A 173 -3.26 11.92 1.90
C LYS A 173 -4.75 11.98 2.28
N GLU A 174 -5.63 11.94 1.26
CA GLU A 174 -7.09 12.05 1.42
C GLU A 174 -7.73 10.67 1.73
N ALA A 175 -6.91 9.63 1.76
CA ALA A 175 -7.29 8.29 2.24
C ALA A 175 -6.66 8.02 3.61
N ILE A 176 -5.69 8.88 4.03
CA ILE A 176 -4.92 8.68 5.26
C ILE A 176 -5.33 9.71 6.34
N ILE A 177 -5.39 9.22 7.58
CA ILE A 177 -5.66 9.99 8.79
C ILE A 177 -4.49 9.76 9.76
N GLU A 178 -3.66 10.78 9.93
CA GLU A 178 -2.56 10.77 10.90
C GLU A 178 -3.07 11.28 12.24
N GLU A 179 -2.97 10.45 13.28
CA GLU A 179 -3.43 10.77 14.63
C GLU A 179 -2.23 10.67 15.60
N LYS A 180 -1.84 11.80 16.20
CA LYS A 180 -0.61 11.90 16.99
C LYS A 180 -0.88 11.78 18.50
N CYS A 181 -0.46 10.65 19.11
CA CYS A 181 -0.53 10.43 20.57
C CYS A 181 0.87 10.68 21.17
N LEU A 182 1.09 11.91 21.65
CA LEU A 182 2.40 12.38 22.17
C LEU A 182 2.19 13.23 23.45
N GLU A 183 1.09 14.01 23.48
CA GLU A 183 0.72 14.86 24.62
C GLU A 183 -0.20 14.07 25.59
N MET A 1 3.86 8.41 18.53
CA MET A 1 3.43 7.14 17.88
C MET A 1 2.26 7.43 16.96
N LEU A 2 2.24 6.82 15.75
CA LEU A 2 1.18 7.07 14.75
C LEU A 2 0.50 5.76 14.36
N ILE A 3 -0.84 5.76 14.33
CA ILE A 3 -1.63 4.66 13.77
C ILE A 3 -2.19 5.11 12.42
N TYR A 4 -1.79 4.45 11.33
CA TYR A 4 -2.16 4.87 9.98
C TYR A 4 -3.47 4.18 9.61
N LYS A 5 -4.47 5.00 9.28
CA LYS A 5 -5.86 4.56 9.11
C LYS A 5 -6.37 4.91 7.70
N ASP A 6 -6.98 3.91 7.05
CA ASP A 6 -7.68 4.07 5.77
C ASP A 6 -9.16 4.38 6.07
N ILE A 7 -9.94 4.68 5.04
CA ILE A 7 -11.41 4.82 5.14
C ILE A 7 -12.05 3.56 5.80
N PHE A 8 -11.83 2.38 5.17
CA PHE A 8 -12.51 1.11 5.51
C PHE A 8 -11.52 0.09 6.09
N THR A 9 -10.24 0.26 5.77
CA THR A 9 -9.14 -0.60 6.23
C THR A 9 -8.42 0.05 7.45
N ASP A 10 -9.06 1.09 8.05
CA ASP A 10 -8.52 1.83 9.24
C ASP A 10 -8.03 0.91 10.37
N ASP A 11 -8.71 -0.23 10.51
CA ASP A 11 -8.43 -1.21 11.56
C ASP A 11 -7.11 -1.97 11.29
N GLU A 12 -6.90 -2.36 10.02
CA GLU A 12 -5.81 -3.28 9.63
C GLU A 12 -4.87 -2.62 8.58
N LEU A 13 -4.81 -1.28 8.55
CA LEU A 13 -3.96 -0.56 7.58
C LEU A 13 -2.49 -0.61 8.07
N SER A 14 -2.12 0.28 9.01
CA SER A 14 -0.77 0.35 9.62
C SER A 14 -0.83 1.05 10.99
N SER A 15 0.35 1.20 11.64
CA SER A 15 0.51 1.75 13.01
C SER A 15 1.97 1.71 13.47
N ASP A 16 2.19 2.14 14.74
CA ASP A 16 3.42 1.94 15.54
C ASP A 16 4.46 3.06 15.26
N SER A 17 5.57 2.73 14.59
CA SER A 17 6.78 3.57 14.55
C SER A 17 7.41 3.46 13.17
N PHE A 18 6.56 3.49 12.16
CA PHE A 18 6.97 3.32 10.75
C PHE A 18 6.88 4.66 10.02
N PRO A 19 8.03 5.40 9.84
CA PRO A 19 8.09 6.73 9.19
C PRO A 19 7.28 6.83 7.88
N MET A 20 6.53 7.94 7.77
CA MET A 20 5.79 8.29 6.55
C MET A 20 6.36 9.59 5.98
N LYS A 21 6.35 9.70 4.66
CA LYS A 21 6.73 10.92 3.95
C LYS A 21 5.46 11.50 3.33
N LEU A 22 5.46 12.79 3.04
CA LEU A 22 4.32 13.42 2.35
C LEU A 22 4.85 14.24 1.19
N VAL A 23 4.62 13.74 -0.04
CA VAL A 23 5.04 14.40 -1.27
C VAL A 23 3.84 15.17 -1.85
N ASP A 24 4.08 16.49 -2.14
CA ASP A 24 3.09 17.38 -2.81
C ASP A 24 1.73 17.44 -2.04
N ASP A 25 1.76 17.18 -0.71
CA ASP A 25 0.53 17.07 0.15
C ASP A 25 -0.53 16.08 -0.38
N LEU A 26 -0.14 15.21 -1.32
CA LEU A 26 -1.06 14.30 -2.00
C LEU A 26 -0.89 12.88 -1.47
N VAL A 27 0.35 12.39 -1.45
CA VAL A 27 0.64 10.95 -1.20
C VAL A 27 1.59 10.78 0.00
N TYR A 28 1.23 9.83 0.89
CA TYR A 28 2.11 9.32 1.94
C TYR A 28 2.99 8.20 1.35
N GLU A 29 4.31 8.39 1.39
CA GLU A 29 5.27 7.34 1.05
C GLU A 29 5.78 6.74 2.37
N PHE A 30 5.26 5.55 2.68
CA PHE A 30 5.42 4.88 3.97
C PHE A 30 6.62 3.91 3.90
N LYS A 31 7.39 3.85 4.99
CA LYS A 31 8.68 3.15 5.05
C LYS A 31 8.53 1.62 5.01
N GLY A 32 9.45 0.99 4.27
CA GLY A 32 9.60 -0.46 4.26
C GLY A 32 10.92 -0.87 3.64
N LYS A 33 11.46 -1.99 4.10
CA LYS A 33 12.71 -2.58 3.56
C LYS A 33 12.43 -4.04 3.20
N HIS A 34 13.30 -4.62 2.37
CA HIS A 34 13.24 -6.05 2.04
C HIS A 34 13.78 -6.87 3.23
N VAL A 35 12.93 -7.77 3.79
CA VAL A 35 13.30 -8.63 4.95
C VAL A 35 12.63 -10.01 4.83
N VAL A 36 13.12 -10.97 5.62
CA VAL A 36 12.55 -12.32 5.67
C VAL A 36 11.53 -12.45 6.82
N ARG A 37 10.66 -13.46 6.75
CA ARG A 37 9.78 -13.84 7.87
C ARG A 37 9.63 -15.36 7.94
N LYS A 38 10.18 -15.95 8.99
CA LYS A 38 10.18 -17.40 9.21
C LYS A 38 9.59 -17.69 10.59
N GLU A 39 8.76 -18.76 10.69
CA GLU A 39 8.11 -19.15 11.97
C GLU A 39 9.14 -19.45 13.08
N GLY A 40 10.35 -19.87 12.67
CA GLY A 40 11.48 -20.04 13.60
C GLY A 40 11.97 -18.71 14.14
N GLU A 41 12.45 -17.85 13.22
CA GLU A 41 13.03 -16.53 13.55
C GLU A 41 13.39 -15.81 12.23
N ILE A 42 13.38 -14.46 12.26
CA ILE A 42 13.81 -13.63 11.12
C ILE A 42 15.36 -13.70 10.98
N VAL A 43 15.83 -14.49 10.00
CA VAL A 43 17.26 -14.65 9.67
C VAL A 43 17.53 -13.97 8.32
N LEU A 44 17.71 -12.62 8.35
CA LEU A 44 17.92 -11.80 7.13
C LEU A 44 19.42 -11.78 6.75
N ALA A 45 20.27 -12.13 7.73
CA ALA A 45 21.72 -12.26 7.54
C ALA A 45 22.11 -13.75 7.66
N GLY A 46 22.81 -14.28 6.65
CA GLY A 46 23.22 -15.68 6.63
C GLY A 46 22.18 -16.58 5.97
N SER A 47 22.03 -16.40 4.65
CA SER A 47 21.15 -17.25 3.83
C SER A 47 21.91 -18.50 3.38
N ASN A 48 21.35 -19.69 3.72
CA ASN A 48 21.89 -21.00 3.29
C ASN A 48 21.75 -21.16 1.76
N PRO A 49 22.65 -21.94 1.07
CA PRO A 49 22.56 -22.19 -0.38
C PRO A 49 21.20 -22.85 -0.75
N SER A 50 20.23 -22.01 -1.19
CA SER A 50 18.84 -22.42 -1.48
C SER A 50 18.80 -23.53 -2.55
N ALA A 51 18.78 -24.78 -2.07
CA ALA A 51 18.78 -25.97 -2.91
C ALA A 51 17.34 -26.48 -3.09
N GLU A 52 16.69 -26.06 -4.19
CA GLU A 52 15.33 -26.51 -4.53
C GLU A 52 15.41 -27.92 -5.13
N GLU A 53 15.36 -28.91 -4.23
CA GLU A 53 15.47 -30.33 -4.58
C GLU A 53 14.37 -31.12 -3.83
N GLY A 54 13.21 -31.26 -4.50
CA GLY A 54 12.06 -31.96 -3.96
C GLY A 54 10.77 -31.51 -4.66
N ALA A 55 10.03 -32.48 -5.25
CA ALA A 55 8.75 -32.21 -5.94
C ALA A 55 7.66 -31.71 -4.97
N GLU A 56 7.58 -32.38 -3.80
CA GLU A 56 6.69 -31.96 -2.69
C GLU A 56 7.26 -30.70 -2.02
N ASP A 57 6.69 -29.54 -2.37
CA ASP A 57 7.03 -28.24 -1.77
C ASP A 57 6.39 -28.08 -0.37
N ASP A 58 7.09 -27.40 0.55
CA ASP A 58 6.61 -27.13 1.94
C ASP A 58 6.37 -25.64 2.18
N GLY A 59 6.69 -24.80 1.18
CA GLY A 59 6.66 -23.35 1.29
C GLY A 59 5.27 -22.76 1.55
N SER A 60 4.86 -22.74 2.82
CA SER A 60 3.53 -22.27 3.26
C SER A 60 3.64 -20.84 3.81
N ASP A 61 2.47 -20.20 4.00
CA ASP A 61 2.37 -18.82 4.56
C ASP A 61 2.65 -18.79 6.08
N GLU A 62 2.70 -19.99 6.69
CA GLU A 62 3.22 -20.23 8.05
C GLU A 62 4.64 -19.65 8.18
N HIS A 63 5.45 -19.92 7.13
CA HIS A 63 6.80 -19.39 6.97
C HIS A 63 6.91 -18.79 5.55
N VAL A 64 6.47 -17.54 5.40
CA VAL A 64 6.44 -16.87 4.08
C VAL A 64 7.87 -16.83 3.44
N GLU A 65 8.90 -16.77 4.32
CA GLU A 65 10.35 -16.76 3.99
C GLU A 65 10.78 -15.43 3.39
N ARG A 66 10.15 -15.03 2.30
CA ARG A 66 10.51 -13.84 1.52
C ARG A 66 9.36 -12.84 1.59
N GLY A 67 9.64 -11.58 1.93
CA GLY A 67 8.68 -10.52 1.72
C GLY A 67 9.23 -9.15 2.01
N ILE A 68 8.28 -8.21 2.14
CA ILE A 68 8.57 -6.82 2.50
C ILE A 68 8.18 -6.55 3.98
N ASP A 69 8.95 -5.67 4.63
CA ASP A 69 8.74 -5.23 6.04
C ASP A 69 7.29 -4.83 6.33
N ILE A 70 6.75 -4.02 5.41
CA ILE A 70 5.40 -3.46 5.47
C ILE A 70 4.34 -4.56 5.70
N VAL A 71 4.44 -5.65 4.95
CA VAL A 71 3.42 -6.73 4.94
C VAL A 71 3.76 -7.86 5.94
N LEU A 72 5.05 -8.07 6.21
CA LEU A 72 5.48 -9.10 7.17
C LEU A 72 5.24 -8.62 8.61
N ASN A 73 5.08 -7.29 8.79
CA ASN A 73 4.67 -6.69 10.07
C ASN A 73 3.15 -6.48 10.12
N HIS A 74 2.61 -5.74 9.12
CA HIS A 74 1.19 -5.28 9.13
C HIS A 74 0.24 -6.34 8.53
N LYS A 75 0.80 -7.52 8.15
CA LYS A 75 0.01 -8.76 7.86
C LYS A 75 -1.02 -8.52 6.71
N LEU A 76 -0.64 -7.69 5.74
CA LEU A 76 -1.51 -7.33 4.60
C LEU A 76 -1.62 -8.50 3.60
N VAL A 77 -2.82 -8.71 3.03
CA VAL A 77 -3.09 -9.83 2.12
C VAL A 77 -2.71 -9.46 0.67
N GLU A 78 -1.92 -10.36 0.05
CA GLU A 78 -1.31 -10.12 -1.27
C GLU A 78 -2.28 -10.24 -2.46
N MET A 79 -2.01 -9.40 -3.46
CA MET A 79 -2.64 -9.38 -4.79
C MET A 79 -1.51 -9.04 -5.78
N ASN A 80 -1.42 -9.76 -6.90
CA ASN A 80 -0.33 -9.56 -7.88
C ASN A 80 -0.77 -8.58 -8.98
N CYS A 81 0.11 -7.65 -9.40
CA CYS A 81 -0.18 -6.74 -10.54
C CYS A 81 -0.25 -7.50 -11.86
N TYR A 82 0.36 -8.69 -11.88
CA TYR A 82 0.36 -9.61 -13.01
C TYR A 82 -1.10 -9.99 -13.41
N GLU A 83 -1.88 -10.46 -12.40
CA GLU A 83 -3.23 -11.04 -12.60
C GLU A 83 -4.35 -10.09 -12.15
N ASP A 84 -4.10 -9.35 -11.06
CA ASP A 84 -5.11 -8.45 -10.43
C ASP A 84 -5.05 -7.01 -10.98
N ALA A 85 -4.43 -6.80 -12.16
CA ALA A 85 -4.38 -5.47 -12.80
C ALA A 85 -5.79 -4.98 -13.18
N SER A 86 -6.61 -5.90 -13.71
CA SER A 86 -8.03 -5.67 -14.07
C SER A 86 -8.89 -5.37 -12.82
N MET A 87 -8.69 -6.19 -11.78
CA MET A 87 -9.39 -6.05 -10.49
C MET A 87 -9.03 -4.69 -9.82
N PHE A 88 -7.75 -4.32 -9.94
CA PHE A 88 -7.20 -3.07 -9.37
C PHE A 88 -7.63 -1.86 -10.19
N LYS A 89 -7.86 -2.04 -11.50
CA LYS A 89 -8.34 -0.97 -12.38
C LYS A 89 -9.79 -0.61 -12.01
N ALA A 90 -10.57 -1.66 -11.68
CA ALA A 90 -11.93 -1.53 -11.15
C ALA A 90 -11.91 -0.78 -9.80
N TYR A 91 -10.94 -1.16 -8.93
CA TYR A 91 -10.70 -0.46 -7.66
C TYR A 91 -10.37 1.02 -7.91
N ILE A 92 -9.47 1.29 -8.89
CA ILE A 92 -9.03 2.66 -9.22
C ILE A 92 -10.20 3.56 -9.64
N LYS A 93 -11.14 3.01 -10.44
CA LYS A 93 -12.32 3.76 -10.90
C LYS A 93 -13.23 4.20 -9.71
N LYS A 94 -13.47 3.24 -8.80
CA LYS A 94 -14.35 3.46 -7.62
C LYS A 94 -13.68 4.36 -6.58
N PHE A 95 -12.40 4.03 -6.29
CA PHE A 95 -11.49 4.80 -5.42
C PHE A 95 -11.38 6.27 -5.89
N MET A 96 -11.25 6.46 -7.21
CA MET A 96 -11.12 7.80 -7.83
C MET A 96 -12.34 8.66 -7.50
N LYS A 97 -13.54 8.10 -7.80
CA LYS A 97 -14.83 8.76 -7.50
C LYS A 97 -14.97 9.02 -5.99
N ASN A 98 -14.50 8.07 -5.18
CA ASN A 98 -14.69 8.08 -3.71
C ASN A 98 -13.83 9.16 -3.01
N VAL A 99 -12.53 9.23 -3.35
CA VAL A 99 -11.58 10.19 -2.74
C VAL A 99 -11.88 11.64 -3.16
N ILE A 100 -12.34 11.83 -4.41
CA ILE A 100 -12.73 13.16 -4.91
C ILE A 100 -14.10 13.58 -4.34
N ASP A 101 -15.00 12.60 -4.16
CA ASP A 101 -16.31 12.81 -3.48
C ASP A 101 -16.08 13.32 -2.05
N HIS A 102 -15.15 12.66 -1.34
CA HIS A 102 -14.76 13.05 0.03
C HIS A 102 -14.15 14.45 0.05
N MET A 103 -13.20 14.70 -0.86
CA MET A 103 -12.49 15.98 -0.99
C MET A 103 -13.47 17.11 -1.34
N GLU A 104 -14.44 16.80 -2.19
CA GLU A 104 -15.42 17.74 -2.72
C GLU A 104 -16.42 18.14 -1.63
N LYS A 105 -16.82 17.17 -0.80
CA LYS A 105 -17.79 17.40 0.29
C LYS A 105 -17.13 18.05 1.52
N ASN A 106 -15.81 17.80 1.73
CA ASN A 106 -15.05 18.36 2.88
C ASN A 106 -14.59 19.80 2.59
N ASN A 107 -14.24 20.06 1.32
CA ASN A 107 -13.62 21.34 0.89
C ASN A 107 -14.66 22.26 0.23
N ARG A 108 -15.42 21.72 -0.74
CA ARG A 108 -16.56 22.40 -1.43
C ARG A 108 -16.14 23.55 -2.36
N ASP A 109 -14.83 23.75 -2.54
CA ASP A 109 -14.29 24.79 -3.45
C ASP A 109 -13.88 24.14 -4.78
N LYS A 110 -14.54 24.57 -5.88
CA LYS A 110 -14.31 24.08 -7.26
C LYS A 110 -12.81 24.12 -7.64
N ALA A 111 -12.15 25.23 -7.32
CA ALA A 111 -10.75 25.49 -7.75
C ALA A 111 -9.74 24.60 -6.99
N ASP A 112 -10.06 24.26 -5.73
CA ASP A 112 -9.15 23.48 -4.86
C ASP A 112 -9.24 21.99 -5.20
N VAL A 113 -10.46 21.48 -5.37
CA VAL A 113 -10.71 20.07 -5.75
C VAL A 113 -10.32 19.83 -7.23
N ASP A 114 -10.32 20.90 -8.05
CA ASP A 114 -9.76 20.89 -9.43
C ASP A 114 -8.28 20.51 -9.40
N ALA A 115 -7.55 21.11 -8.44
CA ALA A 115 -6.12 20.83 -8.25
C ALA A 115 -5.91 19.38 -7.79
N PHE A 116 -6.72 18.95 -6.79
CA PHE A 116 -6.67 17.57 -6.23
C PHE A 116 -6.89 16.52 -7.32
N LYS A 117 -7.94 16.70 -8.14
CA LYS A 117 -8.33 15.73 -9.17
C LYS A 117 -7.28 15.73 -10.30
N LYS A 118 -6.64 16.90 -10.55
CA LYS A 118 -5.51 17.00 -11.48
C LYS A 118 -4.36 16.10 -10.98
N LYS A 119 -4.10 16.19 -9.68
CA LYS A 119 -3.03 15.45 -9.00
C LYS A 119 -3.32 13.93 -9.04
N ILE A 120 -4.56 13.51 -8.71
CA ILE A 120 -4.93 12.07 -8.68
C ILE A 120 -4.88 11.48 -10.10
N GLN A 121 -5.40 12.24 -11.09
CA GLN A 121 -5.35 11.87 -12.52
C GLN A 121 -3.90 11.58 -12.94
N GLY A 122 -3.03 12.58 -12.75
CA GLY A 122 -1.61 12.48 -13.13
C GLY A 122 -0.86 11.36 -12.39
N TRP A 123 -1.19 11.21 -11.10
CA TRP A 123 -0.58 10.20 -10.21
C TRP A 123 -0.93 8.78 -10.69
N VAL A 124 -2.24 8.49 -10.88
CA VAL A 124 -2.71 7.15 -11.28
C VAL A 124 -2.33 6.83 -12.74
N VAL A 125 -2.24 7.85 -13.62
CA VAL A 125 -1.80 7.64 -15.03
C VAL A 125 -0.33 7.21 -15.07
N SER A 126 0.50 7.84 -14.23
CA SER A 126 1.91 7.44 -14.06
C SER A 126 1.99 6.04 -13.41
N LEU A 127 1.15 5.83 -12.40
CA LEU A 127 1.19 4.65 -11.49
C LEU A 127 0.68 3.36 -12.20
N LEU A 128 -0.25 3.52 -13.15
CA LEU A 128 -0.86 2.39 -13.89
C LEU A 128 -0.02 1.96 -15.11
N ALA A 129 1.15 2.62 -15.31
CA ALA A 129 2.11 2.25 -16.38
C ALA A 129 2.74 0.86 -16.11
N LYS A 130 3.13 0.15 -17.18
CA LYS A 130 3.65 -1.22 -17.07
C LYS A 130 5.18 -1.32 -16.97
N ASP A 131 5.93 -0.35 -17.55
CA ASP A 131 7.39 -0.53 -17.77
C ASP A 131 8.22 -0.61 -16.46
N ARG A 132 7.97 0.32 -15.52
CA ARG A 132 8.65 0.35 -14.20
C ARG A 132 7.66 0.02 -13.07
N PHE A 133 6.40 0.42 -13.25
CA PHE A 133 5.33 0.22 -12.25
C PHE A 133 4.79 -1.21 -12.25
N LYS A 134 5.32 -2.07 -13.14
CA LYS A 134 5.20 -3.55 -12.99
C LYS A 134 5.76 -4.02 -11.63
N ASN A 135 6.62 -3.18 -11.01
CA ASN A 135 7.23 -3.41 -9.68
C ASN A 135 6.27 -3.01 -8.56
N LEU A 136 4.97 -2.86 -8.90
CA LEU A 136 3.89 -2.68 -7.90
C LEU A 136 3.35 -4.05 -7.49
N ALA A 137 2.92 -4.13 -6.24
CA ALA A 137 2.25 -5.31 -5.69
C ALA A 137 1.10 -4.79 -4.82
N PHE A 138 -0.11 -5.27 -5.07
CA PHE A 138 -1.32 -4.73 -4.45
C PHE A 138 -1.62 -5.49 -3.16
N PHE A 139 -1.94 -4.76 -2.09
CA PHE A 139 -2.25 -5.35 -0.78
C PHE A 139 -3.46 -4.63 -0.19
N ILE A 140 -4.24 -5.34 0.64
CA ILE A 140 -5.29 -4.72 1.47
C ILE A 140 -5.22 -5.33 2.88
N GLY A 141 -5.97 -4.76 3.83
CA GLY A 141 -6.04 -5.30 5.19
C GLY A 141 -6.91 -6.53 5.27
N GLU A 142 -6.62 -7.38 6.27
CA GLU A 142 -7.38 -8.61 6.56
C GLU A 142 -8.90 -8.36 6.70
N ARG A 143 -9.27 -7.26 7.42
CA ARG A 143 -10.68 -6.92 7.72
C ARG A 143 -11.44 -6.58 6.44
N ALA A 144 -10.73 -5.89 5.50
CA ALA A 144 -11.25 -5.59 4.15
C ALA A 144 -11.56 -6.92 3.43
N ALA A 145 -10.51 -7.76 3.30
CA ALA A 145 -10.59 -9.07 2.60
C ALA A 145 -11.54 -10.07 3.28
N GLU A 146 -11.88 -9.80 4.56
CA GLU A 146 -12.74 -10.68 5.38
C GLU A 146 -14.22 -10.50 5.00
N GLY A 147 -14.63 -9.24 4.78
CA GLY A 147 -16.05 -8.92 4.52
C GLY A 147 -16.30 -7.45 4.20
N ALA A 148 -15.42 -6.57 4.71
CA ALA A 148 -15.51 -5.11 4.45
C ALA A 148 -15.10 -4.77 3.00
N GLU A 149 -15.21 -3.48 2.62
CA GLU A 149 -14.78 -3.02 1.28
C GLU A 149 -13.38 -2.39 1.34
N ASN A 150 -12.96 -1.79 0.22
CA ASN A 150 -11.53 -1.48 -0.05
C ASN A 150 -11.04 -0.22 0.69
N GLY A 151 -11.79 0.89 0.58
CA GLY A 151 -11.21 2.21 0.79
C GLY A 151 -10.10 2.49 -0.21
N GLN A 152 -8.85 2.30 0.22
CA GLN A 152 -7.69 2.31 -0.66
C GLN A 152 -6.94 0.97 -0.58
N VAL A 153 -6.40 0.53 -1.73
CA VAL A 153 -5.42 -0.57 -1.80
C VAL A 153 -4.06 -0.03 -1.33
N ALA A 154 -3.40 -0.78 -0.46
CA ALA A 154 -2.02 -0.51 -0.07
C ALA A 154 -1.11 -0.74 -1.29
N ILE A 155 -0.75 0.34 -2.02
CA ILE A 155 -0.05 0.24 -3.31
C ILE A 155 1.45 0.15 -3.04
N ILE A 156 2.01 -1.06 -3.11
CA ILE A 156 3.41 -1.31 -2.76
C ILE A 156 4.26 -1.17 -4.02
N GLU A 157 5.44 -0.58 -3.88
CA GLU A 157 6.45 -0.56 -4.94
C GLU A 157 7.78 -1.00 -4.34
N TYR A 158 8.21 -2.24 -4.63
CA TYR A 158 9.49 -2.74 -4.10
C TYR A 158 10.63 -2.04 -4.88
N ARG A 159 11.04 -0.89 -4.33
CA ARG A 159 11.88 0.13 -5.00
C ARG A 159 13.36 -0.15 -4.65
N ASP A 160 14.32 0.58 -5.26
CA ASP A 160 15.75 0.45 -4.95
C ASP A 160 16.33 1.82 -4.50
N VAL A 161 17.20 1.80 -3.47
CA VAL A 161 18.02 2.95 -3.05
C VAL A 161 19.49 2.49 -2.88
N ASP A 162 20.34 2.82 -3.87
CA ASP A 162 21.81 2.58 -3.84
C ASP A 162 22.16 1.05 -3.75
N GLY A 163 21.24 0.19 -4.22
CA GLY A 163 21.44 -1.26 -4.22
C GLY A 163 20.56 -1.99 -3.20
N THR A 164 19.96 -1.23 -2.27
CA THR A 164 19.08 -1.78 -1.21
C THR A 164 17.61 -1.72 -1.66
N GLU A 165 16.92 -2.88 -1.69
CA GLU A 165 15.48 -2.91 -2.02
C GLU A 165 14.66 -2.37 -0.84
N VAL A 166 13.97 -1.25 -1.10
CA VAL A 166 13.10 -0.57 -0.13
C VAL A 166 11.67 -0.42 -0.71
N PRO A 167 10.75 -1.39 -0.43
CA PRO A 167 9.29 -1.24 -0.66
C PRO A 167 8.72 0.03 -0.04
N THR A 168 8.13 0.86 -0.90
CA THR A 168 7.50 2.11 -0.52
C THR A 168 5.98 1.94 -0.64
N LEU A 169 5.27 2.06 0.49
CA LEU A 169 3.81 2.00 0.51
C LEU A 169 3.24 3.35 0.06
N MET A 170 2.50 3.32 -1.05
CA MET A 170 1.94 4.50 -1.69
C MET A 170 0.46 4.58 -1.30
N LEU A 171 0.07 5.69 -0.65
CA LEU A 171 -1.30 5.93 -0.12
C LEU A 171 -1.66 7.41 -0.29
N VAL A 172 -2.94 7.74 -0.59
CA VAL A 172 -3.37 9.14 -0.72
C VAL A 172 -3.87 9.67 0.64
N LYS A 173 -3.48 10.91 0.94
CA LYS A 173 -3.77 11.61 2.22
C LYS A 173 -5.28 11.87 2.41
N GLU A 174 -6.01 11.98 1.29
CA GLU A 174 -7.46 12.29 1.30
C GLU A 174 -8.32 11.03 1.47
N ALA A 175 -7.68 9.86 1.56
CA ALA A 175 -8.34 8.58 1.91
C ALA A 175 -7.73 7.99 3.18
N ILE A 176 -6.50 8.44 3.55
CA ILE A 176 -5.72 7.85 4.66
C ILE A 176 -5.10 8.97 5.52
N ILE A 177 -5.12 8.76 6.85
CA ILE A 177 -4.75 9.76 7.86
C ILE A 177 -3.98 9.04 9.00
N GLU A 178 -2.92 9.68 9.52
CA GLU A 178 -2.21 9.20 10.72
C GLU A 178 -2.98 9.61 11.99
N GLU A 179 -2.98 8.73 12.98
CA GLU A 179 -3.62 8.95 14.28
C GLU A 179 -2.53 9.33 15.29
N LYS A 180 -2.53 10.60 15.71
CA LYS A 180 -1.54 11.15 16.64
C LYS A 180 -1.77 10.56 18.04
N CYS A 181 -0.98 9.52 18.36
CA CYS A 181 -0.95 8.89 19.69
C CYS A 181 0.37 9.28 20.38
N LEU A 182 0.35 10.37 21.14
CA LEU A 182 1.55 10.89 21.82
C LEU A 182 1.16 11.64 23.10
N GLU A 183 2.19 12.04 23.86
CA GLU A 183 2.04 12.80 25.11
C GLU A 183 3.27 13.71 25.27
N MET A 1 5.40 7.98 18.89
CA MET A 1 4.97 6.96 17.91
C MET A 1 3.93 7.55 16.94
N LEU A 2 3.52 6.75 15.95
CA LEU A 2 2.47 7.11 14.99
C LEU A 2 1.29 6.13 15.11
N ILE A 3 0.12 6.57 14.61
CA ILE A 3 -1.07 5.71 14.45
C ILE A 3 -1.53 5.86 13.00
N TYR A 4 -1.51 4.75 12.28
CA TYR A 4 -1.76 4.73 10.83
C TYR A 4 -3.21 4.25 10.60
N LYS A 5 -4.04 5.15 10.08
CA LYS A 5 -5.51 4.99 10.03
C LYS A 5 -6.01 5.15 8.60
N ASP A 6 -6.61 4.10 8.02
CA ASP A 6 -7.17 4.14 6.66
C ASP A 6 -8.70 4.18 6.78
N ILE A 7 -9.38 5.05 6.02
CA ILE A 7 -10.83 5.30 6.22
C ILE A 7 -11.72 4.05 5.90
N PHE A 8 -11.11 2.98 5.37
CA PHE A 8 -11.82 1.76 4.95
C PHE A 8 -11.51 0.64 5.96
N THR A 9 -10.21 0.50 6.29
CA THR A 9 -9.66 -0.59 7.12
C THR A 9 -9.14 -0.07 8.50
N ASP A 10 -9.60 1.14 8.90
CA ASP A 10 -9.17 1.89 10.13
C ASP A 10 -9.13 1.03 11.39
N ASP A 11 -10.17 0.20 11.52
CA ASP A 11 -10.42 -0.60 12.74
C ASP A 11 -9.23 -1.49 13.11
N GLU A 12 -8.59 -2.08 12.09
CA GLU A 12 -7.54 -3.10 12.27
C GLU A 12 -6.20 -2.65 11.66
N LEU A 13 -6.08 -1.37 11.29
CA LEU A 13 -5.01 -0.89 10.38
C LEU A 13 -3.57 -0.99 11.03
N SER A 14 -3.05 0.11 11.62
CA SER A 14 -1.67 0.13 12.17
C SER A 14 -1.50 1.24 13.24
N SER A 15 -0.28 1.30 13.82
CA SER A 15 0.08 2.10 15.01
C SER A 15 1.42 1.60 15.59
N ASP A 16 2.51 2.35 15.36
CA ASP A 16 3.86 2.00 15.84
C ASP A 16 4.83 3.16 15.59
N SER A 17 5.98 3.16 16.31
CA SER A 17 7.09 4.09 16.07
C SER A 17 7.80 3.79 14.73
N PHE A 18 7.23 4.31 13.63
CA PHE A 18 7.80 4.21 12.27
C PHE A 18 7.94 5.61 11.62
N PRO A 19 8.81 5.80 10.58
CA PRO A 19 8.96 7.10 9.91
C PRO A 19 7.88 7.34 8.82
N MET A 20 7.09 8.43 8.97
CA MET A 20 6.12 8.86 7.97
C MET A 20 6.77 9.80 6.94
N LYS A 21 6.17 9.90 5.75
CA LYS A 21 6.57 10.88 4.74
C LYS A 21 5.35 11.24 3.87
N LEU A 22 5.26 12.49 3.42
CA LEU A 22 4.24 12.95 2.47
C LEU A 22 4.92 13.24 1.12
N VAL A 23 4.41 12.62 0.04
CA VAL A 23 4.99 12.74 -1.31
C VAL A 23 4.05 13.56 -2.23
N ASP A 24 4.64 14.57 -2.90
CA ASP A 24 3.97 15.43 -3.92
C ASP A 24 2.69 16.14 -3.40
N ASP A 25 2.59 16.33 -2.06
CA ASP A 25 1.44 17.03 -1.41
C ASP A 25 0.07 16.38 -1.79
N LEU A 26 0.10 15.09 -2.13
CA LEU A 26 -1.07 14.40 -2.72
C LEU A 26 -1.28 13.05 -2.06
N VAL A 27 -0.19 12.28 -2.02
CA VAL A 27 -0.17 10.91 -1.56
C VAL A 27 0.79 10.82 -0.36
N TYR A 28 0.50 9.91 0.54
CA TYR A 28 1.39 9.53 1.64
C TYR A 28 2.35 8.44 1.13
N GLU A 29 3.63 8.54 1.53
CA GLU A 29 4.67 7.56 1.20
C GLU A 29 5.31 7.02 2.49
N PHE A 30 5.40 5.69 2.63
CA PHE A 30 6.03 5.05 3.80
C PHE A 30 7.28 4.30 3.35
N LYS A 31 8.42 4.61 3.98
CA LYS A 31 9.69 3.92 3.73
C LYS A 31 9.72 2.64 4.59
N GLY A 32 9.35 1.53 3.97
CA GLY A 32 9.41 0.22 4.60
C GLY A 32 10.76 -0.46 4.44
N LYS A 33 10.91 -1.63 5.06
CA LYS A 33 12.15 -2.43 4.97
C LYS A 33 11.80 -3.85 4.48
N HIS A 34 12.80 -4.54 3.93
CA HIS A 34 12.65 -5.94 3.49
C HIS A 34 13.03 -6.87 4.66
N VAL A 35 12.07 -7.68 5.12
CA VAL A 35 12.26 -8.59 6.28
C VAL A 35 11.49 -9.89 6.05
N VAL A 36 11.97 -10.97 6.69
CA VAL A 36 11.31 -12.28 6.64
C VAL A 36 11.16 -12.77 8.08
N ARG A 37 9.94 -13.15 8.46
CA ARG A 37 9.66 -13.67 9.80
C ARG A 37 9.47 -15.16 9.65
N LYS A 38 10.43 -15.95 10.13
CA LYS A 38 10.43 -17.40 9.97
C LYS A 38 10.08 -18.04 11.32
N GLU A 39 8.80 -18.38 11.48
CA GLU A 39 8.22 -19.03 12.68
C GLU A 39 8.71 -18.35 14.00
N GLY A 40 8.41 -17.06 14.11
CA GLY A 40 8.74 -16.24 15.28
C GLY A 40 10.15 -15.63 15.23
N GLU A 41 11.08 -16.36 14.60
CA GLU A 41 12.49 -15.97 14.48
C GLU A 41 12.72 -15.22 13.16
N ILE A 42 13.12 -13.94 13.24
CA ILE A 42 13.52 -13.17 12.05
C ILE A 42 14.99 -13.53 11.70
N VAL A 43 15.18 -14.14 10.52
CA VAL A 43 16.50 -14.51 9.97
C VAL A 43 16.49 -14.27 8.45
N LEU A 44 16.88 -13.04 8.05
CA LEU A 44 16.88 -12.60 6.63
C LEU A 44 18.29 -12.64 6.04
N ALA A 45 18.36 -12.40 4.72
CA ALA A 45 19.61 -12.27 3.96
C ALA A 45 19.33 -11.49 2.67
N GLY A 46 18.20 -11.83 2.02
CA GLY A 46 17.69 -11.09 0.87
C GLY A 46 16.83 -11.96 -0.03
N SER A 47 15.67 -11.46 -0.47
CA SER A 47 14.77 -12.20 -1.37
C SER A 47 15.26 -12.07 -2.83
N ASN A 48 16.23 -12.92 -3.20
CA ASN A 48 16.75 -13.04 -4.58
C ASN A 48 15.61 -13.35 -5.60
N PRO A 49 14.71 -14.37 -5.35
CA PRO A 49 13.52 -14.57 -6.21
C PRO A 49 12.47 -13.47 -5.98
N SER A 50 11.71 -13.12 -7.03
CA SER A 50 10.55 -12.23 -6.92
C SER A 50 9.35 -12.99 -6.32
N ALA A 51 8.28 -12.27 -5.99
CA ALA A 51 7.06 -12.87 -5.44
C ALA A 51 6.32 -13.67 -6.55
N GLU A 52 6.72 -14.93 -6.72
CA GLU A 52 6.16 -15.85 -7.73
C GLU A 52 4.82 -16.40 -7.24
N GLU A 53 3.75 -15.64 -7.52
CA GLU A 53 2.39 -15.96 -7.07
C GLU A 53 1.65 -16.73 -8.17
N GLY A 54 2.08 -17.98 -8.38
CA GLY A 54 1.52 -18.85 -9.43
C GLY A 54 1.12 -20.22 -8.90
N ALA A 55 1.10 -20.36 -7.56
CA ALA A 55 0.64 -21.60 -6.91
C ALA A 55 -0.88 -21.52 -6.71
N GLU A 56 -1.62 -22.10 -7.68
CA GLU A 56 -3.10 -22.10 -7.69
C GLU A 56 -3.66 -23.18 -6.75
N ASP A 57 -2.97 -24.32 -6.71
CA ASP A 57 -3.40 -25.52 -5.97
C ASP A 57 -3.10 -25.39 -4.47
N ASP A 58 -2.12 -24.54 -4.13
CA ASP A 58 -1.68 -24.31 -2.73
C ASP A 58 -1.48 -22.80 -2.49
N GLY A 59 -2.12 -22.28 -1.46
CA GLY A 59 -1.97 -20.88 -1.04
C GLY A 59 -2.24 -20.71 0.43
N SER A 60 -1.79 -21.70 1.22
CA SER A 60 -1.93 -21.68 2.68
C SER A 60 -0.84 -20.81 3.30
N ASP A 61 -1.22 -20.01 4.30
CA ASP A 61 -0.31 -19.06 4.95
C ASP A 61 0.29 -19.71 6.20
N GLU A 62 1.50 -20.25 6.05
CA GLU A 62 2.33 -20.69 7.19
C GLU A 62 2.95 -19.45 7.87
N HIS A 63 3.76 -19.70 8.91
CA HIS A 63 4.53 -18.62 9.57
C HIS A 63 5.82 -18.29 8.77
N VAL A 64 5.87 -18.74 7.49
CA VAL A 64 6.85 -18.27 6.50
C VAL A 64 6.39 -16.90 5.99
N GLU A 65 6.66 -15.87 6.78
CA GLU A 65 6.26 -14.50 6.48
C GLU A 65 7.41 -13.78 5.75
N ARG A 66 7.76 -14.29 4.58
CA ARG A 66 8.71 -13.66 3.67
C ARG A 66 8.03 -12.47 2.98
N GLY A 67 8.68 -11.28 3.04
CA GLY A 67 8.23 -10.13 2.28
C GLY A 67 8.78 -8.84 2.81
N ILE A 68 7.90 -7.85 2.92
CA ILE A 68 8.22 -6.52 3.47
C ILE A 68 7.50 -6.30 4.82
N ASP A 69 8.11 -5.46 5.67
CA ASP A 69 7.63 -5.16 7.04
C ASP A 69 6.23 -4.53 7.05
N ILE A 70 5.95 -3.71 6.02
CA ILE A 70 4.68 -2.98 5.84
C ILE A 70 3.48 -3.97 5.88
N VAL A 71 3.65 -5.07 5.14
CA VAL A 71 2.66 -6.12 4.96
C VAL A 71 2.55 -7.02 6.20
N LEU A 72 3.71 -7.42 6.76
CA LEU A 72 3.77 -8.35 7.89
C LEU A 72 3.16 -7.74 9.16
N ASN A 73 3.29 -6.41 9.29
CA ASN A 73 2.79 -5.62 10.44
C ASN A 73 1.26 -5.77 10.59
N HIS A 74 0.53 -5.52 9.49
CA HIS A 74 -0.96 -5.61 9.48
C HIS A 74 -1.45 -7.02 9.13
N LYS A 75 -0.58 -7.79 8.45
CA LYS A 75 -0.95 -9.05 7.79
C LYS A 75 -1.86 -8.76 6.57
N LEU A 76 -1.23 -8.16 5.53
CA LEU A 76 -1.86 -7.92 4.22
C LEU A 76 -1.72 -9.17 3.34
N VAL A 77 -2.66 -9.36 2.44
CA VAL A 77 -2.57 -10.38 1.38
C VAL A 77 -1.91 -9.78 0.14
N GLU A 78 -1.01 -10.57 -0.46
CA GLU A 78 -0.48 -10.28 -1.80
C GLU A 78 -1.63 -10.25 -2.81
N MET A 79 -1.55 -9.29 -3.72
CA MET A 79 -2.50 -9.12 -4.80
C MET A 79 -1.64 -8.91 -6.07
N ASN A 80 -1.58 -10.00 -6.83
CA ASN A 80 -0.71 -10.17 -7.97
C ASN A 80 -1.05 -9.18 -9.08
N CYS A 81 -0.10 -8.26 -9.35
CA CYS A 81 -0.22 -7.22 -10.38
C CYS A 81 -0.43 -7.84 -11.78
N TYR A 82 0.20 -9.01 -11.97
CA TYR A 82 0.16 -9.78 -13.23
C TYR A 82 -1.26 -10.33 -13.49
N GLU A 83 -2.01 -10.61 -12.40
CA GLU A 83 -3.31 -11.30 -12.44
C GLU A 83 -4.50 -10.33 -12.23
N ASP A 84 -4.27 -9.30 -11.40
CA ASP A 84 -5.37 -8.49 -10.79
C ASP A 84 -5.35 -7.03 -11.29
N ALA A 85 -4.70 -6.77 -12.42
CA ALA A 85 -4.61 -5.41 -13.01
C ALA A 85 -6.02 -4.81 -13.31
N SER A 86 -6.97 -5.67 -13.72
CA SER A 86 -8.35 -5.27 -14.06
C SER A 86 -9.16 -4.90 -12.79
N MET A 87 -9.03 -5.75 -11.74
CA MET A 87 -9.71 -5.51 -10.45
C MET A 87 -9.06 -4.31 -9.71
N PHE A 88 -7.74 -4.10 -9.95
CA PHE A 88 -7.01 -2.93 -9.43
C PHE A 88 -7.52 -1.64 -10.10
N LYS A 89 -7.94 -1.75 -11.38
CA LYS A 89 -8.61 -0.64 -12.10
C LYS A 89 -9.95 -0.31 -11.43
N ALA A 90 -10.65 -1.36 -10.96
CA ALA A 90 -11.90 -1.22 -10.20
C ALA A 90 -11.66 -0.53 -8.84
N TYR A 91 -10.50 -0.82 -8.21
CA TYR A 91 -10.06 -0.12 -6.98
C TYR A 91 -9.66 1.33 -7.25
N ILE A 92 -9.07 1.61 -8.43
CA ILE A 92 -8.75 2.98 -8.88
C ILE A 92 -10.04 3.78 -9.13
N LYS A 93 -11.08 3.11 -9.63
CA LYS A 93 -12.43 3.67 -9.76
C LYS A 93 -12.97 4.13 -8.39
N LYS A 94 -12.82 3.27 -7.37
CA LYS A 94 -13.25 3.57 -5.98
C LYS A 94 -12.37 4.68 -5.37
N PHE A 95 -11.05 4.54 -5.57
CA PHE A 95 -9.98 5.48 -5.17
C PHE A 95 -10.34 6.92 -5.58
N MET A 96 -10.41 7.16 -6.90
CA MET A 96 -10.61 8.50 -7.48
C MET A 96 -11.98 9.09 -7.08
N LYS A 97 -13.03 8.25 -7.14
CA LYS A 97 -14.40 8.65 -6.78
C LYS A 97 -14.46 9.14 -5.32
N ASN A 98 -13.88 8.33 -4.43
CA ASN A 98 -13.97 8.50 -2.98
C ASN A 98 -13.17 9.73 -2.51
N VAL A 99 -11.96 9.90 -3.04
CA VAL A 99 -11.04 10.98 -2.62
C VAL A 99 -11.53 12.37 -3.06
N ILE A 100 -12.09 12.47 -4.28
CA ILE A 100 -12.64 13.74 -4.80
C ILE A 100 -13.93 14.09 -4.05
N ASP A 101 -14.78 13.05 -3.85
CA ASP A 101 -16.01 13.14 -3.03
C ASP A 101 -15.67 13.62 -1.61
N HIS A 102 -14.56 13.08 -1.06
CA HIS A 102 -14.04 13.43 0.28
C HIS A 102 -13.75 14.93 0.36
N MET A 103 -13.05 15.43 -0.68
CA MET A 103 -12.72 16.85 -0.81
C MET A 103 -14.00 17.71 -0.94
N GLU A 104 -15.01 17.16 -1.64
CA GLU A 104 -16.31 17.82 -1.84
C GLU A 104 -17.14 17.87 -0.53
N LYS A 105 -16.86 16.93 0.39
CA LYS A 105 -17.53 16.88 1.71
C LYS A 105 -16.86 17.87 2.69
N ASN A 106 -15.53 17.80 2.78
CA ASN A 106 -14.74 18.55 3.78
C ASN A 106 -14.42 19.99 3.35
N ASN A 107 -14.62 20.31 2.05
CA ASN A 107 -14.24 21.64 1.50
C ASN A 107 -15.29 22.15 0.50
N ARG A 108 -15.54 21.38 -0.56
CA ARG A 108 -16.57 21.66 -1.60
C ARG A 108 -16.20 22.89 -2.48
N ASP A 109 -14.93 23.31 -2.44
CA ASP A 109 -14.44 24.40 -3.30
C ASP A 109 -14.15 23.83 -4.69
N LYS A 110 -14.91 24.27 -5.71
CA LYS A 110 -14.89 23.70 -7.08
C LYS A 110 -13.50 23.74 -7.70
N ALA A 111 -12.80 24.87 -7.53
CA ALA A 111 -11.44 25.06 -8.08
C ALA A 111 -10.44 24.13 -7.40
N ASP A 112 -10.59 23.94 -6.08
CA ASP A 112 -9.64 23.19 -5.25
C ASP A 112 -9.79 21.67 -5.48
N VAL A 113 -11.05 21.22 -5.55
CA VAL A 113 -11.38 19.80 -5.78
C VAL A 113 -11.09 19.40 -7.23
N ASP A 114 -11.18 20.39 -8.16
CA ASP A 114 -10.77 20.21 -9.57
C ASP A 114 -9.26 20.04 -9.66
N ALA A 115 -8.52 20.88 -8.91
CA ALA A 115 -7.05 20.86 -8.89
C ALA A 115 -6.55 19.54 -8.30
N PHE A 116 -7.21 19.10 -7.22
CA PHE A 116 -6.95 17.80 -6.58
C PHE A 116 -7.26 16.64 -7.56
N LYS A 117 -8.39 16.76 -8.28
CA LYS A 117 -8.86 15.76 -9.26
C LYS A 117 -7.82 15.59 -10.38
N LYS A 118 -7.21 16.71 -10.79
CA LYS A 118 -6.17 16.73 -11.84
C LYS A 118 -4.86 16.12 -11.33
N LYS A 119 -4.53 16.38 -10.03
CA LYS A 119 -3.34 15.81 -9.37
C LYS A 119 -3.46 14.28 -9.29
N ILE A 120 -4.67 13.82 -8.88
CA ILE A 120 -4.99 12.39 -8.79
C ILE A 120 -4.97 11.75 -10.19
N GLN A 121 -5.56 12.44 -11.18
CA GLN A 121 -5.62 12.00 -12.58
C GLN A 121 -4.21 11.75 -13.13
N GLY A 122 -3.33 12.75 -12.95
CA GLY A 122 -1.94 12.67 -13.40
C GLY A 122 -1.15 11.59 -12.69
N TRP A 123 -1.34 11.48 -11.37
CA TRP A 123 -0.63 10.49 -10.53
C TRP A 123 -1.01 9.08 -10.97
N VAL A 124 -2.33 8.83 -11.09
CA VAL A 124 -2.84 7.49 -11.40
C VAL A 124 -2.44 7.06 -12.80
N VAL A 125 -2.64 7.89 -13.84
CA VAL A 125 -2.35 7.49 -15.24
C VAL A 125 -0.83 7.22 -15.45
N SER A 126 0.03 7.95 -14.71
CA SER A 126 1.49 7.68 -14.71
C SER A 126 1.80 6.37 -13.95
N LEU A 127 1.04 6.14 -12.86
CA LEU A 127 1.18 4.96 -11.98
C LEU A 127 0.55 3.70 -12.63
N LEU A 128 -0.44 3.92 -13.51
CA LEU A 128 -1.20 2.85 -14.18
C LEU A 128 -0.48 2.37 -15.45
N ALA A 129 0.72 2.94 -15.71
CA ALA A 129 1.63 2.48 -16.75
C ALA A 129 2.30 1.17 -16.28
N LYS A 130 2.61 0.28 -17.23
CA LYS A 130 3.28 -1.00 -16.94
C LYS A 130 4.75 -0.78 -16.50
N ASP A 131 5.26 0.45 -16.72
CA ASP A 131 6.55 0.91 -16.16
C ASP A 131 6.52 0.81 -14.62
N ARG A 132 5.41 1.29 -14.05
CA ARG A 132 5.16 1.26 -12.59
C ARG A 132 4.73 -0.14 -12.17
N PHE A 133 3.75 -0.73 -12.90
CA PHE A 133 3.22 -2.10 -12.61
C PHE A 133 4.30 -3.18 -12.61
N LYS A 134 5.39 -2.92 -13.37
CA LYS A 134 6.58 -3.77 -13.39
C LYS A 134 7.24 -3.84 -11.98
N ASN A 135 7.18 -2.71 -11.26
CA ASN A 135 7.79 -2.53 -9.91
C ASN A 135 6.71 -2.55 -8.81
N LEU A 136 5.42 -2.56 -9.20
CA LEU A 136 4.29 -2.54 -8.24
C LEU A 136 3.89 -3.96 -7.83
N ALA A 137 3.61 -4.07 -6.54
CA ALA A 137 3.02 -5.24 -5.91
C ALA A 137 1.83 -4.73 -5.09
N PHE A 138 0.64 -5.27 -5.33
CA PHE A 138 -0.58 -4.75 -4.69
C PHE A 138 -0.87 -5.56 -3.45
N PHE A 139 -1.31 -4.90 -2.38
CA PHE A 139 -1.65 -5.56 -1.11
C PHE A 139 -2.93 -4.93 -0.55
N ILE A 140 -3.81 -5.79 -0.03
CA ILE A 140 -5.05 -5.34 0.67
C ILE A 140 -5.24 -6.20 1.90
N GLY A 141 -6.27 -5.89 2.71
CA GLY A 141 -6.59 -6.66 3.90
C GLY A 141 -6.96 -8.09 3.53
N GLU A 142 -6.20 -9.09 4.05
CA GLU A 142 -6.44 -10.52 3.79
C GLU A 142 -7.87 -11.00 4.19
N ARG A 143 -8.54 -10.21 5.04
CA ARG A 143 -9.95 -10.43 5.42
C ARG A 143 -10.86 -10.17 4.20
N ALA A 144 -10.53 -9.11 3.44
CA ALA A 144 -11.25 -8.69 2.21
C ALA A 144 -10.83 -9.53 0.99
N ALA A 145 -9.81 -10.40 1.15
CA ALA A 145 -9.32 -11.31 0.09
C ALA A 145 -10.33 -12.44 -0.23
N GLU A 146 -11.50 -12.42 0.45
CA GLU A 146 -12.62 -13.32 0.17
C GLU A 146 -13.30 -12.94 -1.16
N GLY A 147 -13.16 -11.65 -1.56
CA GLY A 147 -13.74 -11.15 -2.81
C GLY A 147 -13.06 -9.87 -3.28
N ALA A 148 -13.17 -8.79 -2.48
CA ALA A 148 -12.69 -7.46 -2.86
C ALA A 148 -12.59 -6.54 -1.63
N GLU A 149 -11.58 -5.66 -1.63
CA GLU A 149 -11.39 -4.66 -0.58
C GLU A 149 -12.48 -3.57 -0.65
N ASN A 150 -12.82 -3.14 -1.89
CA ASN A 150 -13.77 -2.02 -2.14
C ASN A 150 -13.28 -0.72 -1.49
N GLY A 151 -11.98 -0.46 -1.66
CA GLY A 151 -11.31 0.71 -1.08
C GLY A 151 -10.06 1.06 -1.87
N GLN A 152 -9.05 1.66 -1.21
CA GLN A 152 -7.75 1.92 -1.83
C GLN A 152 -6.78 0.79 -1.46
N VAL A 153 -5.97 0.37 -2.43
CA VAL A 153 -4.99 -0.71 -2.28
C VAL A 153 -3.67 -0.15 -1.73
N ALA A 154 -3.01 -0.91 -0.85
CA ALA A 154 -1.64 -0.65 -0.42
C ALA A 154 -0.70 -0.77 -1.64
N ILE A 155 -0.37 0.37 -2.26
CA ILE A 155 0.40 0.41 -3.51
C ILE A 155 1.88 0.35 -3.15
N ILE A 156 2.49 -0.82 -3.30
CA ILE A 156 3.86 -1.09 -2.87
C ILE A 156 4.78 -1.05 -4.07
N GLU A 157 5.69 -0.07 -4.10
CA GLU A 157 6.72 0.02 -5.12
C GLU A 157 8.08 -0.22 -4.45
N TYR A 158 8.63 -1.42 -4.66
CA TYR A 158 9.86 -1.87 -3.99
C TYR A 158 11.07 -1.30 -4.76
N ARG A 159 11.58 -0.16 -4.31
CA ARG A 159 12.60 0.61 -5.04
C ARG A 159 14.00 0.14 -4.61
N ASP A 160 15.02 0.31 -5.47
CA ASP A 160 16.41 0.00 -5.12
C ASP A 160 17.19 1.30 -4.85
N VAL A 161 17.80 1.39 -3.66
CA VAL A 161 18.71 2.49 -3.28
C VAL A 161 20.01 1.87 -2.72
N ASP A 162 21.14 2.11 -3.43
CA ASP A 162 22.50 1.65 -3.01
C ASP A 162 22.60 0.09 -2.95
N GLY A 163 21.61 -0.61 -3.55
CA GLY A 163 21.53 -2.08 -3.49
C GLY A 163 20.62 -2.57 -2.37
N THR A 164 19.65 -1.73 -1.96
CA THR A 164 18.74 -2.03 -0.84
C THR A 164 17.27 -1.99 -1.33
N GLU A 165 16.50 -3.05 -0.98
CA GLU A 165 15.07 -3.17 -1.34
C GLU A 165 14.25 -2.33 -0.33
N VAL A 166 13.87 -1.11 -0.72
CA VAL A 166 13.07 -0.20 0.10
C VAL A 166 11.63 -0.08 -0.49
N PRO A 167 10.65 -0.87 0.02
CA PRO A 167 9.24 -0.78 -0.42
C PRO A 167 8.60 0.54 0.02
N THR A 168 7.97 1.25 -0.92
CA THR A 168 7.32 2.52 -0.64
C THR A 168 5.80 2.34 -0.74
N LEU A 169 5.14 2.42 0.43
CA LEU A 169 3.70 2.32 0.53
C LEU A 169 3.07 3.66 0.13
N MET A 170 2.36 3.66 -0.99
CA MET A 170 1.61 4.81 -1.46
C MET A 170 0.13 4.59 -1.11
N LEU A 171 -0.43 5.54 -0.35
CA LEU A 171 -1.85 5.64 -0.02
C LEU A 171 -2.21 7.13 -0.05
N VAL A 172 -3.29 7.49 -0.74
CA VAL A 172 -3.68 8.90 -0.96
C VAL A 172 -4.15 9.54 0.37
N LYS A 173 -3.71 10.80 0.61
CA LYS A 173 -3.92 11.51 1.89
C LYS A 173 -5.42 11.67 2.23
N GLU A 174 -6.25 11.88 1.19
CA GLU A 174 -7.72 12.03 1.35
C GLU A 174 -8.43 10.71 1.74
N ALA A 175 -7.69 9.59 1.77
CA ALA A 175 -8.21 8.28 2.22
C ALA A 175 -7.33 7.67 3.33
N ILE A 176 -6.17 8.31 3.64
CA ILE A 176 -5.25 7.84 4.71
C ILE A 176 -4.99 8.97 5.72
N ILE A 177 -4.89 8.61 6.99
CA ILE A 177 -4.72 9.55 8.10
C ILE A 177 -3.55 9.05 8.96
N GLU A 178 -2.44 9.78 8.93
CA GLU A 178 -1.28 9.49 9.77
C GLU A 178 -1.35 10.38 11.01
N GLU A 179 -1.26 9.78 12.20
CA GLU A 179 -1.46 10.47 13.48
C GLU A 179 -0.17 10.50 14.32
N LYS A 180 0.37 11.72 14.52
CA LYS A 180 1.59 11.94 15.30
C LYS A 180 1.25 11.99 16.80
N CYS A 181 1.42 10.85 17.48
CA CYS A 181 1.19 10.72 18.93
C CYS A 181 2.54 10.57 19.65
N LEU A 182 3.13 11.72 20.00
CA LEU A 182 4.46 11.78 20.63
C LEU A 182 4.30 11.65 22.16
N GLU A 183 3.70 12.68 22.77
CA GLU A 183 3.56 12.77 24.24
C GLU A 183 2.33 11.95 24.71
N MET A 1 3.63 9.81 20.01
CA MET A 1 3.03 8.84 19.07
C MET A 1 1.84 9.49 18.36
N LEU A 2 1.75 9.28 17.02
CA LEU A 2 0.72 9.93 16.18
C LEU A 2 -0.23 8.87 15.59
N ILE A 3 -1.50 9.24 15.40
CA ILE A 3 -2.53 8.32 14.89
C ILE A 3 -2.68 8.52 13.37
N TYR A 4 -2.42 7.44 12.63
CA TYR A 4 -2.55 7.38 11.17
C TYR A 4 -3.59 6.32 10.84
N LYS A 5 -4.57 6.66 10.00
CA LYS A 5 -5.66 5.73 9.64
C LYS A 5 -6.09 5.93 8.18
N ASP A 6 -6.65 4.87 7.58
CA ASP A 6 -7.33 4.95 6.27
C ASP A 6 -8.86 4.98 6.47
N ILE A 7 -9.57 5.72 5.61
CA ILE A 7 -11.00 6.02 5.79
C ILE A 7 -11.91 4.85 5.30
N PHE A 8 -11.34 3.80 4.67
CA PHE A 8 -12.16 2.72 4.08
C PHE A 8 -12.11 1.41 4.88
N THR A 9 -10.92 0.78 4.96
CA THR A 9 -10.74 -0.55 5.61
C THR A 9 -9.58 -0.57 6.63
N ASP A 10 -8.60 0.32 6.46
CA ASP A 10 -7.32 0.30 7.21
C ASP A 10 -7.35 1.33 8.38
N ASP A 11 -8.56 1.66 8.87
CA ASP A 11 -8.79 2.63 9.98
C ASP A 11 -7.89 2.42 11.25
N GLU A 12 -7.33 1.23 11.43
CA GLU A 12 -6.39 0.96 12.55
C GLU A 12 -4.95 1.35 12.16
N LEU A 13 -4.57 1.10 10.87
CA LEU A 13 -3.24 1.38 10.25
C LEU A 13 -2.05 1.34 11.24
N SER A 14 -1.77 2.50 11.87
CA SER A 14 -0.70 2.65 12.87
C SER A 14 -1.00 3.88 13.75
N SER A 15 -1.11 3.70 15.09
CA SER A 15 -1.29 4.82 16.04
C SER A 15 -0.05 4.93 16.95
N ASP A 16 1.08 5.31 16.33
CA ASP A 16 2.41 5.27 16.95
C ASP A 16 3.38 6.22 16.20
N SER A 17 4.62 6.35 16.69
CA SER A 17 5.65 7.20 16.06
C SER A 17 6.35 6.41 14.93
N PHE A 18 5.64 6.29 13.80
CA PHE A 18 6.10 5.54 12.62
C PHE A 18 6.67 6.48 11.55
N PRO A 19 7.81 6.09 10.87
CA PRO A 19 8.47 6.94 9.85
C PRO A 19 7.57 7.16 8.62
N MET A 20 7.25 8.43 8.37
CA MET A 20 6.37 8.83 7.25
C MET A 20 7.00 9.94 6.43
N LYS A 21 6.47 10.11 5.22
CA LYS A 21 6.89 11.12 4.25
C LYS A 21 5.68 11.48 3.39
N LEU A 22 5.20 12.73 3.47
CA LEU A 22 4.17 13.23 2.57
C LEU A 22 4.89 13.80 1.34
N VAL A 23 4.72 13.16 0.18
CA VAL A 23 5.41 13.54 -1.06
C VAL A 23 4.44 14.28 -1.99
N ASP A 24 4.92 15.43 -2.52
CA ASP A 24 4.20 16.29 -3.47
C ASP A 24 2.79 16.73 -2.96
N ASP A 25 2.62 16.70 -1.62
CA ASP A 25 1.36 17.02 -0.90
C ASP A 25 0.18 16.09 -1.30
N LEU A 26 0.48 14.99 -2.01
CA LEU A 26 -0.56 14.09 -2.56
C LEU A 26 -0.59 12.75 -1.81
N VAL A 27 0.59 12.12 -1.72
CA VAL A 27 0.73 10.72 -1.30
C VAL A 27 1.34 10.66 0.10
N TYR A 28 0.66 9.97 1.00
CA TYR A 28 1.16 9.59 2.31
C TYR A 28 1.99 8.30 2.13
N GLU A 29 3.29 8.42 2.37
CA GLU A 29 4.25 7.32 2.17
C GLU A 29 4.80 6.84 3.52
N PHE A 30 4.57 5.56 3.83
CA PHE A 30 5.14 4.88 4.98
C PHE A 30 6.25 3.94 4.47
N LYS A 31 7.52 4.30 4.71
CA LYS A 31 8.67 3.51 4.25
C LYS A 31 8.89 2.26 5.13
N GLY A 32 9.50 1.22 4.54
CA GLY A 32 9.87 0.00 5.25
C GLY A 32 11.06 -0.69 4.59
N LYS A 33 11.29 -1.98 4.92
CA LYS A 33 12.44 -2.75 4.42
C LYS A 33 11.99 -4.19 4.11
N HIS A 34 12.43 -4.72 2.96
CA HIS A 34 12.13 -6.10 2.55
C HIS A 34 12.88 -7.06 3.49
N VAL A 35 12.14 -8.03 4.05
CA VAL A 35 12.64 -8.98 5.07
C VAL A 35 11.92 -10.35 4.90
N VAL A 36 12.29 -11.33 5.74
CA VAL A 36 11.65 -12.65 5.77
C VAL A 36 11.15 -13.01 7.17
N ARG A 37 9.96 -13.65 7.23
CA ARG A 37 9.50 -14.35 8.45
C ARG A 37 9.65 -15.86 8.20
N LYS A 38 10.66 -16.48 8.82
CA LYS A 38 11.10 -17.82 8.44
C LYS A 38 11.11 -18.71 9.70
N GLU A 39 10.40 -19.85 9.63
CA GLU A 39 10.18 -20.77 10.75
C GLU A 39 11.51 -21.41 11.22
N GLY A 40 12.21 -20.67 12.09
CA GLY A 40 13.45 -21.12 12.70
C GLY A 40 14.38 -19.95 12.99
N GLU A 41 14.57 -19.09 11.98
CA GLU A 41 15.55 -17.98 12.04
C GLU A 41 15.30 -16.99 10.88
N ILE A 42 15.19 -15.69 11.22
CA ILE A 42 15.07 -14.61 10.21
C ILE A 42 16.43 -14.43 9.51
N VAL A 43 16.52 -14.88 8.25
CA VAL A 43 17.71 -14.72 7.40
C VAL A 43 17.30 -14.08 6.05
N LEU A 44 17.29 -12.73 6.02
CA LEU A 44 16.87 -11.94 4.83
C LEU A 44 17.95 -11.97 3.72
N ALA A 45 19.18 -12.33 4.12
CA ALA A 45 20.29 -12.60 3.20
C ALA A 45 20.28 -14.08 2.75
N GLY A 46 19.61 -14.94 3.54
CA GLY A 46 19.48 -16.37 3.23
C GLY A 46 18.39 -16.63 2.19
N SER A 47 18.67 -16.23 0.95
CA SER A 47 17.77 -16.40 -0.20
C SER A 47 18.04 -17.77 -0.85
N ASN A 48 17.31 -18.79 -0.36
CA ASN A 48 17.57 -20.23 -0.64
C ASN A 48 17.47 -20.60 -2.14
N PRO A 49 16.32 -20.28 -2.88
CA PRO A 49 16.21 -20.61 -4.33
C PRO A 49 16.93 -19.62 -5.26
N SER A 50 17.54 -18.56 -4.68
CA SER A 50 18.27 -17.49 -5.43
C SER A 50 17.35 -16.76 -6.43
N ALA A 51 16.03 -16.85 -6.16
CA ALA A 51 14.97 -16.26 -6.97
C ALA A 51 13.70 -16.26 -6.11
N GLU A 52 13.64 -15.28 -5.20
CA GLU A 52 12.56 -15.12 -4.22
C GLU A 52 11.24 -14.72 -4.91
N GLU A 53 11.37 -14.00 -6.05
CA GLU A 53 10.22 -13.48 -6.85
C GLU A 53 9.31 -14.63 -7.36
N GLY A 54 8.46 -15.14 -6.46
CA GLY A 54 7.53 -16.21 -6.78
C GLY A 54 6.19 -15.63 -7.20
N ALA A 55 5.58 -14.86 -6.26
CA ALA A 55 4.35 -14.09 -6.50
C ALA A 55 3.18 -14.99 -7.00
N GLU A 56 3.18 -16.24 -6.52
CA GLU A 56 2.18 -17.26 -6.88
C GLU A 56 2.29 -18.43 -5.90
N ASP A 57 1.37 -18.47 -4.90
CA ASP A 57 1.17 -19.59 -3.95
C ASP A 57 2.24 -19.65 -2.82
N ASP A 58 3.47 -19.18 -3.11
CA ASP A 58 4.64 -19.26 -2.20
C ASP A 58 4.59 -18.18 -1.10
N GLY A 59 3.72 -17.18 -1.27
CA GLY A 59 3.49 -16.13 -0.26
C GLY A 59 2.39 -16.51 0.74
N SER A 60 2.15 -17.83 0.91
CA SER A 60 1.13 -18.37 1.83
C SER A 60 1.48 -18.08 3.30
N ASP A 61 0.44 -18.01 4.16
CA ASP A 61 0.59 -17.73 5.61
C ASP A 61 1.35 -18.87 6.33
N GLU A 62 1.35 -20.06 5.71
CA GLU A 62 2.19 -21.18 6.15
C GLU A 62 3.66 -20.87 5.75
N HIS A 63 4.51 -20.64 6.77
CA HIS A 63 5.92 -20.14 6.65
C HIS A 63 5.98 -18.64 6.33
N VAL A 64 5.33 -18.23 5.21
CA VAL A 64 5.39 -16.86 4.65
C VAL A 64 6.76 -16.58 4.01
N GLU A 65 7.76 -16.29 4.88
CA GLU A 65 9.05 -15.67 4.58
C GLU A 65 8.93 -14.36 3.78
N ARG A 66 8.55 -14.46 2.52
CA ARG A 66 8.74 -13.42 1.51
C ARG A 66 7.78 -12.26 1.73
N GLY A 67 8.32 -11.11 2.12
CA GLY A 67 7.60 -9.86 1.96
C GLY A 67 8.35 -8.70 2.53
N ILE A 68 7.71 -7.56 2.57
CA ILE A 68 8.27 -6.36 3.19
C ILE A 68 7.74 -6.24 4.62
N ASP A 69 8.54 -5.63 5.52
CA ASP A 69 8.24 -5.55 6.97
C ASP A 69 6.87 -4.90 7.25
N ILE A 70 6.50 -3.94 6.39
CA ILE A 70 5.20 -3.24 6.42
C ILE A 70 4.04 -4.26 6.37
N VAL A 71 4.12 -5.16 5.38
CA VAL A 71 3.08 -6.17 5.08
C VAL A 71 3.09 -7.32 6.08
N LEU A 72 4.29 -7.84 6.37
CA LEU A 72 4.48 -9.04 7.22
C LEU A 72 3.98 -8.77 8.65
N ASN A 73 4.22 -7.53 9.12
CA ASN A 73 3.72 -7.03 10.41
C ASN A 73 2.18 -6.90 10.36
N HIS A 74 1.70 -6.29 9.27
CA HIS A 74 0.30 -5.81 9.14
C HIS A 74 -0.68 -6.96 8.78
N LYS A 75 -0.11 -8.07 8.28
CA LYS A 75 -0.84 -9.25 7.76
C LYS A 75 -1.70 -8.87 6.52
N LEU A 76 -1.02 -8.42 5.47
CA LEU A 76 -1.64 -8.11 4.17
C LEU A 76 -1.38 -9.26 3.15
N VAL A 77 -2.40 -9.59 2.35
CA VAL A 77 -2.28 -10.54 1.21
C VAL A 77 -1.98 -9.76 -0.07
N GLU A 78 -1.05 -10.30 -0.87
CA GLU A 78 -0.66 -9.75 -2.17
C GLU A 78 -1.79 -9.75 -3.22
N MET A 79 -1.61 -8.85 -4.18
CA MET A 79 -2.50 -8.61 -5.31
C MET A 79 -1.58 -8.19 -6.46
N ASN A 80 -1.34 -9.09 -7.41
CA ASN A 80 -0.34 -8.89 -8.46
C ASN A 80 -1.04 -8.48 -9.75
N CYS A 81 -0.64 -7.34 -10.33
CA CYS A 81 -1.27 -6.75 -11.55
C CYS A 81 -1.18 -7.68 -12.78
N TYR A 82 -0.36 -8.74 -12.65
CA TYR A 82 -0.26 -9.83 -13.64
C TYR A 82 -1.65 -10.45 -13.94
N GLU A 83 -2.41 -10.77 -12.89
CA GLU A 83 -3.79 -11.29 -13.00
C GLU A 83 -4.80 -10.20 -12.63
N ASP A 84 -4.46 -9.41 -11.61
CA ASP A 84 -5.36 -8.44 -10.95
C ASP A 84 -5.38 -7.05 -11.62
N ALA A 85 -4.95 -6.96 -12.89
CA ALA A 85 -4.96 -5.68 -13.65
C ALA A 85 -6.39 -5.08 -13.74
N SER A 86 -7.34 -5.93 -14.18
CA SER A 86 -8.74 -5.55 -14.35
C SER A 86 -9.40 -5.24 -12.98
N MET A 87 -9.01 -6.04 -11.97
CA MET A 87 -9.54 -5.95 -10.60
C MET A 87 -9.08 -4.66 -9.91
N PHE A 88 -7.79 -4.31 -10.15
CA PHE A 88 -7.16 -3.12 -9.57
C PHE A 88 -7.73 -1.85 -10.23
N LYS A 89 -8.10 -1.95 -11.52
CA LYS A 89 -8.76 -0.85 -12.26
C LYS A 89 -10.18 -0.58 -11.70
N ALA A 90 -10.86 -1.65 -11.27
CA ALA A 90 -12.17 -1.56 -10.59
C ALA A 90 -12.02 -0.83 -9.25
N TYR A 91 -10.91 -1.14 -8.54
CA TYR A 91 -10.56 -0.48 -7.27
C TYR A 91 -10.14 0.98 -7.47
N ILE A 92 -9.47 1.28 -8.61
CA ILE A 92 -9.07 2.66 -8.99
C ILE A 92 -10.32 3.53 -9.32
N LYS A 93 -11.36 2.92 -9.90
CA LYS A 93 -12.65 3.59 -10.15
C LYS A 93 -13.31 4.02 -8.82
N LYS A 94 -13.35 3.07 -7.86
CA LYS A 94 -13.91 3.30 -6.52
C LYS A 94 -13.05 4.33 -5.76
N PHE A 95 -11.72 4.10 -5.83
CA PHE A 95 -10.67 4.94 -5.24
C PHE A 95 -10.87 6.43 -5.57
N MET A 96 -10.77 6.76 -6.88
CA MET A 96 -10.81 8.14 -7.38
C MET A 96 -12.13 8.83 -6.97
N LYS A 97 -13.25 8.13 -7.21
CA LYS A 97 -14.58 8.64 -6.87
C LYS A 97 -14.71 8.96 -5.39
N ASN A 98 -14.34 7.99 -4.54
CA ASN A 98 -14.63 8.05 -3.10
C ASN A 98 -13.72 9.06 -2.38
N VAL A 99 -12.44 9.13 -2.76
CA VAL A 99 -11.47 10.05 -2.14
C VAL A 99 -11.80 11.53 -2.46
N ILE A 100 -12.27 11.81 -3.70
CA ILE A 100 -12.71 13.18 -4.08
C ILE A 100 -14.05 13.52 -3.39
N ASP A 101 -15.04 12.61 -3.59
CA ASP A 101 -16.45 12.75 -3.13
C ASP A 101 -16.56 12.93 -1.61
N HIS A 102 -15.64 12.28 -0.87
CA HIS A 102 -15.60 12.33 0.59
C HIS A 102 -14.89 13.61 1.07
N MET A 103 -13.67 13.86 0.56
CA MET A 103 -12.79 14.89 1.14
C MET A 103 -13.29 16.31 0.83
N GLU A 104 -13.95 16.48 -0.34
CA GLU A 104 -14.41 17.79 -0.85
C GLU A 104 -15.26 18.55 0.20
N LYS A 105 -16.33 17.90 0.69
CA LYS A 105 -17.37 18.59 1.46
C LYS A 105 -16.94 18.74 2.93
N ASN A 106 -15.73 18.23 3.25
CA ASN A 106 -15.07 18.40 4.56
C ASN A 106 -13.99 19.48 4.48
N ASN A 107 -13.31 19.53 3.32
CA ASN A 107 -12.10 20.36 3.11
C ASN A 107 -12.45 21.75 2.54
N ARG A 108 -12.71 21.85 1.22
CA ARG A 108 -12.84 23.17 0.51
C ARG A 108 -13.75 23.08 -0.75
N ASP A 109 -14.48 21.96 -0.85
CA ASP A 109 -15.55 21.74 -1.83
C ASP A 109 -15.05 21.62 -3.29
N LYS A 110 -14.64 22.73 -3.91
CA LYS A 110 -14.20 22.76 -5.33
C LYS A 110 -12.67 22.73 -5.46
N ALA A 111 -12.00 23.82 -5.02
CA ALA A 111 -10.61 24.15 -5.41
C ALA A 111 -9.58 23.06 -5.06
N ASP A 112 -9.70 22.50 -3.85
CA ASP A 112 -8.68 21.59 -3.30
C ASP A 112 -8.74 20.23 -3.99
N VAL A 113 -9.96 19.67 -4.13
CA VAL A 113 -10.15 18.36 -4.80
C VAL A 113 -10.03 18.48 -6.33
N ASP A 114 -10.24 19.69 -6.87
CA ASP A 114 -9.95 20.00 -8.29
C ASP A 114 -8.46 19.81 -8.59
N ALA A 115 -7.62 20.52 -7.81
CA ALA A 115 -6.15 20.42 -7.89
C ALA A 115 -5.69 18.98 -7.66
N PHE A 116 -6.34 18.35 -6.66
CA PHE A 116 -6.12 16.95 -6.28
C PHE A 116 -6.47 15.99 -7.43
N LYS A 117 -7.59 16.26 -8.13
CA LYS A 117 -8.12 15.36 -9.17
C LYS A 117 -7.13 15.28 -10.35
N LYS A 118 -6.58 16.45 -10.72
CA LYS A 118 -5.56 16.56 -11.76
C LYS A 118 -4.27 15.80 -11.35
N LYS A 119 -3.89 15.98 -10.08
CA LYS A 119 -2.63 15.46 -9.51
C LYS A 119 -2.69 13.92 -9.30
N ILE A 120 -3.85 13.41 -8.85
CA ILE A 120 -4.03 11.98 -8.51
C ILE A 120 -4.18 11.16 -9.80
N GLN A 121 -4.83 11.77 -10.82
CA GLN A 121 -4.93 11.23 -12.17
C GLN A 121 -3.51 11.08 -12.76
N GLY A 122 -2.68 12.13 -12.57
CA GLY A 122 -1.30 12.15 -13.04
C GLY A 122 -0.45 11.07 -12.37
N TRP A 123 -0.65 10.90 -11.05
CA TRP A 123 0.08 9.90 -10.25
C TRP A 123 -0.26 8.48 -10.72
N VAL A 124 -1.57 8.15 -10.80
CA VAL A 124 -2.00 6.78 -11.14
C VAL A 124 -1.57 6.39 -12.56
N VAL A 125 -1.74 7.28 -13.57
CA VAL A 125 -1.37 6.95 -14.97
C VAL A 125 0.15 6.68 -15.09
N SER A 126 0.98 7.46 -14.36
CA SER A 126 2.44 7.26 -14.30
C SER A 126 2.80 5.98 -13.50
N LEU A 127 1.97 5.66 -12.51
CA LEU A 127 2.14 4.49 -11.62
C LEU A 127 1.58 3.21 -12.29
N LEU A 128 0.72 3.39 -13.31
CA LEU A 128 0.16 2.29 -14.11
C LEU A 128 1.03 2.02 -15.37
N ALA A 129 2.17 2.74 -15.50
CA ALA A 129 3.12 2.56 -16.62
C ALA A 129 3.73 1.13 -16.59
N LYS A 130 3.02 0.21 -17.28
CA LYS A 130 3.17 -1.25 -17.12
C LYS A 130 4.58 -1.80 -17.40
N ASP A 131 5.41 -1.04 -18.12
CA ASP A 131 6.76 -1.46 -18.54
C ASP A 131 7.69 -1.75 -17.33
N ARG A 132 7.60 -0.91 -16.29
CA ARG A 132 8.31 -1.13 -15.00
C ARG A 132 7.33 -1.52 -13.89
N PHE A 133 6.15 -0.91 -13.93
CA PHE A 133 5.16 -0.94 -12.83
C PHE A 133 4.31 -2.22 -12.82
N LYS A 134 4.53 -3.11 -13.80
CA LYS A 134 4.06 -4.52 -13.73
C LYS A 134 4.64 -5.27 -12.51
N ASN A 135 5.71 -4.71 -11.90
CA ASN A 135 6.40 -5.29 -10.73
C ASN A 135 5.99 -4.54 -9.45
N LEU A 136 4.78 -3.95 -9.46
CA LEU A 136 4.19 -3.33 -8.27
C LEU A 136 3.46 -4.40 -7.49
N ALA A 137 3.69 -4.43 -6.18
CA ALA A 137 3.06 -5.38 -5.30
C ALA A 137 1.92 -4.66 -4.59
N PHE A 138 0.68 -4.99 -4.95
CA PHE A 138 -0.50 -4.39 -4.33
C PHE A 138 -0.93 -5.27 -3.17
N PHE A 139 -1.44 -4.66 -2.12
CA PHE A 139 -1.80 -5.37 -0.88
C PHE A 139 -3.10 -4.83 -0.31
N ILE A 140 -3.85 -5.74 0.29
CA ILE A 140 -5.02 -5.46 1.14
C ILE A 140 -5.04 -6.56 2.21
N GLY A 141 -5.77 -6.36 3.31
CA GLY A 141 -5.92 -7.43 4.31
C GLY A 141 -6.67 -8.63 3.72
N GLU A 142 -6.34 -9.86 4.16
CA GLU A 142 -6.97 -11.10 3.64
C GLU A 142 -8.52 -11.07 3.80
N ARG A 143 -9.01 -10.30 4.77
CA ARG A 143 -10.46 -10.11 5.05
C ARG A 143 -11.18 -9.46 3.84
N ALA A 144 -10.48 -8.55 3.16
CA ALA A 144 -10.96 -7.87 1.93
C ALA A 144 -11.06 -8.87 0.77
N ALA A 145 -10.02 -9.73 0.66
CA ALA A 145 -9.95 -10.80 -0.36
C ALA A 145 -10.73 -12.07 0.06
N GLU A 146 -11.34 -12.03 1.25
CA GLU A 146 -12.18 -13.12 1.79
C GLU A 146 -13.65 -12.89 1.40
N GLY A 147 -13.98 -11.64 1.03
CA GLY A 147 -15.33 -11.25 0.63
C GLY A 147 -16.02 -10.41 1.70
N ALA A 148 -15.28 -9.41 2.23
CA ALA A 148 -15.78 -8.48 3.26
C ALA A 148 -14.96 -7.18 3.21
N GLU A 149 -15.60 -6.09 2.73
CA GLU A 149 -15.00 -4.73 2.60
C GLU A 149 -13.61 -4.72 1.93
N ASN A 150 -13.60 -4.59 0.58
CA ASN A 150 -12.36 -4.53 -0.23
C ASN A 150 -11.50 -3.32 0.15
N GLY A 151 -12.17 -2.17 0.35
CA GLY A 151 -11.51 -0.91 0.74
C GLY A 151 -10.43 -0.41 -0.20
N GLN A 152 -9.43 0.28 0.38
CA GLN A 152 -8.35 0.94 -0.37
C GLN A 152 -7.15 -0.02 -0.50
N VAL A 153 -6.52 -0.04 -1.70
CA VAL A 153 -5.34 -0.86 -1.97
C VAL A 153 -4.05 -0.16 -1.48
N ALA A 154 -3.32 -0.88 -0.62
CA ALA A 154 -1.98 -0.51 -0.17
C ALA A 154 -0.96 -0.79 -1.29
N ILE A 155 -0.49 0.27 -1.97
CA ILE A 155 0.37 0.15 -3.16
C ILE A 155 1.84 0.17 -2.74
N ILE A 156 2.60 -0.89 -3.06
CA ILE A 156 4.02 -1.01 -2.67
C ILE A 156 4.91 -0.84 -3.90
N GLU A 157 5.70 0.24 -3.89
CA GLU A 157 6.76 0.49 -4.86
C GLU A 157 8.10 0.13 -4.22
N TYR A 158 8.80 -0.85 -4.78
CA TYR A 158 10.18 -1.16 -4.40
C TYR A 158 11.08 -0.12 -5.12
N ARG A 159 11.71 0.78 -4.35
CA ARG A 159 12.49 1.91 -4.90
C ARG A 159 13.99 1.59 -4.79
N ASP A 160 14.72 1.72 -5.90
CA ASP A 160 16.14 1.33 -5.96
C ASP A 160 17.03 2.40 -5.30
N VAL A 161 17.75 1.99 -4.26
CA VAL A 161 18.77 2.79 -3.55
C VAL A 161 20.09 1.98 -3.48
N ASP A 162 21.07 2.43 -4.28
CA ASP A 162 22.43 1.82 -4.37
C ASP A 162 22.40 0.36 -4.86
N GLY A 163 21.33 -0.03 -5.59
CA GLY A 163 21.16 -1.40 -6.09
C GLY A 163 20.32 -2.29 -5.20
N THR A 164 19.87 -1.76 -4.05
CA THR A 164 19.02 -2.46 -3.08
C THR A 164 17.62 -1.83 -3.09
N GLU A 165 16.56 -2.64 -3.05
CA GLU A 165 15.17 -2.13 -3.02
C GLU A 165 14.86 -1.53 -1.63
N VAL A 166 14.05 -0.47 -1.61
CA VAL A 166 13.43 0.06 -0.39
C VAL A 166 11.91 0.19 -0.65
N PRO A 167 11.09 -0.78 -0.15
CA PRO A 167 9.64 -0.75 -0.34
C PRO A 167 8.97 0.44 0.38
N THR A 168 8.17 1.18 -0.37
CA THR A 168 7.50 2.38 0.10
C THR A 168 5.99 2.18 -0.04
N LEU A 169 5.29 2.22 1.09
CA LEU A 169 3.82 2.10 1.13
C LEU A 169 3.21 3.43 0.70
N MET A 170 2.57 3.42 -0.46
CA MET A 170 1.89 4.58 -1.02
C MET A 170 0.38 4.42 -0.77
N LEU A 171 -0.17 5.42 -0.09
CA LEU A 171 -1.60 5.60 0.19
C LEU A 171 -1.89 7.08 -0.05
N VAL A 172 -3.06 7.44 -0.60
CA VAL A 172 -3.35 8.86 -0.86
C VAL A 172 -3.79 9.56 0.45
N LYS A 173 -3.29 10.80 0.64
CA LYS A 173 -3.54 11.63 1.83
C LYS A 173 -5.05 11.91 2.06
N GLU A 174 -5.83 11.92 0.96
CA GLU A 174 -7.30 12.14 1.02
C GLU A 174 -8.02 10.93 1.63
N ALA A 175 -7.40 9.74 1.52
CA ALA A 175 -7.91 8.49 2.13
C ALA A 175 -7.22 8.23 3.48
N ILE A 176 -6.31 9.13 3.90
CA ILE A 176 -5.52 8.96 5.14
C ILE A 176 -5.79 10.16 6.07
N ILE A 177 -6.21 9.87 7.30
CA ILE A 177 -6.32 10.89 8.34
C ILE A 177 -5.08 10.80 9.22
N GLU A 178 -4.22 11.81 9.07
CA GLU A 178 -3.08 12.02 9.93
C GLU A 178 -3.55 12.90 11.10
N GLU A 179 -3.50 12.36 12.31
CA GLU A 179 -4.01 13.00 13.52
C GLU A 179 -2.87 13.00 14.55
N LYS A 180 -2.27 14.18 14.77
CA LYS A 180 -1.13 14.33 15.69
C LYS A 180 -1.62 14.60 17.13
N CYS A 181 -1.25 13.69 18.06
CA CYS A 181 -1.65 13.76 19.48
C CYS A 181 -0.79 14.80 20.22
N LEU A 182 -1.28 16.05 20.23
CA LEU A 182 -0.58 17.20 20.84
C LEU A 182 -0.60 17.09 22.37
N GLU A 183 0.57 17.23 23.00
CA GLU A 183 0.75 17.14 24.45
C GLU A 183 1.08 18.56 25.00
N MET A 1 4.27 6.51 16.90
CA MET A 1 3.54 7.52 17.70
C MET A 1 2.02 7.34 17.52
N LEU A 2 1.56 7.16 16.27
CA LEU A 2 0.14 7.26 15.89
C LEU A 2 -0.41 5.90 15.40
N ILE A 3 -1.73 5.74 15.38
CA ILE A 3 -2.38 4.58 14.72
C ILE A 3 -3.03 5.08 13.40
N TYR A 4 -2.75 4.38 12.28
CA TYR A 4 -3.18 4.81 10.94
C TYR A 4 -4.47 4.11 10.50
N LYS A 5 -5.36 4.91 9.93
CA LYS A 5 -6.69 4.51 9.53
C LYS A 5 -7.02 5.12 8.15
N ASP A 6 -7.61 4.31 7.29
CA ASP A 6 -7.92 4.62 5.88
C ASP A 6 -9.46 4.80 5.69
N ILE A 7 -9.89 5.15 4.47
CA ILE A 7 -11.32 5.27 4.11
C ILE A 7 -12.06 3.89 4.15
N PHE A 8 -11.42 2.83 3.63
CA PHE A 8 -12.02 1.48 3.46
C PHE A 8 -11.35 0.50 4.42
N THR A 9 -10.01 0.51 4.36
CA THR A 9 -9.13 -0.41 5.09
C THR A 9 -8.86 0.14 6.53
N ASP A 10 -9.74 1.07 7.02
CA ASP A 10 -9.60 1.83 8.30
C ASP A 10 -9.18 0.95 9.48
N ASP A 11 -9.80 -0.21 9.53
CA ASP A 11 -9.67 -1.17 10.65
C ASP A 11 -8.22 -1.70 10.77
N GLU A 12 -7.65 -2.12 9.62
CA GLU A 12 -6.38 -2.88 9.56
C GLU A 12 -5.34 -2.19 8.66
N LEU A 13 -5.42 -0.86 8.53
CA LEU A 13 -4.50 -0.10 7.64
C LEU A 13 -3.05 -0.20 8.17
N SER A 14 -2.69 0.60 9.20
CA SER A 14 -1.32 0.58 9.78
C SER A 14 -1.33 1.03 11.26
N SER A 15 -0.12 1.12 11.83
CA SER A 15 0.12 1.57 13.19
C SER A 15 1.52 2.20 13.22
N ASP A 16 1.54 3.52 13.06
CA ASP A 16 2.74 4.35 13.01
C ASP A 16 3.52 4.26 14.33
N SER A 17 4.51 3.37 14.37
CA SER A 17 5.64 3.43 15.32
C SER A 17 6.93 3.54 14.49
N PHE A 18 6.76 4.07 13.26
CA PHE A 18 7.79 4.11 12.21
C PHE A 18 7.81 5.51 11.55
N PRO A 19 8.98 5.94 10.95
CA PRO A 19 9.06 7.24 10.25
C PRO A 19 8.14 7.33 8.99
N MET A 20 7.20 8.28 9.02
CA MET A 20 6.26 8.53 7.91
C MET A 20 6.80 9.64 6.99
N LYS A 21 6.45 9.57 5.69
CA LYS A 21 6.99 10.47 4.65
C LYS A 21 5.85 10.93 3.74
N LEU A 22 5.92 12.19 3.27
CA LEU A 22 4.87 12.81 2.43
C LEU A 22 5.52 13.45 1.18
N VAL A 23 4.82 13.41 0.04
CA VAL A 23 5.31 13.94 -1.24
C VAL A 23 4.18 14.69 -1.96
N ASP A 24 4.50 15.90 -2.48
CA ASP A 24 3.57 16.79 -3.22
C ASP A 24 2.32 17.21 -2.42
N ASP A 25 2.36 17.01 -1.08
CA ASP A 25 1.17 17.10 -0.18
C ASP A 25 -0.05 16.31 -0.72
N LEU A 26 0.23 15.28 -1.53
CA LEU A 26 -0.79 14.48 -2.24
C LEU A 26 -0.70 13.01 -1.80
N VAL A 27 0.53 12.47 -1.77
CA VAL A 27 0.77 11.03 -1.50
C VAL A 27 1.64 10.86 -0.25
N TYR A 28 1.14 10.05 0.69
CA TYR A 28 1.91 9.56 1.83
C TYR A 28 2.66 8.30 1.36
N GLU A 29 3.99 8.31 1.50
CA GLU A 29 4.82 7.11 1.27
C GLU A 29 5.45 6.66 2.60
N PHE A 30 5.62 5.34 2.75
CA PHE A 30 6.45 4.75 3.80
C PHE A 30 7.35 3.72 3.13
N LYS A 31 8.65 4.07 2.99
CA LYS A 31 9.64 3.14 2.48
C LYS A 31 10.11 2.24 3.63
N GLY A 32 9.61 0.99 3.62
CA GLY A 32 10.03 -0.03 4.59
C GLY A 32 11.33 -0.70 4.20
N LYS A 33 11.54 -1.91 4.71
CA LYS A 33 12.76 -2.70 4.46
C LYS A 33 12.38 -4.08 3.89
N HIS A 34 13.35 -4.75 3.25
CA HIS A 34 13.18 -6.15 2.80
C HIS A 34 13.69 -7.09 3.91
N VAL A 35 12.81 -7.93 4.47
CA VAL A 35 13.14 -8.79 5.64
C VAL A 35 12.39 -10.12 5.57
N VAL A 36 12.92 -11.11 6.32
CA VAL A 36 12.28 -12.41 6.48
C VAL A 36 12.32 -12.79 7.98
N ARG A 37 11.18 -13.23 8.49
CA ARG A 37 11.02 -13.66 9.88
C ARG A 37 10.52 -15.10 9.86
N LYS A 38 10.87 -15.89 10.88
CA LYS A 38 10.27 -17.20 11.09
C LYS A 38 9.89 -17.34 12.58
N GLU A 39 8.65 -17.79 12.85
CA GLU A 39 8.11 -18.07 14.22
C GLU A 39 7.99 -16.81 15.10
N GLY A 40 8.12 -15.63 14.50
CA GLY A 40 8.07 -14.34 15.21
C GLY A 40 9.46 -13.84 15.58
N GLU A 41 10.47 -14.32 14.87
CA GLU A 41 11.89 -13.96 15.07
C GLU A 41 12.50 -13.50 13.73
N ILE A 42 13.11 -12.32 13.72
CA ILE A 42 13.79 -11.79 12.54
C ILE A 42 15.11 -12.59 12.31
N VAL A 43 15.23 -13.26 11.15
CA VAL A 43 16.32 -14.24 10.89
C VAL A 43 17.28 -13.78 9.77
N LEU A 44 16.72 -13.29 8.62
CA LEU A 44 17.48 -13.03 7.36
C LEU A 44 18.30 -14.28 6.94
N ALA A 45 17.60 -15.24 6.30
CA ALA A 45 18.19 -16.54 5.89
C ALA A 45 17.89 -16.81 4.41
N GLY A 46 17.58 -15.74 3.66
CA GLY A 46 17.14 -15.84 2.28
C GLY A 46 15.76 -16.46 2.16
N SER A 47 15.59 -17.40 1.21
CA SER A 47 14.38 -18.22 1.04
C SER A 47 13.13 -17.37 0.73
N ASN A 48 13.32 -16.20 0.08
CA ASN A 48 12.22 -15.25 -0.24
C ASN A 48 12.19 -14.82 -1.74
N PRO A 49 12.18 -15.78 -2.75
CA PRO A 49 11.96 -15.39 -4.18
C PRO A 49 10.55 -14.80 -4.38
N SER A 50 9.57 -15.34 -3.63
CA SER A 50 8.17 -14.88 -3.59
C SER A 50 7.71 -14.71 -2.13
N ALA A 51 6.76 -13.81 -1.89
CA ALA A 51 6.11 -13.60 -0.58
C ALA A 51 4.67 -14.11 -0.64
N GLU A 52 4.51 -15.44 -0.48
CA GLU A 52 3.22 -16.14 -0.61
C GLU A 52 2.40 -16.04 0.70
N GLU A 53 3.10 -15.95 1.84
CA GLU A 53 2.48 -15.87 3.17
C GLU A 53 2.03 -14.42 3.44
N GLY A 54 0.91 -14.03 2.78
CA GLY A 54 0.22 -12.78 3.08
C GLY A 54 -0.53 -12.92 4.39
N ALA A 55 -1.51 -13.86 4.39
CA ALA A 55 -2.20 -14.37 5.58
C ALA A 55 -3.26 -15.42 5.13
N GLU A 56 -4.39 -14.90 4.58
CA GLU A 56 -5.47 -15.68 3.93
C GLU A 56 -6.13 -16.72 4.86
N ASP A 57 -5.50 -17.91 4.99
CA ASP A 57 -5.98 -19.00 5.86
C ASP A 57 -4.89 -20.09 5.99
N ASP A 58 -4.90 -21.10 5.10
CA ASP A 58 -4.05 -22.32 5.24
C ASP A 58 -3.47 -22.77 3.90
N GLY A 59 -3.40 -21.85 2.91
CA GLY A 59 -2.78 -22.14 1.61
C GLY A 59 -1.26 -22.32 1.74
N SER A 60 -0.64 -21.44 2.53
CA SER A 60 0.77 -21.55 2.94
C SER A 60 0.87 -21.17 4.42
N ASP A 61 0.20 -21.98 5.26
CA ASP A 61 0.09 -21.74 6.72
C ASP A 61 1.40 -22.10 7.42
N GLU A 62 2.32 -21.14 7.48
CA GLU A 62 3.54 -21.22 8.28
C GLU A 62 4.04 -19.81 8.57
N HIS A 63 4.72 -19.64 9.71
CA HIS A 63 5.15 -18.31 10.20
C HIS A 63 6.43 -17.82 9.50
N VAL A 64 6.71 -18.31 8.27
CA VAL A 64 7.78 -17.77 7.42
C VAL A 64 7.27 -16.48 6.78
N GLU A 65 7.38 -15.39 7.55
CA GLU A 65 7.05 -14.04 7.08
C GLU A 65 8.18 -13.56 6.18
N ARG A 66 8.26 -14.13 4.98
CA ARG A 66 9.28 -13.79 4.00
C ARG A 66 8.77 -12.66 3.08
N GLY A 67 9.64 -11.68 2.80
CA GLY A 67 9.35 -10.65 1.80
C GLY A 67 9.73 -9.28 2.28
N ILE A 68 8.76 -8.35 2.28
CA ILE A 68 8.97 -6.96 2.72
C ILE A 68 8.21 -6.65 4.03
N ASP A 69 8.88 -5.91 4.93
CA ASP A 69 8.38 -5.54 6.27
C ASP A 69 6.95 -5.02 6.29
N ILE A 70 6.63 -4.09 5.36
CA ILE A 70 5.33 -3.36 5.29
C ILE A 70 4.14 -4.34 5.34
N VAL A 71 4.23 -5.40 4.53
CA VAL A 71 3.17 -6.41 4.37
C VAL A 71 3.10 -7.33 5.58
N LEU A 72 4.27 -7.84 6.01
CA LEU A 72 4.39 -8.82 7.11
C LEU A 72 3.92 -8.21 8.45
N ASN A 73 4.20 -6.91 8.60
CA ASN A 73 3.87 -6.08 9.78
C ASN A 73 2.35 -6.01 9.99
N HIS A 74 1.62 -5.95 8.86
CA HIS A 74 0.14 -5.79 8.84
C HIS A 74 -0.58 -7.09 8.45
N LYS A 75 0.19 -8.09 7.94
CA LYS A 75 -0.35 -9.34 7.34
C LYS A 75 -1.37 -9.05 6.21
N LEU A 76 -0.90 -8.28 5.20
CA LEU A 76 -1.72 -7.88 4.03
C LEU A 76 -1.71 -9.00 2.96
N VAL A 77 -2.83 -9.16 2.24
CA VAL A 77 -2.97 -10.16 1.16
C VAL A 77 -2.59 -9.51 -0.20
N GLU A 78 -1.61 -10.13 -0.86
CA GLU A 78 -1.12 -9.70 -2.18
C GLU A 78 -2.13 -9.95 -3.32
N MET A 79 -2.09 -9.04 -4.30
CA MET A 79 -2.83 -9.08 -5.56
C MET A 79 -1.87 -8.48 -6.62
N ASN A 80 -1.54 -9.23 -7.68
CA ASN A 80 -0.44 -8.87 -8.62
C ASN A 80 -0.97 -8.23 -9.92
N CYS A 81 -0.15 -7.39 -10.56
CA CYS A 81 -0.52 -6.64 -11.79
C CYS A 81 -0.73 -7.55 -13.01
N TYR A 82 -0.11 -8.74 -12.98
CA TYR A 82 -0.18 -9.72 -14.11
C TYR A 82 -1.57 -10.38 -14.21
N GLU A 83 -2.14 -10.78 -13.05
CA GLU A 83 -3.41 -11.52 -12.99
C GLU A 83 -4.56 -10.62 -12.49
N ASP A 84 -4.30 -9.90 -11.40
CA ASP A 84 -5.31 -9.10 -10.65
C ASP A 84 -5.46 -7.67 -11.20
N ALA A 85 -5.04 -7.43 -12.46
CA ALA A 85 -5.13 -6.10 -13.11
C ALA A 85 -6.58 -5.55 -13.15
N SER A 86 -7.55 -6.44 -13.40
CA SER A 86 -8.98 -6.09 -13.47
C SER A 86 -9.56 -5.84 -12.07
N MET A 87 -9.15 -6.68 -11.09
CA MET A 87 -9.54 -6.52 -9.67
C MET A 87 -9.03 -5.17 -9.13
N PHE A 88 -7.76 -4.87 -9.47
CA PHE A 88 -7.05 -3.64 -9.15
C PHE A 88 -7.79 -2.41 -9.72
N LYS A 89 -8.26 -2.53 -10.98
CA LYS A 89 -9.03 -1.48 -11.66
C LYS A 89 -10.31 -1.15 -10.87
N ALA A 90 -10.98 -2.20 -10.34
CA ALA A 90 -12.20 -2.06 -9.54
C ALA A 90 -11.91 -1.33 -8.21
N TYR A 91 -10.75 -1.62 -7.58
CA TYR A 91 -10.26 -0.86 -6.40
C TYR A 91 -10.07 0.61 -6.73
N ILE A 92 -9.44 0.90 -7.89
CA ILE A 92 -9.18 2.26 -8.37
C ILE A 92 -10.52 3.05 -8.54
N LYS A 93 -11.58 2.38 -9.02
CA LYS A 93 -12.94 2.96 -9.09
C LYS A 93 -13.44 3.39 -7.69
N LYS A 94 -13.28 2.50 -6.69
CA LYS A 94 -13.73 2.76 -5.28
C LYS A 94 -12.91 3.91 -4.66
N PHE A 95 -11.58 3.76 -4.78
CA PHE A 95 -10.54 4.69 -4.31
C PHE A 95 -10.81 6.13 -4.78
N MET A 96 -10.82 6.33 -6.11
CA MET A 96 -11.02 7.66 -6.72
C MET A 96 -12.41 8.23 -6.41
N LYS A 97 -13.42 7.33 -6.32
CA LYS A 97 -14.80 7.71 -5.97
C LYS A 97 -14.83 8.34 -4.57
N ASN A 98 -14.16 7.70 -3.61
CA ASN A 98 -14.22 8.07 -2.19
C ASN A 98 -13.34 9.30 -1.91
N VAL A 99 -12.09 9.28 -2.40
CA VAL A 99 -11.10 10.34 -2.08
C VAL A 99 -11.50 11.69 -2.71
N ILE A 100 -12.01 11.65 -3.96
CA ILE A 100 -12.46 12.86 -4.66
C ILE A 100 -13.77 13.37 -4.02
N ASP A 101 -14.74 12.44 -3.75
CA ASP A 101 -16.04 12.76 -3.10
C ASP A 101 -15.87 13.50 -1.76
N HIS A 102 -14.97 12.98 -0.90
CA HIS A 102 -14.70 13.57 0.42
C HIS A 102 -14.06 14.97 0.26
N MET A 103 -13.10 15.07 -0.68
CA MET A 103 -12.38 16.32 -0.98
C MET A 103 -13.35 17.34 -1.64
N GLU A 104 -14.39 16.80 -2.30
CA GLU A 104 -15.39 17.56 -3.06
C GLU A 104 -16.38 18.23 -2.10
N LYS A 105 -16.74 17.51 -1.01
CA LYS A 105 -17.59 18.06 0.07
C LYS A 105 -16.85 19.19 0.83
N ASN A 106 -15.52 19.12 0.81
CA ASN A 106 -14.63 20.05 1.53
C ASN A 106 -14.33 21.32 0.71
N ASN A 107 -14.91 21.44 -0.52
CA ASN A 107 -14.72 22.63 -1.40
C ASN A 107 -16.10 23.14 -1.90
N ARG A 108 -16.87 22.19 -2.51
CA ARG A 108 -18.24 22.39 -3.10
C ARG A 108 -18.26 23.49 -4.18
N ASP A 109 -17.10 23.76 -4.79
CA ASP A 109 -16.93 24.83 -5.80
C ASP A 109 -16.43 24.20 -7.13
N LYS A 110 -15.09 24.09 -7.28
CA LYS A 110 -14.41 23.61 -8.51
C LYS A 110 -12.90 23.78 -8.38
N ALA A 111 -12.47 24.94 -7.84
CA ALA A 111 -11.07 25.41 -7.96
C ALA A 111 -10.07 24.51 -7.20
N ASP A 112 -10.47 24.03 -6.01
CA ASP A 112 -9.62 23.18 -5.16
C ASP A 112 -9.61 21.75 -5.71
N VAL A 113 -10.82 21.23 -6.00
CA VAL A 113 -11.00 19.83 -6.41
C VAL A 113 -10.47 19.57 -7.83
N ASP A 114 -10.39 20.63 -8.65
CA ASP A 114 -9.76 20.57 -9.99
C ASP A 114 -8.25 20.29 -9.84
N ALA A 115 -7.65 20.89 -8.80
CA ALA A 115 -6.22 20.75 -8.49
C ALA A 115 -5.95 19.34 -7.93
N PHE A 116 -6.76 18.91 -6.92
CA PHE A 116 -6.67 17.55 -6.33
C PHE A 116 -6.80 16.49 -7.43
N LYS A 117 -7.84 16.66 -8.29
CA LYS A 117 -8.14 15.76 -9.41
C LYS A 117 -6.97 15.70 -10.40
N LYS A 118 -6.43 16.88 -10.76
CA LYS A 118 -5.39 17.01 -11.78
C LYS A 118 -4.12 16.24 -11.35
N LYS A 119 -3.76 16.39 -10.06
CA LYS A 119 -2.55 15.80 -9.50
C LYS A 119 -2.74 14.31 -9.17
N ILE A 120 -3.94 13.89 -8.70
CA ILE A 120 -4.19 12.46 -8.32
C ILE A 120 -4.32 11.59 -9.59
N GLN A 121 -4.98 12.15 -10.63
CA GLN A 121 -5.13 11.47 -11.94
C GLN A 121 -3.78 11.47 -12.66
N GLY A 122 -3.04 12.59 -12.55
CA GLY A 122 -1.68 12.68 -13.10
C GLY A 122 -0.73 11.67 -12.46
N TRP A 123 -0.89 11.48 -11.14
CA TRP A 123 -0.08 10.54 -10.35
C TRP A 123 -0.37 9.11 -10.81
N VAL A 124 -1.66 8.73 -10.88
CA VAL A 124 -2.06 7.35 -11.20
C VAL A 124 -1.73 7.01 -12.68
N VAL A 125 -2.00 7.94 -13.63
CA VAL A 125 -1.78 7.68 -15.08
C VAL A 125 -0.26 7.47 -15.37
N SER A 126 0.61 8.14 -14.56
CA SER A 126 2.06 7.92 -14.60
C SER A 126 2.45 6.61 -13.86
N LEU A 127 1.75 6.35 -12.73
CA LEU A 127 2.05 5.22 -11.81
C LEU A 127 1.64 3.88 -12.43
N LEU A 128 0.61 3.89 -13.29
CA LEU A 128 0.05 2.68 -13.92
C LEU A 128 0.82 2.34 -15.21
N ALA A 129 1.84 3.15 -15.55
CA ALA A 129 2.69 2.92 -16.73
C ALA A 129 3.72 1.83 -16.40
N LYS A 130 3.26 0.57 -16.50
CA LYS A 130 4.00 -0.65 -16.09
C LYS A 130 5.33 -0.87 -16.88
N ASP A 131 5.58 -0.03 -17.89
CA ASP A 131 6.83 -0.04 -18.68
C ASP A 131 8.07 0.10 -17.74
N ARG A 132 7.96 1.00 -16.76
CA ARG A 132 8.95 1.14 -15.65
C ARG A 132 8.32 0.65 -14.33
N PHE A 133 7.02 0.93 -14.17
CA PHE A 133 6.28 0.80 -12.91
C PHE A 133 5.84 -0.65 -12.59
N LYS A 134 6.15 -1.63 -13.47
CA LYS A 134 5.82 -3.08 -13.25
C LYS A 134 6.29 -3.64 -11.87
N ASN A 135 7.14 -2.88 -11.14
CA ASN A 135 7.60 -3.23 -9.77
C ASN A 135 6.56 -2.83 -8.70
N LEU A 136 5.29 -2.68 -9.11
CA LEU A 136 4.17 -2.44 -8.20
C LEU A 136 3.57 -3.79 -7.77
N ALA A 137 3.28 -3.88 -6.48
CA ALA A 137 2.66 -5.05 -5.84
C ALA A 137 1.51 -4.53 -4.98
N PHE A 138 0.29 -5.02 -5.22
CA PHE A 138 -0.94 -4.43 -4.66
C PHE A 138 -1.39 -5.25 -3.44
N PHE A 139 -1.66 -4.58 -2.31
CA PHE A 139 -2.02 -5.24 -1.04
C PHE A 139 -3.28 -4.61 -0.45
N ILE A 140 -4.12 -5.43 0.21
CA ILE A 140 -5.30 -4.94 0.97
C ILE A 140 -5.33 -5.58 2.36
N GLY A 141 -6.23 -5.07 3.23
CA GLY A 141 -6.44 -5.63 4.56
C GLY A 141 -7.28 -6.91 4.51
N GLU A 142 -6.86 -7.88 5.33
CA GLU A 142 -7.61 -9.11 5.61
C GLU A 142 -8.98 -8.78 6.21
N ARG A 143 -8.95 -7.88 7.23
CA ARG A 143 -10.14 -7.37 7.95
C ARG A 143 -11.18 -6.78 6.97
N ALA A 144 -10.65 -6.08 5.95
CA ALA A 144 -11.45 -5.38 4.95
C ALA A 144 -12.21 -6.38 4.05
N ALA A 145 -11.48 -7.42 3.59
CA ALA A 145 -12.03 -8.49 2.73
C ALA A 145 -12.78 -9.57 3.56
N GLU A 146 -12.77 -9.45 4.90
CA GLU A 146 -13.35 -10.47 5.82
C GLU A 146 -14.86 -10.26 6.04
N GLY A 147 -15.28 -9.00 6.20
CA GLY A 147 -16.69 -8.69 6.48
C GLY A 147 -16.96 -7.20 6.57
N ALA A 148 -16.43 -6.46 5.59
CA ALA A 148 -16.56 -4.99 5.50
C ALA A 148 -16.34 -4.56 4.04
N GLU A 149 -16.11 -3.24 3.79
CA GLU A 149 -15.61 -2.77 2.49
C GLU A 149 -14.30 -3.50 2.17
N ASN A 150 -14.28 -4.18 1.02
CA ASN A 150 -13.18 -5.09 0.57
C ASN A 150 -11.80 -4.40 0.67
N GLY A 151 -11.79 -3.06 0.49
CA GLY A 151 -10.62 -2.23 0.71
C GLY A 151 -10.23 -1.41 -0.51
N GLN A 152 -9.09 -0.73 -0.40
CA GLN A 152 -8.37 -0.08 -1.51
C GLN A 152 -6.96 -0.67 -1.58
N VAL A 153 -6.28 -0.46 -2.69
CA VAL A 153 -4.92 -0.93 -2.88
C VAL A 153 -3.88 -0.04 -2.16
N ALA A 154 -3.20 -0.66 -1.19
CA ALA A 154 -1.93 -0.19 -0.64
C ALA A 154 -0.82 -0.48 -1.69
N ILE A 155 -0.35 0.59 -2.34
CA ILE A 155 0.47 0.50 -3.57
C ILE A 155 1.96 0.43 -3.21
N ILE A 156 2.57 -0.75 -3.35
CA ILE A 156 4.00 -0.93 -3.01
C ILE A 156 4.86 -0.81 -4.28
N GLU A 157 5.73 0.21 -4.33
CA GLU A 157 6.73 0.37 -5.39
C GLU A 157 8.10 -0.12 -4.89
N TYR A 158 8.67 -1.11 -5.58
CA TYR A 158 10.05 -1.56 -5.35
C TYR A 158 11.00 -0.64 -6.13
N ARG A 159 11.58 0.34 -5.41
CA ARG A 159 12.56 1.27 -5.98
C ARG A 159 13.96 0.69 -5.80
N ASP A 160 14.77 0.68 -6.87
CA ASP A 160 16.16 0.19 -6.81
C ASP A 160 17.09 1.38 -6.53
N VAL A 161 17.64 1.41 -5.31
CA VAL A 161 18.66 2.41 -4.91
C VAL A 161 20.01 1.69 -4.66
N ASP A 162 20.99 1.96 -5.55
CA ASP A 162 22.36 1.36 -5.50
C ASP A 162 22.34 -0.20 -5.61
N GLY A 163 21.26 -0.75 -6.17
CA GLY A 163 21.11 -2.22 -6.27
C GLY A 163 20.47 -2.84 -5.04
N THR A 164 19.57 -2.07 -4.39
CA THR A 164 18.83 -2.51 -3.20
C THR A 164 17.35 -2.13 -3.36
N GLU A 165 16.46 -3.14 -3.31
CA GLU A 165 15.01 -2.93 -3.40
C GLU A 165 14.49 -2.30 -2.09
N VAL A 166 13.78 -1.18 -2.22
CA VAL A 166 13.16 -0.47 -1.09
C VAL A 166 11.63 -0.39 -1.35
N PRO A 167 10.82 -1.19 -0.59
CA PRO A 167 9.33 -1.21 -0.75
C PRO A 167 8.71 0.12 -0.29
N THR A 168 7.89 0.74 -1.15
CA THR A 168 7.36 2.09 -0.93
C THR A 168 5.83 2.04 -0.84
N LEU A 169 5.29 2.18 0.38
CA LEU A 169 3.85 2.12 0.65
C LEU A 169 3.20 3.45 0.27
N MET A 170 2.47 3.46 -0.85
CA MET A 170 1.84 4.67 -1.39
C MET A 170 0.35 4.63 -1.08
N LEU A 171 -0.09 5.69 -0.39
CA LEU A 171 -1.49 5.97 -0.05
C LEU A 171 -1.70 7.45 -0.38
N VAL A 172 -2.91 7.85 -0.79
CA VAL A 172 -3.21 9.29 -0.97
C VAL A 172 -3.56 9.89 0.40
N LYS A 173 -3.13 11.14 0.61
CA LYS A 173 -3.43 11.97 1.80
C LYS A 173 -4.94 11.95 2.13
N GLU A 174 -5.77 11.96 1.08
CA GLU A 174 -7.23 12.05 1.21
C GLU A 174 -7.88 10.65 1.47
N ALA A 175 -7.06 9.59 1.53
CA ALA A 175 -7.49 8.25 1.99
C ALA A 175 -6.97 7.99 3.41
N ILE A 176 -5.77 8.53 3.72
CA ILE A 176 -5.05 8.19 4.96
C ILE A 176 -5.31 9.28 6.03
N ILE A 177 -5.61 8.83 7.25
CA ILE A 177 -5.89 9.67 8.41
C ILE A 177 -5.00 9.18 9.56
N GLU A 178 -4.32 10.11 10.22
CA GLU A 178 -3.48 9.83 11.40
C GLU A 178 -4.31 10.07 12.67
N GLU A 179 -4.39 9.05 13.52
CA GLU A 179 -5.06 9.16 14.83
C GLU A 179 -4.00 9.14 15.93
N LYS A 180 -4.02 10.17 16.79
CA LYS A 180 -3.12 10.29 17.95
C LYS A 180 -3.49 9.25 19.04
N CYS A 181 -2.49 8.88 19.87
CA CYS A 181 -2.71 7.99 21.03
C CYS A 181 -1.99 8.59 22.27
N LEU A 182 -2.70 9.50 22.98
CA LEU A 182 -2.21 10.17 24.22
C LEU A 182 -3.34 10.97 24.93
N GLU A 183 -4.56 10.96 24.38
CA GLU A 183 -5.72 11.68 24.94
C GLU A 183 -6.54 10.73 25.85
N MET A 1 1.59 9.33 19.87
CA MET A 1 1.75 8.49 18.66
C MET A 1 1.13 9.19 17.44
N LEU A 2 1.40 8.67 16.23
CA LEU A 2 0.71 9.10 15.00
C LEU A 2 -0.07 7.90 14.44
N ILE A 3 -1.38 8.08 14.27
CA ILE A 3 -2.25 7.03 13.72
C ILE A 3 -2.45 7.25 12.21
N TYR A 4 -2.03 6.23 11.46
CA TYR A 4 -2.22 6.13 10.00
C TYR A 4 -3.36 5.12 9.81
N LYS A 5 -4.52 5.62 9.36
CA LYS A 5 -5.79 4.86 9.38
C LYS A 5 -6.49 4.90 8.02
N ASP A 6 -6.97 3.71 7.57
CA ASP A 6 -7.68 3.55 6.29
C ASP A 6 -9.15 3.97 6.44
N ILE A 7 -9.64 4.81 5.52
CA ILE A 7 -10.98 5.43 5.64
C ILE A 7 -12.13 4.47 5.28
N PHE A 8 -11.81 3.31 4.68
CA PHE A 8 -12.85 2.40 4.16
C PHE A 8 -13.22 1.33 5.22
N THR A 9 -12.24 0.47 5.54
CA THR A 9 -12.42 -0.74 6.37
C THR A 9 -11.37 -0.89 7.49
N ASP A 10 -10.13 -0.53 7.17
CA ASP A 10 -8.92 -0.93 7.95
C ASP A 10 -8.48 0.16 8.94
N ASP A 11 -9.41 1.05 9.33
CA ASP A 11 -9.19 2.24 10.20
C ASP A 11 -8.33 1.96 11.49
N GLU A 12 -8.34 0.71 11.99
CA GLU A 12 -7.47 0.25 13.11
C GLU A 12 -6.06 -0.22 12.58
N LEU A 13 -5.64 0.38 11.44
CA LEU A 13 -4.42 0.00 10.68
C LEU A 13 -3.15 0.02 11.56
N SER A 14 -2.65 1.24 11.90
CA SER A 14 -1.49 1.40 12.79
C SER A 14 -1.59 2.75 13.52
N SER A 15 -1.38 2.73 14.85
CA SER A 15 -1.34 3.94 15.68
C SER A 15 -0.09 3.87 16.58
N ASP A 16 1.02 4.45 16.09
CA ASP A 16 2.34 4.42 16.78
C ASP A 16 3.31 5.43 16.10
N SER A 17 4.53 5.56 16.63
CA SER A 17 5.58 6.41 16.07
C SER A 17 6.31 5.64 14.95
N PHE A 18 5.69 5.63 13.76
CA PHE A 18 6.25 4.98 12.56
C PHE A 18 6.84 6.04 11.62
N PRO A 19 7.86 5.68 10.76
CA PRO A 19 8.40 6.59 9.72
C PRO A 19 7.29 7.29 8.89
N MET A 20 7.25 8.62 8.95
CA MET A 20 6.29 9.45 8.22
C MET A 20 7.03 10.24 7.15
N LYS A 21 6.67 10.05 5.88
CA LYS A 21 7.28 10.75 4.75
C LYS A 21 6.16 11.06 3.77
N LEU A 22 5.90 12.35 3.54
CA LEU A 22 4.77 12.83 2.73
C LEU A 22 5.31 13.72 1.61
N VAL A 23 5.16 13.26 0.37
CA VAL A 23 5.65 13.93 -0.84
C VAL A 23 4.49 14.64 -1.55
N ASP A 24 4.75 15.88 -2.01
CA ASP A 24 3.76 16.78 -2.70
C ASP A 24 2.48 17.03 -1.88
N ASP A 25 2.54 16.79 -0.54
CA ASP A 25 1.36 16.82 0.38
C ASP A 25 0.22 15.86 -0.10
N LEU A 26 0.56 14.94 -1.03
CA LEU A 26 -0.43 14.13 -1.77
C LEU A 26 -0.32 12.65 -1.38
N VAL A 27 0.93 12.13 -1.45
CA VAL A 27 1.20 10.70 -1.28
C VAL A 27 2.07 10.48 -0.03
N TYR A 28 1.56 9.68 0.91
CA TYR A 28 2.32 9.20 2.06
C TYR A 28 3.09 7.94 1.62
N GLU A 29 4.42 8.06 1.59
CA GLU A 29 5.33 6.95 1.32
C GLU A 29 5.98 6.49 2.64
N PHE A 30 5.55 5.31 3.10
CA PHE A 30 6.00 4.68 4.34
C PHE A 30 7.21 3.79 4.03
N LYS A 31 8.40 4.17 4.53
CA LYS A 31 9.64 3.41 4.32
C LYS A 31 9.60 2.06 5.08
N GLY A 32 10.19 1.02 4.46
CA GLY A 32 10.30 -0.33 5.05
C GLY A 32 11.35 -1.15 4.31
N LYS A 33 11.49 -2.44 4.68
CA LYS A 33 12.56 -3.32 4.14
C LYS A 33 11.99 -4.69 3.73
N HIS A 34 12.62 -5.36 2.73
CA HIS A 34 12.22 -6.72 2.32
C HIS A 34 12.72 -7.74 3.38
N VAL A 35 11.78 -8.54 3.89
CA VAL A 35 12.00 -9.55 4.96
C VAL A 35 11.00 -10.70 4.78
N VAL A 36 11.32 -11.89 5.29
CA VAL A 36 10.42 -13.07 5.20
C VAL A 36 10.35 -13.73 6.58
N ARG A 37 9.32 -14.55 6.79
CA ARG A 37 9.23 -15.42 7.97
C ARG A 37 8.72 -16.78 7.52
N LYS A 38 9.60 -17.77 7.58
CA LYS A 38 9.29 -19.17 7.24
C LYS A 38 9.48 -20.03 8.49
N GLU A 39 8.66 -21.08 8.61
CA GLU A 39 8.60 -21.98 9.78
C GLU A 39 9.97 -22.65 10.04
N GLY A 40 10.79 -21.93 10.82
CA GLY A 40 12.11 -22.38 11.23
C GLY A 40 13.11 -21.23 11.27
N GLU A 41 13.20 -20.48 10.15
CA GLU A 41 14.27 -19.48 9.92
C GLU A 41 13.80 -18.33 8.98
N ILE A 42 14.76 -17.54 8.47
CA ILE A 42 14.51 -16.39 7.57
C ILE A 42 15.61 -16.29 6.49
N VAL A 43 15.22 -16.40 5.20
CA VAL A 43 16.10 -16.09 4.05
C VAL A 43 15.46 -14.93 3.27
N LEU A 44 15.79 -13.68 3.68
CA LEU A 44 15.22 -12.47 3.04
C LEU A 44 16.02 -12.08 1.77
N ALA A 45 17.27 -12.57 1.68
CA ALA A 45 18.19 -12.25 0.57
C ALA A 45 19.09 -13.45 0.24
N GLY A 46 19.47 -13.53 -1.04
CA GLY A 46 20.36 -14.57 -1.54
C GLY A 46 20.57 -14.43 -3.04
N SER A 47 20.72 -13.16 -3.48
CA SER A 47 20.81 -12.77 -4.91
C SER A 47 19.54 -13.21 -5.66
N ASN A 48 18.39 -12.87 -5.06
CA ASN A 48 17.05 -13.26 -5.53
C ASN A 48 16.11 -12.03 -5.52
N PRO A 49 15.26 -11.83 -6.59
CA PRO A 49 14.17 -10.85 -6.57
C PRO A 49 12.93 -11.40 -5.83
N SER A 50 11.73 -10.87 -6.15
CA SER A 50 10.47 -11.33 -5.54
C SER A 50 10.00 -12.64 -6.22
N ALA A 51 10.76 -13.73 -5.98
CA ALA A 51 10.50 -15.05 -6.61
C ALA A 51 9.42 -15.78 -5.82
N GLU A 52 8.17 -15.59 -6.26
CA GLU A 52 6.96 -16.12 -5.60
C GLU A 52 6.87 -17.64 -5.76
N GLU A 53 6.85 -18.10 -7.03
CA GLU A 53 6.95 -19.53 -7.42
C GLU A 53 5.80 -20.40 -6.86
N GLY A 54 4.67 -19.77 -6.54
CA GLY A 54 3.48 -20.46 -6.03
C GLY A 54 2.23 -20.05 -6.76
N ALA A 55 2.30 -20.11 -8.10
CA ALA A 55 1.13 -19.86 -8.98
C ALA A 55 0.13 -21.03 -8.87
N GLU A 56 0.64 -22.19 -8.43
CA GLU A 56 -0.15 -23.38 -8.10
C GLU A 56 0.26 -23.85 -6.69
N ASP A 57 0.29 -22.88 -5.75
CA ASP A 57 0.77 -23.08 -4.36
C ASP A 57 -0.04 -24.18 -3.62
N ASP A 58 0.59 -25.34 -3.46
CA ASP A 58 0.09 -26.48 -2.66
C ASP A 58 0.99 -26.73 -1.44
N GLY A 59 1.96 -25.82 -1.20
CA GLY A 59 2.90 -25.94 -0.08
C GLY A 59 2.19 -25.86 1.27
N SER A 60 2.20 -26.97 2.03
CA SER A 60 1.50 -27.08 3.33
C SER A 60 2.25 -26.29 4.43
N ASP A 61 1.99 -24.98 4.48
CA ASP A 61 2.65 -24.05 5.43
C ASP A 61 1.60 -23.20 6.14
N GLU A 62 1.71 -23.14 7.47
CA GLU A 62 0.90 -22.27 8.33
C GLU A 62 1.67 -20.97 8.64
N HIS A 63 2.99 -20.97 8.39
CA HIS A 63 3.89 -19.85 8.71
C HIS A 63 4.90 -19.61 7.58
N VAL A 64 4.42 -19.00 6.48
CA VAL A 64 5.27 -18.30 5.50
C VAL A 64 4.69 -16.89 5.33
N GLU A 65 5.10 -15.98 6.23
CA GLU A 65 4.78 -14.56 6.13
C GLU A 65 5.93 -13.87 5.39
N ARG A 66 5.95 -14.07 4.05
CA ARG A 66 6.96 -13.50 3.13
C ARG A 66 6.52 -12.12 2.63
N GLY A 67 7.48 -11.21 2.44
CA GLY A 67 7.25 -9.99 1.68
C GLY A 67 8.15 -8.87 2.13
N ILE A 68 7.57 -7.71 2.39
CA ILE A 68 8.26 -6.60 3.07
C ILE A 68 7.65 -6.33 4.46
N ASP A 69 8.50 -5.84 5.39
CA ASP A 69 8.19 -5.49 6.80
C ASP A 69 6.84 -4.76 6.95
N ILE A 70 6.58 -3.85 6.02
CA ILE A 70 5.36 -3.04 5.98
C ILE A 70 4.12 -3.96 5.91
N VAL A 71 4.13 -4.83 4.91
CA VAL A 71 3.05 -5.78 4.62
C VAL A 71 2.83 -6.74 5.80
N LEU A 72 3.94 -7.25 6.34
CA LEU A 72 3.94 -8.32 7.35
C LEU A 72 3.45 -7.79 8.71
N ASN A 73 3.81 -6.55 9.02
CA ASN A 73 3.40 -5.86 10.26
C ASN A 73 1.91 -5.48 10.20
N HIS A 74 1.43 -5.14 9.00
CA HIS A 74 0.04 -4.66 8.77
C HIS A 74 -0.89 -5.81 8.31
N LYS A 75 -0.30 -7.01 8.06
CA LYS A 75 -1.03 -8.23 7.63
C LYS A 75 -1.84 -7.95 6.35
N LEU A 76 -1.12 -7.62 5.27
CA LEU A 76 -1.69 -7.30 3.96
C LEU A 76 -1.57 -8.51 3.03
N VAL A 77 -2.66 -8.82 2.32
CA VAL A 77 -2.68 -9.95 1.35
C VAL A 77 -2.22 -9.45 -0.04
N GLU A 78 -1.26 -10.20 -0.61
CA GLU A 78 -0.62 -9.88 -1.91
C GLU A 78 -1.57 -10.14 -3.09
N MET A 79 -1.61 -9.17 -4.00
CA MET A 79 -2.39 -9.20 -5.25
C MET A 79 -1.58 -8.44 -6.32
N ASN A 80 -0.94 -9.18 -7.23
CA ASN A 80 -0.17 -8.55 -8.32
C ASN A 80 -1.09 -8.22 -9.48
N CYS A 81 -0.74 -7.16 -10.23
CA CYS A 81 -1.52 -6.66 -11.36
C CYS A 81 -1.68 -7.73 -12.47
N TYR A 82 -0.77 -8.73 -12.48
CA TYR A 82 -0.78 -9.86 -13.43
C TYR A 82 -2.11 -10.65 -13.33
N GLU A 83 -2.40 -11.13 -12.11
CA GLU A 83 -3.56 -12.00 -11.85
C GLU A 83 -4.89 -11.22 -11.88
N ASP A 84 -4.87 -9.96 -11.39
CA ASP A 84 -6.09 -9.23 -11.01
C ASP A 84 -6.26 -7.91 -11.80
N ALA A 85 -5.58 -7.77 -12.95
CA ALA A 85 -5.57 -6.51 -13.77
C ALA A 85 -6.98 -5.88 -13.96
N SER A 86 -7.99 -6.74 -14.17
CA SER A 86 -9.38 -6.33 -14.39
C SER A 86 -9.98 -5.67 -13.13
N MET A 87 -10.02 -6.43 -12.02
CA MET A 87 -10.64 -5.98 -10.75
C MET A 87 -9.73 -4.99 -10.01
N PHE A 88 -8.44 -4.91 -10.40
CA PHE A 88 -7.52 -3.87 -9.95
C PHE A 88 -7.93 -2.51 -10.54
N LYS A 89 -8.36 -2.51 -11.81
CA LYS A 89 -8.90 -1.30 -12.45
C LYS A 89 -10.27 -0.94 -11.83
N ALA A 90 -10.97 -1.98 -11.31
CA ALA A 90 -12.20 -1.78 -10.51
C ALA A 90 -11.87 -1.18 -9.13
N TYR A 91 -10.70 -1.58 -8.53
CA TYR A 91 -10.15 -0.93 -7.32
C TYR A 91 -9.91 0.55 -7.59
N ILE A 92 -9.30 0.87 -8.76
CA ILE A 92 -9.00 2.25 -9.18
C ILE A 92 -10.28 3.09 -9.37
N LYS A 93 -11.34 2.48 -9.93
CA LYS A 93 -12.67 3.12 -10.08
C LYS A 93 -13.25 3.53 -8.70
N LYS A 94 -13.19 2.59 -7.74
CA LYS A 94 -13.69 2.81 -6.36
C LYS A 94 -12.83 3.86 -5.65
N PHE A 95 -11.51 3.71 -5.81
CA PHE A 95 -10.45 4.57 -5.25
C PHE A 95 -10.73 6.05 -5.56
N MET A 96 -10.83 6.37 -6.88
CA MET A 96 -11.08 7.75 -7.36
C MET A 96 -12.39 8.30 -6.77
N LYS A 97 -13.51 7.59 -7.01
CA LYS A 97 -14.86 8.09 -6.63
C LYS A 97 -14.99 8.25 -5.10
N ASN A 98 -14.26 7.42 -4.32
CA ASN A 98 -14.34 7.43 -2.85
C ASN A 98 -13.52 8.60 -2.27
N VAL A 99 -12.28 8.81 -2.78
CA VAL A 99 -11.40 9.92 -2.30
C VAL A 99 -11.98 11.28 -2.70
N ILE A 100 -12.74 11.32 -3.83
CA ILE A 100 -13.42 12.54 -4.31
C ILE A 100 -14.67 12.81 -3.45
N ASP A 101 -15.47 11.75 -3.18
CA ASP A 101 -16.65 11.81 -2.27
C ASP A 101 -16.23 12.21 -0.83
N HIS A 102 -15.00 11.81 -0.45
CA HIS A 102 -14.42 12.09 0.88
C HIS A 102 -14.11 13.60 1.00
N MET A 103 -13.20 14.08 0.11
CA MET A 103 -12.65 15.46 0.21
C MET A 103 -13.74 16.52 0.01
N GLU A 104 -14.54 16.40 -1.08
CA GLU A 104 -15.53 17.41 -1.49
C GLU A 104 -16.67 17.57 -0.45
N LYS A 105 -16.86 16.53 0.38
CA LYS A 105 -17.92 16.49 1.42
C LYS A 105 -17.56 17.45 2.58
N ASN A 106 -16.25 17.70 2.75
CA ASN A 106 -15.71 18.60 3.79
C ASN A 106 -14.98 19.81 3.17
N ASN A 107 -14.92 19.89 1.81
CA ASN A 107 -14.22 20.99 1.08
C ASN A 107 -15.21 21.76 0.19
N ARG A 108 -15.61 21.11 -0.94
CA ARG A 108 -16.55 21.64 -1.98
C ARG A 108 -16.23 23.06 -2.51
N ASP A 109 -14.99 23.53 -2.30
CA ASP A 109 -14.52 24.84 -2.82
C ASP A 109 -14.19 24.73 -4.32
N LYS A 110 -13.93 23.48 -4.77
CA LYS A 110 -13.69 23.09 -6.17
C LYS A 110 -12.22 23.32 -6.59
N ALA A 111 -11.59 24.41 -6.13
CA ALA A 111 -10.19 24.73 -6.48
C ALA A 111 -9.23 23.75 -5.78
N ASP A 112 -9.67 23.21 -4.63
CA ASP A 112 -8.89 22.25 -3.83
C ASP A 112 -9.09 20.80 -4.31
N VAL A 113 -10.34 20.43 -4.58
CA VAL A 113 -10.71 19.06 -4.94
C VAL A 113 -10.36 18.73 -6.40
N ASP A 114 -10.47 19.74 -7.29
CA ASP A 114 -10.10 19.58 -8.72
C ASP A 114 -8.57 19.58 -8.87
N ALA A 115 -7.88 20.22 -7.89
CA ALA A 115 -6.40 20.24 -7.82
C ALA A 115 -5.90 18.85 -7.42
N PHE A 116 -6.52 18.30 -6.36
CA PHE A 116 -6.22 16.96 -5.84
C PHE A 116 -6.52 15.87 -6.89
N LYS A 117 -7.70 15.97 -7.52
CA LYS A 117 -8.16 15.05 -8.58
C LYS A 117 -7.22 15.10 -9.79
N LYS A 118 -6.70 16.31 -10.09
CA LYS A 118 -5.72 16.53 -11.17
C LYS A 118 -4.41 15.79 -10.86
N LYS A 119 -3.95 15.93 -9.61
CA LYS A 119 -2.70 15.33 -9.13
C LYS A 119 -2.81 13.80 -9.09
N ILE A 120 -4.00 13.29 -8.71
CA ILE A 120 -4.30 11.85 -8.62
C ILE A 120 -4.45 11.25 -10.03
N GLN A 121 -5.05 12.02 -10.96
CA GLN A 121 -5.22 11.60 -12.37
C GLN A 121 -3.84 11.38 -12.99
N GLY A 122 -2.97 12.40 -12.86
CA GLY A 122 -1.61 12.35 -13.38
C GLY A 122 -0.77 11.28 -12.68
N TRP A 123 -0.98 11.13 -11.36
CA TRP A 123 -0.25 10.16 -10.51
C TRP A 123 -0.52 8.73 -10.96
N VAL A 124 -1.81 8.36 -11.03
CA VAL A 124 -2.22 6.98 -11.34
C VAL A 124 -1.87 6.61 -12.79
N VAL A 125 -2.06 7.52 -13.77
CA VAL A 125 -1.73 7.24 -15.19
C VAL A 125 -0.23 6.91 -15.36
N SER A 126 0.62 7.68 -14.67
CA SER A 126 2.09 7.46 -14.66
C SER A 126 2.46 6.18 -13.88
N LEU A 127 1.65 5.87 -12.85
CA LEU A 127 1.88 4.73 -11.93
C LEU A 127 1.34 3.40 -12.51
N LEU A 128 0.39 3.51 -13.46
CA LEU A 128 -0.21 2.34 -14.15
C LEU A 128 0.54 2.03 -15.47
N ALA A 129 1.58 2.83 -15.80
CA ALA A 129 2.35 2.68 -17.06
C ALA A 129 3.03 1.29 -17.12
N LYS A 130 2.41 0.38 -17.89
CA LYS A 130 2.69 -1.08 -17.88
C LYS A 130 4.14 -1.45 -18.30
N ASP A 131 4.90 -0.49 -18.86
CA ASP A 131 6.27 -0.74 -19.35
C ASP A 131 7.21 -1.11 -18.19
N ARG A 132 7.14 -0.33 -17.09
CA ARG A 132 7.96 -0.52 -15.86
C ARG A 132 7.07 -1.02 -14.71
N PHE A 133 5.86 -0.44 -14.62
CA PHE A 133 4.96 -0.56 -13.46
C PHE A 133 4.15 -1.87 -13.46
N LYS A 134 4.33 -2.66 -14.53
CA LYS A 134 4.01 -4.10 -14.58
C LYS A 134 4.54 -4.85 -13.32
N ASN A 135 5.66 -4.35 -12.76
CA ASN A 135 6.38 -4.98 -11.63
C ASN A 135 6.00 -4.33 -10.28
N LEU A 136 4.78 -3.76 -10.19
CA LEU A 136 4.23 -3.24 -8.92
C LEU A 136 3.50 -4.36 -8.19
N ALA A 137 3.65 -4.40 -6.86
CA ALA A 137 3.00 -5.40 -6.01
C ALA A 137 1.89 -4.69 -5.23
N PHE A 138 0.62 -5.02 -5.52
CA PHE A 138 -0.52 -4.33 -4.91
C PHE A 138 -1.04 -5.19 -3.76
N PHE A 139 -1.42 -4.55 -2.67
CA PHE A 139 -1.87 -5.24 -1.46
C PHE A 139 -3.15 -4.59 -1.00
N ILE A 140 -4.01 -5.38 -0.37
CA ILE A 140 -5.25 -4.89 0.22
C ILE A 140 -5.25 -5.29 1.70
N GLY A 141 -5.76 -4.36 2.54
CA GLY A 141 -5.87 -4.60 3.98
C GLY A 141 -6.70 -5.82 4.30
N GLU A 142 -6.23 -6.61 5.29
CA GLU A 142 -6.88 -7.85 5.74
C GLU A 142 -8.41 -7.71 5.85
N ARG A 143 -8.85 -6.69 6.62
CA ARG A 143 -10.26 -6.49 6.97
C ARG A 143 -11.12 -6.20 5.72
N ALA A 144 -10.55 -5.42 4.79
CA ALA A 144 -11.14 -5.14 3.48
C ALA A 144 -11.31 -6.42 2.66
N ALA A 145 -10.25 -7.25 2.68
CA ALA A 145 -10.13 -8.46 1.85
C ALA A 145 -10.92 -9.66 2.39
N GLU A 146 -11.33 -9.60 3.69
CA GLU A 146 -12.13 -10.67 4.33
C GLU A 146 -13.51 -10.84 3.67
N GLY A 147 -14.06 -9.73 3.16
CA GLY A 147 -15.37 -9.72 2.50
C GLY A 147 -16.09 -8.42 2.76
N ALA A 148 -15.39 -7.31 2.49
CA ALA A 148 -15.86 -5.95 2.79
C ALA A 148 -15.48 -4.99 1.65
N GLU A 149 -15.67 -3.68 1.89
CA GLU A 149 -15.25 -2.59 0.98
C GLU A 149 -13.76 -2.73 0.56
N ASN A 150 -13.49 -2.38 -0.70
CA ASN A 150 -12.19 -2.58 -1.39
C ASN A 150 -10.95 -2.03 -0.63
N GLY A 151 -11.13 -1.02 0.23
CA GLY A 151 -10.01 -0.38 0.93
C GLY A 151 -9.13 0.46 0.01
N GLN A 152 -8.13 1.12 0.60
CA GLN A 152 -7.07 1.82 -0.15
C GLN A 152 -6.02 0.76 -0.52
N VAL A 153 -5.68 0.67 -1.80
CA VAL A 153 -4.72 -0.32 -2.31
C VAL A 153 -3.30 0.09 -1.91
N ALA A 154 -2.71 -0.72 -1.03
CA ALA A 154 -1.33 -0.58 -0.58
C ALA A 154 -0.37 -0.81 -1.78
N ILE A 155 0.07 0.30 -2.40
CA ILE A 155 0.85 0.25 -3.64
C ILE A 155 2.34 0.13 -3.28
N ILE A 156 2.88 -1.08 -3.42
CA ILE A 156 4.24 -1.40 -2.96
C ILE A 156 5.22 -1.27 -4.13
N GLU A 157 6.12 -0.28 -3.98
CA GLU A 157 7.25 -0.04 -4.87
C GLU A 157 8.54 -0.16 -4.06
N TYR A 158 9.49 -0.94 -4.58
CA TYR A 158 10.84 -1.05 -4.00
C TYR A 158 11.67 0.13 -4.54
N ARG A 159 12.23 0.93 -3.64
CA ARG A 159 12.90 2.21 -3.98
C ARG A 159 14.39 2.07 -3.63
N ASP A 160 15.28 2.53 -4.53
CA ASP A 160 16.74 2.45 -4.33
C ASP A 160 17.24 3.79 -3.81
N VAL A 161 17.76 3.83 -2.59
CA VAL A 161 18.40 5.05 -2.01
C VAL A 161 19.90 4.76 -1.75
N ASP A 162 20.78 5.35 -2.60
CA ASP A 162 22.26 5.11 -2.57
C ASP A 162 22.59 3.64 -2.91
N GLY A 163 21.73 3.04 -3.75
CA GLY A 163 21.84 1.64 -4.13
C GLY A 163 21.49 0.68 -2.99
N THR A 164 20.65 1.17 -2.06
CA THR A 164 20.11 0.36 -0.95
C THR A 164 18.63 0.09 -1.19
N GLU A 165 18.21 -1.16 -0.98
CA GLU A 165 16.82 -1.60 -1.14
C GLU A 165 16.00 -1.06 0.03
N VAL A 166 15.10 -0.11 -0.25
CA VAL A 166 14.08 0.36 0.71
C VAL A 166 12.68 0.31 0.04
N PRO A 167 11.98 -0.86 0.14
CA PRO A 167 10.55 -0.99 -0.23
C PRO A 167 9.67 0.02 0.54
N THR A 168 8.97 0.88 -0.22
CA THR A 168 8.13 1.94 0.31
C THR A 168 6.67 1.66 -0.05
N LEU A 169 5.80 1.94 0.90
CA LEU A 169 4.36 1.82 0.76
C LEU A 169 3.80 3.17 0.30
N MET A 170 3.24 3.21 -0.91
CA MET A 170 2.63 4.41 -1.46
C MET A 170 1.14 4.37 -1.14
N LEU A 171 0.69 5.42 -0.46
CA LEU A 171 -0.68 5.61 0.03
C LEU A 171 -1.10 7.02 -0.34
N VAL A 172 -2.36 7.21 -0.75
CA VAL A 172 -2.90 8.57 -0.88
C VAL A 172 -3.32 9.08 0.52
N LYS A 173 -2.93 10.31 0.83
CA LYS A 173 -3.15 10.92 2.17
C LYS A 173 -4.66 11.15 2.46
N GLU A 174 -5.50 11.17 1.42
CA GLU A 174 -6.95 11.41 1.56
C GLU A 174 -7.68 10.14 2.03
N ALA A 175 -7.14 8.97 1.65
CA ALA A 175 -7.73 7.66 1.98
C ALA A 175 -6.96 6.95 3.11
N ILE A 176 -5.80 7.50 3.45
CA ILE A 176 -5.00 7.10 4.61
C ILE A 176 -4.73 8.36 5.42
N ILE A 177 -5.40 8.46 6.57
CA ILE A 177 -5.46 9.68 7.38
C ILE A 177 -4.38 9.64 8.45
N GLU A 178 -3.41 10.54 8.31
CA GLU A 178 -2.44 10.84 9.38
C GLU A 178 -3.19 11.65 10.45
N GLU A 179 -2.98 11.33 11.72
CA GLU A 179 -3.61 12.06 12.84
C GLU A 179 -2.69 12.04 14.07
N LYS A 180 -2.56 13.22 14.71
CA LYS A 180 -1.76 13.38 15.93
C LYS A 180 -2.62 12.93 17.12
N CYS A 181 -2.22 11.83 17.76
CA CYS A 181 -2.97 11.24 18.88
C CYS A 181 -1.99 10.93 20.03
N LEU A 182 -1.83 11.88 20.96
CA LEU A 182 -0.84 11.78 22.06
C LEU A 182 -1.51 11.30 23.36
N GLU A 183 -0.72 10.65 24.25
CA GLU A 183 -1.22 10.15 25.55
C GLU A 183 -1.59 11.35 26.48
N MET A 1 4.83 8.30 18.43
CA MET A 1 3.97 7.13 18.13
C MET A 1 2.63 7.62 17.56
N LEU A 2 2.24 7.14 16.37
CA LEU A 2 0.92 7.47 15.77
C LEU A 2 0.27 6.19 15.27
N ILE A 3 -1.05 6.19 15.21
CA ILE A 3 -1.82 5.09 14.62
C ILE A 3 -2.53 5.66 13.39
N TYR A 4 -2.16 5.13 12.21
CA TYR A 4 -2.65 5.62 10.93
C TYR A 4 -3.75 4.68 10.47
N LYS A 5 -4.88 5.27 10.07
CA LYS A 5 -6.10 4.54 9.69
C LYS A 5 -6.45 4.84 8.24
N ASP A 6 -7.28 3.98 7.66
CA ASP A 6 -7.77 4.11 6.27
C ASP A 6 -9.31 4.32 6.28
N ILE A 7 -9.92 4.49 5.10
CA ILE A 7 -11.38 4.49 4.94
C ILE A 7 -11.96 3.06 5.20
N PHE A 8 -11.21 2.06 4.71
CA PHE A 8 -11.67 0.65 4.61
C PHE A 8 -10.88 -0.22 5.60
N THR A 9 -9.55 -0.14 5.45
CA THR A 9 -8.59 -1.05 6.08
C THR A 9 -8.14 -0.51 7.47
N ASP A 10 -8.90 0.47 8.02
CA ASP A 10 -8.63 1.14 9.31
C ASP A 10 -8.66 0.22 10.53
N ASP A 11 -9.07 -1.04 10.33
CA ASP A 11 -9.23 -2.03 11.43
C ASP A 11 -7.97 -2.08 12.33
N GLU A 12 -6.80 -2.22 11.70
CA GLU A 12 -5.50 -1.96 12.32
C GLU A 12 -4.73 -0.92 11.49
N LEU A 13 -4.85 -1.07 10.14
CA LEU A 13 -4.03 -0.38 9.10
C LEU A 13 -2.53 -0.35 9.49
N SER A 14 -2.15 0.59 10.37
CA SER A 14 -0.78 0.71 10.90
C SER A 14 -0.78 1.42 12.27
N SER A 15 0.26 1.13 13.10
CA SER A 15 0.34 1.58 14.52
C SER A 15 1.78 1.46 15.04
N ASP A 16 2.54 2.57 14.99
CA ASP A 16 3.92 2.67 15.54
C ASP A 16 4.44 4.11 15.31
N SER A 17 5.62 4.42 15.88
CA SER A 17 6.43 5.61 15.54
C SER A 17 6.38 5.92 14.02
N PHE A 18 6.76 4.89 13.21
CA PHE A 18 6.69 4.89 11.72
C PHE A 18 7.16 6.20 11.04
N PRO A 19 8.35 6.21 10.36
CA PRO A 19 8.85 7.42 9.65
C PRO A 19 7.85 7.89 8.58
N MET A 20 7.38 9.12 8.71
CA MET A 20 6.31 9.69 7.88
C MET A 20 6.93 10.61 6.82
N LYS A 21 6.28 10.73 5.65
CA LYS A 21 6.67 11.71 4.62
C LYS A 21 5.45 12.02 3.74
N LEU A 22 5.21 13.31 3.46
CA LEU A 22 4.12 13.77 2.60
C LEU A 22 4.73 14.41 1.35
N VAL A 23 4.36 13.88 0.17
CA VAL A 23 4.88 14.35 -1.12
C VAL A 23 3.76 15.02 -1.94
N ASP A 24 4.09 16.20 -2.54
CA ASP A 24 3.21 16.96 -3.46
C ASP A 24 1.88 17.41 -2.77
N ASP A 25 1.84 17.33 -1.41
CA ASP A 25 0.62 17.54 -0.58
C ASP A 25 -0.58 16.75 -1.13
N LEU A 26 -0.27 15.56 -1.68
CA LEU A 26 -1.26 14.69 -2.33
C LEU A 26 -1.21 13.30 -1.69
N VAL A 27 0.01 12.74 -1.65
CA VAL A 27 0.25 11.33 -1.31
C VAL A 27 1.01 11.26 0.01
N TYR A 28 0.50 10.45 0.94
CA TYR A 28 1.25 10.05 2.13
C TYR A 28 2.08 8.83 1.73
N GLU A 29 3.41 8.98 1.71
CA GLU A 29 4.33 7.89 1.42
C GLU A 29 4.99 7.45 2.74
N PHE A 30 5.24 6.16 2.82
CA PHE A 30 5.86 5.53 3.97
C PHE A 30 6.77 4.42 3.46
N LYS A 31 8.09 4.65 3.50
CA LYS A 31 9.10 3.66 3.13
C LYS A 31 9.40 2.74 4.32
N GLY A 32 9.76 1.49 3.99
CA GLY A 32 10.15 0.48 4.95
C GLY A 32 11.39 -0.27 4.48
N LYS A 33 11.63 -1.44 5.06
CA LYS A 33 12.78 -2.29 4.75
C LYS A 33 12.33 -3.71 4.47
N HIS A 34 12.96 -4.32 3.46
CA HIS A 34 12.72 -5.69 3.05
C HIS A 34 13.35 -6.66 4.09
N VAL A 35 12.49 -7.44 4.77
CA VAL A 35 12.87 -8.27 5.93
C VAL A 35 12.01 -9.54 5.96
N VAL A 36 12.17 -10.34 7.02
CA VAL A 36 11.34 -11.53 7.27
C VAL A 36 10.47 -11.35 8.54
N ARG A 37 9.41 -12.16 8.63
CA ARG A 37 8.52 -12.25 9.80
C ARG A 37 8.25 -13.74 10.10
N LYS A 38 8.76 -14.24 11.22
CA LYS A 38 8.49 -15.61 11.68
C LYS A 38 8.18 -15.57 13.18
N GLU A 39 6.87 -15.54 13.52
CA GLU A 39 6.32 -15.37 14.89
C GLU A 39 6.96 -14.19 15.66
N GLY A 40 8.14 -14.45 16.23
CA GLY A 40 8.93 -13.46 16.99
C GLY A 40 10.39 -13.89 17.09
N GLU A 41 10.82 -14.67 16.10
CA GLU A 41 12.16 -15.22 15.96
C GLU A 41 12.60 -15.00 14.52
N ILE A 42 13.38 -13.95 14.27
CA ILE A 42 13.80 -13.57 12.91
C ILE A 42 15.32 -13.31 12.86
N VAL A 43 15.94 -13.82 11.79
CA VAL A 43 17.36 -13.61 11.49
C VAL A 43 17.46 -12.88 10.14
N LEU A 44 16.67 -11.80 10.03
CA LEU A 44 16.56 -10.97 8.83
C LEU A 44 17.94 -10.41 8.39
N ALA A 45 18.15 -10.35 7.08
CA ALA A 45 19.37 -9.79 6.49
C ALA A 45 19.25 -8.26 6.34
N GLY A 46 18.01 -7.73 6.55
CA GLY A 46 17.69 -6.33 6.28
C GLY A 46 18.02 -5.97 4.83
N SER A 47 19.11 -5.23 4.63
CA SER A 47 19.72 -5.04 3.31
C SER A 47 20.56 -6.30 3.02
N ASN A 48 19.96 -7.26 2.28
CA ASN A 48 20.59 -8.58 1.97
C ASN A 48 21.83 -8.39 1.08
N PRO A 49 23.08 -8.67 1.60
CA PRO A 49 24.33 -8.47 0.85
C PRO A 49 24.58 -9.60 -0.19
N SER A 50 24.62 -9.19 -1.48
CA SER A 50 24.82 -10.08 -2.63
C SER A 50 23.74 -11.19 -2.69
N ALA A 51 22.59 -10.86 -3.31
CA ALA A 51 21.50 -11.81 -3.50
C ALA A 51 21.78 -12.66 -4.74
N GLU A 52 22.30 -13.88 -4.48
CA GLU A 52 22.73 -14.84 -5.51
C GLU A 52 21.52 -15.53 -6.19
N GLU A 53 20.31 -15.41 -5.60
CA GLU A 53 19.10 -16.06 -6.15
C GLU A 53 17.90 -15.11 -6.11
N GLY A 54 17.22 -15.01 -4.95
CA GLY A 54 16.00 -14.19 -4.79
C GLY A 54 14.82 -14.69 -5.65
N ALA A 55 14.86 -15.99 -6.02
CA ALA A 55 13.89 -16.61 -6.95
C ALA A 55 13.46 -18.01 -6.45
N GLU A 56 13.32 -18.13 -5.12
CA GLU A 56 12.92 -19.39 -4.45
C GLU A 56 11.42 -19.69 -4.65
N ASP A 57 10.64 -18.64 -5.00
CA ASP A 57 9.17 -18.72 -5.29
C ASP A 57 8.37 -19.13 -4.04
N ASP A 58 8.92 -18.87 -2.84
CA ASP A 58 8.32 -19.21 -1.54
C ASP A 58 8.16 -20.75 -1.40
N GLY A 59 9.18 -21.42 -0.84
CA GLY A 59 9.18 -22.89 -0.69
C GLY A 59 9.91 -23.37 0.56
N SER A 60 10.18 -22.42 1.48
CA SER A 60 10.79 -22.70 2.80
C SER A 60 10.28 -21.65 3.82
N ASP A 61 9.09 -21.13 3.50
CA ASP A 61 8.49 -19.95 4.16
C ASP A 61 7.13 -20.32 4.76
N GLU A 62 7.08 -21.53 5.34
CA GLU A 62 5.86 -22.12 5.94
C GLU A 62 5.19 -21.15 6.92
N HIS A 63 6.00 -20.54 7.80
CA HIS A 63 5.56 -19.48 8.73
C HIS A 63 6.55 -18.30 8.72
N VAL A 64 7.30 -18.17 7.60
CA VAL A 64 8.19 -17.04 7.35
C VAL A 64 7.57 -16.12 6.28
N GLU A 65 6.92 -15.06 6.73
CA GLU A 65 6.43 -13.98 5.87
C GLU A 65 7.62 -13.07 5.53
N ARG A 66 8.39 -13.48 4.53
CA ARG A 66 9.42 -12.64 3.89
C ARG A 66 8.73 -11.62 2.96
N GLY A 67 9.31 -10.41 2.87
CA GLY A 67 8.78 -9.35 2.02
C GLY A 67 9.15 -7.98 2.54
N ILE A 68 8.17 -7.07 2.52
CA ILE A 68 8.32 -5.68 3.01
C ILE A 68 7.62 -5.55 4.38
N ASP A 69 8.36 -5.05 5.39
CA ASP A 69 7.94 -4.99 6.82
C ASP A 69 6.58 -4.30 7.03
N ILE A 70 6.26 -3.35 6.14
CA ILE A 70 5.00 -2.57 6.16
C ILE A 70 3.79 -3.52 5.99
N VAL A 71 3.95 -4.45 5.03
CA VAL A 71 2.97 -5.49 4.74
C VAL A 71 3.02 -6.58 5.82
N LEU A 72 4.24 -6.95 6.24
CA LEU A 72 4.46 -8.02 7.25
C LEU A 72 3.93 -7.59 8.62
N ASN A 73 3.85 -6.26 8.85
CA ASN A 73 3.33 -5.65 10.08
C ASN A 73 1.85 -6.02 10.31
N HIS A 74 1.02 -5.62 9.35
CA HIS A 74 -0.45 -5.81 9.40
C HIS A 74 -0.86 -7.19 8.84
N LYS A 75 0.05 -7.77 8.03
CA LYS A 75 -0.20 -8.96 7.20
C LYS A 75 -1.23 -8.60 6.11
N LEU A 76 -0.80 -7.77 5.15
CA LEU A 76 -1.61 -7.44 3.96
C LEU A 76 -1.46 -8.59 2.95
N VAL A 77 -2.57 -9.01 2.33
CA VAL A 77 -2.57 -10.12 1.36
C VAL A 77 -2.20 -9.57 -0.03
N GLU A 78 -1.22 -10.24 -0.68
CA GLU A 78 -0.68 -9.87 -1.99
C GLU A 78 -1.75 -9.88 -3.09
N MET A 79 -1.56 -8.98 -4.06
CA MET A 79 -2.42 -8.80 -5.22
C MET A 79 -1.55 -8.34 -6.39
N ASN A 80 -1.74 -8.93 -7.56
CA ASN A 80 -0.94 -8.62 -8.77
C ASN A 80 -1.86 -8.10 -9.86
N CYS A 81 -1.37 -7.11 -10.63
CA CYS A 81 -2.02 -6.62 -11.86
C CYS A 81 -2.06 -7.70 -12.96
N TYR A 82 -1.30 -8.78 -12.76
CA TYR A 82 -1.24 -9.93 -13.67
C TYR A 82 -2.44 -10.87 -13.46
N GLU A 83 -2.89 -11.00 -12.21
CA GLU A 83 -3.94 -11.95 -11.82
C GLU A 83 -5.29 -11.23 -11.62
N ASP A 84 -5.21 -10.01 -11.06
CA ASP A 84 -6.37 -9.24 -10.58
C ASP A 84 -6.62 -7.97 -11.44
N ALA A 85 -6.09 -7.95 -12.69
CA ALA A 85 -6.12 -6.76 -13.60
C ALA A 85 -7.49 -6.05 -13.65
N SER A 86 -8.56 -6.87 -13.73
CA SER A 86 -9.96 -6.39 -13.78
C SER A 86 -10.36 -5.68 -12.46
N MET A 87 -10.13 -6.39 -11.34
CA MET A 87 -10.58 -5.96 -10.00
C MET A 87 -9.80 -4.72 -9.54
N PHE A 88 -8.49 -4.74 -9.80
CA PHE A 88 -7.55 -3.67 -9.46
C PHE A 88 -7.90 -2.37 -10.21
N LYS A 89 -8.25 -2.49 -11.50
CA LYS A 89 -8.66 -1.35 -12.34
C LYS A 89 -9.99 -0.74 -11.83
N ALA A 90 -10.89 -1.63 -11.34
CA ALA A 90 -12.17 -1.23 -10.72
C ALA A 90 -11.91 -0.47 -9.40
N TYR A 91 -10.90 -0.95 -8.63
CA TYR A 91 -10.49 -0.29 -7.39
C TYR A 91 -9.91 1.09 -7.68
N ILE A 92 -9.02 1.22 -8.69
CA ILE A 92 -8.40 2.51 -9.07
C ILE A 92 -9.46 3.57 -9.43
N LYS A 93 -10.48 3.14 -10.21
CA LYS A 93 -11.59 4.00 -10.64
C LYS A 93 -12.38 4.55 -9.43
N LYS A 94 -12.74 3.65 -8.51
CA LYS A 94 -13.61 3.97 -7.36
C LYS A 94 -12.83 4.68 -6.24
N PHE A 95 -11.57 4.24 -6.01
CA PHE A 95 -10.57 4.90 -5.14
C PHE A 95 -10.44 6.38 -5.49
N MET A 96 -10.18 6.66 -6.80
CA MET A 96 -10.11 8.02 -7.32
C MET A 96 -11.39 8.80 -6.97
N LYS A 97 -12.53 8.22 -7.37
CA LYS A 97 -13.88 8.79 -7.16
C LYS A 97 -14.16 9.10 -5.67
N ASN A 98 -13.65 8.21 -4.80
CA ASN A 98 -13.98 8.18 -3.36
C ASN A 98 -13.15 9.18 -2.56
N VAL A 99 -11.85 9.28 -2.86
CA VAL A 99 -10.92 10.19 -2.15
C VAL A 99 -11.10 11.65 -2.59
N ILE A 100 -11.55 11.86 -3.84
CA ILE A 100 -11.95 13.20 -4.36
C ILE A 100 -13.30 13.60 -3.72
N ASP A 101 -14.17 12.60 -3.53
CA ASP A 101 -15.45 12.76 -2.79
C ASP A 101 -15.19 13.13 -1.32
N HIS A 102 -14.22 12.44 -0.70
CA HIS A 102 -13.86 12.64 0.71
C HIS A 102 -13.31 14.06 0.92
N MET A 103 -12.44 14.48 -0.01
CA MET A 103 -11.85 15.81 0.00
C MET A 103 -12.91 16.90 -0.25
N GLU A 104 -13.86 16.63 -1.19
CA GLU A 104 -14.94 17.57 -1.58
C GLU A 104 -15.77 18.00 -0.37
N LYS A 105 -16.04 17.03 0.52
CA LYS A 105 -16.80 17.24 1.76
C LYS A 105 -16.12 18.30 2.66
N ASN A 106 -14.78 18.31 2.69
CA ASN A 106 -14.00 19.15 3.62
C ASN A 106 -13.17 20.21 2.86
N ASN A 107 -13.27 20.25 1.51
CA ASN A 107 -12.49 21.16 0.63
C ASN A 107 -13.34 21.52 -0.61
N ARG A 108 -14.63 21.79 -0.38
CA ARG A 108 -15.63 22.25 -1.39
C ARG A 108 -15.27 23.63 -2.05
N ASP A 109 -14.04 24.13 -1.83
CA ASP A 109 -13.47 25.34 -2.47
C ASP A 109 -13.53 25.26 -4.02
N LYS A 110 -13.57 24.00 -4.51
CA LYS A 110 -13.85 23.61 -5.92
C LYS A 110 -12.58 23.55 -6.76
N ALA A 111 -11.83 24.66 -6.87
CA ALA A 111 -10.56 24.67 -7.63
C ALA A 111 -9.48 23.84 -6.91
N ASP A 112 -9.66 23.63 -5.59
CA ASP A 112 -8.75 22.87 -4.73
C ASP A 112 -8.90 21.35 -4.94
N VAL A 113 -10.16 20.89 -4.96
CA VAL A 113 -10.49 19.46 -5.22
C VAL A 113 -10.33 19.10 -6.70
N ASP A 114 -10.50 20.09 -7.58
CA ASP A 114 -10.23 19.95 -9.02
C ASP A 114 -8.72 19.84 -9.28
N ALA A 115 -7.93 20.59 -8.47
CA ALA A 115 -6.45 20.54 -8.50
C ALA A 115 -5.97 19.18 -7.98
N PHE A 116 -6.62 18.71 -6.91
CA PHE A 116 -6.37 17.39 -6.30
C PHE A 116 -6.72 16.27 -7.29
N LYS A 117 -7.84 16.45 -8.00
CA LYS A 117 -8.34 15.51 -9.01
C LYS A 117 -7.35 15.41 -10.19
N LYS A 118 -6.76 16.57 -10.55
CA LYS A 118 -5.76 16.67 -11.62
C LYS A 118 -4.47 15.95 -11.20
N LYS A 119 -4.09 16.13 -9.92
CA LYS A 119 -2.91 15.49 -9.33
C LYS A 119 -3.10 13.96 -9.23
N ILE A 120 -4.33 13.51 -8.86
CA ILE A 120 -4.67 12.07 -8.74
C ILE A 120 -4.65 11.41 -10.13
N GLN A 121 -5.30 12.07 -11.10
CA GLN A 121 -5.36 11.65 -12.51
C GLN A 121 -3.94 11.39 -13.05
N GLY A 122 -3.06 12.39 -12.85
CA GLY A 122 -1.66 12.34 -13.27
C GLY A 122 -0.84 11.31 -12.49
N TRP A 123 -1.11 11.20 -11.18
CA TRP A 123 -0.36 10.30 -10.27
C TRP A 123 -0.61 8.83 -10.65
N VAL A 124 -1.89 8.42 -10.71
CA VAL A 124 -2.24 7.02 -10.98
C VAL A 124 -1.83 6.61 -12.41
N VAL A 125 -2.04 7.46 -13.44
CA VAL A 125 -1.67 7.09 -14.84
C VAL A 125 -0.14 6.89 -14.96
N SER A 126 0.63 7.72 -14.22
CA SER A 126 2.09 7.67 -14.20
C SER A 126 2.60 6.46 -13.39
N LEU A 127 1.90 6.16 -12.29
CA LEU A 127 2.28 5.10 -11.34
C LEU A 127 1.82 3.70 -11.83
N LEU A 128 0.85 3.69 -12.76
CA LEU A 128 0.39 2.45 -13.41
C LEU A 128 1.13 2.21 -14.74
N ALA A 129 2.11 3.09 -15.09
CA ALA A 129 2.87 2.98 -16.36
C ALA A 129 3.77 1.72 -16.31
N LYS A 130 3.22 0.60 -16.81
CA LYS A 130 3.77 -0.77 -16.66
C LYS A 130 5.19 -0.96 -17.23
N ASP A 131 5.71 0.06 -17.95
CA ASP A 131 7.10 0.06 -18.50
C ASP A 131 8.12 -0.21 -17.38
N ARG A 132 7.94 0.50 -16.25
CA ARG A 132 8.71 0.27 -15.00
C ARG A 132 7.81 -0.36 -13.93
N PHE A 133 6.56 0.13 -13.88
CA PHE A 133 5.63 -0.04 -12.75
C PHE A 133 4.96 -1.43 -12.72
N LYS A 134 5.27 -2.26 -13.73
CA LYS A 134 5.06 -3.72 -13.65
C LYS A 134 5.71 -4.32 -12.36
N ASN A 135 6.74 -3.62 -11.84
CA ASN A 135 7.51 -4.03 -10.66
C ASN A 135 6.93 -3.40 -9.38
N LEU A 136 5.61 -3.16 -9.39
CA LEU A 136 4.84 -2.83 -8.18
C LEU A 136 4.23 -4.13 -7.61
N ALA A 137 4.01 -4.13 -6.30
CA ALA A 137 3.29 -5.19 -5.60
C ALA A 137 2.08 -4.54 -4.91
N PHE A 138 0.87 -4.95 -5.30
CA PHE A 138 -0.37 -4.36 -4.78
C PHE A 138 -0.84 -5.20 -3.60
N PHE A 139 -1.36 -4.56 -2.56
CA PHE A 139 -1.77 -5.25 -1.34
C PHE A 139 -3.12 -4.70 -0.88
N ILE A 140 -3.85 -5.54 -0.16
CA ILE A 140 -5.16 -5.22 0.39
C ILE A 140 -5.28 -5.90 1.77
N GLY A 141 -6.04 -5.29 2.69
CA GLY A 141 -6.32 -5.88 4.00
C GLY A 141 -6.97 -7.25 3.85
N GLU A 142 -6.34 -8.28 4.47
CA GLU A 142 -6.80 -9.68 4.40
C GLU A 142 -8.27 -9.85 4.84
N ARG A 143 -8.71 -9.03 5.83
CA ARG A 143 -10.09 -9.02 6.34
C ARG A 143 -11.05 -8.52 5.24
N ALA A 144 -10.62 -7.45 4.54
CA ALA A 144 -11.37 -6.89 3.41
C ALA A 144 -11.48 -7.92 2.28
N ALA A 145 -10.42 -8.71 2.12
CA ALA A 145 -10.34 -9.77 1.10
C ALA A 145 -11.03 -11.08 1.56
N GLU A 146 -11.36 -11.17 2.87
CA GLU A 146 -11.90 -12.41 3.48
C GLU A 146 -13.44 -12.38 3.54
N GLY A 147 -13.99 -11.20 3.87
CA GLY A 147 -15.44 -11.04 4.04
C GLY A 147 -15.87 -9.58 4.05
N ALA A 148 -15.40 -8.81 3.05
CA ALA A 148 -15.78 -7.39 2.86
C ALA A 148 -15.53 -6.98 1.39
N GLU A 149 -15.82 -5.72 1.04
CA GLU A 149 -15.65 -5.20 -0.34
C GLU A 149 -14.93 -3.84 -0.32
N ASN A 150 -14.27 -3.52 -1.46
CA ASN A 150 -13.65 -2.20 -1.76
C ASN A 150 -12.43 -1.89 -0.86
N GLY A 151 -11.83 -2.93 -0.26
CA GLY A 151 -10.62 -2.77 0.57
C GLY A 151 -9.48 -2.08 -0.19
N GLN A 152 -8.71 -1.27 0.55
CA GLN A 152 -7.74 -0.34 -0.02
C GLN A 152 -6.53 -1.06 -0.64
N VAL A 153 -6.09 -0.55 -1.80
CA VAL A 153 -4.88 -1.03 -2.47
C VAL A 153 -3.66 -0.25 -1.94
N ALA A 154 -3.00 -0.83 -0.93
CA ALA A 154 -1.71 -0.38 -0.44
C ALA A 154 -0.65 -0.65 -1.53
N ILE A 155 -0.22 0.42 -2.25
CA ILE A 155 0.58 0.26 -3.48
C ILE A 155 2.08 0.37 -3.14
N ILE A 156 2.78 -0.75 -3.33
CA ILE A 156 4.17 -0.94 -2.89
C ILE A 156 5.12 -0.93 -4.11
N GLU A 157 6.23 -0.18 -4.00
CA GLU A 157 7.36 -0.29 -4.93
C GLU A 157 8.39 -1.25 -4.33
N TYR A 158 9.02 -2.06 -5.18
CA TYR A 158 10.35 -2.63 -4.92
C TYR A 158 11.27 -2.12 -6.05
N ARG A 159 11.83 -0.93 -5.80
CA ARG A 159 12.60 -0.14 -6.78
C ARG A 159 14.11 -0.44 -6.59
N ASP A 160 14.99 0.02 -7.49
CA ASP A 160 16.44 -0.31 -7.43
C ASP A 160 17.26 0.83 -6.77
N VAL A 161 18.01 0.50 -5.71
CA VAL A 161 19.06 1.36 -5.11
C VAL A 161 20.36 0.54 -4.96
N ASP A 162 21.35 0.83 -5.84
CA ASP A 162 22.69 0.20 -5.82
C ASP A 162 22.65 -1.34 -6.09
N GLY A 163 21.45 -1.90 -6.40
CA GLY A 163 21.28 -3.34 -6.64
C GLY A 163 20.26 -4.00 -5.70
N THR A 164 19.93 -3.35 -4.56
CA THR A 164 18.91 -3.85 -3.60
C THR A 164 17.58 -3.09 -3.80
N GLU A 165 16.48 -3.60 -3.20
CA GLU A 165 15.12 -3.07 -3.44
C GLU A 165 14.71 -2.00 -2.39
N VAL A 166 14.28 -0.82 -2.88
CA VAL A 166 13.59 0.21 -2.07
C VAL A 166 12.11 -0.20 -1.91
N PRO A 167 11.66 -0.64 -0.70
CA PRO A 167 10.25 -0.96 -0.45
C PRO A 167 9.50 0.31 0.02
N THR A 168 8.57 0.80 -0.81
CA THR A 168 7.85 2.07 -0.55
C THR A 168 6.33 1.88 -0.60
N LEU A 169 5.65 2.12 0.53
CA LEU A 169 4.18 2.25 0.55
C LEU A 169 3.78 3.64 0.04
N MET A 170 2.79 3.69 -0.83
CA MET A 170 2.08 4.92 -1.20
C MET A 170 0.58 4.69 -0.96
N LEU A 171 -0.05 5.73 -0.40
CA LEU A 171 -1.51 5.87 -0.26
C LEU A 171 -1.81 7.38 -0.24
N VAL A 172 -2.99 7.78 -0.71
CA VAL A 172 -3.36 9.21 -0.75
C VAL A 172 -3.78 9.65 0.67
N LYS A 173 -3.55 10.93 1.00
CA LYS A 173 -3.85 11.48 2.33
C LYS A 173 -5.37 11.44 2.62
N GLU A 174 -6.18 11.56 1.55
CA GLU A 174 -7.65 11.59 1.67
C GLU A 174 -8.28 10.20 1.90
N ALA A 175 -7.44 9.15 1.89
CA ALA A 175 -7.84 7.81 2.29
C ALA A 175 -7.39 7.54 3.74
N ILE A 176 -6.34 8.26 4.18
CA ILE A 176 -5.64 7.99 5.44
C ILE A 176 -5.99 9.07 6.49
N ILE A 177 -6.47 8.62 7.66
CA ILE A 177 -6.74 9.48 8.81
C ILE A 177 -5.71 9.14 9.89
N GLU A 178 -4.79 10.09 10.11
CA GLU A 178 -3.69 9.94 11.05
C GLU A 178 -4.19 10.32 12.46
N GLU A 179 -4.27 9.33 13.36
CA GLU A 179 -4.80 9.51 14.71
C GLU A 179 -3.63 9.76 15.67
N LYS A 180 -3.77 10.83 16.48
CA LYS A 180 -2.78 11.24 17.46
C LYS A 180 -2.76 10.25 18.64
N CYS A 181 -1.69 9.45 18.73
CA CYS A 181 -1.53 8.42 19.78
C CYS A 181 -0.73 9.00 20.96
N LEU A 182 -1.45 9.60 21.94
CA LEU A 182 -0.86 10.16 23.19
C LEU A 182 -1.51 9.49 24.41
N GLU A 183 -2.84 9.66 24.54
CA GLU A 183 -3.63 9.12 25.65
C GLU A 183 -4.29 7.78 25.23
N MET A 1 4.24 8.20 18.84
CA MET A 1 3.09 7.33 18.53
C MET A 1 2.26 7.97 17.41
N LEU A 2 2.12 7.26 16.27
CA LEU A 2 1.27 7.67 15.14
C LEU A 2 0.18 6.60 14.93
N ILE A 3 -0.98 7.00 14.39
CA ILE A 3 -2.07 6.06 14.06
C ILE A 3 -2.56 6.35 12.62
N TYR A 4 -2.49 5.36 11.72
CA TYR A 4 -3.01 5.49 10.33
C TYR A 4 -4.06 4.41 10.07
N LYS A 5 -5.16 4.85 9.45
CA LYS A 5 -6.47 4.20 9.45
C LYS A 5 -7.08 4.26 8.03
N ASP A 6 -7.63 3.14 7.53
CA ASP A 6 -8.38 3.14 6.24
C ASP A 6 -9.79 3.72 6.47
N ILE A 7 -10.28 4.46 5.46
CA ILE A 7 -11.58 5.16 5.54
C ILE A 7 -12.79 4.20 5.56
N PHE A 8 -12.69 2.96 4.97
CA PHE A 8 -13.90 2.12 4.79
C PHE A 8 -14.10 1.05 5.91
N THR A 9 -13.21 0.05 5.97
CA THR A 9 -13.40 -1.15 6.85
C THR A 9 -12.17 -1.47 7.71
N ASP A 10 -11.00 -1.00 7.27
CA ASP A 10 -9.70 -1.37 7.83
C ASP A 10 -9.16 -0.24 8.73
N ASP A 11 -10.10 0.58 9.23
CA ASP A 11 -9.84 1.75 10.11
C ASP A 11 -8.89 1.45 11.30
N GLU A 12 -8.65 0.19 11.62
CA GLU A 12 -7.67 -0.20 12.65
C GLU A 12 -6.20 -0.07 12.14
N LEU A 13 -5.97 -0.48 10.86
CA LEU A 13 -4.64 -0.66 10.20
C LEU A 13 -3.48 -0.85 11.20
N SER A 14 -2.84 0.28 11.64
CA SER A 14 -1.68 0.21 12.55
C SER A 14 -1.57 1.48 13.43
N SER A 15 -1.58 1.28 14.77
CA SER A 15 -1.38 2.33 15.77
C SER A 15 -0.04 2.12 16.53
N ASP A 16 1.03 2.79 16.06
CA ASP A 16 2.39 2.71 16.66
C ASP A 16 3.29 3.81 16.05
N SER A 17 4.45 4.05 16.67
CA SER A 17 5.43 5.06 16.22
C SER A 17 6.11 4.60 14.90
N PHE A 18 5.38 4.75 13.79
CA PHE A 18 5.79 4.28 12.44
C PHE A 18 6.27 5.47 11.57
N PRO A 19 7.28 5.27 10.64
CA PRO A 19 7.80 6.37 9.77
C PRO A 19 6.79 6.81 8.68
N MET A 20 6.37 8.09 8.73
CA MET A 20 5.43 8.67 7.74
C MET A 20 6.15 9.74 6.91
N LYS A 21 5.78 9.86 5.63
CA LYS A 21 6.30 10.90 4.74
C LYS A 21 5.24 11.20 3.68
N LEU A 22 5.05 12.50 3.38
CA LEU A 22 4.16 12.98 2.32
C LEU A 22 5.03 13.32 1.09
N VAL A 23 4.46 13.15 -0.10
CA VAL A 23 5.13 13.44 -1.38
C VAL A 23 4.14 14.16 -2.31
N ASP A 24 4.63 15.25 -2.95
CA ASP A 24 3.88 16.06 -3.96
C ASP A 24 2.57 16.67 -3.39
N ASP A 25 2.49 16.68 -2.03
CA ASP A 25 1.30 17.09 -1.25
C ASP A 25 0.03 16.32 -1.65
N LEU A 26 0.23 15.05 -2.04
CA LEU A 26 -0.85 14.21 -2.60
C LEU A 26 -0.87 12.83 -1.93
N VAL A 27 0.29 12.18 -1.89
CA VAL A 27 0.41 10.76 -1.48
C VAL A 27 1.31 10.64 -0.25
N TYR A 28 0.97 9.75 0.69
CA TYR A 28 1.90 9.38 1.75
C TYR A 28 2.73 8.20 1.29
N GLU A 29 4.03 8.44 1.11
CA GLU A 29 5.02 7.38 0.94
C GLU A 29 5.39 6.88 2.35
N PHE A 30 4.86 5.72 2.71
CA PHE A 30 5.15 5.06 3.98
C PHE A 30 6.37 4.19 3.76
N LYS A 31 7.49 4.56 4.40
CA LYS A 31 8.82 3.97 4.17
C LYS A 31 8.85 2.51 4.65
N GLY A 32 9.66 1.69 3.99
CA GLY A 32 9.70 0.25 4.26
C GLY A 32 11.04 -0.39 3.93
N LYS A 33 11.29 -1.54 4.58
CA LYS A 33 12.52 -2.31 4.40
C LYS A 33 12.15 -3.71 3.91
N HIS A 34 12.93 -4.26 2.96
CA HIS A 34 12.81 -5.69 2.63
C HIS A 34 13.45 -6.46 3.78
N VAL A 35 12.63 -7.25 4.46
CA VAL A 35 12.99 -8.01 5.65
C VAL A 35 12.52 -9.46 5.47
N VAL A 36 12.52 -10.22 6.56
CA VAL A 36 12.16 -11.65 6.56
C VAL A 36 11.05 -11.90 7.59
N ARG A 37 10.25 -12.95 7.37
CA ARG A 37 9.28 -13.40 8.39
C ARG A 37 9.20 -14.92 8.43
N LYS A 38 9.71 -15.50 9.52
CA LYS A 38 9.54 -16.92 9.85
C LYS A 38 9.15 -17.01 11.34
N GLU A 39 8.19 -17.88 11.68
CA GLU A 39 7.71 -18.05 13.08
C GLU A 39 8.80 -18.58 14.05
N GLY A 40 9.96 -18.99 13.49
CA GLY A 40 11.15 -19.32 14.27
C GLY A 40 12.24 -18.27 14.15
N GLU A 41 12.42 -17.70 12.93
CA GLU A 41 13.59 -16.86 12.58
C GLU A 41 13.18 -15.43 12.13
N ILE A 42 13.94 -14.42 12.60
CA ILE A 42 13.73 -12.99 12.23
C ILE A 42 15.06 -12.38 11.67
N VAL A 43 16.11 -13.22 11.55
CA VAL A 43 17.43 -12.81 11.02
C VAL A 43 17.30 -12.36 9.54
N LEU A 44 17.54 -11.05 9.29
CA LEU A 44 17.41 -10.44 7.95
C LEU A 44 18.48 -11.03 7.02
N ALA A 45 18.06 -12.06 6.24
CA ALA A 45 18.92 -12.81 5.31
C ALA A 45 19.63 -11.88 4.32
N GLY A 46 18.86 -10.97 3.72
CA GLY A 46 19.36 -10.01 2.75
C GLY A 46 19.99 -10.66 1.52
N SER A 47 19.41 -11.80 1.10
CA SER A 47 19.95 -12.64 0.02
C SER A 47 19.05 -12.58 -1.22
N ASN A 48 19.55 -13.14 -2.36
CA ASN A 48 18.81 -13.17 -3.64
C ASN A 48 17.49 -13.99 -3.53
N PRO A 49 16.43 -13.62 -4.33
CA PRO A 49 15.15 -14.37 -4.39
C PRO A 49 15.40 -15.85 -4.76
N SER A 50 15.33 -16.74 -3.76
CA SER A 50 15.81 -18.14 -3.88
C SER A 50 14.81 -19.06 -4.63
N ALA A 51 13.80 -18.45 -5.30
CA ALA A 51 12.79 -19.17 -6.08
C ALA A 51 11.96 -20.07 -5.16
N GLU A 52 11.05 -19.42 -4.43
CA GLU A 52 10.34 -20.01 -3.29
C GLU A 52 8.83 -19.64 -3.32
N GLU A 53 8.36 -19.32 -4.53
CA GLU A 53 6.94 -19.06 -4.82
C GLU A 53 6.19 -20.38 -5.11
N GLY A 54 6.69 -21.50 -4.53
CA GLY A 54 6.20 -22.86 -4.82
C GLY A 54 4.79 -23.15 -4.29
N ALA A 55 4.27 -22.26 -3.41
CA ALA A 55 2.89 -22.32 -2.86
C ALA A 55 2.75 -23.44 -1.82
N GLU A 56 2.77 -24.70 -2.28
CA GLU A 56 2.72 -25.88 -1.40
C GLU A 56 4.11 -26.11 -0.77
N ASP A 57 4.36 -25.42 0.33
CA ASP A 57 5.62 -25.50 1.08
C ASP A 57 5.36 -25.06 2.52
N ASP A 58 5.84 -25.89 3.48
CA ASP A 58 5.62 -25.72 4.94
C ASP A 58 4.11 -25.78 5.29
N GLY A 59 3.36 -26.54 4.47
CA GLY A 59 1.91 -26.69 4.61
C GLY A 59 1.16 -25.48 4.08
N SER A 60 0.89 -24.53 4.99
CA SER A 60 0.16 -23.29 4.71
C SER A 60 1.17 -22.15 4.41
N ASP A 61 0.74 -20.87 4.57
CA ASP A 61 1.60 -19.68 4.35
C ASP A 61 2.63 -19.47 5.49
N GLU A 62 2.89 -20.52 6.32
CA GLU A 62 4.02 -20.52 7.29
C GLU A 62 5.35 -20.25 6.54
N HIS A 63 5.40 -20.67 5.26
CA HIS A 63 6.50 -20.34 4.37
C HIS A 63 6.29 -18.94 3.77
N VAL A 64 6.45 -17.92 4.61
CA VAL A 64 6.59 -16.54 4.15
C VAL A 64 8.05 -16.34 3.73
N GLU A 65 8.95 -16.40 4.74
CA GLU A 65 10.43 -16.28 4.65
C GLU A 65 10.91 -14.86 4.25
N ARG A 66 10.29 -14.24 3.22
CA ARG A 66 10.72 -12.97 2.65
C ARG A 66 9.49 -12.08 2.47
N GLY A 67 9.69 -10.78 2.65
CA GLY A 67 8.69 -9.80 2.28
C GLY A 67 9.07 -8.40 2.69
N ILE A 68 8.11 -7.49 2.55
CA ILE A 68 8.25 -6.10 2.94
C ILE A 68 7.68 -5.94 4.36
N ASP A 69 8.48 -5.29 5.25
CA ASP A 69 8.19 -5.10 6.69
C ASP A 69 6.78 -4.56 6.95
N ILE A 70 6.35 -3.62 6.10
CA ILE A 70 5.02 -2.98 6.14
C ILE A 70 3.91 -4.04 6.09
N VAL A 71 4.03 -4.98 5.15
CA VAL A 71 3.05 -6.04 4.93
C VAL A 71 3.10 -7.10 6.04
N LEU A 72 4.32 -7.58 6.35
CA LEU A 72 4.55 -8.67 7.32
C LEU A 72 4.03 -8.29 8.73
N ASN A 73 4.14 -6.98 9.04
CA ASN A 73 3.71 -6.41 10.33
C ASN A 73 2.17 -6.18 10.35
N HIS A 74 1.63 -5.54 9.27
CA HIS A 74 0.21 -5.10 9.23
C HIS A 74 -0.71 -6.22 8.71
N LYS A 75 -0.11 -7.41 8.42
CA LYS A 75 -0.83 -8.65 8.04
C LYS A 75 -1.56 -8.48 6.69
N LEU A 76 -0.96 -7.69 5.78
CA LEU A 76 -1.57 -7.37 4.49
C LEU A 76 -1.48 -8.58 3.55
N VAL A 77 -2.61 -8.93 2.89
CA VAL A 77 -2.68 -10.09 2.00
C VAL A 77 -2.17 -9.71 0.59
N GLU A 78 -1.30 -10.59 0.04
CA GLU A 78 -0.60 -10.40 -1.25
C GLU A 78 -1.52 -10.59 -2.44
N MET A 79 -1.34 -9.74 -3.45
CA MET A 79 -1.97 -9.88 -4.76
C MET A 79 -1.02 -9.31 -5.84
N ASN A 80 -0.79 -10.07 -6.91
CA ASN A 80 0.12 -9.66 -8.00
C ASN A 80 -0.62 -8.82 -9.04
N CYS A 81 0.07 -7.75 -9.49
CA CYS A 81 -0.36 -6.87 -10.60
C CYS A 81 -0.54 -7.67 -11.90
N TYR A 82 0.26 -8.73 -12.00
CA TYR A 82 0.30 -9.67 -13.14
C TYR A 82 -1.08 -10.34 -13.35
N GLU A 83 -1.78 -10.59 -12.23
CA GLU A 83 -3.14 -11.19 -12.22
C GLU A 83 -4.23 -10.13 -11.92
N ASP A 84 -3.85 -8.99 -11.34
CA ASP A 84 -4.80 -7.98 -10.80
C ASP A 84 -4.80 -6.66 -11.60
N ALA A 85 -4.22 -6.66 -12.83
CA ALA A 85 -4.05 -5.41 -13.62
C ALA A 85 -5.42 -4.76 -13.97
N SER A 86 -6.31 -5.55 -14.57
CA SER A 86 -7.67 -5.10 -14.97
C SER A 86 -8.56 -4.86 -13.74
N MET A 87 -8.38 -5.72 -12.71
CA MET A 87 -9.09 -5.60 -11.42
C MET A 87 -8.73 -4.29 -10.71
N PHE A 88 -7.44 -3.91 -10.81
CA PHE A 88 -6.89 -2.71 -10.16
C PHE A 88 -7.25 -1.45 -10.92
N LYS A 89 -7.50 -1.60 -12.23
CA LYS A 89 -8.03 -0.51 -13.08
C LYS A 89 -9.44 -0.13 -12.58
N ALA A 90 -10.23 -1.17 -12.23
CA ALA A 90 -11.57 -1.01 -11.64
C ALA A 90 -11.46 -0.46 -10.20
N TYR A 91 -10.49 -0.95 -9.40
CA TYR A 91 -10.26 -0.46 -8.02
C TYR A 91 -9.90 1.02 -8.04
N ILE A 92 -9.10 1.43 -9.05
CA ILE A 92 -8.69 2.84 -9.25
C ILE A 92 -9.87 3.73 -9.61
N LYS A 93 -10.80 3.28 -10.48
CA LYS A 93 -11.97 4.09 -10.85
C LYS A 93 -12.84 4.39 -9.62
N LYS A 94 -12.95 3.38 -8.74
CA LYS A 94 -13.66 3.51 -7.45
C LYS A 94 -12.87 4.42 -6.48
N PHE A 95 -11.56 4.18 -6.42
CA PHE A 95 -10.59 4.92 -5.58
C PHE A 95 -10.63 6.43 -5.85
N MET A 96 -10.40 6.82 -7.12
CA MET A 96 -10.40 8.23 -7.54
C MET A 96 -11.80 8.86 -7.35
N LYS A 97 -12.86 8.04 -7.50
CA LYS A 97 -14.24 8.48 -7.25
C LYS A 97 -14.39 8.89 -5.78
N ASN A 98 -14.09 7.94 -4.88
CA ASN A 98 -14.40 8.05 -3.43
C ASN A 98 -13.48 9.06 -2.73
N VAL A 99 -12.25 9.26 -3.26
CA VAL A 99 -11.33 10.28 -2.71
C VAL A 99 -11.76 11.70 -3.14
N ILE A 100 -12.25 11.86 -4.39
CA ILE A 100 -12.75 13.15 -4.87
C ILE A 100 -14.07 13.52 -4.16
N ASP A 101 -14.91 12.50 -3.92
CA ASP A 101 -16.13 12.64 -3.09
C ASP A 101 -15.77 13.02 -1.65
N HIS A 102 -14.76 12.30 -1.08
CA HIS A 102 -14.31 12.47 0.32
C HIS A 102 -13.98 13.93 0.63
N MET A 103 -13.06 14.51 -0.18
CA MET A 103 -12.60 15.90 -0.01
C MET A 103 -13.74 16.90 -0.24
N GLU A 104 -14.52 16.69 -1.32
CA GLU A 104 -15.53 17.64 -1.82
C GLU A 104 -16.64 17.88 -0.79
N LYS A 105 -17.04 16.79 -0.12
CA LYS A 105 -18.11 16.80 0.92
C LYS A 105 -17.76 17.68 2.14
N ASN A 106 -16.46 17.85 2.44
CA ASN A 106 -16.00 18.65 3.62
C ASN A 106 -15.19 19.90 3.19
N ASN A 107 -14.89 20.03 1.89
CA ASN A 107 -14.14 21.19 1.36
C ASN A 107 -15.13 22.14 0.70
N ARG A 108 -15.75 21.64 -0.41
CA ARG A 108 -16.72 22.40 -1.25
C ARG A 108 -16.01 23.45 -2.15
N ASP A 109 -14.82 23.95 -1.71
CA ASP A 109 -14.05 24.97 -2.44
C ASP A 109 -13.34 24.33 -3.62
N LYS A 110 -13.57 24.90 -4.82
CA LYS A 110 -12.97 24.45 -6.08
C LYS A 110 -11.45 24.65 -6.10
N ALA A 111 -10.97 25.58 -5.26
CA ALA A 111 -9.54 25.94 -5.16
C ALA A 111 -8.70 24.75 -4.65
N ASP A 112 -9.31 23.92 -3.81
CA ASP A 112 -8.67 22.76 -3.19
C ASP A 112 -8.94 21.50 -4.02
N VAL A 113 -10.23 21.29 -4.36
CA VAL A 113 -10.70 20.03 -4.97
C VAL A 113 -10.32 19.88 -6.46
N ASP A 114 -10.29 21.00 -7.23
CA ASP A 114 -9.81 20.96 -8.64
C ASP A 114 -8.32 20.63 -8.69
N ALA A 115 -7.57 21.20 -7.73
CA ALA A 115 -6.13 21.03 -7.63
C ALA A 115 -5.77 19.58 -7.26
N PHE A 116 -6.49 19.02 -6.26
CA PHE A 116 -6.31 17.60 -5.84
C PHE A 116 -6.71 16.66 -6.98
N LYS A 117 -7.82 16.98 -7.67
CA LYS A 117 -8.33 16.20 -8.82
C LYS A 117 -7.26 16.11 -9.94
N LYS A 118 -6.54 17.23 -10.14
CA LYS A 118 -5.43 17.31 -11.10
C LYS A 118 -4.25 16.44 -10.64
N LYS A 119 -3.94 16.52 -9.34
CA LYS A 119 -2.86 15.74 -8.71
C LYS A 119 -3.10 14.23 -8.86
N ILE A 120 -4.27 13.76 -8.40
CA ILE A 120 -4.62 12.33 -8.34
C ILE A 120 -4.76 11.76 -9.77
N GLN A 121 -5.21 12.62 -10.74
CA GLN A 121 -5.16 12.30 -12.18
C GLN A 121 -3.73 11.93 -12.60
N GLY A 122 -2.81 12.90 -12.47
CA GLY A 122 -1.44 12.75 -12.94
C GLY A 122 -0.68 11.60 -12.29
N TRP A 123 -1.08 11.27 -11.04
CA TRP A 123 -0.47 10.18 -10.28
C TRP A 123 -0.91 8.82 -10.81
N VAL A 124 -2.22 8.66 -11.08
CA VAL A 124 -2.76 7.38 -11.62
C VAL A 124 -2.47 7.24 -13.12
N VAL A 125 -2.28 8.37 -13.84
CA VAL A 125 -1.87 8.36 -15.28
C VAL A 125 -0.37 7.95 -15.39
N SER A 126 0.39 8.25 -14.34
CA SER A 126 1.79 7.80 -14.19
C SER A 126 1.83 6.30 -13.79
N LEU A 127 1.07 5.97 -12.74
CA LEU A 127 1.18 4.69 -12.01
C LEU A 127 0.55 3.51 -12.79
N LEU A 128 -0.52 3.79 -13.55
CA LEU A 128 -1.27 2.74 -14.28
C LEU A 128 -0.59 2.30 -15.58
N ALA A 129 0.60 2.86 -15.86
CA ALA A 129 1.46 2.39 -16.95
C ALA A 129 2.05 1.03 -16.55
N LYS A 130 2.18 0.12 -17.52
CA LYS A 130 2.67 -1.25 -17.31
C LYS A 130 4.06 -1.28 -16.68
N ASP A 131 4.85 -0.21 -16.93
CA ASP A 131 6.22 -0.02 -16.44
C ASP A 131 6.27 -0.08 -14.91
N ARG A 132 5.33 0.66 -14.30
CA ARG A 132 5.12 0.68 -12.84
C ARG A 132 4.60 -0.69 -12.37
N PHE A 133 3.62 -1.27 -13.11
CA PHE A 133 3.01 -2.59 -12.80
C PHE A 133 4.03 -3.74 -12.85
N LYS A 134 5.11 -3.56 -13.62
CA LYS A 134 6.20 -4.55 -13.71
C LYS A 134 6.93 -4.68 -12.36
N ASN A 135 6.81 -3.67 -11.50
CA ASN A 135 7.41 -3.65 -10.15
C ASN A 135 6.40 -3.22 -9.05
N LEU A 136 5.09 -3.26 -9.34
CA LEU A 136 4.04 -3.04 -8.32
C LEU A 136 3.59 -4.37 -7.72
N ALA A 137 3.39 -4.36 -6.40
CA ALA A 137 2.73 -5.45 -5.67
C ALA A 137 1.52 -4.86 -4.95
N PHE A 138 0.33 -5.41 -5.22
CA PHE A 138 -0.93 -4.91 -4.65
C PHE A 138 -1.27 -5.71 -3.41
N PHE A 139 -1.54 -5.00 -2.33
CA PHE A 139 -1.89 -5.59 -1.03
C PHE A 139 -3.14 -4.92 -0.52
N ILE A 140 -3.92 -5.62 0.27
CA ILE A 140 -5.03 -5.02 1.03
C ILE A 140 -4.97 -5.54 2.46
N GLY A 141 -5.75 -4.91 3.35
CA GLY A 141 -5.85 -5.36 4.73
C GLY A 141 -6.38 -6.78 4.83
N GLU A 142 -5.87 -7.53 5.82
CA GLU A 142 -6.37 -8.88 6.14
C GLU A 142 -7.89 -8.85 6.37
N ARG A 143 -8.32 -7.81 7.09
CA ARG A 143 -9.73 -7.55 7.45
C ARG A 143 -10.58 -7.35 6.16
N ALA A 144 -10.01 -6.59 5.19
CA ALA A 144 -10.63 -6.35 3.87
C ALA A 144 -10.96 -7.67 3.15
N ALA A 145 -9.93 -8.53 3.06
CA ALA A 145 -10.01 -9.81 2.33
C ALA A 145 -10.85 -10.86 3.08
N GLU A 146 -10.87 -10.76 4.41
CA GLU A 146 -11.47 -11.78 5.28
C GLU A 146 -13.01 -11.71 5.23
N GLY A 147 -13.54 -10.48 5.24
CA GLY A 147 -14.99 -10.26 5.25
C GLY A 147 -15.31 -8.78 5.25
N ALA A 148 -14.90 -8.10 4.18
CA ALA A 148 -15.13 -6.66 4.00
C ALA A 148 -15.07 -6.28 2.52
N GLU A 149 -15.36 -4.99 2.24
CA GLU A 149 -15.39 -4.43 0.88
C GLU A 149 -13.99 -4.27 0.26
N ASN A 150 -13.98 -3.96 -1.05
CA ASN A 150 -12.77 -3.66 -1.83
C ASN A 150 -12.44 -2.17 -1.66
N GLY A 151 -12.06 -1.85 -0.41
CA GLY A 151 -11.77 -0.49 0.04
C GLY A 151 -10.67 0.23 -0.76
N GLN A 152 -9.51 0.49 -0.11
CA GLN A 152 -8.29 0.94 -0.79
C GLN A 152 -7.32 -0.23 -0.94
N VAL A 153 -6.43 -0.12 -1.93
CA VAL A 153 -5.31 -1.04 -2.12
C VAL A 153 -4.02 -0.37 -1.62
N ALA A 154 -3.32 -1.07 -0.72
CA ALA A 154 -1.97 -0.71 -0.28
C ALA A 154 -0.99 -0.94 -1.45
N ILE A 155 -0.55 0.17 -2.09
CA ILE A 155 0.24 0.10 -3.33
C ILE A 155 1.73 0.06 -2.98
N ILE A 156 2.37 -1.09 -3.21
CA ILE A 156 3.78 -1.30 -2.84
C ILE A 156 4.68 -1.05 -4.07
N GLU A 157 5.26 0.14 -4.11
CA GLU A 157 6.32 0.51 -5.05
C GLU A 157 7.63 -0.08 -4.52
N TYR A 158 8.01 -1.26 -5.04
CA TYR A 158 9.25 -1.92 -4.64
C TYR A 158 10.28 -1.82 -5.78
N ARG A 159 11.47 -1.37 -5.41
CA ARG A 159 12.62 -1.21 -6.32
C ARG A 159 13.92 -1.31 -5.52
N ASP A 160 15.07 -1.14 -6.17
CA ASP A 160 16.37 -1.02 -5.47
C ASP A 160 17.05 0.30 -5.82
N VAL A 161 17.64 0.96 -4.80
CA VAL A 161 18.44 2.17 -4.99
C VAL A 161 19.92 1.82 -4.68
N ASP A 162 20.77 1.85 -5.73
CA ASP A 162 22.21 1.45 -5.69
C ASP A 162 22.40 -0.04 -5.32
N GLY A 163 21.33 -0.86 -5.47
CA GLY A 163 21.37 -2.29 -5.11
C GLY A 163 20.55 -2.60 -3.85
N THR A 164 20.25 -1.57 -3.04
CA THR A 164 19.51 -1.75 -1.79
C THR A 164 18.01 -1.79 -2.09
N GLU A 165 17.42 -3.00 -1.99
CA GLU A 165 16.01 -3.22 -2.33
C GLU A 165 15.10 -2.58 -1.27
N VAL A 166 14.58 -1.40 -1.66
CA VAL A 166 13.72 -0.54 -0.84
C VAL A 166 12.25 -0.66 -1.34
N PRO A 167 11.40 -1.45 -0.64
CA PRO A 167 9.96 -1.51 -0.91
C PRO A 167 9.18 -0.50 -0.04
N THR A 168 8.50 0.45 -0.70
CA THR A 168 7.79 1.55 -0.07
C THR A 168 6.27 1.41 -0.33
N LEU A 169 5.47 1.62 0.72
CA LEU A 169 4.01 1.72 0.60
C LEU A 169 3.66 3.13 0.12
N MET A 170 2.59 3.25 -0.68
CA MET A 170 2.00 4.53 -1.06
C MET A 170 0.46 4.41 -1.08
N LEU A 171 -0.16 5.41 -0.43
CA LEU A 171 -1.61 5.60 -0.29
C LEU A 171 -1.89 7.09 -0.47
N VAL A 172 -3.07 7.47 -1.00
CA VAL A 172 -3.37 8.90 -1.21
C VAL A 172 -3.89 9.48 0.11
N LYS A 173 -3.56 10.77 0.35
CA LYS A 173 -3.90 11.54 1.57
C LYS A 173 -5.40 11.47 1.93
N GLU A 174 -6.23 11.24 0.90
CA GLU A 174 -7.69 11.30 1.02
C GLU A 174 -8.31 9.94 1.41
N ALA A 175 -7.64 8.83 1.09
CA ALA A 175 -8.14 7.46 1.35
C ALA A 175 -7.56 6.90 2.66
N ILE A 176 -6.63 7.66 3.25
CA ILE A 176 -5.98 7.31 4.52
C ILE A 176 -6.30 8.40 5.57
N ILE A 177 -6.33 8.01 6.84
CA ILE A 177 -6.49 8.92 7.99
C ILE A 177 -5.30 8.68 8.92
N GLU A 178 -4.35 9.64 8.97
CA GLU A 178 -3.21 9.56 9.90
C GLU A 178 -3.34 10.67 10.97
N GLU A 179 -2.98 10.34 12.21
CA GLU A 179 -3.18 11.22 13.36
C GLU A 179 -2.00 11.02 14.33
N LYS A 180 -1.31 12.12 14.66
CA LYS A 180 -0.15 12.10 15.56
C LYS A 180 -0.62 12.05 17.02
N CYS A 181 -0.52 10.87 17.64
CA CYS A 181 -0.95 10.64 19.02
C CYS A 181 0.24 10.93 19.98
N LEU A 182 0.34 12.19 20.42
CA LEU A 182 1.42 12.66 21.31
C LEU A 182 0.82 13.17 22.64
N GLU A 183 1.69 13.53 23.59
CA GLU A 183 1.29 14.02 24.92
C GLU A 183 0.97 15.55 24.86
N MET A 1 4.36 8.74 19.61
CA MET A 1 3.08 8.06 19.35
C MET A 1 2.47 8.57 18.03
N LEU A 2 2.72 7.81 16.94
CA LEU A 2 2.17 8.11 15.59
C LEU A 2 1.03 7.15 15.27
N ILE A 3 -0.06 7.67 14.68
CA ILE A 3 -1.21 6.85 14.27
C ILE A 3 -1.45 7.02 12.75
N TYR A 4 -1.41 5.90 12.00
CA TYR A 4 -1.66 5.87 10.55
C TYR A 4 -2.80 4.87 10.22
N LYS A 5 -3.92 5.40 9.72
CA LYS A 5 -5.12 4.62 9.37
C LYS A 5 -5.57 4.91 7.93
N ASP A 6 -6.50 4.11 7.43
CA ASP A 6 -7.12 4.32 6.09
C ASP A 6 -8.62 4.64 6.26
N ILE A 7 -9.32 4.95 5.17
CA ILE A 7 -10.79 5.19 5.21
C ILE A 7 -11.63 3.90 5.00
N PHE A 8 -11.08 2.90 4.26
CA PHE A 8 -11.77 1.63 3.95
C PHE A 8 -11.11 0.48 4.70
N THR A 9 -9.81 0.27 4.41
CA THR A 9 -9.02 -0.86 4.95
C THR A 9 -8.46 -0.50 6.36
N ASP A 10 -9.10 0.51 6.99
CA ASP A 10 -8.80 1.04 8.35
C ASP A 10 -8.58 -0.04 9.42
N ASP A 11 -9.35 -1.14 9.30
CA ASP A 11 -9.30 -2.29 10.25
C ASP A 11 -7.94 -3.04 10.19
N GLU A 12 -7.12 -2.73 9.18
CA GLU A 12 -5.88 -3.45 8.89
C GLU A 12 -4.65 -2.51 8.95
N LEU A 13 -4.81 -1.34 9.58
CA LEU A 13 -3.73 -0.37 9.79
C LEU A 13 -3.30 -0.41 11.25
N SER A 14 -2.56 0.59 11.72
CA SER A 14 -1.89 0.52 13.04
C SER A 14 -1.72 1.92 13.66
N SER A 15 -1.68 1.95 15.00
CA SER A 15 -1.51 3.17 15.78
C SER A 15 -0.52 2.89 16.93
N ASP A 16 0.75 3.33 16.76
CA ASP A 16 1.82 3.12 17.76
C ASP A 16 2.93 4.16 17.60
N SER A 17 3.87 3.88 16.67
CA SER A 17 5.05 4.72 16.33
C SER A 17 5.86 3.97 15.27
N PHE A 18 5.47 4.18 14.02
CA PHE A 18 6.12 3.57 12.85
C PHE A 18 6.50 4.69 11.86
N PRO A 19 7.61 4.54 11.06
CA PRO A 19 8.14 5.65 10.24
C PRO A 19 7.19 6.02 9.07
N MET A 20 6.71 7.26 9.09
CA MET A 20 5.78 7.80 8.08
C MET A 20 6.48 8.92 7.28
N LYS A 21 6.16 9.00 5.98
CA LYS A 21 6.65 10.07 5.09
C LYS A 21 5.46 10.64 4.31
N LEU A 22 5.62 11.88 3.84
CA LEU A 22 4.70 12.51 2.90
C LEU A 22 5.50 13.05 1.71
N VAL A 23 4.97 12.90 0.50
CA VAL A 23 5.63 13.32 -0.73
C VAL A 23 4.62 14.05 -1.64
N ASP A 24 5.13 15.07 -2.37
CA ASP A 24 4.39 15.79 -3.44
C ASP A 24 3.21 16.63 -2.87
N ASP A 25 3.05 16.65 -1.52
CA ASP A 25 1.84 17.17 -0.83
C ASP A 25 0.55 16.46 -1.36
N LEU A 26 0.70 15.20 -1.81
CA LEU A 26 -0.40 14.43 -2.42
C LEU A 26 -0.45 13.02 -1.84
N VAL A 27 0.71 12.37 -1.87
CA VAL A 27 0.83 10.93 -1.65
C VAL A 27 1.45 10.68 -0.27
N TYR A 28 0.77 9.85 0.53
CA TYR A 28 1.31 9.33 1.78
C TYR A 28 2.18 8.12 1.46
N GLU A 29 3.35 8.10 2.07
CA GLU A 29 4.37 7.10 1.82
C GLU A 29 4.84 6.52 3.15
N PHE A 30 4.41 5.29 3.48
CA PHE A 30 4.79 4.62 4.72
C PHE A 30 6.06 3.79 4.47
N LYS A 31 7.13 4.03 5.26
CA LYS A 31 8.39 3.29 5.07
C LYS A 31 8.29 1.90 5.73
N GLY A 32 8.82 0.89 5.04
CA GLY A 32 8.86 -0.49 5.52
C GLY A 32 10.22 -1.10 5.33
N LYS A 33 10.58 -2.06 6.19
CA LYS A 33 11.86 -2.78 6.12
C LYS A 33 11.69 -4.09 5.32
N HIS A 34 12.76 -4.53 4.65
CA HIS A 34 12.78 -5.83 3.96
C HIS A 34 13.11 -6.92 5.00
N VAL A 35 12.11 -7.71 5.38
CA VAL A 35 12.22 -8.70 6.49
C VAL A 35 11.44 -9.97 6.12
N VAL A 36 11.72 -11.07 6.82
CA VAL A 36 10.96 -12.32 6.67
C VAL A 36 10.47 -12.80 8.03
N ARG A 37 9.34 -13.51 8.03
CA ARG A 37 8.96 -14.38 9.13
C ARG A 37 8.96 -15.81 8.61
N LYS A 38 9.95 -16.63 9.01
CA LYS A 38 10.00 -18.04 8.60
C LYS A 38 10.05 -18.89 9.88
N GLU A 39 8.84 -19.34 10.29
CA GLU A 39 8.59 -20.15 11.51
C GLU A 39 9.24 -19.55 12.80
N GLY A 40 10.55 -19.76 12.93
CA GLY A 40 11.35 -19.24 14.04
C GLY A 40 12.76 -18.92 13.60
N GLU A 41 12.87 -18.25 12.44
CA GLU A 41 14.14 -17.96 11.76
C GLU A 41 14.01 -16.67 10.91
N ILE A 42 15.04 -15.81 10.97
CA ILE A 42 15.09 -14.53 10.22
C ILE A 42 16.26 -14.57 9.18
N VAL A 43 15.93 -15.03 7.95
CA VAL A 43 16.82 -14.93 6.78
C VAL A 43 16.18 -13.95 5.78
N LEU A 44 16.54 -12.65 5.92
CA LEU A 44 15.89 -11.51 5.21
C LEU A 44 15.79 -11.75 3.70
N ALA A 45 16.85 -12.34 3.13
CA ALA A 45 16.96 -12.63 1.69
C ALA A 45 16.82 -11.34 0.86
N GLY A 46 17.83 -10.45 1.01
CA GLY A 46 17.87 -9.18 0.29
C GLY A 46 18.18 -9.37 -1.19
N SER A 47 17.21 -9.95 -1.91
CA SER A 47 17.32 -10.37 -3.30
C SER A 47 15.94 -10.23 -3.97
N ASN A 48 15.94 -10.11 -5.31
CA ASN A 48 14.71 -9.88 -6.11
C ASN A 48 13.67 -11.04 -5.95
N PRO A 49 14.05 -12.37 -6.15
CA PRO A 49 13.08 -13.51 -6.03
C PRO A 49 12.30 -13.54 -4.71
N SER A 50 11.04 -13.07 -4.77
CA SER A 50 10.09 -13.08 -3.66
C SER A 50 8.93 -14.05 -3.99
N ALA A 51 8.96 -15.23 -3.36
CA ALA A 51 8.01 -16.33 -3.65
C ALA A 51 7.71 -17.10 -2.36
N GLU A 52 6.82 -18.12 -2.46
CA GLU A 52 6.56 -19.10 -1.38
C GLU A 52 5.98 -18.47 -0.09
N GLU A 53 5.48 -17.23 -0.18
CA GLU A 53 4.85 -16.53 0.96
C GLU A 53 3.38 -16.93 1.08
N GLY A 54 3.17 -18.12 1.68
CA GLY A 54 1.85 -18.71 1.88
C GLY A 54 1.92 -19.87 2.85
N ALA A 55 1.87 -19.53 4.13
CA ALA A 55 1.93 -20.47 5.24
C ALA A 55 0.74 -21.45 5.20
N GLU A 56 -0.48 -20.91 5.27
CA GLU A 56 -1.73 -21.69 5.22
C GLU A 56 -2.76 -20.99 4.31
N ASP A 57 -3.11 -21.68 3.20
CA ASP A 57 -4.06 -21.18 2.17
C ASP A 57 -4.31 -22.34 1.18
N ASP A 58 -4.86 -22.06 -0.01
CA ASP A 58 -4.90 -23.03 -1.11
C ASP A 58 -3.50 -23.12 -1.73
N GLY A 59 -2.74 -24.14 -1.30
CA GLY A 59 -1.35 -24.33 -1.70
C GLY A 59 -0.41 -24.00 -0.55
N SER A 60 -0.72 -24.57 0.62
CA SER A 60 0.00 -24.30 1.88
C SER A 60 1.45 -24.83 1.85
N ASP A 61 2.31 -24.18 2.64
CA ASP A 61 3.72 -24.56 2.83
C ASP A 61 4.08 -24.44 4.33
N GLU A 62 5.39 -24.34 4.62
CA GLU A 62 5.90 -23.89 5.94
C GLU A 62 5.46 -22.44 6.22
N HIS A 63 5.65 -21.96 7.46
CA HIS A 63 5.29 -20.57 7.85
C HIS A 63 6.31 -19.55 7.30
N VAL A 64 6.42 -19.50 5.96
CA VAL A 64 7.36 -18.62 5.25
C VAL A 64 6.61 -17.36 4.82
N GLU A 65 6.26 -16.57 5.81
CA GLU A 65 5.59 -15.28 5.62
C GLU A 65 6.67 -14.21 5.40
N ARG A 66 7.33 -14.33 4.24
CA ARG A 66 8.43 -13.43 3.84
C ARG A 66 7.92 -12.23 3.01
N GLY A 67 8.71 -11.14 3.01
CA GLY A 67 8.41 -9.97 2.19
C GLY A 67 8.86 -8.67 2.84
N ILE A 68 7.92 -7.73 3.00
CA ILE A 68 8.16 -6.44 3.67
C ILE A 68 7.41 -6.35 5.01
N ASP A 69 7.92 -5.52 5.94
CA ASP A 69 7.39 -5.33 7.31
C ASP A 69 5.89 -4.97 7.32
N ILE A 70 5.52 -4.07 6.39
CA ILE A 70 4.17 -3.47 6.29
C ILE A 70 3.10 -4.57 6.13
N VAL A 71 3.41 -5.51 5.22
CA VAL A 71 2.54 -6.64 4.87
C VAL A 71 2.48 -7.68 5.98
N LEU A 72 3.65 -8.09 6.48
CA LEU A 72 3.79 -9.26 7.37
C LEU A 72 3.14 -9.04 8.74
N ASN A 73 3.18 -7.77 9.22
CA ASN A 73 2.58 -7.38 10.52
C ASN A 73 1.05 -7.57 10.51
N HIS A 74 0.44 -7.43 9.32
CA HIS A 74 -1.03 -7.38 9.17
C HIS A 74 -1.62 -8.55 8.39
N LYS A 75 -0.77 -9.24 7.61
CA LYS A 75 -1.21 -10.27 6.64
C LYS A 75 -1.97 -9.59 5.49
N LEU A 76 -1.29 -8.67 4.78
CA LEU A 76 -1.87 -8.01 3.59
C LEU A 76 -1.78 -9.00 2.43
N VAL A 77 -2.92 -9.27 1.79
CA VAL A 77 -3.00 -10.25 0.70
C VAL A 77 -2.52 -9.60 -0.61
N GLU A 78 -1.51 -10.22 -1.26
CA GLU A 78 -0.93 -9.70 -2.50
C GLU A 78 -1.90 -9.80 -3.69
N MET A 79 -1.59 -8.97 -4.68
CA MET A 79 -2.41 -8.74 -5.85
C MET A 79 -1.42 -8.46 -6.99
N ASN A 80 -1.34 -9.38 -7.96
CA ASN A 80 -0.33 -9.35 -9.03
C ASN A 80 -0.93 -8.78 -10.31
N CYS A 81 -0.24 -7.77 -10.88
CA CYS A 81 -0.66 -6.98 -12.06
C CYS A 81 -0.85 -7.84 -13.34
N TYR A 82 -0.36 -9.08 -13.28
CA TYR A 82 -0.40 -10.05 -14.36
C TYR A 82 -1.82 -10.63 -14.54
N GLU A 83 -2.53 -10.85 -13.42
CA GLU A 83 -3.91 -11.39 -13.43
C GLU A 83 -4.98 -10.33 -13.12
N ASP A 84 -4.66 -9.41 -12.18
CA ASP A 84 -5.68 -8.61 -11.44
C ASP A 84 -6.49 -7.60 -12.27
N ALA A 85 -6.17 -7.47 -13.58
CA ALA A 85 -6.67 -6.41 -14.51
C ALA A 85 -8.09 -5.86 -14.16
N SER A 86 -9.11 -6.73 -14.24
CA SER A 86 -10.52 -6.32 -14.04
C SER A 86 -10.77 -5.82 -12.59
N MET A 87 -10.21 -6.56 -11.61
CA MET A 87 -10.41 -6.26 -10.18
C MET A 87 -9.69 -4.98 -9.75
N PHE A 88 -8.39 -4.90 -10.07
CA PHE A 88 -7.52 -3.79 -9.66
C PHE A 88 -7.95 -2.46 -10.31
N LYS A 89 -8.35 -2.52 -11.61
CA LYS A 89 -8.91 -1.35 -12.31
C LYS A 89 -10.24 -0.91 -11.67
N ALA A 90 -11.03 -1.91 -11.20
CA ALA A 90 -12.27 -1.63 -10.45
C ALA A 90 -11.96 -0.91 -9.13
N TYR A 91 -10.89 -1.37 -8.42
CA TYR A 91 -10.42 -0.75 -7.17
C TYR A 91 -9.83 0.65 -7.40
N ILE A 92 -9.17 0.87 -8.56
CA ILE A 92 -8.66 2.20 -8.97
C ILE A 92 -9.83 3.18 -9.21
N LYS A 93 -10.92 2.66 -9.80
CA LYS A 93 -12.15 3.46 -10.03
C LYS A 93 -12.74 3.88 -8.66
N LYS A 94 -12.73 2.93 -7.69
CA LYS A 94 -13.17 3.18 -6.31
C LYS A 94 -12.26 4.27 -5.71
N PHE A 95 -10.95 3.94 -5.63
CA PHE A 95 -9.88 4.78 -5.05
C PHE A 95 -10.01 6.24 -5.48
N MET A 96 -9.92 6.46 -6.80
CA MET A 96 -9.93 7.80 -7.41
C MET A 96 -11.18 8.58 -7.00
N LYS A 97 -12.38 8.04 -7.34
CA LYS A 97 -13.65 8.73 -7.09
C LYS A 97 -13.87 8.99 -5.58
N ASN A 98 -13.53 8.00 -4.74
CA ASN A 98 -13.85 8.03 -3.31
C ASN A 98 -12.98 9.04 -2.55
N VAL A 99 -11.68 9.14 -2.90
CA VAL A 99 -10.75 10.06 -2.21
C VAL A 99 -11.06 11.53 -2.55
N ILE A 100 -11.45 11.78 -3.83
CA ILE A 100 -11.84 13.13 -4.29
C ILE A 100 -13.16 13.55 -3.64
N ASP A 101 -14.11 12.60 -3.60
CA ASP A 101 -15.44 12.77 -2.98
C ASP A 101 -15.35 12.89 -1.44
N HIS A 102 -14.32 12.22 -0.86
CA HIS A 102 -14.05 12.26 0.59
C HIS A 102 -13.73 13.68 1.02
N MET A 103 -12.83 14.33 0.28
CA MET A 103 -12.44 15.72 0.54
C MET A 103 -13.48 16.72 0.02
N GLU A 104 -14.33 16.30 -0.94
CA GLU A 104 -15.42 17.18 -1.42
C GLU A 104 -16.54 17.25 -0.36
N LYS A 105 -16.69 16.16 0.40
CA LYS A 105 -17.69 16.04 1.47
C LYS A 105 -17.26 16.85 2.72
N ASN A 106 -15.92 16.95 2.93
CA ASN A 106 -15.34 17.56 4.14
C ASN A 106 -14.88 19.02 3.92
N ASN A 107 -14.48 19.35 2.68
CA ASN A 107 -13.94 20.70 2.36
C ASN A 107 -15.02 21.50 1.63
N ARG A 108 -15.70 20.81 0.68
CA ARG A 108 -16.78 21.37 -0.17
C ARG A 108 -16.27 22.49 -1.10
N ASP A 109 -14.95 22.51 -1.32
CA ASP A 109 -14.30 23.45 -2.23
C ASP A 109 -14.14 22.76 -3.60
N LYS A 110 -15.01 23.15 -4.56
CA LYS A 110 -15.05 22.58 -5.93
C LYS A 110 -13.71 22.79 -6.67
N ALA A 111 -13.09 23.97 -6.46
CA ALA A 111 -11.80 24.33 -7.07
C ALA A 111 -10.65 23.46 -6.52
N ASP A 112 -10.76 23.09 -5.24
CA ASP A 112 -9.73 22.34 -4.49
C ASP A 112 -9.71 20.88 -4.91
N VAL A 113 -10.90 20.27 -4.91
CA VAL A 113 -11.06 18.83 -5.16
C VAL A 113 -10.95 18.49 -6.66
N ASP A 114 -11.22 19.49 -7.52
CA ASP A 114 -11.00 19.37 -8.97
C ASP A 114 -9.48 19.48 -9.28
N ALA A 115 -8.77 20.32 -8.51
CA ALA A 115 -7.31 20.46 -8.63
C ALA A 115 -6.63 19.17 -8.11
N PHE A 116 -7.18 18.63 -7.02
CA PHE A 116 -6.76 17.34 -6.44
C PHE A 116 -7.05 16.17 -7.42
N LYS A 117 -8.20 16.26 -8.10
CA LYS A 117 -8.62 15.31 -9.16
C LYS A 117 -7.60 15.32 -10.31
N LYS A 118 -7.01 16.49 -10.58
CA LYS A 118 -5.94 16.67 -11.57
C LYS A 118 -4.69 15.89 -11.15
N LYS A 119 -4.25 16.06 -9.88
CA LYS A 119 -3.05 15.38 -9.34
C LYS A 119 -3.24 13.85 -9.31
N ILE A 120 -4.44 13.39 -8.93
CA ILE A 120 -4.74 11.95 -8.79
C ILE A 120 -4.80 11.27 -10.16
N GLN A 121 -5.53 11.88 -11.12
CA GLN A 121 -5.62 11.37 -12.50
C GLN A 121 -4.21 11.27 -13.10
N GLY A 122 -3.43 12.36 -12.89
CA GLY A 122 -2.06 12.44 -13.39
C GLY A 122 -1.13 11.38 -12.80
N TRP A 123 -1.22 11.21 -11.45
CA TRP A 123 -0.35 10.29 -10.71
C TRP A 123 -0.64 8.85 -11.13
N VAL A 124 -1.94 8.46 -11.08
CA VAL A 124 -2.34 7.07 -11.34
C VAL A 124 -2.18 6.68 -12.82
N VAL A 125 -2.46 7.60 -13.77
CA VAL A 125 -2.32 7.29 -15.21
C VAL A 125 -0.82 7.01 -15.53
N SER A 126 0.07 7.70 -14.81
CA SER A 126 1.52 7.45 -14.87
C SER A 126 1.90 6.15 -14.12
N LEU A 127 1.27 5.93 -12.95
CA LEU A 127 1.65 4.87 -11.98
C LEU A 127 1.12 3.47 -12.40
N LEU A 128 0.11 3.44 -13.28
CA LEU A 128 -0.46 2.19 -13.81
C LEU A 128 0.20 1.79 -15.14
N ALA A 129 1.22 2.56 -15.60
CA ALA A 129 1.90 2.30 -16.89
C ALA A 129 2.83 1.08 -16.75
N LYS A 130 2.27 -0.11 -17.06
CA LYS A 130 2.91 -1.43 -16.81
C LYS A 130 4.23 -1.65 -17.59
N ASP A 131 4.58 -0.72 -18.49
CA ASP A 131 5.90 -0.70 -19.16
C ASP A 131 7.03 -0.67 -18.11
N ARG A 132 6.83 0.15 -17.06
CA ARG A 132 7.73 0.27 -15.89
C ARG A 132 7.09 -0.36 -14.64
N PHE A 133 5.82 0.01 -14.42
CA PHE A 133 5.09 -0.17 -13.16
C PHE A 133 4.50 -1.57 -12.95
N LYS A 134 4.69 -2.46 -13.94
CA LYS A 134 4.45 -3.92 -13.77
C LYS A 134 5.32 -4.50 -12.60
N ASN A 135 6.35 -3.72 -12.19
CA ASN A 135 7.28 -4.10 -11.10
C ASN A 135 6.75 -3.58 -9.72
N LEU A 136 5.46 -3.20 -9.69
CA LEU A 136 4.76 -2.87 -8.43
C LEU A 136 4.15 -4.17 -7.86
N ALA A 137 4.08 -4.23 -6.54
CA ALA A 137 3.43 -5.34 -5.83
C ALA A 137 2.20 -4.75 -5.15
N PHE A 138 1.00 -5.12 -5.60
CA PHE A 138 -0.23 -4.56 -5.05
C PHE A 138 -0.69 -5.42 -3.88
N PHE A 139 -1.21 -4.77 -2.86
CA PHE A 139 -1.72 -5.43 -1.64
C PHE A 139 -3.02 -4.77 -1.23
N ILE A 140 -3.84 -5.51 -0.50
CA ILE A 140 -5.09 -4.98 0.07
C ILE A 140 -5.32 -5.71 1.41
N GLY A 141 -5.85 -4.98 2.39
CA GLY A 141 -6.00 -5.48 3.75
C GLY A 141 -6.90 -6.71 3.82
N GLU A 142 -6.45 -7.73 4.59
CA GLU A 142 -7.17 -9.02 4.74
C GLU A 142 -8.62 -8.81 5.24
N ARG A 143 -8.78 -7.83 6.14
CA ARG A 143 -10.09 -7.44 6.71
C ARG A 143 -11.02 -6.85 5.64
N ALA A 144 -10.48 -5.95 4.80
CA ALA A 144 -11.23 -5.32 3.69
C ALA A 144 -11.39 -6.27 2.49
N ALA A 145 -10.51 -7.27 2.40
CA ALA A 145 -10.51 -8.29 1.33
C ALA A 145 -11.48 -9.44 1.67
N GLU A 146 -12.15 -9.34 2.83
CA GLU A 146 -13.11 -10.33 3.31
C GLU A 146 -14.55 -9.95 2.88
N GLY A 147 -14.78 -8.65 2.63
CA GLY A 147 -16.10 -8.17 2.22
C GLY A 147 -16.17 -6.65 2.07
N ALA A 148 -15.18 -6.07 1.36
CA ALA A 148 -15.16 -4.64 1.02
C ALA A 148 -14.46 -4.42 -0.34
N GLU A 149 -15.18 -4.70 -1.44
CA GLU A 149 -14.71 -4.43 -2.82
C GLU A 149 -14.80 -2.92 -3.17
N ASN A 150 -15.34 -2.13 -2.22
CA ASN A 150 -15.31 -0.66 -2.29
C ASN A 150 -13.91 -0.15 -1.86
N GLY A 151 -13.17 -1.04 -1.15
CA GLY A 151 -11.85 -0.75 -0.61
C GLY A 151 -10.81 -0.44 -1.68
N GLN A 152 -9.82 0.39 -1.33
CA GLN A 152 -8.73 0.78 -2.25
C GLN A 152 -7.50 -0.11 -2.00
N VAL A 153 -6.65 -0.22 -3.03
CA VAL A 153 -5.44 -1.08 -3.00
C VAL A 153 -4.22 -0.29 -2.45
N ALA A 154 -3.56 -0.91 -1.46
CA ALA A 154 -2.28 -0.45 -0.92
C ALA A 154 -1.14 -0.79 -1.92
N ILE A 155 -0.55 0.25 -2.54
CA ILE A 155 0.40 0.10 -3.67
C ILE A 155 1.83 0.06 -3.13
N ILE A 156 2.52 -1.08 -3.24
CA ILE A 156 3.88 -1.24 -2.69
C ILE A 156 4.93 -1.05 -3.81
N GLU A 157 5.84 -0.10 -3.58
CA GLU A 157 6.97 0.21 -4.47
C GLU A 157 8.27 0.11 -3.67
N TYR A 158 9.25 -0.64 -4.18
CA TYR A 158 10.61 -0.67 -3.60
C TYR A 158 11.37 0.55 -4.11
N ARG A 159 11.71 1.47 -3.20
CA ARG A 159 12.37 2.74 -3.54
C ARG A 159 13.90 2.55 -3.54
N ASP A 160 14.59 3.18 -4.49
CA ASP A 160 16.05 3.15 -4.57
C ASP A 160 16.64 4.45 -3.98
N VAL A 161 17.53 4.31 -2.99
CA VAL A 161 18.21 5.43 -2.31
C VAL A 161 19.74 5.22 -2.38
N ASP A 162 20.35 5.77 -3.46
CA ASP A 162 21.81 5.72 -3.74
C ASP A 162 22.36 4.28 -3.92
N GLY A 163 21.45 3.32 -4.18
CA GLY A 163 21.82 1.91 -4.38
C GLY A 163 21.16 0.96 -3.39
N THR A 164 20.59 1.52 -2.29
CA THR A 164 19.89 0.73 -1.27
C THR A 164 18.41 0.57 -1.64
N GLU A 165 17.86 -0.64 -1.42
CA GLU A 165 16.45 -0.96 -1.71
C GLU A 165 15.62 -0.86 -0.42
N VAL A 166 14.73 0.14 -0.37
CA VAL A 166 13.90 0.45 0.80
C VAL A 166 12.40 0.33 0.41
N PRO A 167 11.71 -0.78 0.83
CA PRO A 167 10.26 -0.96 0.57
C PRO A 167 9.41 0.19 1.13
N THR A 168 8.52 0.76 0.31
CA THR A 168 7.66 1.89 0.70
C THR A 168 6.22 1.68 0.20
N LEU A 169 5.25 1.85 1.11
CA LEU A 169 3.82 1.88 0.79
C LEU A 169 3.46 3.23 0.15
N MET A 170 2.64 3.18 -0.89
CA MET A 170 2.17 4.36 -1.62
C MET A 170 0.63 4.35 -1.60
N LEU A 171 0.06 5.42 -1.07
CA LEU A 171 -1.39 5.69 -1.00
C LEU A 171 -1.57 7.21 -1.01
N VAL A 172 -2.78 7.71 -1.20
CA VAL A 172 -3.02 9.17 -1.16
C VAL A 172 -3.33 9.60 0.29
N LYS A 173 -2.79 10.77 0.70
CA LYS A 173 -2.88 11.25 2.10
C LYS A 173 -4.32 11.65 2.47
N GLU A 174 -5.13 12.00 1.46
CA GLU A 174 -6.57 12.32 1.61
C GLU A 174 -7.38 11.09 2.08
N ALA A 175 -6.86 9.89 1.81
CA ALA A 175 -7.50 8.61 2.22
C ALA A 175 -6.91 8.08 3.53
N ILE A 176 -5.81 8.69 3.96
CA ILE A 176 -5.05 8.25 5.13
C ILE A 176 -5.29 9.24 6.29
N ILE A 177 -5.28 8.71 7.52
CA ILE A 177 -5.28 9.51 8.73
C ILE A 177 -3.85 9.52 9.27
N GLU A 178 -3.19 10.67 9.14
CA GLU A 178 -1.83 10.90 9.66
C GLU A 178 -1.95 11.85 10.84
N GLU A 179 -1.55 11.40 12.02
CA GLU A 179 -1.55 12.23 13.23
C GLU A 179 -0.36 11.85 14.09
N LYS A 180 0.32 12.87 14.59
CA LYS A 180 1.59 12.77 15.30
C LYS A 180 1.46 13.43 16.68
N CYS A 181 1.45 12.60 17.73
CA CYS A 181 1.28 13.04 19.12
C CYS A 181 2.65 13.18 19.79
N LEU A 182 3.22 14.40 19.73
CA LEU A 182 4.50 14.74 20.38
C LEU A 182 4.23 15.51 21.70
N GLU A 183 3.35 16.52 21.61
CA GLU A 183 3.00 17.38 22.75
C GLU A 183 1.51 17.82 22.58
N MET A 1 5.35 9.12 19.28
CA MET A 1 4.65 8.12 18.49
C MET A 1 3.62 8.78 17.59
N LEU A 2 3.44 8.22 16.39
CA LEU A 2 2.43 8.65 15.42
C LEU A 2 1.31 7.62 15.40
N ILE A 3 0.15 8.00 14.88
CA ILE A 3 -0.98 7.08 14.73
C ILE A 3 -1.28 6.92 13.23
N TYR A 4 -1.15 5.67 12.73
CA TYR A 4 -1.28 5.35 11.31
C TYR A 4 -2.66 4.68 11.08
N LYS A 5 -3.64 5.49 10.67
CA LYS A 5 -5.03 5.04 10.43
C LYS A 5 -5.42 5.34 9.00
N ASP A 6 -6.33 4.56 8.44
CA ASP A 6 -6.95 4.80 7.13
C ASP A 6 -8.42 5.09 7.38
N ILE A 7 -9.04 6.02 6.62
CA ILE A 7 -10.42 6.53 6.89
C ILE A 7 -11.48 5.39 7.02
N PHE A 8 -11.17 4.20 6.49
CA PHE A 8 -12.08 3.03 6.49
C PHE A 8 -11.59 1.97 7.48
N THR A 9 -10.27 1.74 7.51
CA THR A 9 -9.64 0.64 8.30
C THR A 9 -8.93 1.18 9.56
N ASP A 10 -9.30 2.41 9.94
CA ASP A 10 -8.78 3.13 11.13
C ASP A 10 -9.05 2.42 12.46
N ASP A 11 -9.91 1.39 12.41
CA ASP A 11 -10.38 0.63 13.59
C ASP A 11 -9.20 0.24 14.49
N GLU A 12 -8.25 -0.51 13.90
CA GLU A 12 -7.04 -0.98 14.59
C GLU A 12 -5.77 -0.53 13.86
N LEU A 13 -5.82 -0.54 12.50
CA LEU A 13 -4.67 -0.48 11.54
C LEU A 13 -3.28 -0.52 12.23
N SER A 14 -2.74 0.66 12.62
CA SER A 14 -1.44 0.75 13.32
C SER A 14 -1.34 2.07 14.13
N SER A 15 -0.66 2.07 15.29
CA SER A 15 -0.33 3.32 16.01
C SER A 15 1.01 3.18 16.79
N ASP A 16 2.09 3.79 16.22
CA ASP A 16 3.47 3.76 16.77
C ASP A 16 4.31 4.81 15.99
N SER A 17 5.59 5.00 16.37
CA SER A 17 6.49 5.95 15.68
C SER A 17 6.91 5.37 14.30
N PHE A 18 5.97 5.43 13.33
CA PHE A 18 6.18 4.88 11.97
C PHE A 18 6.83 5.92 11.06
N PRO A 19 7.68 5.46 10.07
CA PRO A 19 8.20 6.33 8.99
C PRO A 19 7.10 7.17 8.30
N MET A 20 7.23 8.49 8.43
CA MET A 20 6.27 9.47 7.94
C MET A 20 6.94 10.37 6.91
N LYS A 21 6.48 10.29 5.65
CA LYS A 21 6.88 11.20 4.57
C LYS A 21 5.63 11.50 3.73
N LEU A 22 5.46 12.77 3.37
CA LEU A 22 4.39 13.21 2.47
C LEU A 22 5.04 13.72 1.18
N VAL A 23 4.39 13.45 0.04
CA VAL A 23 4.90 13.81 -1.28
C VAL A 23 3.76 14.43 -2.12
N ASP A 24 4.03 15.61 -2.74
CA ASP A 24 3.06 16.37 -3.59
C ASP A 24 1.80 16.81 -2.83
N ASP A 25 1.83 16.70 -1.47
CA ASP A 25 0.63 16.83 -0.59
C ASP A 25 -0.53 15.89 -1.00
N LEU A 26 -0.25 14.92 -1.88
CA LEU A 26 -1.27 14.07 -2.49
C LEU A 26 -1.18 12.67 -1.92
N VAL A 27 0.05 12.16 -1.82
CA VAL A 27 0.33 10.78 -1.44
C VAL A 27 1.18 10.76 -0.18
N TYR A 28 0.76 9.96 0.79
CA TYR A 28 1.53 9.66 2.00
C TYR A 28 2.25 8.32 1.79
N GLU A 29 3.57 8.32 1.98
CA GLU A 29 4.40 7.12 1.80
C GLU A 29 5.06 6.70 3.13
N PHE A 30 5.36 5.39 3.21
CA PHE A 30 5.82 4.70 4.42
C PHE A 30 6.99 3.78 4.05
N LYS A 31 8.11 3.86 4.79
CA LYS A 31 9.30 3.03 4.52
C LYS A 31 9.13 1.60 5.07
N GLY A 32 9.83 0.65 4.44
CA GLY A 32 9.86 -0.75 4.86
C GLY A 32 11.03 -1.47 4.23
N LYS A 33 11.25 -2.72 4.67
CA LYS A 33 12.33 -3.58 4.15
C LYS A 33 11.72 -4.92 3.75
N HIS A 34 12.37 -5.63 2.80
CA HIS A 34 12.05 -7.05 2.58
C HIS A 34 12.65 -7.85 3.75
N VAL A 35 11.85 -8.72 4.38
CA VAL A 35 12.27 -9.54 5.53
C VAL A 35 11.69 -10.95 5.40
N VAL A 36 12.43 -11.95 5.91
CA VAL A 36 11.98 -13.35 5.92
C VAL A 36 11.99 -13.83 7.38
N ARG A 37 10.83 -14.24 7.85
CA ARG A 37 10.59 -14.52 9.26
C ARG A 37 9.74 -15.79 9.39
N LYS A 38 10.31 -16.82 10.01
CA LYS A 38 9.63 -18.10 10.22
C LYS A 38 9.81 -18.53 11.68
N GLU A 39 8.67 -18.66 12.41
CA GLU A 39 8.61 -19.22 13.77
C GLU A 39 9.38 -18.34 14.80
N GLY A 40 9.53 -17.04 14.48
CA GLY A 40 10.24 -16.09 15.35
C GLY A 40 11.61 -15.71 14.82
N GLU A 41 12.23 -16.61 14.04
CA GLU A 41 13.57 -16.40 13.47
C GLU A 41 13.49 -15.42 12.29
N ILE A 42 14.27 -14.32 12.39
CA ILE A 42 14.26 -13.23 11.40
C ILE A 42 15.71 -13.00 10.87
N VAL A 43 15.90 -13.24 9.56
CA VAL A 43 17.18 -12.97 8.87
C VAL A 43 16.92 -12.95 7.34
N LEU A 44 16.65 -11.73 6.80
CA LEU A 44 16.28 -11.50 5.40
C LEU A 44 17.31 -12.04 4.38
N ALA A 45 16.89 -12.10 3.11
CA ALA A 45 17.72 -12.53 1.98
C ALA A 45 17.34 -11.73 0.73
N GLY A 46 18.12 -11.88 -0.34
CA GLY A 46 17.78 -11.34 -1.65
C GLY A 46 16.68 -12.17 -2.32
N SER A 47 15.47 -12.09 -1.74
CA SER A 47 14.32 -12.92 -2.10
C SER A 47 13.46 -12.19 -3.14
N ASN A 48 13.04 -12.92 -4.19
CA ASN A 48 12.22 -12.39 -5.29
C ASN A 48 10.71 -12.39 -4.91
N PRO A 49 9.82 -11.68 -5.67
CA PRO A 49 8.36 -11.72 -5.43
C PRO A 49 7.80 -13.16 -5.52
N SER A 50 7.14 -13.62 -4.45
CA SER A 50 6.58 -14.99 -4.38
C SER A 50 5.25 -15.04 -5.16
N ALA A 51 5.36 -15.28 -6.48
CA ALA A 51 4.21 -15.34 -7.39
C ALA A 51 4.22 -16.69 -8.14
N GLU A 52 3.08 -17.42 -8.09
CA GLU A 52 2.93 -18.80 -8.62
C GLU A 52 2.37 -18.77 -10.08
N GLU A 53 2.42 -17.58 -10.73
CA GLU A 53 1.81 -17.30 -12.05
C GLU A 53 0.27 -17.29 -11.93
N GLY A 54 -0.31 -18.45 -11.58
CA GLY A 54 -1.74 -18.57 -11.33
C GLY A 54 -2.02 -19.17 -9.98
N ALA A 55 -1.76 -18.38 -8.91
CA ALA A 55 -1.93 -18.81 -7.52
C ALA A 55 -3.41 -19.11 -7.21
N GLU A 56 -3.75 -20.40 -7.31
CA GLU A 56 -5.13 -20.93 -7.15
C GLU A 56 -5.75 -20.52 -5.79
N ASP A 57 -5.02 -20.80 -4.70
CA ASP A 57 -5.41 -20.38 -3.36
C ASP A 57 -4.86 -18.96 -3.12
N ASP A 58 -5.59 -17.98 -3.67
CA ASP A 58 -5.22 -16.56 -3.63
C ASP A 58 -5.61 -15.95 -2.26
N GLY A 59 -4.70 -16.12 -1.28
CA GLY A 59 -4.87 -15.60 0.07
C GLY A 59 -4.54 -16.63 1.12
N SER A 60 -3.39 -17.29 0.92
CA SER A 60 -2.92 -18.38 1.78
C SER A 60 -2.58 -17.87 3.19
N ASP A 61 -3.36 -18.31 4.21
CA ASP A 61 -3.20 -17.89 5.62
C ASP A 61 -2.05 -18.67 6.32
N GLU A 62 -1.12 -19.23 5.51
CA GLU A 62 0.05 -19.97 6.00
C GLU A 62 1.00 -19.01 6.73
N HIS A 63 1.32 -19.35 7.99
CA HIS A 63 2.19 -18.55 8.87
C HIS A 63 3.65 -18.68 8.42
N VAL A 64 3.96 -17.99 7.32
CA VAL A 64 5.28 -17.97 6.69
C VAL A 64 5.53 -16.50 6.31
N GLU A 65 6.14 -15.73 7.22
CA GLU A 65 6.32 -14.28 7.02
C GLU A 65 7.55 -13.99 6.16
N ARG A 66 7.51 -14.46 4.91
CA ARG A 66 8.53 -14.18 3.90
C ARG A 66 7.92 -13.24 2.87
N GLY A 67 8.53 -12.07 2.72
CA GLY A 67 8.04 -11.01 1.87
C GLY A 67 8.62 -9.69 2.31
N ILE A 68 7.79 -8.64 2.38
CA ILE A 68 8.19 -7.34 2.92
C ILE A 68 7.48 -7.06 4.26
N ASP A 69 8.22 -6.41 5.18
CA ASP A 69 7.77 -6.10 6.55
C ASP A 69 6.42 -5.35 6.58
N ILE A 70 6.20 -4.49 5.57
CA ILE A 70 4.97 -3.69 5.43
C ILE A 70 3.72 -4.60 5.40
N VAL A 71 3.78 -5.62 4.53
CA VAL A 71 2.71 -6.59 4.31
C VAL A 71 2.55 -7.54 5.52
N LEU A 72 3.68 -8.10 5.96
CA LEU A 72 3.72 -9.15 7.01
C LEU A 72 3.20 -8.61 8.36
N ASN A 73 3.59 -7.34 8.65
CA ASN A 73 3.20 -6.63 9.89
C ASN A 73 1.69 -6.31 9.90
N HIS A 74 1.11 -6.06 8.72
CA HIS A 74 -0.30 -5.64 8.57
C HIS A 74 -1.22 -6.80 8.11
N LYS A 75 -0.61 -7.95 7.76
CA LYS A 75 -1.30 -9.14 7.21
C LYS A 75 -2.12 -8.79 5.97
N LEU A 76 -1.44 -8.30 4.93
CA LEU A 76 -2.07 -7.93 3.66
C LEU A 76 -2.00 -9.11 2.68
N VAL A 77 -3.13 -9.42 2.03
CA VAL A 77 -3.21 -10.46 0.99
C VAL A 77 -2.69 -9.90 -0.36
N GLU A 78 -1.88 -10.74 -1.05
CA GLU A 78 -1.28 -10.47 -2.38
C GLU A 78 -2.31 -10.02 -3.45
N MET A 79 -1.85 -9.10 -4.32
CA MET A 79 -2.58 -8.60 -5.50
C MET A 79 -1.52 -8.29 -6.57
N ASN A 80 -1.39 -9.15 -7.58
CA ASN A 80 -0.43 -8.96 -8.68
C ASN A 80 -1.12 -8.23 -9.82
N CYS A 81 -0.45 -7.23 -10.41
CA CYS A 81 -0.93 -6.53 -11.61
C CYS A 81 -0.97 -7.48 -12.83
N TYR A 82 -0.33 -8.65 -12.69
CA TYR A 82 -0.29 -9.70 -13.72
C TYR A 82 -1.63 -10.46 -13.77
N GLU A 83 -2.10 -10.85 -12.58
CA GLU A 83 -3.32 -11.66 -12.41
C GLU A 83 -4.56 -10.77 -12.26
N ASP A 84 -4.36 -9.60 -11.64
CA ASP A 84 -5.44 -8.71 -11.13
C ASP A 84 -5.43 -7.35 -11.84
N ALA A 85 -4.84 -7.26 -13.05
CA ALA A 85 -4.78 -5.99 -13.84
C ALA A 85 -6.17 -5.31 -13.96
N SER A 86 -7.14 -6.07 -14.49
CA SER A 86 -8.51 -5.58 -14.73
C SER A 86 -9.26 -5.37 -13.39
N MET A 87 -8.95 -6.23 -12.40
CA MET A 87 -9.50 -6.14 -11.03
C MET A 87 -9.01 -4.86 -10.32
N PHE A 88 -7.75 -4.49 -10.59
CA PHE A 88 -7.12 -3.28 -10.02
C PHE A 88 -7.70 -2.01 -10.66
N LYS A 89 -8.14 -2.11 -11.94
CA LYS A 89 -8.90 -1.04 -12.60
C LYS A 89 -10.22 -0.80 -11.88
N ALA A 90 -10.87 -1.92 -11.46
CA ALA A 90 -12.13 -1.87 -10.70
C ALA A 90 -11.93 -1.14 -9.35
N TYR A 91 -10.77 -1.41 -8.70
CA TYR A 91 -10.35 -0.67 -7.50
C TYR A 91 -10.17 0.81 -7.79
N ILE A 92 -9.38 1.14 -8.84
CA ILE A 92 -9.05 2.54 -9.20
C ILE A 92 -10.32 3.37 -9.49
N LYS A 93 -11.32 2.74 -10.13
CA LYS A 93 -12.60 3.39 -10.44
C LYS A 93 -13.38 3.75 -9.16
N LYS A 94 -13.52 2.75 -8.24
CA LYS A 94 -14.24 2.93 -6.96
C LYS A 94 -13.50 4.00 -6.12
N PHE A 95 -12.18 3.81 -6.06
CA PHE A 95 -11.20 4.66 -5.37
C PHE A 95 -11.32 6.14 -5.77
N MET A 96 -11.22 6.42 -7.09
CA MET A 96 -11.21 7.78 -7.63
C MET A 96 -12.50 8.50 -7.25
N LYS A 97 -13.64 7.83 -7.52
CA LYS A 97 -14.98 8.35 -7.20
C LYS A 97 -15.14 8.56 -5.69
N ASN A 98 -14.55 7.66 -4.89
CA ASN A 98 -14.66 7.64 -3.42
C ASN A 98 -13.94 8.85 -2.80
N VAL A 99 -12.66 9.04 -3.16
CA VAL A 99 -11.78 10.06 -2.54
C VAL A 99 -12.16 11.50 -2.95
N ILE A 100 -12.67 11.68 -4.19
CA ILE A 100 -13.14 13.00 -4.66
C ILE A 100 -14.49 13.34 -3.99
N ASP A 101 -15.40 12.34 -3.92
CA ASP A 101 -16.70 12.45 -3.21
C ASP A 101 -16.49 12.74 -1.72
N HIS A 102 -15.46 12.11 -1.13
CA HIS A 102 -15.08 12.26 0.28
C HIS A 102 -14.66 13.71 0.56
N MET A 103 -13.73 14.21 -0.29
CA MET A 103 -13.17 15.56 -0.17
C MET A 103 -14.27 16.63 -0.36
N GLU A 104 -15.14 16.39 -1.37
CA GLU A 104 -16.20 17.34 -1.79
C GLU A 104 -17.36 17.37 -0.79
N LYS A 105 -17.50 16.28 -0.02
CA LYS A 105 -18.52 16.16 1.04
C LYS A 105 -18.16 17.09 2.22
N ASN A 106 -16.86 17.46 2.29
CA ASN A 106 -16.29 18.34 3.32
C ASN A 106 -15.84 19.68 2.73
N ASN A 107 -16.04 19.88 1.40
CA ASN A 107 -15.55 21.07 0.68
C ASN A 107 -16.67 21.69 -0.18
N ARG A 108 -17.07 20.96 -1.25
CA ARG A 108 -18.06 21.38 -2.29
C ARG A 108 -17.81 22.75 -2.92
N ASP A 109 -16.62 23.34 -2.67
CA ASP A 109 -16.21 24.66 -3.19
C ASP A 109 -15.67 24.53 -4.61
N LYS A 110 -15.47 23.27 -5.05
CA LYS A 110 -15.16 22.87 -6.44
C LYS A 110 -13.68 23.06 -6.82
N ALA A 111 -13.07 24.20 -6.46
CA ALA A 111 -11.69 24.52 -6.91
C ALA A 111 -10.63 23.61 -6.26
N ASP A 112 -10.90 23.16 -5.03
CA ASP A 112 -9.97 22.34 -4.24
C ASP A 112 -10.04 20.89 -4.71
N VAL A 113 -11.27 20.40 -4.92
CA VAL A 113 -11.55 19.02 -5.37
C VAL A 113 -11.24 18.85 -6.86
N ASP A 114 -11.27 19.98 -7.63
CA ASP A 114 -10.80 20.05 -9.03
C ASP A 114 -9.30 19.80 -9.11
N ALA A 115 -8.56 20.50 -8.23
CA ALA A 115 -7.10 20.41 -8.16
C ALA A 115 -6.68 19.00 -7.74
N PHE A 116 -7.41 18.45 -6.75
CA PHE A 116 -7.20 17.09 -6.24
C PHE A 116 -7.54 16.02 -7.28
N LYS A 117 -8.68 16.18 -7.98
CA LYS A 117 -9.15 15.21 -9.01
C LYS A 117 -8.09 15.06 -10.11
N LYS A 118 -7.58 16.20 -10.55
CA LYS A 118 -6.53 16.30 -11.56
C LYS A 118 -5.21 15.68 -11.02
N LYS A 119 -4.92 15.93 -9.73
CA LYS A 119 -3.66 15.54 -9.10
C LYS A 119 -3.58 14.00 -8.96
N ILE A 120 -4.66 13.38 -8.42
CA ILE A 120 -4.70 11.94 -8.11
C ILE A 120 -4.79 11.10 -9.40
N GLN A 121 -5.56 11.60 -10.40
CA GLN A 121 -5.67 10.95 -11.72
C GLN A 121 -4.31 11.04 -12.43
N GLY A 122 -3.65 12.19 -12.30
CA GLY A 122 -2.32 12.41 -12.89
C GLY A 122 -1.27 11.48 -12.31
N TRP A 123 -1.33 11.28 -10.97
CA TRP A 123 -0.40 10.42 -10.25
C TRP A 123 -0.60 8.96 -10.67
N VAL A 124 -1.87 8.48 -10.72
CA VAL A 124 -2.16 7.06 -11.01
C VAL A 124 -1.84 6.71 -12.46
N VAL A 125 -2.17 7.58 -13.45
CA VAL A 125 -1.82 7.31 -14.87
C VAL A 125 -0.29 7.25 -15.05
N SER A 126 0.43 8.07 -14.26
CA SER A 126 1.89 8.10 -14.22
C SER A 126 2.45 6.84 -13.50
N LEU A 127 1.69 6.36 -12.50
CA LEU A 127 2.09 5.24 -11.63
C LEU A 127 1.80 3.89 -12.29
N LEU A 128 0.83 3.87 -13.19
CA LEU A 128 0.43 2.67 -13.97
C LEU A 128 1.26 2.53 -15.28
N ALA A 129 2.25 3.43 -15.47
CA ALA A 129 3.16 3.42 -16.63
C ALA A 129 4.10 2.20 -16.55
N LYS A 130 3.60 1.06 -17.07
CA LYS A 130 4.17 -0.30 -16.86
C LYS A 130 5.61 -0.49 -17.40
N ASP A 131 6.14 0.53 -18.11
CA ASP A 131 7.49 0.50 -18.71
C ASP A 131 8.56 0.26 -17.65
N ARG A 132 8.45 1.01 -16.55
CA ARG A 132 9.29 0.88 -15.33
C ARG A 132 8.46 0.37 -14.14
N PHE A 133 7.17 0.74 -14.12
CA PHE A 133 6.25 0.49 -12.99
C PHE A 133 5.72 -0.95 -12.94
N LYS A 134 6.08 -1.80 -13.92
CA LYS A 134 5.76 -3.25 -13.85
C LYS A 134 6.40 -3.94 -12.60
N ASN A 135 7.30 -3.23 -11.90
CA ASN A 135 7.90 -3.66 -10.63
C ASN A 135 7.07 -3.14 -9.42
N LEU A 136 5.78 -2.82 -9.65
CA LEU A 136 4.85 -2.49 -8.56
C LEU A 136 4.17 -3.77 -8.06
N ALA A 137 4.06 -3.86 -6.73
CA ALA A 137 3.34 -4.92 -6.05
C ALA A 137 2.10 -4.28 -5.41
N PHE A 138 0.99 -4.99 -5.34
CA PHE A 138 -0.24 -4.48 -4.70
C PHE A 138 -0.67 -5.47 -3.63
N PHE A 139 -1.15 -4.96 -2.50
CA PHE A 139 -1.53 -5.77 -1.32
C PHE A 139 -2.66 -5.05 -0.58
N ILE A 140 -3.56 -5.77 0.06
CA ILE A 140 -4.73 -5.16 0.74
C ILE A 140 -5.14 -6.07 1.92
N GLY A 141 -5.66 -5.50 3.03
CA GLY A 141 -6.10 -6.30 4.16
C GLY A 141 -7.26 -7.20 3.76
N GLU A 142 -7.28 -8.45 4.23
CA GLU A 142 -8.36 -9.41 3.89
C GLU A 142 -9.53 -9.23 4.87
N ARG A 143 -9.25 -8.64 6.07
CA ARG A 143 -10.30 -8.11 6.96
C ARG A 143 -10.98 -6.92 6.27
N ALA A 144 -10.12 -6.03 5.73
CA ALA A 144 -10.52 -4.80 5.04
C ALA A 144 -11.39 -5.09 3.81
N ALA A 145 -10.98 -6.09 3.03
CA ALA A 145 -11.66 -6.46 1.78
C ALA A 145 -13.01 -7.16 2.05
N GLU A 146 -13.01 -8.14 2.99
CA GLU A 146 -14.21 -8.94 3.33
C GLU A 146 -15.31 -8.05 3.96
N GLY A 147 -14.89 -7.13 4.85
CA GLY A 147 -15.81 -6.20 5.48
C GLY A 147 -16.45 -5.27 4.46
N ALA A 148 -15.57 -4.53 3.74
CA ALA A 148 -15.97 -3.55 2.71
C ALA A 148 -14.71 -2.86 2.17
N GLU A 149 -14.14 -3.41 1.07
CA GLU A 149 -12.91 -2.88 0.42
C GLU A 149 -12.88 -1.32 0.33
N ASN A 150 -11.85 -0.74 0.99
CA ASN A 150 -11.52 0.71 0.96
C ASN A 150 -11.73 1.34 -0.44
N GLY A 151 -11.31 0.58 -1.46
CA GLY A 151 -11.33 1.03 -2.84
C GLY A 151 -9.94 1.14 -3.42
N GLN A 152 -8.96 1.52 -2.59
CA GLN A 152 -7.55 1.51 -3.02
C GLN A 152 -6.89 0.22 -2.50
N VAL A 153 -5.82 -0.16 -3.18
CA VAL A 153 -4.94 -1.25 -2.75
C VAL A 153 -3.62 -0.61 -2.30
N ALA A 154 -2.99 -1.19 -1.26
CA ALA A 154 -1.70 -0.73 -0.72
C ALA A 154 -0.60 -0.89 -1.80
N ILE A 155 -0.15 0.25 -2.33
CA ILE A 155 0.75 0.31 -3.50
C ILE A 155 2.19 0.19 -3.04
N ILE A 156 2.77 -0.98 -3.24
CA ILE A 156 4.14 -1.30 -2.85
C ILE A 156 5.10 -0.95 -3.98
N GLU A 157 5.74 0.21 -3.84
CA GLU A 157 6.84 0.63 -4.70
C GLU A 157 8.16 0.27 -4.01
N TYR A 158 8.73 -0.91 -4.34
CA TYR A 158 10.00 -1.35 -3.75
C TYR A 158 11.16 -0.74 -4.55
N ARG A 159 11.85 0.21 -3.92
CA ARG A 159 12.90 1.05 -4.54
C ARG A 159 14.27 0.49 -4.15
N ASP A 160 15.38 1.12 -4.60
CA ASP A 160 16.75 0.76 -4.12
C ASP A 160 17.46 2.00 -3.55
N VAL A 161 17.84 1.94 -2.26
CA VAL A 161 18.72 2.92 -1.64
C VAL A 161 20.17 2.45 -1.83
N ASP A 162 20.76 2.89 -2.96
CA ASP A 162 22.15 2.57 -3.36
C ASP A 162 22.37 1.05 -3.54
N GLY A 163 21.32 0.35 -4.01
CA GLY A 163 21.38 -1.09 -4.29
C GLY A 163 20.55 -1.92 -3.34
N THR A 164 20.28 -1.39 -2.12
CA THR A 164 19.51 -2.12 -1.09
C THR A 164 18.02 -1.88 -1.34
N GLU A 165 17.21 -2.94 -1.47
CA GLU A 165 15.78 -2.78 -1.76
C GLU A 165 15.05 -2.25 -0.50
N VAL A 166 14.40 -1.09 -0.69
CA VAL A 166 13.57 -0.43 0.33
C VAL A 166 12.11 -0.36 -0.19
N PRO A 167 11.27 -1.40 0.12
CA PRO A 167 9.81 -1.37 -0.07
C PRO A 167 9.18 -0.12 0.54
N THR A 168 8.42 0.61 -0.28
CA THR A 168 7.78 1.87 0.13
C THR A 168 6.27 1.75 -0.12
N LEU A 169 5.49 1.78 0.96
CA LEU A 169 4.03 1.74 0.92
C LEU A 169 3.51 3.12 0.51
N MET A 170 2.61 3.14 -0.47
CA MET A 170 2.06 4.37 -1.05
C MET A 170 0.53 4.29 -1.03
N LEU A 171 -0.08 5.29 -0.37
CA LEU A 171 -1.55 5.48 -0.28
C LEU A 171 -1.83 6.98 -0.44
N VAL A 172 -3.07 7.34 -0.84
CA VAL A 172 -3.43 8.76 -1.03
C VAL A 172 -3.69 9.39 0.37
N LYS A 173 -3.10 10.57 0.61
CA LYS A 173 -3.24 11.37 1.84
C LYS A 173 -4.72 11.62 2.20
N GLU A 174 -5.58 11.67 1.16
CA GLU A 174 -7.03 11.89 1.30
C GLU A 174 -7.73 10.70 2.01
N ALA A 175 -7.24 9.48 1.77
CA ALA A 175 -7.87 8.24 2.29
C ALA A 175 -7.07 7.62 3.44
N ILE A 176 -5.83 8.08 3.64
CA ILE A 176 -4.98 7.63 4.77
C ILE A 176 -4.88 8.81 5.76
N ILE A 177 -4.49 8.53 7.00
CA ILE A 177 -4.42 9.53 8.09
C ILE A 177 -3.11 9.33 8.84
N GLU A 178 -2.40 10.45 9.08
CA GLU A 178 -1.17 10.48 9.90
C GLU A 178 -1.39 11.46 11.08
N GLU A 179 -1.77 10.90 12.24
CA GLU A 179 -2.14 11.69 13.43
C GLU A 179 -0.93 11.76 14.37
N LYS A 180 -0.24 12.91 14.34
CA LYS A 180 0.96 13.15 15.16
C LYS A 180 0.59 13.33 16.64
N CYS A 181 1.34 12.65 17.52
CA CYS A 181 1.23 12.81 18.97
C CYS A 181 2.55 13.35 19.50
N LEU A 182 2.63 14.68 19.66
CA LEU A 182 3.82 15.37 20.17
C LEU A 182 4.02 15.05 21.66
N GLU A 183 5.27 15.12 22.10
CA GLU A 183 5.64 14.90 23.51
C GLU A 183 5.49 16.25 24.28
N MET A 1 4.73 10.16 16.60
CA MET A 1 3.51 9.80 17.34
C MET A 1 2.26 10.25 16.56
N LEU A 2 1.95 9.51 15.48
CA LEU A 2 0.72 9.68 14.68
C LEU A 2 0.00 8.33 14.62
N ILE A 3 -1.30 8.35 14.30
CA ILE A 3 -2.10 7.14 14.15
C ILE A 3 -2.57 7.08 12.69
N TYR A 4 -2.18 6.03 11.97
CA TYR A 4 -2.46 5.87 10.55
C TYR A 4 -3.68 4.95 10.41
N LYS A 5 -4.86 5.57 10.24
CA LYS A 5 -6.14 4.84 10.18
C LYS A 5 -6.71 4.92 8.77
N ASP A 6 -6.73 3.79 8.07
CA ASP A 6 -7.28 3.72 6.70
C ASP A 6 -8.78 3.53 6.84
N ILE A 7 -9.59 4.24 6.06
CA ILE A 7 -11.07 4.18 6.23
C ILE A 7 -11.65 2.78 5.93
N PHE A 8 -10.86 1.93 5.23
CA PHE A 8 -11.22 0.55 4.89
C PHE A 8 -10.29 -0.44 5.61
N THR A 9 -8.98 -0.21 5.45
CA THR A 9 -7.89 -1.10 5.91
C THR A 9 -7.44 -0.76 7.37
N ASP A 10 -8.28 -0.01 8.12
CA ASP A 10 -8.03 0.42 9.54
C ASP A 10 -7.55 -0.74 10.42
N ASP A 11 -8.22 -1.88 10.24
CA ASP A 11 -8.03 -3.09 11.08
C ASP A 11 -6.64 -3.71 10.89
N GLU A 12 -5.99 -3.35 9.77
CA GLU A 12 -4.70 -3.90 9.32
C GLU A 12 -3.63 -2.79 9.19
N LEU A 13 -3.92 -1.59 9.72
CA LEU A 13 -3.04 -0.42 9.60
C LEU A 13 -2.20 -0.25 10.89
N SER A 14 -1.86 1.00 11.27
CA SER A 14 -0.78 1.24 12.28
C SER A 14 -1.04 2.52 13.07
N SER A 15 -0.41 2.63 14.26
CA SER A 15 -0.28 3.90 15.00
C SER A 15 1.21 4.20 15.27
N ASP A 16 1.48 5.08 16.26
CA ASP A 16 2.81 5.23 16.90
C ASP A 16 3.79 5.98 15.95
N SER A 17 5.11 5.89 16.21
CA SER A 17 6.12 6.61 15.44
C SER A 17 6.73 5.69 14.36
N PHE A 18 5.85 5.17 13.49
CA PHE A 18 6.26 4.40 12.29
C PHE A 18 6.64 5.39 11.16
N PRO A 19 7.60 5.03 10.24
CA PRO A 19 8.08 5.97 9.19
C PRO A 19 6.97 6.28 8.16
N MET A 20 6.58 7.56 8.08
CA MET A 20 5.57 8.07 7.14
C MET A 20 5.88 9.53 6.76
N LYS A 21 5.71 9.89 5.48
CA LYS A 21 5.85 11.28 4.98
C LYS A 21 4.73 11.54 3.94
N LEU A 22 4.41 12.83 3.71
CA LEU A 22 3.45 13.25 2.67
C LEU A 22 4.25 13.70 1.44
N VAL A 23 4.03 13.02 0.32
CA VAL A 23 4.63 13.36 -0.97
C VAL A 23 3.56 13.98 -1.88
N ASP A 24 3.93 15.08 -2.58
CA ASP A 24 3.11 15.72 -3.64
C ASP A 24 1.78 16.33 -3.10
N ASP A 25 1.61 16.36 -1.75
CA ASP A 25 0.34 16.74 -1.07
C ASP A 25 -0.84 15.86 -1.55
N LEU A 26 -0.52 14.62 -1.92
CA LEU A 26 -1.48 13.71 -2.54
C LEU A 26 -1.43 12.33 -1.88
N VAL A 27 -0.21 11.81 -1.64
CA VAL A 27 -0.01 10.42 -1.20
C VAL A 27 0.87 10.39 0.06
N TYR A 28 0.54 9.50 0.99
CA TYR A 28 1.39 9.17 2.13
C TYR A 28 2.27 7.98 1.77
N GLU A 29 3.58 8.23 1.72
CA GLU A 29 4.56 7.17 1.67
C GLU A 29 4.76 6.65 3.11
N PHE A 30 4.63 5.34 3.28
CA PHE A 30 4.84 4.68 4.56
C PHE A 30 6.02 3.72 4.38
N LYS A 31 7.19 4.11 4.93
CA LYS A 31 8.44 3.36 4.76
C LYS A 31 8.50 2.15 5.71
N GLY A 32 9.09 1.07 5.18
CA GLY A 32 9.40 -0.12 5.95
C GLY A 32 10.76 -0.67 5.56
N LYS A 33 11.07 -1.90 6.01
CA LYS A 33 12.37 -2.54 5.75
C LYS A 33 12.18 -3.84 4.96
N HIS A 34 13.20 -4.20 4.17
CA HIS A 34 13.27 -5.51 3.53
C HIS A 34 13.80 -6.52 4.57
N VAL A 35 12.91 -7.40 5.05
CA VAL A 35 13.20 -8.33 6.17
C VAL A 35 12.72 -9.74 5.79
N VAL A 36 13.31 -10.77 6.40
CA VAL A 36 12.90 -12.16 6.16
C VAL A 36 11.86 -12.59 7.22
N ARG A 37 10.85 -13.35 6.78
CA ARG A 37 9.76 -13.80 7.65
C ARG A 37 9.41 -15.23 7.23
N LYS A 38 9.74 -16.18 8.11
CA LYS A 38 9.43 -17.61 7.92
C LYS A 38 8.04 -17.90 8.51
N GLU A 39 7.41 -19.03 8.11
CA GLU A 39 6.02 -19.39 8.49
C GLU A 39 5.72 -19.20 10.01
N GLY A 40 6.69 -19.52 10.87
CA GLY A 40 6.56 -19.35 12.32
C GLY A 40 7.78 -18.70 12.95
N GLU A 41 8.32 -17.66 12.28
CA GLU A 41 9.56 -16.97 12.70
C GLU A 41 9.71 -15.61 11.98
N ILE A 42 10.21 -14.59 12.71
CA ILE A 42 10.58 -13.27 12.16
C ILE A 42 11.92 -12.83 12.80
N VAL A 43 13.02 -13.10 12.06
CA VAL A 43 14.37 -12.62 12.38
C VAL A 43 15.22 -12.59 11.10
N LEU A 44 15.55 -11.35 10.65
CA LEU A 44 16.39 -11.11 9.47
C LEU A 44 17.79 -11.73 9.65
N ALA A 45 18.36 -12.24 8.54
CA ALA A 45 19.63 -12.97 8.56
C ALA A 45 20.82 -12.00 8.59
N GLY A 46 21.45 -11.85 9.77
CA GLY A 46 22.71 -11.12 9.91
C GLY A 46 23.90 -11.98 9.51
N SER A 47 23.81 -13.26 9.84
CA SER A 47 24.75 -14.29 9.35
C SER A 47 24.13 -14.96 8.11
N ASN A 48 25.00 -15.53 7.25
CA ASN A 48 24.62 -16.10 5.95
C ASN A 48 24.08 -15.01 4.97
N PRO A 49 24.93 -14.49 4.03
CA PRO A 49 24.54 -13.40 3.07
C PRO A 49 23.46 -13.87 2.07
N SER A 50 22.27 -13.26 2.14
CA SER A 50 21.17 -13.51 1.21
C SER A 50 21.14 -12.42 0.11
N ALA A 51 21.98 -12.62 -0.90
CA ALA A 51 22.02 -11.74 -2.10
C ALA A 51 21.76 -12.58 -3.36
N GLU A 52 21.04 -13.72 -3.16
CA GLU A 52 20.69 -14.67 -4.22
C GLU A 52 19.16 -14.67 -4.43
N GLU A 53 18.68 -13.65 -5.15
CA GLU A 53 17.24 -13.51 -5.48
C GLU A 53 16.83 -14.54 -6.55
N GLY A 54 17.80 -14.89 -7.42
CA GLY A 54 17.60 -15.90 -8.47
C GLY A 54 17.81 -17.32 -7.97
N ALA A 55 17.83 -17.51 -6.63
CA ALA A 55 17.95 -18.84 -6.01
C ALA A 55 16.69 -19.69 -6.27
N GLU A 56 16.69 -20.40 -7.40
CA GLU A 56 15.58 -21.25 -7.86
C GLU A 56 15.93 -22.72 -7.60
N ASP A 57 15.21 -23.35 -6.66
CA ASP A 57 15.43 -24.76 -6.29
C ASP A 57 14.09 -25.41 -5.89
N ASP A 58 14.17 -26.67 -5.41
CA ASP A 58 13.02 -27.49 -4.99
C ASP A 58 12.17 -26.79 -3.91
N GLY A 59 12.86 -26.11 -2.98
CA GLY A 59 12.21 -25.44 -1.85
C GLY A 59 12.23 -26.31 -0.61
N SER A 60 13.07 -25.93 0.36
CA SER A 60 13.28 -26.70 1.61
C SER A 60 12.02 -26.71 2.50
N ASP A 61 11.24 -25.62 2.41
CA ASP A 61 9.97 -25.44 3.14
C ASP A 61 8.91 -24.90 2.15
N GLU A 62 7.79 -24.37 2.69
CA GLU A 62 6.82 -23.59 1.91
C GLU A 62 7.37 -22.16 1.74
N HIS A 63 7.26 -21.59 0.54
CA HIS A 63 7.92 -20.31 0.21
C HIS A 63 7.17 -19.11 0.83
N VAL A 64 7.49 -18.84 2.09
CA VAL A 64 7.19 -17.56 2.72
C VAL A 64 8.50 -16.79 2.64
N GLU A 65 9.37 -16.96 3.69
CA GLU A 65 10.83 -16.72 3.62
C GLU A 65 11.20 -15.24 3.68
N ARG A 66 10.58 -14.44 2.82
CA ARG A 66 11.03 -13.09 2.49
C ARG A 66 9.83 -12.15 2.41
N GLY A 67 10.10 -10.87 2.56
CA GLY A 67 9.20 -9.84 2.10
C GLY A 67 9.62 -8.48 2.58
N ILE A 68 8.66 -7.56 2.61
CA ILE A 68 8.84 -6.24 3.21
C ILE A 68 8.01 -6.14 4.49
N ASP A 69 8.50 -5.38 5.47
CA ASP A 69 7.91 -5.26 6.82
C ASP A 69 6.50 -4.66 6.76
N ILE A 70 6.23 -3.85 5.72
CA ILE A 70 4.90 -3.25 5.48
C ILE A 70 3.81 -4.35 5.44
N VAL A 71 4.10 -5.41 4.68
CA VAL A 71 3.20 -6.53 4.46
C VAL A 71 3.26 -7.53 5.64
N LEU A 72 4.50 -7.94 5.99
CA LEU A 72 4.75 -9.03 6.95
C LEU A 72 4.27 -8.69 8.38
N ASN A 73 4.19 -7.39 8.68
CA ASN A 73 3.71 -6.88 9.99
C ASN A 73 2.19 -6.63 9.96
N HIS A 74 1.71 -6.01 8.86
CA HIS A 74 0.32 -5.52 8.75
C HIS A 74 -0.64 -6.52 8.08
N LYS A 75 -0.14 -7.76 7.87
CA LYS A 75 -0.97 -8.92 7.47
C LYS A 75 -1.59 -8.69 6.07
N LEU A 76 -0.85 -7.98 5.19
CA LEU A 76 -1.36 -7.62 3.87
C LEU A 76 -1.27 -8.84 2.93
N VAL A 77 -2.42 -9.26 2.39
CA VAL A 77 -2.51 -10.34 1.39
C VAL A 77 -2.18 -9.76 0.00
N GLU A 78 -1.37 -10.54 -0.76
CA GLU A 78 -0.89 -10.16 -2.09
C GLU A 78 -2.02 -10.03 -3.14
N MET A 79 -1.80 -9.07 -4.04
CA MET A 79 -2.53 -8.87 -5.28
C MET A 79 -1.46 -8.66 -6.36
N ASN A 80 -1.22 -9.72 -7.15
CA ASN A 80 -0.29 -9.65 -8.29
C ASN A 80 -0.87 -8.75 -9.37
N CYS A 81 -0.12 -7.73 -9.80
CA CYS A 81 -0.51 -6.82 -10.93
C CYS A 81 -0.76 -7.63 -12.23
N TYR A 82 -0.10 -8.80 -12.27
CA TYR A 82 -0.11 -9.73 -13.40
C TYR A 82 -1.50 -10.40 -13.55
N GLU A 83 -2.16 -10.62 -12.40
CA GLU A 83 -3.46 -11.32 -12.34
C GLU A 83 -4.62 -10.32 -12.12
N ASP A 84 -4.37 -9.31 -11.27
CA ASP A 84 -5.43 -8.43 -10.69
C ASP A 84 -5.71 -7.18 -11.55
N ALA A 85 -4.83 -6.91 -12.54
CA ALA A 85 -4.78 -5.62 -13.33
C ALA A 85 -6.15 -4.97 -13.66
N SER A 86 -7.08 -5.76 -14.24
CA SER A 86 -8.42 -5.26 -14.63
C SER A 86 -9.28 -4.93 -13.40
N MET A 87 -9.26 -5.86 -12.42
CA MET A 87 -10.01 -5.73 -11.16
C MET A 87 -9.43 -4.58 -10.32
N PHE A 88 -8.12 -4.30 -10.50
CA PHE A 88 -7.43 -3.20 -9.83
C PHE A 88 -7.90 -1.84 -10.38
N LYS A 89 -8.09 -1.77 -11.70
CA LYS A 89 -8.60 -0.55 -12.36
C LYS A 89 -10.05 -0.27 -11.93
N ALA A 90 -10.80 -1.35 -11.63
CA ALA A 90 -12.15 -1.24 -11.06
C ALA A 90 -12.08 -0.69 -9.62
N TYR A 91 -11.06 -1.16 -8.85
CA TYR A 91 -10.81 -0.62 -7.51
C TYR A 91 -10.47 0.87 -7.62
N ILE A 92 -9.66 1.24 -8.63
CA ILE A 92 -9.27 2.64 -8.90
C ILE A 92 -10.51 3.50 -9.21
N LYS A 93 -11.57 2.90 -9.80
CA LYS A 93 -12.85 3.62 -10.02
C LYS A 93 -13.50 4.03 -8.69
N LYS A 94 -13.68 3.06 -7.77
CA LYS A 94 -14.33 3.34 -6.46
C LYS A 94 -13.44 4.26 -5.59
N PHE A 95 -12.15 3.89 -5.54
CA PHE A 95 -11.04 4.64 -4.92
C PHE A 95 -11.07 6.14 -5.30
N MET A 96 -10.91 6.42 -6.59
CA MET A 96 -10.81 7.79 -7.16
C MET A 96 -12.03 8.64 -6.80
N LYS A 97 -13.22 8.06 -7.00
CA LYS A 97 -14.50 8.77 -6.77
C LYS A 97 -14.73 9.03 -5.28
N ASN A 98 -14.31 8.09 -4.43
CA ASN A 98 -14.49 8.17 -2.96
C ASN A 98 -13.60 9.27 -2.38
N VAL A 99 -12.32 9.28 -2.79
CA VAL A 99 -11.30 10.18 -2.24
C VAL A 99 -11.51 11.65 -2.67
N ILE A 100 -12.02 11.84 -3.90
CA ILE A 100 -12.38 13.19 -4.41
C ILE A 100 -13.68 13.67 -3.73
N ASP A 101 -14.65 12.74 -3.56
CA ASP A 101 -15.95 13.00 -2.86
C ASP A 101 -15.71 13.56 -1.44
N HIS A 102 -14.80 12.91 -0.69
CA HIS A 102 -14.40 13.34 0.66
C HIS A 102 -13.70 14.72 0.60
N MET A 103 -12.80 14.86 -0.39
CA MET A 103 -11.93 16.03 -0.57
C MET A 103 -12.73 17.33 -0.83
N GLU A 104 -13.66 17.28 -1.79
CA GLU A 104 -14.39 18.47 -2.26
C GLU A 104 -15.36 19.00 -1.19
N LYS A 105 -15.94 18.08 -0.40
CA LYS A 105 -16.85 18.45 0.71
C LYS A 105 -16.15 19.39 1.73
N ASN A 106 -14.81 19.37 1.75
CA ASN A 106 -13.98 20.13 2.71
C ASN A 106 -13.29 21.34 2.06
N ASN A 107 -13.05 21.29 0.72
CA ASN A 107 -12.16 22.24 0.01
C ASN A 107 -12.65 22.55 -1.44
N ARG A 108 -13.99 22.58 -1.65
CA ARG A 108 -14.62 22.82 -3.00
C ARG A 108 -14.43 24.30 -3.50
N ASP A 109 -13.61 25.08 -2.77
CA ASP A 109 -13.14 26.41 -3.21
C ASP A 109 -12.39 26.32 -4.58
N LYS A 110 -11.92 25.09 -4.89
CA LYS A 110 -11.35 24.70 -6.21
C LYS A 110 -9.87 25.07 -6.36
N ALA A 111 -9.31 25.85 -5.42
CA ALA A 111 -7.85 26.05 -5.37
C ALA A 111 -7.15 24.74 -5.01
N ASP A 112 -7.77 23.99 -4.08
CA ASP A 112 -7.18 22.82 -3.45
C ASP A 112 -7.62 21.53 -4.17
N VAL A 113 -8.93 21.41 -4.50
CA VAL A 113 -9.47 20.17 -5.12
C VAL A 113 -9.13 20.04 -6.62
N ASP A 114 -9.00 21.17 -7.34
CA ASP A 114 -8.50 21.16 -8.74
C ASP A 114 -7.07 20.62 -8.79
N ALA A 115 -6.26 21.04 -7.79
CA ALA A 115 -4.89 20.56 -7.60
C ALA A 115 -4.90 19.04 -7.34
N PHE A 116 -5.73 18.63 -6.34
CA PHE A 116 -5.86 17.21 -5.92
C PHE A 116 -6.26 16.30 -7.09
N LYS A 117 -7.27 16.73 -7.86
CA LYS A 117 -7.85 15.97 -8.97
C LYS A 117 -6.80 15.76 -10.08
N LYS A 118 -6.06 16.84 -10.40
CA LYS A 118 -4.99 16.80 -11.41
C LYS A 118 -3.91 15.78 -11.03
N LYS A 119 -3.51 15.82 -9.74
CA LYS A 119 -2.44 14.99 -9.20
C LYS A 119 -2.87 13.52 -9.08
N ILE A 120 -4.14 13.26 -8.67
CA ILE A 120 -4.62 11.88 -8.42
C ILE A 120 -4.83 11.15 -9.75
N GLN A 121 -5.37 11.88 -10.75
CA GLN A 121 -5.55 11.38 -12.11
C GLN A 121 -4.18 11.12 -12.76
N GLY A 122 -3.26 12.09 -12.58
CA GLY A 122 -1.89 11.97 -13.06
C GLY A 122 -1.14 10.80 -12.42
N TRP A 123 -1.40 10.58 -11.11
CA TRP A 123 -0.77 9.53 -10.32
C TRP A 123 -1.20 8.16 -10.82
N VAL A 124 -2.52 7.93 -10.94
CA VAL A 124 -3.05 6.61 -11.34
C VAL A 124 -2.75 6.30 -12.81
N VAL A 125 -2.80 7.31 -13.71
CA VAL A 125 -2.55 7.08 -15.15
C VAL A 125 -1.07 6.67 -15.39
N SER A 126 -0.14 7.22 -14.57
CA SER A 126 1.28 6.84 -14.61
C SER A 126 1.52 5.54 -13.84
N LEU A 127 0.76 5.32 -12.76
CA LEU A 127 0.90 4.16 -11.85
C LEU A 127 0.44 2.86 -12.57
N LEU A 128 -0.48 3.03 -13.52
CA LEU A 128 -1.02 1.93 -14.34
C LEU A 128 -0.26 1.79 -15.67
N ALA A 129 0.81 2.60 -15.87
CA ALA A 129 1.70 2.46 -17.02
C ALA A 129 2.65 1.27 -16.80
N LYS A 130 2.25 0.11 -17.33
CA LYS A 130 2.90 -1.21 -17.06
C LYS A 130 4.39 -1.26 -17.43
N ASP A 131 4.85 -0.32 -18.27
CA ASP A 131 6.22 -0.30 -18.85
C ASP A 131 7.30 -0.39 -17.74
N ARG A 132 7.12 0.39 -16.66
CA ARG A 132 7.98 0.37 -15.48
C ARG A 132 7.22 -0.26 -14.28
N PHE A 133 5.92 0.04 -14.21
CA PHE A 133 5.05 -0.25 -13.07
C PHE A 133 4.59 -1.74 -13.00
N LYS A 134 5.01 -2.53 -13.99
CA LYS A 134 4.94 -4.02 -13.90
C LYS A 134 5.74 -4.55 -12.67
N ASN A 135 6.60 -3.68 -12.09
CA ASN A 135 7.39 -3.98 -10.86
C ASN A 135 6.72 -3.36 -9.62
N LEU A 136 5.39 -3.14 -9.68
CA LEU A 136 4.56 -2.87 -8.50
C LEU A 136 4.09 -4.21 -7.92
N ALA A 137 3.78 -4.21 -6.63
CA ALA A 137 3.12 -5.33 -5.97
C ALA A 137 1.95 -4.74 -5.18
N PHE A 138 0.70 -5.07 -5.56
CA PHE A 138 -0.48 -4.53 -4.88
C PHE A 138 -0.82 -5.42 -3.69
N PHE A 139 -1.34 -4.83 -2.62
CA PHE A 139 -1.68 -5.54 -1.38
C PHE A 139 -2.95 -4.94 -0.79
N ILE A 140 -3.57 -5.69 0.10
CA ILE A 140 -4.69 -5.22 0.93
C ILE A 140 -4.64 -6.01 2.24
N GLY A 141 -5.18 -5.45 3.33
CA GLY A 141 -5.29 -6.20 4.58
C GLY A 141 -6.08 -7.48 4.42
N GLU A 142 -5.56 -8.58 4.99
CA GLU A 142 -6.16 -9.92 4.85
C GLU A 142 -7.58 -9.93 5.45
N ARG A 143 -7.72 -9.32 6.65
CA ARG A 143 -9.00 -9.17 7.35
C ARG A 143 -10.04 -8.42 6.47
N ALA A 144 -9.56 -7.37 5.78
CA ALA A 144 -10.37 -6.58 4.83
C ALA A 144 -10.80 -7.44 3.62
N ALA A 145 -9.89 -8.34 3.22
CA ALA A 145 -10.04 -9.21 2.03
C ALA A 145 -10.75 -10.54 2.35
N GLU A 146 -11.20 -10.70 3.60
CA GLU A 146 -11.95 -11.90 4.05
C GLU A 146 -13.42 -11.52 4.33
N GLY A 147 -13.62 -10.37 4.98
CA GLY A 147 -14.95 -9.92 5.37
C GLY A 147 -14.98 -8.47 5.83
N ALA A 148 -14.75 -7.54 4.88
CA ALA A 148 -14.94 -6.09 5.08
C ALA A 148 -15.20 -5.40 3.73
N GLU A 149 -14.12 -4.90 3.08
CA GLU A 149 -14.19 -4.16 1.81
C GLU A 149 -12.85 -4.28 1.06
N ASN A 150 -12.91 -4.19 -0.28
CA ASN A 150 -11.73 -4.06 -1.14
C ASN A 150 -11.11 -2.66 -0.97
N GLY A 151 -12.02 -1.67 -0.81
CA GLY A 151 -11.69 -0.27 -0.52
C GLY A 151 -10.42 0.28 -1.17
N GLN A 152 -9.46 0.73 -0.34
CA GLN A 152 -8.17 1.20 -0.85
C GLN A 152 -7.16 0.05 -0.81
N VAL A 153 -6.50 -0.17 -1.95
CA VAL A 153 -5.39 -1.10 -2.08
C VAL A 153 -4.11 -0.46 -1.54
N ALA A 154 -3.39 -1.20 -0.69
CA ALA A 154 -2.05 -0.87 -0.22
C ALA A 154 -1.05 -1.06 -1.40
N ILE A 155 -0.67 0.05 -2.04
CA ILE A 155 0.11 0.02 -3.31
C ILE A 155 1.61 0.09 -2.98
N ILE A 156 2.35 -1.00 -3.26
CA ILE A 156 3.77 -1.12 -2.88
C ILE A 156 4.68 -0.87 -4.09
N GLU A 157 5.61 0.09 -3.90
CA GLU A 157 6.75 0.29 -4.79
C GLU A 157 8.02 0.12 -3.94
N TYR A 158 8.86 -0.85 -4.33
CA TYR A 158 10.14 -1.13 -3.68
C TYR A 158 11.23 -0.36 -4.48
N ARG A 159 11.68 0.77 -3.92
CA ARG A 159 12.49 1.77 -4.66
C ARG A 159 13.99 1.39 -4.57
N ASP A 160 14.50 0.83 -5.65
CA ASP A 160 15.90 0.36 -5.76
C ASP A 160 16.90 1.54 -5.71
N VAL A 161 17.64 1.63 -4.60
CA VAL A 161 18.71 2.63 -4.39
C VAL A 161 20.07 1.91 -4.23
N ASP A 162 20.99 2.20 -5.18
CA ASP A 162 22.36 1.62 -5.28
C ASP A 162 22.31 0.14 -5.71
N GLY A 163 21.68 -0.70 -4.87
CA GLY A 163 21.41 -2.11 -5.18
C GLY A 163 20.52 -2.78 -4.13
N THR A 164 19.76 -1.95 -3.37
CA THR A 164 18.82 -2.43 -2.34
C THR A 164 17.51 -1.64 -2.44
N GLU A 165 16.39 -2.35 -2.53
CA GLU A 165 15.06 -1.75 -2.65
C GLU A 165 14.55 -1.30 -1.28
N VAL A 166 13.93 -0.11 -1.24
CA VAL A 166 13.38 0.47 -0.02
C VAL A 166 11.83 0.45 -0.11
N PRO A 167 11.15 -0.36 0.76
CA PRO A 167 9.67 -0.52 0.74
C PRO A 167 8.93 0.81 0.98
N THR A 168 8.20 1.29 -0.03
CA THR A 168 7.43 2.51 0.04
C THR A 168 5.96 2.16 -0.23
N LEU A 169 5.16 2.14 0.85
CA LEU A 169 3.70 1.98 0.76
C LEU A 169 3.07 3.31 0.34
N MET A 170 2.22 3.27 -0.68
CA MET A 170 1.51 4.44 -1.17
C MET A 170 0.02 4.28 -0.86
N LEU A 171 -0.53 5.25 -0.13
CA LEU A 171 -1.96 5.39 0.12
C LEU A 171 -2.31 6.87 -0.12
N VAL A 172 -3.35 7.15 -0.91
CA VAL A 172 -3.79 8.54 -1.15
C VAL A 172 -4.32 9.12 0.17
N LYS A 173 -3.88 10.35 0.49
CA LYS A 173 -4.08 10.98 1.81
C LYS A 173 -5.57 11.23 2.18
N GLU A 174 -6.50 10.94 1.25
CA GLU A 174 -7.95 11.06 1.51
C GLU A 174 -8.61 9.74 1.94
N ALA A 175 -7.95 8.59 1.69
CA ALA A 175 -8.48 7.27 2.09
C ALA A 175 -7.65 6.68 3.24
N ILE A 176 -6.63 7.45 3.67
CA ILE A 176 -5.81 7.17 4.85
C ILE A 176 -5.83 8.44 5.73
N ILE A 177 -6.33 8.29 6.94
CA ILE A 177 -6.59 9.40 7.85
C ILE A 177 -5.49 9.45 8.91
N GLU A 178 -4.69 10.51 8.81
CA GLU A 178 -3.67 10.86 9.78
C GLU A 178 -4.34 11.42 11.07
N GLU A 179 -4.52 10.53 12.04
CA GLU A 179 -5.13 10.85 13.33
C GLU A 179 -4.00 11.22 14.29
N LYS A 180 -3.79 12.54 14.45
CA LYS A 180 -2.59 13.09 15.07
C LYS A 180 -2.75 13.20 16.60
N CYS A 181 -2.28 12.18 17.33
CA CYS A 181 -2.25 12.21 18.80
C CYS A 181 -0.88 12.75 19.24
N LEU A 182 -0.82 14.08 19.37
CA LEU A 182 0.41 14.83 19.69
C LEU A 182 0.36 15.29 21.16
N GLU A 183 0.14 14.30 22.05
CA GLU A 183 0.12 14.51 23.51
C GLU A 183 1.57 14.74 24.01
#